data_9RB1
#
_entry.id   9RB1
#
_cell.length_a   98.517
_cell.length_b   99.583
_cell.length_c   104.162
_cell.angle_alpha   77.660
_cell.angle_beta   75.940
_cell.angle_gamma   67.670
#
_symmetry.space_group_name_H-M   'P 1'
#
loop_
_entity.id
_entity.type
_entity.pdbx_description
1 polymer 'NADP-dependent glyceraldehyde-3-phosphate dehydrogenase'
2 non-polymer 2-cyanoacetamide
3 non-polymer 'SULFATE ION'
4 non-polymer GLYCEROL
5 water water
#
_entity_poly.entity_id   1
_entity_poly.type   'polypeptide(L)'
_entity_poly.pdbx_seq_one_letter_code
;ASWSHPQFEKIEGRRDRGPEFLAKQYKNLVNGEWKLSENEITIYAPATGEELGSVPAMTQAEVDAVYASAKKALSDWRTL
SYVERAAYLHKAADILVRDAEKIGAILSKEVAKGHKAAVSEVIRTAEIINYAAEEGLRMEGEVLEGGSFEAASKKKIAIV
RREPVGLVLAISPFNYPVNLAGSKIAPALIAGNVVALKPPTQGSISGLLLAEAFAEAGIPAGVFNTITGRGSVIGDYIVE
HEAVNFINFTGSTPIGEGIGKLAGMRPIMLELGGKDSAIVLEDADLALAAKNIVAGAFGYSGQRSTAVKRVLVMDKVADQ
LAAEIKTLVEKLSVGMPEDDADITPLIDTSAADFVEGLIKDATDKGATALTAFNREGNLISPVLFDHVTTDMRLAWEEPF
GPVLPIIRVTTVEEAIKISNESEYGLQASIFTTNFPKAFGIAEQLEVGTVHLNNKTQRGTDNFPFLGAKKSGAGVQGVKY
SIEAMTTVKSVVFDIQ
;
_entity_poly.pdbx_strand_id   A,B,C,D,E,F,G,H
#
# COMPACT_ATOMS: atom_id res chain seq x y z
N ALA A 23 34.31 -58.28 20.16
CA ALA A 23 35.12 -57.07 20.04
C ALA A 23 36.26 -57.29 19.04
N LYS A 24 36.33 -56.42 18.02
CA LYS A 24 37.31 -56.53 16.96
C LYS A 24 38.17 -55.27 16.89
N GLN A 25 39.35 -55.42 16.30
CA GLN A 25 40.19 -54.30 15.92
C GLN A 25 39.81 -53.88 14.49
N TYR A 26 39.24 -52.69 14.35
CA TYR A 26 38.75 -52.25 13.05
C TYR A 26 39.83 -51.45 12.30
N LYS A 27 39.62 -51.32 10.98
CA LYS A 27 40.60 -50.74 10.09
C LYS A 27 39.93 -49.79 9.11
N ASN A 28 40.70 -48.82 8.64
CA ASN A 28 40.22 -47.89 7.62
C ASN A 28 40.41 -48.47 6.22
N LEU A 29 39.47 -48.15 5.34
CA LEU A 29 39.61 -48.48 3.93
C LEU A 29 40.44 -47.41 3.25
N VAL A 30 41.61 -47.79 2.74
CA VAL A 30 42.54 -46.84 2.13
C VAL A 30 43.12 -47.48 0.88
N ASN A 31 42.81 -46.92 -0.29
CA ASN A 31 43.33 -47.37 -1.57
C ASN A 31 43.10 -48.86 -1.77
N GLY A 32 41.88 -49.31 -1.46
CA GLY A 32 41.49 -50.67 -1.67
C GLY A 32 41.98 -51.67 -0.64
N GLU A 33 42.68 -51.22 0.39
CA GLU A 33 43.26 -52.05 1.43
CA GLU A 33 43.17 -52.11 1.43
C GLU A 33 42.74 -51.58 2.79
N TRP A 34 42.80 -52.48 3.78
CA TRP A 34 42.36 -52.18 5.14
C TRP A 34 43.59 -51.90 6.00
N LYS A 35 43.66 -50.68 6.53
CA LYS A 35 44.86 -50.16 7.17
C LYS A 35 44.69 -50.00 8.68
N LEU A 36 45.66 -50.52 9.43
CA LEU A 36 45.79 -50.21 10.84
C LEU A 36 46.68 -48.98 11.02
N SER A 37 46.55 -48.35 12.18
CA SER A 37 47.41 -47.25 12.60
C SER A 37 48.19 -47.67 13.84
N GLU A 38 49.24 -46.91 14.16
CA GLU A 38 50.07 -47.24 15.31
C GLU A 38 49.29 -47.11 16.61
N ASN A 39 48.50 -46.05 16.73
CA ASN A 39 47.62 -45.84 17.87
C ASN A 39 46.18 -46.11 17.48
N GLU A 40 45.35 -46.39 18.48
CA GLU A 40 43.95 -46.73 18.25
C GLU A 40 43.10 -46.24 19.42
N ILE A 41 41.80 -46.25 19.23
CA ILE A 41 40.82 -45.70 20.17
C ILE A 41 39.80 -46.79 20.47
N THR A 42 39.67 -47.14 21.75
CA THR A 42 38.70 -48.16 22.15
C THR A 42 37.31 -47.53 22.30
N ILE A 43 36.30 -48.21 21.76
CA ILE A 43 34.93 -47.71 21.73
CA ILE A 43 34.92 -47.74 21.70
C ILE A 43 34.08 -48.58 22.64
N TYR A 44 33.26 -47.93 23.47
CA TYR A 44 32.39 -48.62 24.42
C TYR A 44 30.93 -48.27 24.15
N ALA A 45 30.04 -49.21 24.43
CA ALA A 45 28.60 -49.02 24.24
C ALA A 45 28.06 -48.04 25.28
N PRO A 46 27.43 -46.94 24.87
CA PRO A 46 27.01 -45.94 25.88
C PRO A 46 26.02 -46.45 26.91
N ALA A 47 25.19 -47.46 26.60
CA ALA A 47 24.18 -47.89 27.54
C ALA A 47 24.70 -48.88 28.58
N THR A 48 25.81 -49.57 28.30
CA THR A 48 26.25 -50.68 29.14
C THR A 48 27.73 -50.59 29.53
N GLY A 49 28.53 -49.91 28.72
CA GLY A 49 29.97 -49.94 28.92
C GLY A 49 30.68 -51.11 28.29
N GLU A 50 29.97 -51.91 27.49
CA GLU A 50 30.58 -53.04 26.80
C GLU A 50 31.64 -52.55 25.81
N GLU A 51 32.80 -53.19 25.81
CA GLU A 51 33.85 -52.87 24.86
C GLU A 51 33.49 -53.45 23.49
N LEU A 52 33.36 -52.58 22.49
CA LEU A 52 32.94 -52.98 21.15
C LEU A 52 34.11 -53.23 20.20
N GLY A 53 35.24 -52.61 20.44
CA GLY A 53 36.39 -52.75 19.57
C GLY A 53 37.18 -51.45 19.58
N SER A 54 38.13 -51.36 18.64
CA SER A 54 38.93 -50.17 18.50
C SER A 54 38.95 -49.73 17.04
N VAL A 55 39.19 -48.44 16.84
CA VAL A 55 39.37 -47.88 15.50
C VAL A 55 40.70 -47.14 15.47
N PRO A 56 41.30 -46.99 14.29
CA PRO A 56 42.62 -46.34 14.21
C PRO A 56 42.56 -44.88 14.63
N ALA A 57 43.69 -44.40 15.12
CA ALA A 57 43.90 -42.99 15.44
C ALA A 57 44.91 -42.45 14.42
N MET A 58 44.41 -42.03 13.27
CA MET A 58 45.27 -41.65 12.16
C MET A 58 46.11 -40.42 12.48
N THR A 59 47.33 -40.42 11.93
CA THR A 59 48.20 -39.26 11.95
C THR A 59 47.92 -38.37 10.74
N GLN A 60 48.49 -37.16 10.75
CA GLN A 60 48.30 -36.27 9.61
C GLN A 60 48.95 -36.83 8.36
N ALA A 61 50.06 -37.55 8.49
CA ALA A 61 50.69 -38.16 7.33
C ALA A 61 49.81 -39.26 6.74
N GLU A 62 49.07 -39.98 7.58
CA GLU A 62 48.14 -40.98 7.05
C GLU A 62 46.96 -40.33 6.35
N VAL A 63 46.50 -39.17 6.84
CA VAL A 63 45.48 -38.42 6.11
C VAL A 63 45.98 -38.04 4.73
N ASP A 64 47.22 -37.54 4.64
CA ASP A 64 47.80 -37.23 3.35
C ASP A 64 47.76 -38.43 2.42
N ALA A 65 48.02 -39.63 2.95
CA ALA A 65 48.05 -40.82 2.11
C ALA A 65 46.65 -41.16 1.60
N VAL A 66 45.62 -40.96 2.41
CA VAL A 66 44.24 -41.19 1.97
C VAL A 66 43.89 -40.26 0.82
N TYR A 67 44.13 -38.96 1.02
CA TYR A 67 43.79 -37.97 0.00
C TYR A 67 44.59 -38.18 -1.28
N ALA A 68 45.86 -38.58 -1.15
CA ALA A 68 46.67 -38.82 -2.35
C ALA A 68 46.09 -39.96 -3.18
N SER A 69 45.67 -41.05 -2.51
CA SER A 69 45.05 -42.16 -3.22
C SER A 69 43.78 -41.73 -3.93
N ALA A 70 42.97 -40.90 -3.27
CA ALA A 70 41.71 -40.46 -3.84
C ALA A 70 41.92 -39.65 -5.11
N LYS A 71 42.80 -38.66 -5.06
CA LYS A 71 43.01 -37.82 -6.23
C LYS A 71 43.61 -38.61 -7.38
N LYS A 72 44.42 -39.63 -7.07
CA LYS A 72 44.98 -40.48 -8.12
C LYS A 72 43.90 -41.33 -8.77
N ALA A 73 42.86 -41.70 -8.01
CA ALA A 73 41.78 -42.54 -8.51
C ALA A 73 40.73 -41.76 -9.29
N LEU A 74 40.70 -40.43 -9.15
CA LEU A 74 39.60 -39.64 -9.67
C LEU A 74 39.52 -39.70 -11.20
N SER A 75 40.66 -39.61 -11.89
CA SER A 75 40.62 -39.52 -13.35
C SER A 75 39.93 -40.71 -13.97
N ASP A 76 40.32 -41.92 -13.56
CA ASP A 76 39.69 -43.12 -14.11
C ASP A 76 38.22 -43.24 -13.69
N TRP A 77 37.88 -42.81 -12.48
CA TRP A 77 36.52 -42.95 -11.99
C TRP A 77 35.57 -42.02 -12.72
N ARG A 78 35.97 -40.76 -12.95
CA ARG A 78 35.10 -39.82 -13.62
C ARG A 78 34.94 -40.13 -15.10
N THR A 79 35.86 -40.87 -15.70
CA THR A 79 35.75 -41.23 -17.10
C THR A 79 34.89 -42.46 -17.34
N LEU A 80 34.56 -43.21 -16.28
CA LEU A 80 33.60 -44.28 -16.43
C LEU A 80 32.25 -43.71 -16.85
N SER A 81 31.43 -44.55 -17.46
CA SER A 81 30.06 -44.17 -17.78
C SER A 81 29.22 -44.12 -16.50
N TYR A 82 28.14 -43.36 -16.57
CA TYR A 82 27.17 -43.32 -15.48
C TYR A 82 26.68 -44.72 -15.11
N VAL A 83 26.35 -45.54 -16.11
CA VAL A 83 25.78 -46.86 -15.80
C VAL A 83 26.79 -47.72 -15.07
N GLU A 84 28.08 -47.57 -15.39
CA GLU A 84 29.12 -48.32 -14.67
C GLU A 84 29.22 -47.89 -13.22
N ARG A 85 29.16 -46.58 -12.94
CA ARG A 85 29.21 -46.13 -11.56
C ARG A 85 27.96 -46.56 -10.81
N ALA A 86 26.79 -46.48 -11.47
CA ALA A 86 25.55 -46.91 -10.84
C ALA A 86 25.60 -48.37 -10.42
N ALA A 87 26.24 -49.21 -11.24
CA ALA A 87 26.28 -50.65 -10.95
C ALA A 87 27.01 -50.93 -9.64
N TYR A 88 28.09 -50.19 -9.38
CA TYR A 88 28.80 -50.35 -8.11
C TYR A 88 27.91 -49.99 -6.93
N LEU A 89 27.13 -48.92 -7.07
CA LEU A 89 26.26 -48.50 -5.96
C LEU A 89 25.16 -49.51 -5.69
N HIS A 90 24.54 -50.06 -6.75
CA HIS A 90 23.50 -51.06 -6.55
C HIS A 90 24.05 -52.30 -5.83
N LYS A 91 25.26 -52.75 -6.20
CA LYS A 91 25.86 -53.89 -5.52
C LYS A 91 26.10 -53.60 -4.04
N ALA A 92 26.57 -52.39 -3.71
CA ALA A 92 26.81 -52.04 -2.31
C ALA A 92 25.50 -52.04 -1.52
N ALA A 93 24.43 -51.52 -2.12
CA ALA A 93 23.13 -51.52 -1.47
C ALA A 93 22.64 -52.95 -1.22
N ASP A 94 22.81 -53.83 -2.20
CA ASP A 94 22.40 -55.22 -2.03
C ASP A 94 23.12 -55.86 -0.84
N ILE A 95 24.41 -55.56 -0.69
CA ILE A 95 25.18 -56.15 0.40
C ILE A 95 24.71 -55.62 1.74
N LEU A 96 24.38 -54.31 1.81
CA LEU A 96 23.86 -53.75 3.06
C LEU A 96 22.55 -54.40 3.46
N VAL A 97 21.65 -54.64 2.50
CA VAL A 97 20.41 -55.33 2.82
C VAL A 97 20.73 -56.72 3.39
N ARG A 98 21.65 -57.44 2.73
CA ARG A 98 22.02 -58.77 3.20
C ARG A 98 22.48 -58.76 4.66
N ASP A 99 23.29 -57.76 5.03
CA ASP A 99 23.95 -57.72 6.32
C ASP A 99 23.27 -56.72 7.29
N ALA A 100 22.02 -56.36 7.04
CA ALA A 100 21.38 -55.32 7.85
C ALA A 100 21.29 -55.72 9.31
N GLU A 101 20.92 -56.98 9.59
CA GLU A 101 20.83 -57.41 10.98
C GLU A 101 22.20 -57.35 11.65
N LYS A 102 23.23 -57.84 10.96
CA LYS A 102 24.59 -57.85 11.53
C LYS A 102 25.10 -56.44 11.77
N ILE A 103 24.92 -55.54 10.81
CA ILE A 103 25.38 -54.16 10.99
C ILE A 103 24.54 -53.46 12.04
N GLY A 104 23.22 -53.62 11.96
CA GLY A 104 22.33 -52.95 12.90
C GLY A 104 22.57 -53.35 14.35
N ALA A 105 22.95 -54.61 14.58
CA ALA A 105 23.20 -55.06 15.94
C ALA A 105 24.36 -54.29 16.57
N ILE A 106 25.39 -53.99 15.78
CA ILE A 106 26.54 -53.26 16.32
C ILE A 106 26.24 -51.76 16.36
N LEU A 107 25.55 -51.23 15.35
CA LEU A 107 25.13 -49.84 15.40
C LEU A 107 24.34 -49.54 16.67
N SER A 108 23.41 -50.44 17.01
CA SER A 108 22.56 -50.24 18.19
C SER A 108 23.41 -50.10 19.46
N LYS A 109 24.40 -50.97 19.63
CA LYS A 109 25.29 -50.84 20.77
C LYS A 109 26.09 -49.55 20.71
N GLU A 110 26.62 -49.20 19.53
CA GLU A 110 27.63 -48.14 19.49
C GLU A 110 27.03 -46.78 19.87
N VAL A 111 25.77 -46.52 19.52
CA VAL A 111 25.14 -45.23 19.79
C VAL A 111 23.86 -45.36 20.61
N ALA A 112 23.65 -46.51 21.25
CA ALA A 112 22.51 -46.73 22.14
C ALA A 112 21.19 -46.42 21.44
N LYS A 113 21.09 -46.86 20.18
CA LYS A 113 19.86 -46.80 19.41
C LYS A 113 19.16 -48.14 19.50
N GLY A 114 17.85 -48.11 19.69
CA GLY A 114 17.07 -49.34 19.75
C GLY A 114 17.43 -50.31 18.64
N HIS A 115 17.47 -51.60 18.95
CA HIS A 115 17.97 -52.58 18.00
C HIS A 115 17.21 -52.52 16.67
N LYS A 116 15.89 -52.60 16.73
CA LYS A 116 15.10 -52.62 15.50
C LYS A 116 15.22 -51.30 14.74
N ALA A 117 15.26 -50.18 15.46
CA ALA A 117 15.46 -48.89 14.79
C ALA A 117 16.81 -48.85 14.09
N ALA A 118 17.82 -49.51 14.68
CA ALA A 118 19.15 -49.53 14.06
C ALA A 118 19.17 -50.36 12.79
N VAL A 119 18.47 -51.51 12.79
CA VAL A 119 18.38 -52.30 11.57
C VAL A 119 17.63 -51.52 10.50
N SER A 120 16.57 -50.81 10.90
CA SER A 120 15.82 -50.01 9.94
C SER A 120 16.68 -48.89 9.35
N GLU A 121 17.65 -48.37 10.12
CA GLU A 121 18.54 -47.35 9.56
C GLU A 121 19.32 -47.91 8.39
N VAL A 122 19.86 -49.13 8.54
CA VAL A 122 20.65 -49.75 7.48
C VAL A 122 19.79 -49.98 6.24
N ILE A 123 18.57 -50.48 6.43
CA ILE A 123 17.66 -50.73 5.32
C ILE A 123 17.36 -49.43 4.58
N ARG A 124 17.09 -48.36 5.32
CA ARG A 124 16.83 -47.07 4.70
C ARG A 124 18.04 -46.60 3.91
N THR A 125 19.25 -46.86 4.42
CA THR A 125 20.45 -46.41 3.72
C THR A 125 20.58 -47.10 2.37
N ALA A 126 20.27 -48.40 2.30
CA ALA A 126 20.26 -49.09 1.02
C ALA A 126 19.27 -48.44 0.06
N GLU A 127 18.07 -48.10 0.54
CA GLU A 127 17.08 -47.43 -0.29
C GLU A 127 17.64 -46.14 -0.88
N ILE A 128 18.32 -45.35 -0.04
CA ILE A 128 18.90 -44.09 -0.50
C ILE A 128 19.99 -44.35 -1.54
N ILE A 129 20.85 -45.35 -1.31
CA ILE A 129 21.96 -45.62 -2.24
C ILE A 129 21.41 -46.01 -3.61
N ASN A 130 20.41 -46.89 -3.65
CA ASN A 130 19.83 -47.32 -4.91
C ASN A 130 19.17 -46.16 -5.64
N TYR A 131 18.44 -45.32 -4.90
CA TYR A 131 17.74 -44.18 -5.49
C TYR A 131 18.73 -43.16 -6.04
N ALA A 132 19.84 -42.94 -5.34
CA ALA A 132 20.83 -41.98 -5.83
C ALA A 132 21.50 -42.49 -7.09
N ALA A 133 21.75 -43.80 -7.17
CA ALA A 133 22.32 -44.38 -8.38
C ALA A 133 21.45 -44.08 -9.60
N GLU A 134 20.14 -44.31 -9.48
CA GLU A 134 19.26 -44.16 -10.63
C GLU A 134 18.93 -42.70 -10.90
N GLU A 135 18.87 -41.87 -9.86
CA GLU A 135 18.69 -40.43 -10.07
C GLU A 135 19.89 -39.84 -10.80
N GLY A 136 21.10 -40.20 -10.38
CA GLY A 136 22.29 -39.56 -10.90
C GLY A 136 22.66 -39.96 -12.31
N LEU A 137 22.24 -41.14 -12.75
CA LEU A 137 22.69 -41.61 -14.05
C LEU A 137 21.90 -41.01 -15.21
N ARG A 138 20.73 -40.43 -14.94
CA ARG A 138 19.93 -39.82 -15.98
C ARG A 138 20.01 -38.30 -15.95
N MET A 139 20.92 -37.74 -15.16
CA MET A 139 21.18 -36.31 -15.20
CA MET A 139 21.16 -36.30 -15.20
C MET A 139 21.41 -35.87 -16.64
N GLU A 140 20.91 -34.69 -16.98
CA GLU A 140 21.04 -34.14 -18.31
C GLU A 140 21.70 -32.78 -18.27
N GLY A 141 22.12 -32.34 -19.47
CA GLY A 141 22.63 -31.01 -19.67
C GLY A 141 21.65 -30.17 -20.46
N GLU A 142 22.09 -28.95 -20.75
CA GLU A 142 21.27 -27.97 -21.41
C GLU A 142 21.96 -27.47 -22.67
N VAL A 143 21.15 -27.07 -23.65
CA VAL A 143 21.61 -26.39 -24.84
C VAL A 143 20.93 -25.03 -24.88
N LEU A 144 21.72 -23.97 -24.83
CA LEU A 144 21.22 -22.60 -24.76
C LEU A 144 21.49 -21.88 -26.06
N GLU A 145 20.57 -20.98 -26.43
CA GLU A 145 20.57 -20.31 -27.71
C GLU A 145 21.03 -18.85 -27.53
N GLY A 146 22.07 -18.46 -28.26
CA GLY A 146 22.49 -17.08 -28.23
C GLY A 146 21.41 -16.14 -28.73
N GLY A 147 20.58 -16.61 -29.66
CA GLY A 147 19.49 -15.82 -30.20
C GLY A 147 18.35 -15.56 -29.23
N SER A 148 18.38 -16.19 -28.04
CA SER A 148 17.44 -15.83 -26.99
C SER A 148 17.74 -14.46 -26.41
N PHE A 149 19.00 -14.02 -26.50
CA PHE A 149 19.45 -12.79 -25.87
C PHE A 149 19.81 -11.70 -26.87
N GLU A 150 20.46 -12.03 -27.99
CA GLU A 150 20.76 -11.02 -29.00
C GLU A 150 20.77 -11.62 -30.39
N ALA A 151 20.20 -10.87 -31.34
CA ALA A 151 20.02 -11.38 -32.70
C ALA A 151 21.34 -11.72 -33.35
N ALA A 152 22.38 -10.92 -33.09
CA ALA A 152 23.66 -11.14 -33.75
C ALA A 152 24.32 -12.45 -33.33
N SER A 153 23.91 -13.04 -32.20
CA SER A 153 24.46 -14.30 -31.72
C SER A 153 23.55 -15.49 -31.97
N LYS A 154 22.67 -15.42 -32.98
CA LYS A 154 21.69 -16.49 -33.15
C LYS A 154 22.33 -17.81 -33.55
N LYS A 155 23.53 -17.79 -34.15
CA LYS A 155 24.23 -19.02 -34.51
C LYS A 155 25.13 -19.56 -33.41
N LYS A 156 25.27 -18.86 -32.29
CA LYS A 156 26.09 -19.32 -31.17
C LYS A 156 25.23 -20.12 -30.19
N ILE A 157 25.68 -21.32 -29.84
CA ILE A 157 24.99 -22.13 -28.85
C ILE A 157 25.97 -22.58 -27.75
N ALA A 158 25.40 -22.83 -26.57
CA ALA A 158 26.15 -23.29 -25.41
C ALA A 158 25.68 -24.71 -25.06
N ILE A 159 26.61 -25.65 -25.04
CA ILE A 159 26.37 -27.04 -24.65
C ILE A 159 26.87 -27.18 -23.21
N VAL A 160 25.96 -27.37 -22.27
CA VAL A 160 26.28 -27.30 -20.85
C VAL A 160 26.08 -28.69 -20.25
N ARG A 161 27.16 -29.29 -19.74
CA ARG A 161 27.12 -30.63 -19.18
C ARG A 161 27.66 -30.61 -17.74
N ARG A 162 27.19 -31.57 -16.94
CA ARG A 162 27.59 -31.65 -15.55
C ARG A 162 28.92 -32.39 -15.41
N GLU A 163 29.70 -31.99 -14.41
CA GLU A 163 30.96 -32.63 -14.07
C GLU A 163 31.04 -32.78 -12.56
N PRO A 164 31.81 -33.74 -12.05
CA PRO A 164 32.05 -33.82 -10.60
C PRO A 164 32.87 -32.64 -10.11
N VAL A 165 32.84 -32.43 -8.80
CA VAL A 165 33.65 -31.36 -8.21
C VAL A 165 35.06 -31.84 -7.86
N GLY A 166 35.23 -33.12 -7.58
CA GLY A 166 36.54 -33.67 -7.25
C GLY A 166 36.48 -34.63 -6.09
N LEU A 167 37.21 -34.32 -5.03
CA LEU A 167 37.21 -35.09 -3.79
C LEU A 167 36.23 -34.46 -2.81
N VAL A 168 35.25 -35.25 -2.36
CA VAL A 168 34.27 -34.84 -1.39
C VAL A 168 34.68 -35.40 -0.03
N LEU A 169 34.74 -34.53 0.98
CA LEU A 169 34.92 -34.96 2.36
C LEU A 169 33.54 -35.08 3.00
N ALA A 170 33.16 -36.31 3.35
CA ALA A 170 31.86 -36.58 3.96
C ALA A 170 32.06 -36.81 5.45
N ILE A 171 31.36 -36.03 6.28
CA ILE A 171 31.49 -36.10 7.73
C ILE A 171 30.13 -36.50 8.31
N SER A 172 30.05 -37.70 8.87
CA SER A 172 28.77 -38.25 9.32
C SER A 172 28.53 -37.97 10.79
N PRO A 173 27.25 -38.07 11.25
CA PRO A 173 26.92 -37.75 12.64
C PRO A 173 26.74 -39.00 13.49
N PHE A 174 26.80 -38.85 14.82
CA PHE A 174 26.68 -40.02 15.68
C PHE A 174 25.26 -40.59 15.66
N ASN A 175 24.25 -39.74 15.44
CA ASN A 175 22.86 -40.18 15.60
C ASN A 175 22.32 -40.92 14.38
N TYR A 176 23.02 -40.83 13.24
CA TYR A 176 22.69 -41.57 12.03
C TYR A 176 23.99 -41.95 11.35
N PRO A 177 24.79 -42.80 11.99
CA PRO A 177 26.17 -43.00 11.52
C PRO A 177 26.26 -43.76 10.21
N VAL A 178 25.20 -44.46 9.80
CA VAL A 178 25.13 -45.14 8.51
C VAL A 178 24.24 -44.38 7.53
N ASN A 179 23.03 -44.03 7.96
CA ASN A 179 22.09 -43.32 7.08
C ASN A 179 22.69 -42.01 6.58
N LEU A 180 23.29 -41.21 7.46
CA LEU A 180 23.82 -39.91 7.05
C LEU A 180 25.32 -39.96 6.77
N ALA A 181 25.87 -41.15 6.56
CA ALA A 181 27.08 -41.37 5.77
C ALA A 181 26.72 -41.68 4.33
N GLY A 182 25.83 -42.67 4.13
CA GLY A 182 25.41 -43.03 2.79
C GLY A 182 24.70 -41.92 2.04
N SER A 183 23.99 -41.04 2.76
CA SER A 183 23.28 -39.94 2.12
C SER A 183 24.23 -38.97 1.43
N LYS A 184 25.52 -39.02 1.77
CA LYS A 184 26.57 -38.25 1.15
C LYS A 184 27.37 -39.06 0.14
N ILE A 185 27.71 -40.30 0.50
CA ILE A 185 28.64 -41.08 -0.33
C ILE A 185 28.03 -41.40 -1.68
N ALA A 186 26.78 -41.91 -1.69
CA ALA A 186 26.22 -42.37 -2.96
C ALA A 186 25.94 -41.22 -3.91
N PRO A 187 25.29 -40.12 -3.51
CA PRO A 187 25.15 -38.99 -4.44
C PRO A 187 26.47 -38.47 -4.96
N ALA A 188 27.50 -38.43 -4.10
CA ALA A 188 28.81 -37.98 -4.55
C ALA A 188 29.37 -38.91 -5.62
N LEU A 189 29.31 -40.22 -5.38
CA LEU A 189 29.97 -41.18 -6.25
C LEU A 189 29.30 -41.26 -7.63
N ILE A 190 27.97 -41.22 -7.70
CA ILE A 190 27.32 -41.39 -9.00
C ILE A 190 27.71 -40.25 -9.94
N ALA A 191 27.93 -39.05 -9.40
CA ALA A 191 28.33 -37.88 -10.17
C ALA A 191 29.78 -37.93 -10.64
N GLY A 192 30.56 -38.90 -10.16
CA GLY A 192 31.95 -39.02 -10.56
C GLY A 192 32.95 -38.42 -9.61
N ASN A 193 32.53 -38.01 -8.42
CA ASN A 193 33.45 -37.60 -7.37
C ASN A 193 34.10 -38.82 -6.72
N VAL A 194 35.23 -38.60 -6.08
CA VAL A 194 35.81 -39.55 -5.14
C VAL A 194 35.50 -39.05 -3.73
N VAL A 195 35.54 -39.96 -2.75
CA VAL A 195 35.00 -39.66 -1.43
C VAL A 195 35.92 -40.16 -0.33
N ALA A 196 36.07 -39.34 0.72
CA ALA A 196 36.66 -39.74 1.99
C ALA A 196 35.61 -39.52 3.07
N LEU A 197 35.29 -40.58 3.83
CA LEU A 197 34.34 -40.50 4.93
C LEU A 197 35.09 -40.41 6.25
N LYS A 198 34.81 -39.35 7.01
CA LYS A 198 35.27 -39.20 8.39
C LYS A 198 34.07 -39.39 9.31
N PRO A 199 33.90 -40.55 9.93
CA PRO A 199 32.84 -40.72 10.91
C PRO A 199 33.24 -40.09 12.24
N PRO A 200 32.28 -39.80 13.11
CA PRO A 200 32.64 -39.40 14.47
C PRO A 200 33.20 -40.60 15.21
N THR A 201 34.08 -40.34 16.17
CA THR A 201 34.71 -41.44 16.90
C THR A 201 33.65 -42.39 17.47
N GLN A 202 32.70 -41.86 18.23
CA GLN A 202 31.55 -42.64 18.69
C GLN A 202 30.59 -42.74 17.50
N GLY A 203 30.68 -43.85 16.76
CA GLY A 203 30.02 -43.98 15.47
C GLY A 203 30.96 -44.42 14.37
N SER A 204 32.26 -44.53 14.69
CA SER A 204 33.24 -44.89 13.69
C SER A 204 33.13 -46.35 13.28
N ILE A 205 32.79 -47.24 14.22
CA ILE A 205 32.65 -48.66 13.87
C ILE A 205 31.54 -48.83 12.84
N SER A 206 30.40 -48.19 13.08
CA SER A 206 29.28 -48.26 12.15
C SER A 206 29.67 -47.70 10.79
N GLY A 207 30.40 -46.59 10.76
CA GLY A 207 30.88 -46.06 9.49
C GLY A 207 31.77 -47.04 8.77
N LEU A 208 32.69 -47.69 9.51
CA LEU A 208 33.58 -48.65 8.89
C LEU A 208 32.84 -49.92 8.46
N LEU A 209 31.76 -50.27 9.14
CA LEU A 209 30.93 -51.40 8.68
C LEU A 209 30.23 -51.04 7.37
N LEU A 210 29.78 -49.79 7.22
CA LEU A 210 29.25 -49.34 5.93
C LEU A 210 30.30 -49.44 4.84
N ALA A 211 31.53 -48.99 5.14
CA ALA A 211 32.59 -49.03 4.14
C ALA A 211 32.91 -50.45 3.68
N GLU A 212 32.69 -51.44 4.55
CA GLU A 212 32.93 -52.82 4.16
C GLU A 212 32.08 -53.23 2.96
N ALA A 213 30.84 -52.73 2.91
CA ALA A 213 29.93 -53.11 1.83
C ALA A 213 30.34 -52.48 0.50
N PHE A 214 30.85 -51.25 0.54
CA PHE A 214 31.36 -50.62 -0.67
C PHE A 214 32.60 -51.33 -1.18
N ALA A 215 33.46 -51.79 -0.27
CA ALA A 215 34.63 -52.56 -0.65
C ALA A 215 34.23 -53.89 -1.29
N GLU A 216 33.36 -54.65 -0.61
CA GLU A 216 32.95 -55.93 -1.17
C GLU A 216 32.27 -55.75 -2.52
N ALA A 217 31.61 -54.60 -2.73
CA ALA A 217 30.98 -54.32 -4.01
C ALA A 217 32.00 -54.11 -5.13
N GLY A 218 33.28 -53.94 -4.79
CA GLY A 218 34.32 -53.84 -5.78
C GLY A 218 34.73 -52.44 -6.17
N ILE A 219 34.39 -51.44 -5.37
CA ILE A 219 34.68 -50.06 -5.75
C ILE A 219 36.16 -49.91 -6.03
N PRO A 220 36.56 -49.29 -7.14
CA PRO A 220 38.00 -49.18 -7.46
C PRO A 220 38.78 -48.58 -6.29
N ALA A 221 40.01 -49.06 -6.13
CA ALA A 221 40.86 -48.59 -5.06
C ALA A 221 41.02 -47.08 -5.11
N GLY A 222 40.84 -46.42 -3.97
CA GLY A 222 41.01 -44.99 -3.87
C GLY A 222 39.77 -44.19 -4.13
N VAL A 223 38.77 -44.76 -4.80
CA VAL A 223 37.53 -44.04 -5.10
C VAL A 223 36.74 -43.74 -3.84
N PHE A 224 36.79 -44.62 -2.85
CA PHE A 224 36.10 -44.43 -1.59
C PHE A 224 37.03 -44.89 -0.47
N ASN A 225 37.22 -44.02 0.53
CA ASN A 225 38.17 -44.26 1.60
C ASN A 225 37.55 -43.77 2.91
N THR A 226 38.11 -44.24 4.03
CA THR A 226 37.68 -43.76 5.33
C THR A 226 38.86 -43.19 6.13
N ILE A 227 38.52 -42.27 7.04
CA ILE A 227 39.46 -41.63 7.96
C ILE A 227 38.86 -41.69 9.36
N THR A 228 39.64 -42.14 10.34
CA THR A 228 39.24 -42.09 11.74
C THR A 228 40.38 -41.54 12.58
N GLY A 229 40.02 -40.90 13.68
CA GLY A 229 41.03 -40.33 14.56
C GLY A 229 40.44 -39.26 15.46
N ARG A 230 41.35 -38.62 16.21
CA ARG A 230 40.97 -37.65 17.22
C ARG A 230 40.97 -36.24 16.65
N GLY A 231 39.95 -35.46 17.04
CA GLY A 231 39.84 -34.10 16.55
C GLY A 231 41.06 -33.25 16.82
N SER A 232 41.74 -33.48 17.94
CA SER A 232 42.87 -32.64 18.29
C SER A 232 44.07 -32.87 17.37
N VAL A 233 44.15 -34.03 16.72
CA VAL A 233 45.26 -34.36 15.84
C VAL A 233 44.92 -34.06 14.38
N ILE A 234 43.73 -34.47 13.93
CA ILE A 234 43.38 -34.39 12.51
C ILE A 234 42.08 -33.64 12.26
N GLY A 235 41.38 -33.21 13.31
CA GLY A 235 40.11 -32.53 13.12
C GLY A 235 40.17 -31.39 12.12
N ASP A 236 40.99 -30.37 12.40
CA ASP A 236 41.13 -29.26 11.47
C ASP A 236 41.92 -29.68 10.23
N TYR A 237 42.92 -30.57 10.40
CA TYR A 237 43.78 -30.94 9.29
C TYR A 237 42.98 -31.52 8.12
N ILE A 238 42.03 -32.41 8.41
CA ILE A 238 41.31 -33.07 7.32
C ILE A 238 40.51 -32.07 6.51
N VAL A 239 40.07 -30.98 7.14
CA VAL A 239 39.18 -30.04 6.46
C VAL A 239 39.95 -29.00 5.66
N GLU A 240 41.03 -28.46 6.23
CA GLU A 240 41.77 -27.41 5.53
C GLU A 240 42.74 -27.98 4.48
N HIS A 241 42.85 -29.30 4.36
CA HIS A 241 43.73 -29.89 3.38
C HIS A 241 43.29 -29.52 1.96
N GLU A 242 44.24 -29.06 1.14
CA GLU A 242 43.83 -28.50 -0.15
C GLU A 242 43.45 -29.58 -1.17
N ALA A 243 43.71 -30.85 -0.89
CA ALA A 243 43.18 -31.90 -1.76
C ALA A 243 41.66 -31.95 -1.75
N VAL A 244 41.02 -31.44 -0.70
CA VAL A 244 39.56 -31.51 -0.56
C VAL A 244 38.92 -30.41 -1.39
N ASN A 245 37.95 -30.79 -2.24
CA ASN A 245 37.25 -29.82 -3.08
C ASN A 245 35.83 -29.52 -2.61
N PHE A 246 35.33 -30.23 -1.59
CA PHE A 246 33.94 -30.13 -1.16
C PHE A 246 33.84 -30.75 0.23
N ILE A 247 33.17 -30.06 1.16
CA ILE A 247 32.92 -30.57 2.49
C ILE A 247 31.41 -30.71 2.69
N ASN A 248 30.98 -31.88 3.16
CA ASN A 248 29.56 -32.24 3.31
C ASN A 248 29.43 -32.77 4.74
N PHE A 249 28.86 -31.96 5.63
CA PHE A 249 28.93 -32.18 7.08
C PHE A 249 27.56 -32.20 7.73
N THR A 250 27.36 -33.17 8.62
CA THR A 250 26.20 -33.22 9.51
C THR A 250 26.71 -33.34 10.95
N GLY A 251 26.19 -32.51 11.83
CA GLY A 251 26.65 -32.51 13.21
C GLY A 251 26.14 -31.29 13.96
N SER A 252 26.82 -30.97 15.05
CA SER A 252 26.36 -29.92 15.94
C SER A 252 26.61 -28.54 15.33
N THR A 253 25.75 -27.59 15.69
CA THR A 253 25.90 -26.23 15.19
C THR A 253 27.27 -25.64 15.48
N PRO A 254 27.81 -25.73 16.71
CA PRO A 254 29.13 -25.11 16.96
C PRO A 254 30.24 -25.73 16.13
N ILE A 255 30.24 -27.05 15.96
CA ILE A 255 31.24 -27.69 15.11
C ILE A 255 31.03 -27.27 13.67
N GLY A 256 29.78 -27.25 13.22
CA GLY A 256 29.50 -26.81 11.85
C GLY A 256 30.02 -25.41 11.59
N GLU A 257 29.71 -24.47 12.49
CA GLU A 257 30.18 -23.10 12.33
C GLU A 257 31.70 -23.06 12.19
N GLY A 258 32.41 -23.93 12.91
CA GLY A 258 33.85 -23.98 12.78
C GLY A 258 34.33 -24.45 11.42
N ILE A 259 33.53 -25.29 10.76
CA ILE A 259 33.92 -25.78 9.44
C ILE A 259 33.73 -24.71 8.39
N GLY A 260 32.72 -23.86 8.54
CA GLY A 260 32.48 -22.82 7.56
C GLY A 260 33.65 -21.87 7.40
N LYS A 261 34.42 -21.65 8.46
CA LYS A 261 35.55 -20.74 8.39
C LYS A 261 36.76 -21.39 7.74
N LEU A 262 36.95 -22.70 7.94
CA LEU A 262 38.05 -23.42 7.33
C LEU A 262 37.78 -23.79 5.87
N ALA A 263 36.58 -23.51 5.37
CA ALA A 263 36.19 -23.93 4.03
C ALA A 263 36.83 -23.08 2.94
N GLY A 264 37.21 -21.85 3.25
CA GLY A 264 37.74 -20.97 2.23
C GLY A 264 36.68 -20.67 1.20
N MET A 265 37.04 -20.80 -0.07
CA MET A 265 36.10 -20.64 -1.15
C MET A 265 35.46 -21.95 -1.58
N ARG A 266 35.83 -23.06 -0.94
CA ARG A 266 35.34 -24.34 -1.38
C ARG A 266 33.88 -24.51 -0.96
N PRO A 267 33.05 -25.11 -1.81
CA PRO A 267 31.65 -25.30 -1.46
C PRO A 267 31.50 -26.23 -0.27
N ILE A 268 30.48 -25.94 0.54
CA ILE A 268 30.19 -26.74 1.74
C ILE A 268 28.70 -26.92 1.89
N MET A 269 28.31 -28.04 2.50
CA MET A 269 26.95 -28.27 2.93
C MET A 269 26.96 -28.59 4.42
N LEU A 270 26.05 -27.96 5.17
CA LEU A 270 25.99 -28.11 6.62
C LEU A 270 24.59 -28.53 7.02
N GLU A 271 24.50 -29.59 7.81
CA GLU A 271 23.24 -30.05 8.38
C GLU A 271 23.40 -29.99 9.90
N LEU A 272 22.86 -28.94 10.51
CA LEU A 272 23.16 -28.61 11.90
C LEU A 272 21.90 -28.77 12.76
N GLY A 273 21.81 -27.98 13.82
CA GLY A 273 20.78 -28.20 14.81
C GLY A 273 19.43 -27.63 14.44
N GLY A 274 18.42 -28.04 15.21
CA GLY A 274 17.07 -27.53 15.03
C GLY A 274 16.37 -27.29 16.36
N LYS A 275 15.32 -26.47 16.29
CA LYS A 275 14.39 -26.23 17.42
C LYS A 275 12.98 -26.13 16.82
N ASP A 276 12.56 -27.19 16.13
CA ASP A 276 11.34 -27.19 15.34
C ASP A 276 10.11 -26.86 16.20
N SER A 277 9.28 -25.93 15.74
CA SER A 277 8.05 -25.60 16.42
C SER A 277 6.88 -26.42 15.88
N ALA A 278 5.97 -26.77 16.78
CA ALA A 278 4.68 -27.36 16.43
C ALA A 278 3.62 -26.34 16.83
N ILE A 279 3.02 -25.69 15.83
CA ILE A 279 2.00 -24.67 16.07
C ILE A 279 0.64 -25.36 16.05
N VAL A 280 -0.13 -25.22 17.14
CA VAL A 280 -1.41 -25.91 17.29
C VAL A 280 -2.49 -24.85 17.43
N LEU A 281 -3.38 -24.77 16.43
CA LEU A 281 -4.43 -23.78 16.40
C LEU A 281 -5.72 -24.32 17.02
N GLU A 282 -6.70 -23.43 17.17
CA GLU A 282 -7.90 -23.74 17.94
C GLU A 282 -8.75 -24.81 17.27
N ASP A 283 -8.70 -24.91 15.94
CA ASP A 283 -9.50 -25.87 15.19
C ASP A 283 -8.77 -27.18 14.95
N ALA A 284 -7.66 -27.43 15.64
CA ALA A 284 -6.88 -28.64 15.35
C ALA A 284 -7.56 -29.88 15.92
N ASP A 285 -7.25 -31.02 15.30
CA ASP A 285 -7.50 -32.34 15.87
C ASP A 285 -6.45 -32.56 16.96
N LEU A 286 -6.84 -32.39 18.22
CA LEU A 286 -5.84 -32.36 19.29
C LEU A 286 -5.26 -33.74 19.58
N ALA A 287 -6.04 -34.81 19.39
CA ALA A 287 -5.48 -36.15 19.56
C ALA A 287 -4.43 -36.45 18.50
N LEU A 288 -4.69 -36.05 17.24
CA LEU A 288 -3.72 -36.25 16.17
C LEU A 288 -2.46 -35.42 16.41
N ALA A 289 -2.64 -34.15 16.80
CA ALA A 289 -1.49 -33.32 17.11
C ALA A 289 -0.63 -33.95 18.21
N ALA A 290 -1.28 -34.42 19.29
CA ALA A 290 -0.54 -34.98 20.41
C ALA A 290 0.23 -36.23 20.00
N LYS A 291 -0.41 -37.10 19.22
CA LYS A 291 0.27 -38.30 18.72
C LYS A 291 1.53 -37.93 17.94
N ASN A 292 1.42 -36.99 17.01
CA ASN A 292 2.55 -36.64 16.16
C ASN A 292 3.63 -35.90 16.94
N ILE A 293 3.21 -35.01 17.84
CA ILE A 293 4.18 -34.24 18.62
C ILE A 293 5.03 -35.17 19.47
N VAL A 294 4.41 -36.15 20.11
CA VAL A 294 5.15 -37.05 20.99
C VAL A 294 6.06 -37.96 20.19
N ALA A 295 5.54 -38.52 19.09
CA ALA A 295 6.39 -39.36 18.25
C ALA A 295 7.60 -38.61 17.74
N GLY A 296 7.40 -37.36 17.30
CA GLY A 296 8.51 -36.60 16.74
C GLY A 296 9.49 -36.12 17.78
N ALA A 297 8.97 -35.67 18.93
CA ALA A 297 9.85 -35.04 19.92
C ALA A 297 10.72 -36.05 20.63
N PHE A 298 10.23 -37.27 20.88
CA PHE A 298 10.92 -38.22 21.73
C PHE A 298 11.57 -39.39 21.00
N GLY A 299 11.50 -39.44 19.67
CA GLY A 299 12.24 -40.46 18.95
C GLY A 299 13.74 -40.38 19.26
N TYR A 300 14.35 -41.56 19.44
CA TYR A 300 15.78 -41.65 19.77
C TYR A 300 16.11 -40.68 20.90
N SER A 301 15.24 -40.66 21.92
CA SER A 301 15.41 -39.85 23.12
C SER A 301 15.59 -38.36 22.82
N GLY A 302 15.04 -37.90 21.69
CA GLY A 302 15.19 -36.51 21.31
C GLY A 302 16.51 -36.13 20.70
N GLN A 303 17.37 -37.09 20.39
CA GLN A 303 18.69 -36.79 19.82
C GLN A 303 18.62 -36.72 18.29
N ARG A 304 17.83 -35.76 17.81
CA ARG A 304 17.59 -35.57 16.38
C ARG A 304 17.42 -34.08 16.10
N SER A 305 18.09 -33.58 15.06
CA SER A 305 17.97 -32.18 14.70
CA SER A 305 17.97 -32.17 14.72
C SER A 305 16.57 -31.85 14.19
N THR A 306 15.96 -32.77 13.45
CA THR A 306 14.61 -32.63 12.93
C THR A 306 13.67 -33.40 13.87
N ALA A 307 12.90 -32.66 14.66
CA ALA A 307 12.09 -33.21 15.74
C ALA A 307 11.32 -32.06 16.36
N VAL A 308 10.06 -32.27 16.74
CA VAL A 308 9.34 -31.23 17.47
C VAL A 308 10.09 -30.96 18.76
N LYS A 309 10.46 -29.70 18.98
CA LYS A 309 11.21 -29.31 20.18
C LYS A 309 10.54 -28.21 20.98
N ARG A 310 9.42 -27.67 20.52
CA ARG A 310 8.64 -26.72 21.30
C ARG A 310 7.25 -26.69 20.70
N VAL A 311 6.24 -26.73 21.57
CA VAL A 311 4.84 -26.65 21.16
C VAL A 311 4.36 -25.23 21.41
N LEU A 312 3.81 -24.60 20.38
CA LEU A 312 3.23 -23.25 20.47
C LEU A 312 1.72 -23.42 20.27
N VAL A 313 0.96 -23.40 21.36
CA VAL A 313 -0.46 -23.74 21.31
C VAL A 313 -1.30 -22.55 21.75
N MET A 314 -2.41 -22.34 21.05
CA MET A 314 -3.34 -21.28 21.39
C MET A 314 -3.98 -21.55 22.75
N ASP A 315 -4.16 -20.47 23.53
CA ASP A 315 -4.59 -20.61 24.91
CA ASP A 315 -4.60 -20.60 24.91
C ASP A 315 -5.81 -21.54 25.04
N LYS A 316 -6.82 -21.33 24.21
CA LYS A 316 -8.11 -22.00 24.39
C LYS A 316 -7.99 -23.52 24.40
N VAL A 317 -7.03 -24.08 23.69
CA VAL A 317 -6.90 -25.54 23.57
C VAL A 317 -5.68 -26.07 24.31
N ALA A 318 -4.96 -25.23 25.04
CA ALA A 318 -3.71 -25.65 25.65
C ALA A 318 -3.93 -26.69 26.75
N ASP A 319 -4.92 -26.48 27.61
CA ASP A 319 -5.13 -27.42 28.70
C ASP A 319 -5.47 -28.81 28.18
N GLN A 320 -6.36 -28.91 27.18
CA GLN A 320 -6.72 -30.21 26.65
C GLN A 320 -5.54 -30.86 25.92
N LEU A 321 -4.81 -30.08 25.13
CA LEU A 321 -3.65 -30.63 24.43
C LEU A 321 -2.61 -31.16 25.41
N ALA A 322 -2.32 -30.38 26.47
CA ALA A 322 -1.28 -30.78 27.40
C ALA A 322 -1.62 -32.09 28.09
N ALA A 323 -2.88 -32.25 28.51
CA ALA A 323 -3.33 -33.50 29.10
C ALA A 323 -3.14 -34.68 28.14
N GLU A 324 -3.49 -34.49 26.87
CA GLU A 324 -3.33 -35.57 25.89
C GLU A 324 -1.86 -35.91 25.67
N ILE A 325 -1.01 -34.89 25.56
CA ILE A 325 0.42 -35.15 25.36
C ILE A 325 0.98 -35.88 26.57
N LYS A 326 0.61 -35.44 27.76
CA LYS A 326 1.09 -36.07 28.99
C LYS A 326 0.80 -37.56 29.00
N THR A 327 -0.44 -37.95 28.66
CA THR A 327 -0.79 -39.36 28.69
C THR A 327 0.09 -40.17 27.74
N LEU A 328 0.38 -39.63 26.56
CA LEU A 328 1.21 -40.35 25.61
C LEU A 328 2.65 -40.43 26.06
N VAL A 329 3.15 -39.37 26.70
CA VAL A 329 4.52 -39.40 27.21
C VAL A 329 4.67 -40.49 28.27
N GLU A 330 3.66 -40.63 29.13
CA GLU A 330 3.70 -41.64 30.18
C GLU A 330 3.66 -43.06 29.63
N LYS A 331 3.28 -43.25 28.37
CA LYS A 331 3.28 -44.57 27.77
C LYS A 331 4.63 -44.96 27.19
N LEU A 332 5.54 -44.00 26.98
CA LEU A 332 6.83 -44.32 26.38
C LEU A 332 7.60 -45.27 27.30
N SER A 333 8.21 -46.29 26.69
CA SER A 333 9.08 -47.18 27.45
C SER A 333 10.44 -46.54 27.64
N VAL A 334 11.08 -46.87 28.75
CA VAL A 334 12.34 -46.24 29.17
C VAL A 334 13.28 -47.36 29.58
N GLY A 335 14.34 -47.55 28.80
CA GLY A 335 15.22 -48.68 29.07
C GLY A 335 16.35 -48.85 28.09
N MET A 336 16.68 -50.11 27.78
CA MET A 336 17.92 -50.41 27.08
C MET A 336 17.70 -50.60 25.59
N PRO A 337 18.71 -50.29 24.78
CA PRO A 337 18.56 -50.45 23.32
C PRO A 337 18.16 -51.86 22.91
N GLU A 338 18.71 -52.88 23.57
CA GLU A 338 18.43 -54.26 23.20
C GLU A 338 16.99 -54.65 23.46
N ASP A 339 16.28 -53.89 24.30
CA ASP A 339 14.86 -54.11 24.53
C ASP A 339 13.97 -53.19 23.71
N ASP A 340 14.56 -52.45 22.76
CA ASP A 340 13.78 -51.58 21.87
C ASP A 340 12.98 -50.56 22.65
N ALA A 341 13.57 -50.06 23.73
CA ALA A 341 12.93 -48.99 24.50
C ALA A 341 12.74 -47.76 23.63
N ASP A 342 11.62 -47.06 23.85
CA ASP A 342 11.43 -45.77 23.20
C ASP A 342 12.53 -44.79 23.59
N ILE A 343 12.79 -44.69 24.90
CA ILE A 343 13.74 -43.76 25.49
C ILE A 343 14.93 -44.58 25.95
N THR A 344 16.09 -44.36 25.34
CA THR A 344 17.33 -45.03 25.65
C THR A 344 18.31 -44.07 26.30
N PRO A 345 19.40 -44.59 26.87
CA PRO A 345 20.42 -43.70 27.47
C PRO A 345 21.04 -42.80 26.42
N LEU A 346 21.38 -41.58 26.85
CA LEU A 346 21.96 -40.62 25.93
C LEU A 346 23.39 -41.00 25.57
N ILE A 347 23.95 -40.29 24.58
CA ILE A 347 25.18 -40.72 23.93
C ILE A 347 26.36 -40.68 24.89
N ASP A 348 26.41 -39.68 25.79
CA ASP A 348 27.47 -39.67 26.79
C ASP A 348 27.04 -38.83 27.99
N THR A 349 27.87 -38.88 29.04
CA THR A 349 27.53 -38.21 30.30
C THR A 349 27.39 -36.71 30.11
N SER A 350 28.27 -36.10 29.32
CA SER A 350 28.17 -34.67 29.08
C SER A 350 26.82 -34.31 28.48
N ALA A 351 26.30 -35.16 27.57
CA ALA A 351 25.02 -34.87 26.96
C ALA A 351 23.90 -34.94 27.99
N ALA A 352 23.94 -35.93 28.89
CA ALA A 352 22.92 -36.03 29.92
C ALA A 352 23.03 -34.88 30.90
N ASP A 353 24.26 -34.50 31.27
CA ASP A 353 24.44 -33.37 32.18
C ASP A 353 23.82 -32.10 31.59
N PHE A 354 24.02 -31.86 30.30
CA PHE A 354 23.47 -30.66 29.67
C PHE A 354 21.96 -30.65 29.72
N VAL A 355 21.33 -31.80 29.44
CA VAL A 355 19.88 -31.90 29.49
C VAL A 355 19.37 -31.69 30.91
N GLU A 356 20.04 -32.30 31.90
CA GLU A 356 19.64 -32.11 33.28
C GLU A 356 19.66 -30.64 33.67
N GLY A 357 20.67 -29.90 33.19
CA GLY A 357 20.76 -28.48 33.52
C GLY A 357 19.64 -27.66 32.91
N LEU A 358 19.23 -28.01 31.69
CA LEU A 358 18.09 -27.33 31.07
C LEU A 358 16.81 -27.61 31.84
N ILE A 359 16.61 -28.86 32.26
CA ILE A 359 15.43 -29.22 33.03
C ILE A 359 15.39 -28.43 34.34
N LYS A 360 16.54 -28.30 35.00
CA LYS A 360 16.58 -27.60 36.28
C LYS A 360 16.31 -26.11 36.10
N ASP A 361 16.80 -25.52 35.00
CA ASP A 361 16.51 -24.12 34.73
C ASP A 361 15.01 -23.88 34.62
N ALA A 362 14.32 -24.74 33.87
CA ALA A 362 12.87 -24.61 33.73
C ALA A 362 12.18 -24.77 35.07
N THR A 363 12.60 -25.74 35.88
CA THR A 363 11.98 -25.95 37.19
C THR A 363 12.17 -24.74 38.09
N ASP A 364 13.40 -24.20 38.13
CA ASP A 364 13.68 -23.08 39.01
C ASP A 364 12.95 -21.81 38.58
N LYS A 365 12.54 -21.71 37.32
CA LYS A 365 11.84 -20.53 36.82
C LYS A 365 10.33 -20.69 36.83
N GLY A 366 9.82 -21.79 37.35
CA GLY A 366 8.40 -21.94 37.58
C GLY A 366 7.62 -22.74 36.58
N ALA A 367 8.29 -23.48 35.69
CA ALA A 367 7.59 -24.31 34.74
C ALA A 367 6.94 -25.50 35.44
N THR A 368 5.83 -25.97 34.88
CA THR A 368 5.08 -27.08 35.44
C THR A 368 5.56 -28.39 34.83
N ALA A 369 6.11 -29.26 35.66
CA ALA A 369 6.60 -30.57 35.18
C ALA A 369 5.43 -31.54 35.12
N LEU A 370 4.90 -31.75 33.91
CA LEU A 370 3.78 -32.67 33.75
C LEU A 370 4.22 -34.12 33.89
N THR A 371 5.46 -34.43 33.50
CA THR A 371 6.10 -35.70 33.82
C THR A 371 7.41 -35.40 34.53
N ALA A 372 7.83 -36.33 35.39
CA ALA A 372 8.85 -36.04 36.39
C ALA A 372 10.24 -36.42 35.91
N PHE A 373 11.23 -35.69 36.41
CA PHE A 373 12.63 -35.92 36.05
C PHE A 373 13.21 -37.03 36.91
N ASN A 374 13.75 -38.06 36.26
CA ASN A 374 14.41 -39.18 36.93
C ASN A 374 15.60 -39.57 36.07
N ARG A 375 16.77 -39.73 36.69
CA ARG A 375 17.98 -40.08 35.94
C ARG A 375 18.69 -41.24 36.62
N GLU A 376 18.96 -42.28 35.82
CA GLU A 376 19.76 -43.43 36.25
C GLU A 376 20.92 -43.53 35.26
N GLY A 377 22.12 -43.23 35.73
CA GLY A 377 23.26 -43.17 34.82
C GLY A 377 23.05 -42.02 33.87
N ASN A 378 23.06 -42.31 32.56
CA ASN A 378 22.73 -41.32 31.55
C ASN A 378 21.38 -41.60 30.91
N LEU A 379 20.54 -42.38 31.58
CA LEU A 379 19.18 -42.66 31.14
C LEU A 379 18.24 -41.69 31.82
N ILE A 380 17.74 -40.70 31.08
CA ILE A 380 16.81 -39.70 31.60
C ILE A 380 15.41 -40.04 31.14
N SER A 381 14.46 -40.03 32.08
CA SER A 381 13.07 -40.27 31.72
C SER A 381 12.51 -39.08 30.94
N PRO A 382 11.50 -39.30 30.10
CA PRO A 382 10.97 -38.22 29.27
C PRO A 382 10.23 -37.18 30.12
N VAL A 383 10.64 -35.92 29.98
CA VAL A 383 10.13 -34.82 30.78
C VAL A 383 9.32 -33.88 29.89
N LEU A 384 8.07 -33.62 30.31
CA LEU A 384 7.16 -32.71 29.65
C LEU A 384 6.91 -31.51 30.56
N PHE A 385 7.17 -30.31 30.05
CA PHE A 385 6.94 -29.08 30.80
C PHE A 385 5.80 -28.30 30.18
N ASP A 386 4.98 -27.69 31.02
CA ASP A 386 3.95 -26.75 30.59
C ASP A 386 4.26 -25.39 31.17
N HIS A 387 3.59 -24.37 30.64
CA HIS A 387 3.76 -22.98 31.10
C HIS A 387 5.21 -22.54 31.00
N VAL A 388 5.89 -22.98 29.95
CA VAL A 388 7.24 -22.52 29.66
C VAL A 388 7.17 -21.12 29.05
N THR A 389 8.09 -20.25 29.47
CA THR A 389 8.14 -18.87 29.02
C THR A 389 9.48 -18.58 28.36
N THR A 390 9.53 -17.48 27.60
CA THR A 390 10.72 -17.18 26.83
C THR A 390 11.92 -16.81 27.71
N ASP A 391 11.72 -16.66 29.02
CA ASP A 391 12.82 -16.45 29.95
C ASP A 391 13.60 -17.73 30.25
N MET A 392 13.07 -18.88 29.87
CA MET A 392 13.67 -20.17 30.21
C MET A 392 14.53 -20.67 29.07
N ARG A 393 15.68 -21.26 29.41
CA ARG A 393 16.60 -21.77 28.41
C ARG A 393 15.91 -22.80 27.52
N LEU A 394 15.00 -23.59 28.08
CA LEU A 394 14.34 -24.66 27.32
C LEU A 394 13.48 -24.12 26.19
N ALA A 395 13.08 -22.84 26.26
CA ALA A 395 12.34 -22.26 25.15
C ALA A 395 13.16 -22.18 23.87
N TRP A 396 14.51 -22.17 23.97
CA TRP A 396 15.38 -21.82 22.85
C TRP A 396 16.50 -22.82 22.57
N GLU A 397 17.16 -23.35 23.59
CA GLU A 397 18.34 -24.17 23.38
C GLU A 397 17.95 -25.59 22.97
N GLU A 398 18.72 -26.16 22.03
CA GLU A 398 18.46 -27.52 21.56
C GLU A 398 18.96 -28.51 22.60
N PRO A 399 18.09 -29.32 23.21
CA PRO A 399 18.57 -30.19 24.30
C PRO A 399 19.36 -31.41 23.83
N PHE A 400 18.95 -31.98 22.69
CA PHE A 400 19.39 -33.31 22.29
C PHE A 400 19.18 -34.29 23.44
N GLY A 401 17.98 -34.25 24.00
CA GLY A 401 17.55 -35.14 25.05
C GLY A 401 16.04 -35.15 25.16
N PRO A 402 15.53 -36.03 26.01
CA PRO A 402 14.06 -36.27 26.05
C PRO A 402 13.32 -35.28 26.93
N VAL A 403 13.22 -34.03 26.48
CA VAL A 403 12.49 -33.00 27.19
C VAL A 403 11.78 -32.10 26.19
N LEU A 404 10.52 -31.79 26.45
CA LEU A 404 9.69 -31.03 25.54
C LEU A 404 8.95 -29.93 26.27
N PRO A 405 9.08 -28.67 25.83
CA PRO A 405 8.28 -27.59 26.44
C PRO A 405 7.03 -27.24 25.67
N ILE A 406 6.01 -26.83 26.42
CA ILE A 406 4.76 -26.31 25.88
C ILE A 406 4.71 -24.82 26.21
N ILE A 407 4.56 -24.00 25.19
CA ILE A 407 4.52 -22.55 25.32
C ILE A 407 3.16 -22.09 24.83
N ARG A 408 2.39 -21.44 25.70
CA ARG A 408 1.07 -20.95 25.34
C ARG A 408 1.17 -19.60 24.65
N VAL A 409 0.36 -19.42 23.61
CA VAL A 409 0.29 -18.16 22.86
C VAL A 409 -1.16 -17.74 22.75
N THR A 410 -1.36 -16.44 22.52
CA THR A 410 -2.70 -15.85 22.46
C THR A 410 -3.18 -15.59 21.03
N THR A 411 -2.26 -15.46 20.07
CA THR A 411 -2.64 -15.23 18.68
C THR A 411 -1.71 -16.00 17.76
N VAL A 412 -2.18 -16.26 16.53
CA VAL A 412 -1.33 -16.88 15.54
CA VAL A 412 -1.33 -16.88 15.53
C VAL A 412 -0.11 -16.00 15.25
N GLU A 413 -0.31 -14.68 15.23
CA GLU A 413 0.81 -13.77 15.00
C GLU A 413 1.90 -13.96 16.05
N GLU A 414 1.50 -14.11 17.32
CA GLU A 414 2.48 -14.34 18.37
C GLU A 414 3.22 -15.66 18.14
N ALA A 415 2.50 -16.70 17.71
CA ALA A 415 3.14 -17.98 17.43
C ALA A 415 4.19 -17.84 16.33
N ILE A 416 3.88 -17.08 15.28
CA ILE A 416 4.84 -16.89 14.18
C ILE A 416 6.06 -16.14 14.66
N LYS A 417 5.86 -15.07 15.45
CA LYS A 417 6.97 -14.29 15.95
CA LYS A 417 6.96 -14.28 15.96
C LYS A 417 7.89 -15.12 16.82
N ILE A 418 7.33 -15.85 17.79
CA ILE A 418 8.15 -16.68 18.67
C ILE A 418 8.89 -17.75 17.88
N SER A 419 8.21 -18.38 16.92
CA SER A 419 8.87 -19.40 16.11
C SER A 419 10.09 -18.83 15.40
N ASN A 420 9.91 -17.69 14.71
CA ASN A 420 10.99 -17.09 13.93
C ASN A 420 12.06 -16.44 14.79
N GLU A 421 11.78 -16.17 16.07
CA GLU A 421 12.79 -15.59 16.95
C GLU A 421 13.94 -16.55 17.22
N SER A 422 13.74 -17.84 16.97
CA SER A 422 14.79 -18.83 17.18
C SER A 422 15.95 -18.61 16.21
N GLU A 423 17.17 -18.90 16.67
CA GLU A 423 18.30 -18.91 15.75
C GLU A 423 18.28 -20.11 14.82
N TYR A 424 17.42 -21.08 15.09
CA TYR A 424 17.25 -22.28 14.28
C TYR A 424 16.07 -22.12 13.33
N GLY A 425 16.16 -22.78 12.18
CA GLY A 425 15.08 -22.77 11.21
C GLY A 425 15.08 -23.99 10.32
N LEU A 426 14.97 -25.17 10.94
CA LEU A 426 15.02 -26.41 10.18
C LEU A 426 13.65 -26.77 9.60
N GLN A 427 12.72 -27.22 10.45
CA GLN A 427 11.35 -27.50 10.00
C GLN A 427 10.34 -26.98 11.02
N ALA A 428 9.06 -27.09 10.66
CA ALA A 428 7.95 -26.75 11.54
C ALA A 428 6.73 -27.59 11.16
N SER A 429 5.88 -27.86 12.16
CA SER A 429 4.58 -28.49 11.97
C SER A 429 3.48 -27.46 12.26
N ILE A 430 2.38 -27.53 11.50
CA ILE A 430 1.19 -26.72 11.76
C ILE A 430 0.00 -27.65 11.84
N PHE A 431 -0.73 -27.60 12.96
CA PHE A 431 -1.90 -28.43 13.19
C PHE A 431 -3.15 -27.55 13.18
N THR A 432 -4.02 -27.81 12.20
CA THR A 432 -5.19 -26.99 11.91
C THR A 432 -6.00 -27.70 10.85
N THR A 433 -7.29 -27.36 10.78
CA THR A 433 -8.15 -27.84 9.70
C THR A 433 -8.32 -26.83 8.58
N ASN A 434 -7.77 -25.63 8.72
CA ASN A 434 -7.84 -24.57 7.70
C ASN A 434 -6.56 -24.58 6.88
N PHE A 435 -6.60 -25.29 5.75
CA PHE A 435 -5.39 -25.46 5.00
CA PHE A 435 -5.43 -25.49 4.91
C PHE A 435 -4.98 -24.21 4.26
N PRO A 436 -5.87 -23.38 3.70
CA PRO A 436 -5.42 -22.11 3.11
C PRO A 436 -4.72 -21.22 4.12
N LYS A 437 -5.23 -21.19 5.35
CA LYS A 437 -4.58 -20.42 6.40
C LYS A 437 -3.23 -21.02 6.77
N ALA A 438 -3.15 -22.36 6.79
CA ALA A 438 -1.88 -23.02 7.11
C ALA A 438 -0.82 -22.70 6.08
N PHE A 439 -1.20 -22.66 4.80
CA PHE A 439 -0.24 -22.29 3.77
C PHE A 439 0.26 -20.86 3.96
N GLY A 440 -0.65 -19.95 4.34
CA GLY A 440 -0.23 -18.58 4.56
C GLY A 440 0.71 -18.44 5.73
N ILE A 441 0.53 -19.25 6.77
CA ILE A 441 1.44 -19.26 7.90
C ILE A 441 2.79 -19.83 7.47
N ALA A 442 2.78 -20.93 6.71
CA ALA A 442 4.02 -21.57 6.29
C ALA A 442 4.91 -20.62 5.50
N GLU A 443 4.30 -19.77 4.66
CA GLU A 443 5.06 -18.78 3.92
C GLU A 443 5.85 -17.85 4.83
N GLN A 444 5.35 -17.62 6.04
CA GLN A 444 5.97 -16.68 6.98
C GLN A 444 6.99 -17.34 7.90
N LEU A 445 7.06 -18.66 7.94
CA LEU A 445 7.95 -19.35 8.87
C LEU A 445 9.32 -19.51 8.24
N GLU A 446 10.35 -19.09 8.98
CA GLU A 446 11.74 -19.10 8.50
C GLU A 446 12.33 -20.49 8.72
N VAL A 447 11.87 -21.43 7.89
CA VAL A 447 12.28 -22.84 7.97
C VAL A 447 12.40 -23.40 6.55
N GLY A 448 13.03 -24.56 6.45
CA GLY A 448 13.15 -25.24 5.16
C GLY A 448 11.88 -25.94 4.73
N THR A 449 11.26 -26.66 5.66
CA THR A 449 10.08 -27.48 5.38
C THR A 449 9.03 -27.31 6.45
N VAL A 450 7.77 -27.19 6.03
CA VAL A 450 6.62 -27.14 6.94
C VAL A 450 5.74 -28.35 6.65
N HIS A 451 5.46 -29.14 7.68
CA HIS A 451 4.56 -30.28 7.58
C HIS A 451 3.18 -29.93 8.12
N LEU A 452 2.15 -30.20 7.33
CA LEU A 452 0.78 -29.90 7.71
C LEU A 452 0.14 -31.12 8.37
N ASN A 453 -0.31 -30.95 9.62
CA ASN A 453 -0.96 -32.01 10.40
C ASN A 453 -0.10 -33.27 10.48
N ASN A 454 1.21 -33.08 10.60
CA ASN A 454 2.15 -34.18 10.81
C ASN A 454 3.37 -33.66 11.54
N LYS A 455 4.11 -34.58 12.14
CA LYS A 455 5.38 -34.23 12.75
C LYS A 455 6.39 -33.84 11.68
N THR A 456 7.41 -33.08 12.10
CA THR A 456 8.51 -32.80 11.20
C THR A 456 9.31 -34.07 10.94
N GLN A 457 9.92 -34.15 9.76
CA GLN A 457 10.67 -35.33 9.36
C GLN A 457 11.48 -35.04 8.09
N ARG A 458 12.59 -35.78 7.94
CA ARG A 458 13.43 -35.63 6.77
C ARG A 458 12.83 -36.30 5.54
N GLY A 459 12.12 -37.42 5.72
CA GLY A 459 11.60 -38.19 4.60
C GLY A 459 10.37 -37.58 3.94
N THR A 460 9.99 -38.16 2.80
CA THR A 460 10.73 -39.19 2.07
C THR A 460 12.02 -38.58 1.50
N ASP A 461 13.03 -39.42 1.26
CA ASP A 461 14.38 -38.91 0.97
C ASP A 461 14.52 -38.31 -0.42
N ASN A 462 13.48 -38.38 -1.27
CA ASN A 462 13.49 -37.63 -2.52
C ASN A 462 13.08 -36.18 -2.32
N PHE A 463 12.42 -35.87 -1.21
CA PHE A 463 12.02 -34.51 -0.92
C PHE A 463 13.22 -33.66 -0.54
N PRO A 464 13.17 -32.34 -0.74
CA PRO A 464 14.26 -31.48 -0.28
C PRO A 464 14.36 -31.51 1.24
N PHE A 465 15.60 -31.41 1.73
CA PHE A 465 15.89 -31.30 3.15
C PHE A 465 16.88 -30.16 3.34
N LEU A 466 16.45 -29.11 4.03
CA LEU A 466 17.30 -27.94 4.23
C LEU A 466 16.83 -27.19 5.47
N GLY A 467 17.74 -26.37 6.00
CA GLY A 467 17.40 -25.48 7.08
C GLY A 467 17.91 -24.07 6.82
N ALA A 468 17.21 -23.10 7.41
CA ALA A 468 17.60 -21.71 7.35
C ALA A 468 18.37 -21.32 8.62
N LYS A 469 18.93 -20.11 8.59
CA LYS A 469 19.62 -19.51 9.74
C LYS A 469 20.67 -20.50 10.24
N LYS A 470 20.79 -20.75 11.54
CA LYS A 470 21.88 -21.58 12.07
C LYS A 470 21.67 -23.08 11.84
N SER A 471 20.59 -23.47 11.16
CA SER A 471 20.31 -24.88 10.96
C SER A 471 21.10 -25.49 9.80
N GLY A 472 21.80 -24.69 8.99
CA GLY A 472 22.75 -25.24 8.03
C GLY A 472 22.85 -24.42 6.76
N ALA A 473 23.38 -25.07 5.73
CA ALA A 473 23.52 -24.50 4.40
C ALA A 473 23.47 -25.62 3.36
N GLY A 474 22.91 -25.31 2.19
CA GLY A 474 22.76 -26.28 1.14
C GLY A 474 21.46 -27.06 1.23
N VAL A 475 21.09 -27.70 0.12
CA VAL A 475 19.85 -28.46 0.03
C VAL A 475 20.18 -29.92 -0.26
N GLN A 476 19.67 -30.82 0.59
CA GLN A 476 19.83 -32.27 0.37
C GLN A 476 18.46 -32.90 0.14
N GLY A 477 18.31 -34.19 0.40
CA GLY A 477 17.36 -34.97 -0.38
C GLY A 477 18.08 -35.35 -1.66
N VAL A 478 17.73 -36.46 -2.29
CA VAL A 478 18.67 -37.13 -3.18
C VAL A 478 19.06 -36.27 -4.38
N LYS A 479 18.09 -35.85 -5.19
CA LYS A 479 18.48 -35.15 -6.42
C LYS A 479 19.18 -33.82 -6.11
N TYR A 480 18.77 -33.15 -5.03
CA TYR A 480 19.40 -31.89 -4.64
C TYR A 480 20.85 -32.11 -4.21
N SER A 481 21.10 -33.21 -3.50
CA SER A 481 22.46 -33.51 -3.06
CA SER A 481 22.47 -33.49 -3.06
C SER A 481 23.37 -33.78 -4.26
N ILE A 482 22.85 -34.48 -5.26
CA ILE A 482 23.65 -34.78 -6.45
C ILE A 482 24.03 -33.48 -7.15
N GLU A 483 23.06 -32.58 -7.33
CA GLU A 483 23.33 -31.31 -7.97
CA GLU A 483 23.35 -31.31 -7.99
C GLU A 483 24.36 -30.50 -7.18
N ALA A 484 24.25 -30.53 -5.85
CA ALA A 484 25.17 -29.74 -5.03
C ALA A 484 26.63 -30.16 -5.24
N MET A 485 26.88 -31.47 -5.46
CA MET A 485 28.23 -31.98 -5.61
C MET A 485 28.62 -32.19 -7.07
N THR A 486 28.03 -31.40 -7.95
CA THR A 486 28.43 -31.28 -9.35
C THR A 486 28.62 -29.81 -9.68
N THR A 487 29.41 -29.56 -10.72
CA THR A 487 29.52 -28.26 -11.36
C THR A 487 29.14 -28.44 -12.83
N VAL A 488 29.29 -27.38 -13.61
CA VAL A 488 28.95 -27.45 -15.03
C VAL A 488 30.15 -27.03 -15.86
N LYS A 489 30.19 -27.55 -17.09
CA LYS A 489 31.19 -27.24 -18.10
C LYS A 489 30.42 -26.82 -19.35
N SER A 490 30.64 -25.59 -19.80
CA SER A 490 29.96 -25.06 -20.97
C SER A 490 30.93 -25.03 -22.15
N VAL A 491 30.50 -25.61 -23.28
CA VAL A 491 31.26 -25.54 -24.52
C VAL A 491 30.44 -24.74 -25.53
N VAL A 492 31.00 -23.62 -25.99
CA VAL A 492 30.31 -22.66 -26.84
C VAL A 492 30.95 -22.67 -28.23
N PHE A 493 30.11 -22.72 -29.27
CA PHE A 493 30.63 -22.60 -30.63
C PHE A 493 29.58 -22.02 -31.56
N ASP A 494 30.04 -21.55 -32.72
CA ASP A 494 29.17 -20.95 -33.72
C ASP A 494 28.84 -21.95 -34.83
N ILE A 495 27.55 -22.12 -35.10
CA ILE A 495 27.11 -22.93 -36.23
C ILE A 495 27.39 -22.20 -37.54
N GLN A 496 27.83 -22.95 -38.54
CA GLN A 496 28.11 -22.35 -39.84
C GLN A 496 27.12 -22.87 -40.88
N ALA B 23 33.14 18.83 -8.20
CA ALA B 23 32.31 19.81 -7.51
C ALA B 23 30.94 19.20 -7.17
N LYS B 24 30.41 18.38 -8.07
CA LYS B 24 29.14 17.72 -7.82
C LYS B 24 29.26 16.77 -6.63
N GLN B 25 28.39 16.94 -5.65
CA GLN B 25 28.37 16.13 -4.44
C GLN B 25 27.33 15.03 -4.63
N TYR B 26 27.79 13.81 -4.91
CA TYR B 26 26.86 12.70 -5.03
C TYR B 26 26.40 12.22 -3.65
N LYS B 27 25.25 11.54 -3.65
CA LYS B 27 24.61 11.08 -2.43
C LYS B 27 24.23 9.61 -2.57
N ASN B 28 24.09 8.95 -1.42
CA ASN B 28 23.66 7.56 -1.41
C ASN B 28 22.13 7.50 -1.38
N LEU B 29 21.59 6.42 -1.94
CA LEU B 29 20.17 6.12 -1.84
C LEU B 29 19.96 5.28 -0.59
N VAL B 30 19.25 5.82 0.40
CA VAL B 30 19.00 5.14 1.65
C VAL B 30 17.53 5.31 2.01
N ASN B 31 16.81 4.20 2.11
CA ASN B 31 15.41 4.20 2.54
C ASN B 31 14.60 5.21 1.72
N GLY B 32 14.84 5.23 0.41
CA GLY B 32 14.08 6.07 -0.48
C GLY B 32 14.44 7.53 -0.48
N GLU B 33 15.51 7.92 0.21
CA GLU B 33 15.98 9.30 0.30
C GLU B 33 17.43 9.36 -0.16
N TRP B 34 17.81 10.49 -0.76
CA TRP B 34 19.20 10.73 -1.15
C TRP B 34 19.93 11.46 -0.01
N LYS B 35 21.07 10.90 0.41
CA LYS B 35 21.67 11.25 1.69
C LYS B 35 23.17 11.48 1.56
N LEU B 36 23.64 12.63 2.02
CA LEU B 36 25.06 12.87 2.20
C LEU B 36 25.52 12.25 3.52
N SER B 37 26.84 12.28 3.76
CA SER B 37 27.45 11.92 5.02
C SER B 37 28.26 13.12 5.53
N GLU B 38 28.82 12.99 6.74
CA GLU B 38 29.61 14.10 7.29
C GLU B 38 30.84 14.37 6.43
N ASN B 39 31.52 13.32 6.00
CA ASN B 39 32.72 13.40 5.19
C ASN B 39 32.47 12.75 3.83
N GLU B 40 33.30 13.14 2.87
CA GLU B 40 33.15 12.73 1.47
C GLU B 40 34.53 12.37 0.92
N ILE B 41 34.51 11.74 -0.26
CA ILE B 41 35.70 11.29 -0.96
C ILE B 41 35.65 11.88 -2.37
N THR B 42 36.69 12.62 -2.75
CA THR B 42 36.77 13.21 -4.08
C THR B 42 37.32 12.20 -5.07
N ILE B 43 36.69 12.13 -6.25
CA ILE B 43 37.01 11.17 -7.29
C ILE B 43 37.58 11.91 -8.49
N TYR B 44 38.69 11.40 -9.04
CA TYR B 44 39.34 12.00 -10.19
C TYR B 44 39.39 11.02 -11.37
N ALA B 45 39.40 11.58 -12.57
CA ALA B 45 39.50 10.79 -13.79
C ALA B 45 40.90 10.21 -13.95
N PRO B 46 41.06 8.88 -14.08
CA PRO B 46 42.43 8.32 -14.14
C PRO B 46 43.25 8.76 -15.33
N ALA B 47 42.62 9.11 -16.46
CA ALA B 47 43.41 9.42 -17.65
C ALA B 47 43.87 10.86 -17.68
N THR B 48 43.15 11.76 -16.99
CA THR B 48 43.36 13.20 -17.13
C THR B 48 43.51 13.95 -15.82
N GLY B 49 43.16 13.36 -14.68
CA GLY B 49 43.19 14.05 -13.41
C GLY B 49 41.99 14.94 -13.13
N GLU B 50 41.04 15.03 -14.05
CA GLU B 50 39.87 15.88 -13.87
C GLU B 50 39.10 15.48 -12.62
N GLU B 51 38.68 16.47 -11.84
CA GLU B 51 37.86 16.21 -10.66
C GLU B 51 36.43 15.93 -11.10
N LEU B 52 35.92 14.75 -10.77
CA LEU B 52 34.60 14.32 -11.24
C LEU B 52 33.49 14.57 -10.23
N GLY B 53 33.82 14.78 -8.96
CA GLY B 53 32.85 14.95 -7.91
C GLY B 53 33.28 14.20 -6.67
N SER B 54 32.37 14.10 -5.70
CA SER B 54 32.64 13.40 -4.46
C SER B 54 31.51 12.42 -4.15
N VAL B 55 31.82 11.41 -3.34
CA VAL B 55 30.84 10.45 -2.85
C VAL B 55 30.97 10.38 -1.33
N PRO B 56 29.91 9.98 -0.64
CA PRO B 56 29.94 9.98 0.83
C PRO B 56 30.90 8.94 1.39
N ALA B 57 31.47 9.24 2.56
CA ALA B 57 32.31 8.32 3.31
C ALA B 57 31.49 7.87 4.51
N MET B 58 30.70 6.81 4.31
CA MET B 58 29.79 6.37 5.34
C MET B 58 30.55 5.78 6.53
N THR B 59 29.96 5.95 7.71
CA THR B 59 30.44 5.31 8.92
C THR B 59 29.74 3.96 9.11
N GLN B 60 30.25 3.19 10.07
CA GLN B 60 29.61 1.91 10.39
C GLN B 60 28.17 2.09 10.86
N ALA B 61 27.91 3.14 11.64
CA ALA B 61 26.55 3.38 12.10
C ALA B 61 25.62 3.67 10.93
N GLU B 62 26.11 4.37 9.91
CA GLU B 62 25.31 4.61 8.72
C GLU B 62 25.02 3.31 7.97
N VAL B 63 25.99 2.39 7.96
CA VAL B 63 25.74 1.08 7.35
C VAL B 63 24.63 0.35 8.09
N ASP B 64 24.65 0.41 9.42
CA ASP B 64 23.57 -0.20 10.19
C ASP B 64 22.22 0.32 9.74
N ALA B 65 22.11 1.63 9.52
CA ALA B 65 20.83 2.23 9.17
C ALA B 65 20.37 1.76 7.79
N VAL B 66 21.30 1.66 6.84
CA VAL B 66 20.95 1.16 5.51
C VAL B 66 20.35 -0.24 5.62
N TYR B 67 21.03 -1.12 6.36
CA TYR B 67 20.60 -2.50 6.47
C TYR B 67 19.27 -2.60 7.23
N ALA B 68 19.10 -1.80 8.28
CA ALA B 68 17.83 -1.78 8.99
C ALA B 68 16.68 -1.42 8.06
N SER B 69 16.88 -0.43 7.20
CA SER B 69 15.81 -0.01 6.29
C SER B 69 15.48 -1.12 5.29
N ALA B 70 16.49 -1.86 4.85
CA ALA B 70 16.27 -2.91 3.86
C ALA B 70 15.49 -4.07 4.47
N LYS B 71 15.90 -4.55 5.64
CA LYS B 71 15.17 -5.64 6.28
C LYS B 71 13.74 -5.21 6.61
N LYS B 72 13.53 -3.94 6.96
CA LYS B 72 12.17 -3.46 7.18
C LYS B 72 11.34 -3.53 5.91
N ALA B 73 11.94 -3.20 4.77
CA ALA B 73 11.25 -3.20 3.48
C ALA B 73 11.01 -4.59 2.92
N LEU B 74 11.69 -5.60 3.45
CA LEU B 74 11.68 -6.92 2.82
C LEU B 74 10.30 -7.55 2.83
N SER B 75 9.57 -7.46 3.95
CA SER B 75 8.30 -8.16 4.05
C SER B 75 7.31 -7.68 2.99
N ASP B 76 7.17 -6.36 2.83
CA ASP B 76 6.23 -5.84 1.83
C ASP B 76 6.71 -6.08 0.41
N TRP B 77 8.03 -6.17 0.19
CA TRP B 77 8.56 -6.38 -1.15
C TRP B 77 8.40 -7.83 -1.59
N ARG B 78 8.66 -8.78 -0.71
CA ARG B 78 8.57 -10.18 -1.10
C ARG B 78 7.13 -10.64 -1.27
N THR B 79 6.16 -9.89 -0.74
CA THR B 79 4.75 -10.26 -0.90
C THR B 79 4.09 -9.57 -2.07
N LEU B 80 4.77 -8.68 -2.77
CA LEU B 80 4.28 -8.24 -4.06
C LEU B 80 4.22 -9.43 -5.03
N SER B 81 3.47 -9.27 -6.10
CA SER B 81 3.48 -10.25 -7.18
C SER B 81 4.78 -10.16 -7.97
N TYR B 82 5.14 -11.26 -8.66
CA TYR B 82 6.26 -11.19 -9.59
C TYR B 82 6.01 -10.13 -10.66
N VAL B 83 4.77 -10.05 -11.16
CA VAL B 83 4.41 -9.06 -12.17
C VAL B 83 4.81 -7.67 -11.71
N GLU B 84 4.49 -7.33 -10.45
CA GLU B 84 4.74 -5.98 -9.95
C GLU B 84 6.23 -5.70 -9.79
N ARG B 85 7.01 -6.67 -9.32
CA ARG B 85 8.45 -6.47 -9.21
C ARG B 85 9.08 -6.34 -10.58
N ALA B 86 8.62 -7.13 -11.55
CA ALA B 86 9.14 -7.04 -12.91
C ALA B 86 8.89 -5.67 -13.51
N ALA B 87 7.73 -5.06 -13.22
CA ALA B 87 7.41 -3.76 -13.78
C ALA B 87 8.39 -2.69 -13.35
N TYR B 88 8.82 -2.71 -12.07
CA TYR B 88 9.82 -1.75 -11.62
C TYR B 88 11.13 -1.92 -12.38
N LEU B 89 11.55 -3.17 -12.60
CA LEU B 89 12.82 -3.41 -13.27
C LEU B 89 12.77 -2.92 -14.72
N HIS B 90 11.68 -3.24 -15.44
CA HIS B 90 11.56 -2.75 -16.80
C HIS B 90 11.61 -1.22 -16.84
N LYS B 91 10.94 -0.55 -15.90
CA LYS B 91 10.96 0.90 -15.85
C LYS B 91 12.38 1.44 -15.68
N ALA B 92 13.14 0.83 -14.76
CA ALA B 92 14.53 1.25 -14.54
C ALA B 92 15.38 1.06 -15.79
N ALA B 93 15.19 -0.06 -16.49
CA ALA B 93 15.94 -0.30 -17.72
C ALA B 93 15.61 0.76 -18.78
N ASP B 94 14.33 1.05 -18.96
CA ASP B 94 13.93 2.11 -19.88
C ASP B 94 14.65 3.42 -19.57
N ILE B 95 14.81 3.73 -18.28
CA ILE B 95 15.44 4.99 -17.91
C ILE B 95 16.93 4.95 -18.18
N LEU B 96 17.58 3.78 -17.98
CA LEU B 96 18.99 3.66 -18.30
C LEU B 96 19.24 3.87 -19.79
N VAL B 97 18.40 3.29 -20.63
CA VAL B 97 18.52 3.50 -22.07
C VAL B 97 18.37 4.98 -22.40
N ARG B 98 17.40 5.65 -21.76
CA ARG B 98 17.18 7.07 -22.03
C ARG B 98 18.43 7.88 -21.71
N ASP B 99 19.11 7.53 -20.61
CA ASP B 99 20.24 8.31 -20.10
C ASP B 99 21.59 7.66 -20.40
N ALA B 100 21.65 6.75 -21.38
CA ALA B 100 22.88 5.99 -21.60
C ALA B 100 24.05 6.89 -21.98
N GLU B 101 23.80 7.92 -22.80
CA GLU B 101 24.88 8.84 -23.15
C GLU B 101 25.36 9.61 -21.93
N LYS B 102 24.42 10.16 -21.14
CA LYS B 102 24.81 10.93 -19.96
C LYS B 102 25.62 10.08 -18.99
N ILE B 103 25.14 8.87 -18.69
CA ILE B 103 25.82 8.01 -17.75
C ILE B 103 27.14 7.53 -18.33
N GLY B 104 27.13 7.08 -19.58
CA GLY B 104 28.35 6.56 -20.19
C GLY B 104 29.46 7.59 -20.25
N ALA B 105 29.12 8.85 -20.47
CA ALA B 105 30.13 9.90 -20.52
C ALA B 105 30.89 9.99 -19.20
N ILE B 106 30.20 9.84 -18.07
CA ILE B 106 30.85 9.94 -16.77
C ILE B 106 31.61 8.66 -16.47
N LEU B 107 30.99 7.51 -16.73
CA LEU B 107 31.66 6.22 -16.55
C LEU B 107 32.98 6.17 -17.31
N SER B 108 32.99 6.65 -18.55
CA SER B 108 34.21 6.71 -19.34
C SER B 108 35.33 7.43 -18.60
N LYS B 109 35.03 8.60 -18.03
CA LYS B 109 36.03 9.34 -17.29
C LYS B 109 36.42 8.63 -15.99
N GLU B 110 35.44 8.04 -15.29
CA GLU B 110 35.71 7.53 -13.94
C GLU B 110 36.68 6.36 -13.93
N VAL B 111 36.57 5.46 -14.92
CA VAL B 111 37.43 4.28 -14.98
C VAL B 111 38.28 4.25 -16.24
N ALA B 112 38.35 5.37 -16.97
CA ALA B 112 39.20 5.49 -18.17
C ALA B 112 38.88 4.39 -19.18
N LYS B 113 37.58 4.20 -19.43
CA LYS B 113 37.09 3.31 -20.46
C LYS B 113 36.69 4.16 -21.67
N GLY B 114 36.99 3.66 -22.87
CA GLY B 114 36.62 4.36 -24.09
C GLY B 114 35.18 4.83 -24.05
N HIS B 115 34.93 6.07 -24.51
CA HIS B 115 33.61 6.67 -24.42
C HIS B 115 32.55 5.77 -25.04
N LYS B 116 32.78 5.29 -26.27
CA LYS B 116 31.79 4.45 -26.93
C LYS B 116 31.60 3.14 -26.17
N ALA B 117 32.69 2.54 -25.70
CA ALA B 117 32.57 1.31 -24.93
C ALA B 117 31.77 1.52 -23.64
N ALA B 118 31.91 2.70 -23.03
CA ALA B 118 31.19 3.00 -21.79
C ALA B 118 29.70 3.12 -22.03
N VAL B 119 29.30 3.81 -23.10
CA VAL B 119 27.88 3.88 -23.44
C VAL B 119 27.33 2.49 -23.70
N SER B 120 28.12 1.65 -24.40
CA SER B 120 27.68 0.29 -24.68
C SER B 120 27.51 -0.54 -23.41
N GLU B 121 28.34 -0.29 -22.39
CA GLU B 121 28.17 -0.97 -21.11
C GLU B 121 26.80 -0.66 -20.51
N VAL B 122 26.36 0.60 -20.62
CA VAL B 122 25.06 0.98 -20.06
C VAL B 122 23.93 0.30 -20.81
N ILE B 123 24.02 0.27 -22.14
CA ILE B 123 22.99 -0.38 -22.95
C ILE B 123 22.89 -1.86 -22.61
N ARG B 124 24.05 -2.53 -22.48
CA ARG B 124 24.04 -3.93 -22.12
C ARG B 124 23.42 -4.16 -20.75
N THR B 125 23.63 -3.22 -19.82
CA THR B 125 23.06 -3.36 -18.48
C THR B 125 21.55 -3.34 -18.52
N ALA B 126 20.96 -2.45 -19.34
CA ALA B 126 19.52 -2.44 -19.51
C ALA B 126 19.02 -3.75 -20.09
N GLU B 127 19.74 -4.30 -21.07
CA GLU B 127 19.37 -5.60 -21.63
C GLU B 127 19.34 -6.67 -20.54
N ILE B 128 20.32 -6.66 -19.65
CA ILE B 128 20.38 -7.67 -18.60
C ILE B 128 19.25 -7.48 -17.60
N ILE B 129 18.95 -6.23 -17.25
CA ILE B 129 17.87 -5.96 -16.31
C ILE B 129 16.53 -6.44 -16.88
N ASN B 130 16.24 -6.10 -18.13
CA ASN B 130 15.00 -6.54 -18.76
C ASN B 130 14.92 -8.07 -18.81
N TYR B 131 16.03 -8.72 -19.18
CA TYR B 131 16.03 -10.17 -19.30
C TYR B 131 15.86 -10.85 -17.95
N ALA B 132 16.45 -10.28 -16.90
CA ALA B 132 16.28 -10.83 -15.56
C ALA B 132 14.84 -10.69 -15.08
N ALA B 133 14.20 -9.56 -15.38
CA ALA B 133 12.82 -9.37 -14.97
C ALA B 133 11.92 -10.44 -15.56
N GLU B 134 12.09 -10.75 -16.84
CA GLU B 134 11.24 -11.74 -17.50
C GLU B 134 11.63 -13.17 -17.15
N GLU B 135 12.92 -13.45 -16.96
CA GLU B 135 13.33 -14.78 -16.52
C GLU B 135 12.75 -15.08 -15.14
N GLY B 136 12.90 -14.15 -14.20
CA GLY B 136 12.53 -14.41 -12.82
C GLY B 136 11.04 -14.49 -12.57
N LEU B 137 10.23 -13.83 -13.40
CA LEU B 137 8.80 -13.78 -13.11
CA LEU B 137 8.79 -13.77 -13.16
C LEU B 137 8.09 -15.07 -13.47
N ARG B 138 8.71 -15.94 -14.28
CA ARG B 138 8.07 -17.20 -14.65
C ARG B 138 8.79 -18.40 -14.04
N MET B 139 9.60 -18.21 -13.01
CA MET B 139 10.20 -19.36 -12.37
C MET B 139 9.13 -20.12 -11.59
N GLU B 140 9.30 -21.43 -11.53
CA GLU B 140 8.28 -22.32 -11.03
C GLU B 140 8.85 -23.17 -9.91
N GLY B 141 7.94 -23.84 -9.21
CA GLY B 141 8.27 -24.83 -8.21
C GLY B 141 7.97 -26.23 -8.69
N GLU B 142 8.14 -27.18 -7.76
CA GLU B 142 8.00 -28.59 -8.07
C GLU B 142 7.02 -29.24 -7.11
N VAL B 143 6.36 -30.28 -7.58
CA VAL B 143 5.51 -31.13 -6.76
C VAL B 143 6.10 -32.52 -6.82
N LEU B 144 6.53 -33.02 -5.66
CA LEU B 144 7.21 -34.31 -5.55
C LEU B 144 6.26 -35.33 -4.94
N GLU B 145 6.38 -36.57 -5.40
CA GLU B 145 5.52 -37.68 -5.00
C GLU B 145 6.25 -38.56 -4.00
N GLY B 146 5.67 -38.75 -2.82
CA GLY B 146 6.23 -39.68 -1.86
C GLY B 146 6.30 -41.11 -2.38
N GLY B 147 5.33 -41.50 -3.20
CA GLY B 147 5.29 -42.81 -3.82
C GLY B 147 6.38 -43.07 -4.84
N SER B 148 7.15 -42.04 -5.21
CA SER B 148 8.36 -42.26 -6.01
C SER B 148 9.41 -43.01 -5.20
N PHE B 149 9.39 -42.85 -3.88
CA PHE B 149 10.43 -43.40 -3.01
C PHE B 149 9.95 -44.58 -2.17
N GLU B 150 8.76 -44.52 -1.60
CA GLU B 150 8.25 -45.67 -0.86
C GLU B 150 6.73 -45.77 -0.95
N ALA B 151 6.26 -47.01 -1.10
CA ALA B 151 4.84 -47.24 -1.33
C ALA B 151 3.98 -46.65 -0.22
N ALA B 152 4.43 -46.79 1.03
CA ALA B 152 3.60 -46.37 2.16
C ALA B 152 3.37 -44.86 2.21
N SER B 153 4.17 -44.07 1.48
CA SER B 153 4.03 -42.63 1.45
C SER B 153 3.40 -42.12 0.16
N LYS B 154 2.64 -42.96 -0.55
CA LYS B 154 2.12 -42.57 -1.85
C LYS B 154 1.06 -41.47 -1.77
N LYS B 155 0.44 -41.25 -0.61
CA LYS B 155 -0.52 -40.15 -0.46
C LYS B 155 0.12 -38.86 0.02
N LYS B 156 1.44 -38.84 0.23
CA LYS B 156 2.17 -37.69 0.74
C LYS B 156 2.87 -36.97 -0.41
N ILE B 157 2.60 -35.66 -0.54
CA ILE B 157 3.23 -34.86 -1.59
C ILE B 157 3.90 -33.63 -0.98
N ALA B 158 4.93 -33.15 -1.68
CA ALA B 158 5.70 -31.97 -1.29
C ALA B 158 5.51 -30.89 -2.34
N ILE B 159 4.98 -29.75 -1.90
CA ILE B 159 4.81 -28.57 -2.74
C ILE B 159 5.99 -27.65 -2.45
N VAL B 160 6.88 -27.48 -3.42
CA VAL B 160 8.17 -26.83 -3.23
C VAL B 160 8.20 -25.55 -4.05
N ARG B 161 8.24 -24.41 -3.36
CA ARG B 161 8.21 -23.10 -4.01
C ARG B 161 9.48 -22.32 -3.65
N ARG B 162 9.88 -21.44 -4.56
CA ARG B 162 11.08 -20.65 -4.36
C ARG B 162 10.76 -19.42 -3.51
N GLU B 163 11.75 -18.97 -2.74
CA GLU B 163 11.65 -17.77 -1.92
C GLU B 163 12.97 -17.01 -2.02
N PRO B 164 12.94 -15.69 -1.77
CA PRO B 164 14.20 -14.94 -1.67
C PRO B 164 15.04 -15.42 -0.49
N VAL B 165 16.34 -15.10 -0.54
CA VAL B 165 17.20 -15.38 0.61
C VAL B 165 17.15 -14.25 1.64
N GLY B 166 16.76 -13.04 1.24
CA GLY B 166 16.67 -11.91 2.15
C GLY B 166 17.37 -10.66 1.66
N LEU B 167 18.37 -10.21 2.40
CA LEU B 167 19.17 -9.05 2.03
C LEU B 167 20.42 -9.50 1.28
N VAL B 168 20.55 -9.04 0.04
CA VAL B 168 21.72 -9.32 -0.79
C VAL B 168 22.64 -8.10 -0.77
N LEU B 169 23.89 -8.34 -0.38
CA LEU B 169 24.96 -7.36 -0.55
C LEU B 169 25.63 -7.57 -1.91
N ALA B 170 25.52 -6.58 -2.80
CA ALA B 170 26.15 -6.61 -4.12
C ALA B 170 27.39 -5.73 -4.11
N ILE B 171 28.53 -6.29 -4.51
CA ILE B 171 29.80 -5.55 -4.56
C ILE B 171 30.30 -5.58 -6.00
N SER B 172 30.25 -4.43 -6.66
CA SER B 172 30.58 -4.31 -8.07
C SER B 172 32.06 -3.98 -8.27
N PRO B 173 32.60 -4.26 -9.48
CA PRO B 173 34.02 -4.02 -9.73
C PRO B 173 34.28 -2.71 -10.47
N PHE B 174 35.53 -2.22 -10.44
CA PHE B 174 35.81 -0.97 -11.15
C PHE B 174 35.69 -1.14 -12.66
N ASN B 175 35.99 -2.33 -13.20
CA ASN B 175 36.11 -2.47 -14.66
C ASN B 175 34.76 -2.60 -15.36
N TYR B 176 33.69 -2.89 -14.61
CA TYR B 176 32.32 -2.89 -15.13
C TYR B 176 31.42 -2.34 -14.04
N PRO B 177 31.54 -1.05 -13.73
CA PRO B 177 30.87 -0.52 -12.52
C PRO B 177 29.35 -0.42 -12.65
N VAL B 178 28.82 -0.50 -13.86
CA VAL B 178 27.37 -0.52 -14.09
C VAL B 178 26.89 -1.91 -14.52
N ASN B 179 27.56 -2.51 -15.51
CA ASN B 179 27.15 -3.83 -16.01
C ASN B 179 27.20 -4.88 -14.91
N LEU B 180 28.28 -4.93 -14.13
CA LEU B 180 28.38 -5.90 -13.06
C LEU B 180 27.94 -5.34 -11.71
N ALA B 181 27.20 -4.23 -11.72
CA ALA B 181 26.28 -3.92 -10.64
C ALA B 181 24.88 -4.45 -10.96
N GLY B 182 24.35 -4.09 -12.13
CA GLY B 182 23.02 -4.53 -12.51
C GLY B 182 22.88 -6.04 -12.68
N SER B 183 23.98 -6.72 -13.01
CA SER B 183 23.96 -8.18 -13.12
C SER B 183 23.66 -8.86 -11.79
N LYS B 184 23.86 -8.15 -10.69
CA LYS B 184 23.51 -8.59 -9.34
C LYS B 184 22.15 -8.04 -8.91
N ILE B 185 21.92 -6.74 -9.13
CA ILE B 185 20.73 -6.09 -8.58
C ILE B 185 19.46 -6.67 -9.20
N ALA B 186 19.41 -6.76 -10.53
CA ALA B 186 18.15 -7.17 -11.16
C ALA B 186 17.78 -8.60 -10.81
N PRO B 187 18.66 -9.60 -10.94
CA PRO B 187 18.30 -10.95 -10.50
C PRO B 187 17.90 -11.04 -9.04
N ALA B 188 18.58 -10.30 -8.16
CA ALA B 188 18.20 -10.32 -6.75
C ALA B 188 16.78 -9.77 -6.56
N LEU B 189 16.49 -8.63 -7.17
CA LEU B 189 15.22 -7.95 -6.92
C LEU B 189 14.02 -8.73 -7.45
N ILE B 190 14.12 -9.30 -8.65
CA ILE B 190 12.96 -9.99 -9.22
C ILE B 190 12.54 -11.16 -8.33
N ALA B 191 13.51 -11.82 -7.70
CA ALA B 191 13.22 -12.94 -6.82
C ALA B 191 12.62 -12.52 -5.47
N GLY B 192 12.59 -11.24 -5.16
CA GLY B 192 12.03 -10.78 -3.91
C GLY B 192 13.03 -10.44 -2.83
N ASN B 193 14.32 -10.44 -3.15
CA ASN B 193 15.34 -9.94 -2.24
C ASN B 193 15.35 -8.42 -2.22
N VAL B 194 15.82 -7.87 -1.10
CA VAL B 194 16.20 -6.47 -1.01
C VAL B 194 17.72 -6.43 -1.17
N VAL B 195 18.23 -5.27 -1.58
CA VAL B 195 19.60 -5.16 -2.06
C VAL B 195 20.27 -3.91 -1.49
N ALA B 196 21.55 -4.06 -1.12
CA ALA B 196 22.46 -2.95 -0.87
C ALA B 196 23.63 -3.10 -1.83
N LEU B 197 23.90 -2.04 -2.61
CA LEU B 197 25.02 -2.02 -3.53
C LEU B 197 26.18 -1.24 -2.92
N LYS B 198 27.33 -1.89 -2.82
CA LYS B 198 28.58 -1.25 -2.45
C LYS B 198 29.50 -1.18 -3.66
N PRO B 199 29.54 -0.06 -4.38
CA PRO B 199 30.50 0.06 -5.48
C PRO B 199 31.90 0.26 -4.94
N PRO B 200 32.92 0.06 -5.77
CA PRO B 200 34.27 0.47 -5.36
C PRO B 200 34.39 1.98 -5.43
N THR B 201 35.28 2.54 -4.61
CA THR B 201 35.41 3.98 -4.58
C THR B 201 35.62 4.54 -5.99
N GLN B 202 36.62 4.01 -6.70
CA GLN B 202 36.79 4.33 -8.12
C GLN B 202 35.78 3.52 -8.91
N GLY B 203 34.68 4.17 -9.30
CA GLY B 203 33.50 3.49 -9.81
C GLY B 203 32.25 3.74 -8.99
N SER B 204 32.35 4.48 -7.88
CA SER B 204 31.18 4.75 -7.05
C SER B 204 30.24 5.76 -7.69
N ILE B 205 30.77 6.73 -8.43
CA ILE B 205 29.90 7.68 -9.12
C ILE B 205 29.02 6.93 -10.12
N SER B 206 29.63 6.02 -10.90
CA SER B 206 28.89 5.23 -11.87
C SER B 206 27.84 4.36 -11.20
N GLY B 207 28.19 3.75 -10.06
CA GLY B 207 27.19 2.97 -9.34
C GLY B 207 26.04 3.82 -8.85
N LEU B 208 26.33 5.02 -8.36
CA LEU B 208 25.27 5.90 -7.89
C LEU B 208 24.42 6.42 -9.06
N LEU B 209 25.01 6.59 -10.25
CA LEU B 209 24.22 6.98 -11.41
C LEU B 209 23.25 5.87 -11.83
N LEU B 210 23.68 4.61 -11.71
CA LEU B 210 22.76 3.48 -11.91
C LEU B 210 21.62 3.53 -10.91
N ALA B 211 21.94 3.78 -9.63
CA ALA B 211 20.93 3.83 -8.60
C ALA B 211 19.85 4.86 -8.90
N GLU B 212 20.23 5.98 -9.53
CA GLU B 212 19.24 7.02 -9.85
C GLU B 212 18.10 6.46 -10.68
N ALA B 213 18.41 5.58 -11.64
CA ALA B 213 17.38 5.05 -12.52
C ALA B 213 16.41 4.15 -11.75
N PHE B 214 16.93 3.35 -10.82
CA PHE B 214 16.05 2.53 -9.99
C PHE B 214 15.17 3.40 -9.10
N ALA B 215 15.73 4.51 -8.59
CA ALA B 215 14.94 5.44 -7.79
C ALA B 215 13.84 6.07 -8.61
N GLU B 216 14.18 6.59 -9.79
CA GLU B 216 13.17 7.27 -10.60
C GLU B 216 12.09 6.30 -11.08
N ALA B 217 12.43 5.01 -11.20
CA ALA B 217 11.48 3.97 -11.52
C ALA B 217 10.45 3.74 -10.43
N GLY B 218 10.70 4.26 -9.23
CA GLY B 218 9.75 4.12 -8.13
C GLY B 218 10.02 2.97 -7.19
N ILE B 219 11.21 2.40 -7.20
CA ILE B 219 11.55 1.27 -6.33
C ILE B 219 11.19 1.66 -4.90
N PRO B 220 10.45 0.83 -4.17
CA PRO B 220 9.99 1.24 -2.83
C PRO B 220 11.15 1.49 -1.87
N ALA B 221 10.90 2.39 -0.93
CA ALA B 221 11.93 2.81 0.02
C ALA B 221 12.53 1.61 0.74
N GLY B 222 13.85 1.51 0.71
CA GLY B 222 14.57 0.46 1.41
C GLY B 222 14.76 -0.81 0.62
N VAL B 223 14.03 -1.00 -0.47
CA VAL B 223 14.19 -2.21 -1.26
C VAL B 223 15.54 -2.23 -1.94
N PHE B 224 16.02 -1.07 -2.40
CA PHE B 224 17.32 -0.92 -3.01
C PHE B 224 18.04 0.29 -2.41
N ASN B 225 19.28 0.08 -1.99
CA ASN B 225 20.06 1.09 -1.28
C ASN B 225 21.50 1.04 -1.77
N THR B 226 22.25 2.13 -1.56
CA THR B 226 23.66 2.17 -1.87
C THR B 226 24.49 2.52 -0.64
N ILE B 227 25.73 2.03 -0.62
CA ILE B 227 26.71 2.28 0.42
C ILE B 227 28.01 2.70 -0.27
N THR B 228 28.59 3.81 0.19
CA THR B 228 29.91 4.23 -0.24
C THR B 228 30.76 4.57 0.98
N GLY B 229 32.05 4.28 0.88
CA GLY B 229 32.96 4.61 1.97
C GLY B 229 34.31 3.97 1.76
N ARG B 230 35.18 4.19 2.75
CA ARG B 230 36.56 3.69 2.72
C ARG B 230 36.62 2.27 3.26
N GLY B 231 37.44 1.44 2.62
CA GLY B 231 37.58 0.06 3.06
C GLY B 231 38.04 -0.06 4.50
N SER B 232 38.93 0.82 4.93
CA SER B 232 39.46 0.75 6.30
C SER B 232 38.39 1.01 7.34
N VAL B 233 37.32 1.71 6.99
CA VAL B 233 36.27 2.05 7.93
C VAL B 233 35.12 1.06 7.88
N ILE B 234 34.67 0.67 6.68
CA ILE B 234 33.47 -0.15 6.52
C ILE B 234 33.72 -1.42 5.72
N GLY B 235 34.91 -1.63 5.18
CA GLY B 235 35.19 -2.76 4.34
C GLY B 235 34.75 -4.11 4.87
N ASP B 236 35.32 -4.52 6.01
CA ASP B 236 34.92 -5.79 6.61
C ASP B 236 33.54 -5.68 7.24
N TYR B 237 33.17 -4.48 7.71
CA TYR B 237 31.93 -4.32 8.46
C TYR B 237 30.71 -4.67 7.62
N ILE B 238 30.68 -4.22 6.36
CA ILE B 238 29.49 -4.43 5.54
C ILE B 238 29.26 -5.91 5.28
N VAL B 239 30.33 -6.71 5.31
CA VAL B 239 30.24 -8.13 4.99
C VAL B 239 29.92 -8.97 6.22
N GLU B 240 30.55 -8.66 7.36
CA GLU B 240 30.31 -9.43 8.58
C GLU B 240 28.95 -9.17 9.18
N HIS B 241 28.31 -8.06 8.82
CA HIS B 241 27.05 -7.67 9.47
C HIS B 241 26.01 -8.78 9.34
N GLU B 242 25.36 -9.12 10.46
CA GLU B 242 24.45 -10.25 10.47
C GLU B 242 23.14 -9.98 9.74
N ALA B 243 22.86 -8.72 9.36
CA ALA B 243 21.68 -8.46 8.54
C ALA B 243 21.84 -9.04 7.14
N VAL B 244 23.08 -9.19 6.67
CA VAL B 244 23.34 -9.67 5.31
C VAL B 244 23.12 -11.17 5.24
N ASN B 245 22.31 -11.61 4.27
CA ASN B 245 22.00 -13.02 4.09
C ASN B 245 22.68 -13.64 2.87
N PHE B 246 23.39 -12.84 2.06
CA PHE B 246 23.97 -13.29 0.80
C PHE B 246 24.95 -12.22 0.35
N ILE B 247 26.12 -12.64 -0.10
CA ILE B 247 27.15 -11.73 -0.60
C ILE B 247 27.48 -12.11 -2.04
N ASN B 248 27.35 -11.14 -2.96
CA ASN B 248 27.55 -11.34 -4.40
C ASN B 248 28.65 -10.37 -4.85
N PHE B 249 29.87 -10.88 -5.04
CA PHE B 249 31.06 -10.06 -5.18
C PHE B 249 31.80 -10.33 -6.47
N THR B 250 32.26 -9.25 -7.12
CA THR B 250 33.15 -9.30 -8.27
C THR B 250 34.34 -8.39 -7.98
N GLY B 251 35.55 -8.91 -8.18
CA GLY B 251 36.75 -8.12 -7.90
C GLY B 251 37.99 -9.00 -7.92
N SER B 252 39.05 -8.49 -7.30
CA SER B 252 40.33 -9.18 -7.34
C SER B 252 40.30 -10.45 -6.51
N THR B 253 41.15 -11.40 -6.89
CA THR B 253 41.19 -12.67 -6.17
C THR B 253 41.58 -12.49 -4.70
N PRO B 254 42.60 -11.73 -4.34
CA PRO B 254 42.93 -11.61 -2.91
C PRO B 254 41.79 -11.02 -2.09
N ILE B 255 41.07 -10.04 -2.63
CA ILE B 255 39.92 -9.49 -1.91
C ILE B 255 38.82 -10.53 -1.78
N GLY B 256 38.59 -11.31 -2.84
CA GLY B 256 37.56 -12.33 -2.79
C GLY B 256 37.85 -13.42 -1.78
N GLU B 257 39.11 -13.84 -1.68
CA GLU B 257 39.46 -14.85 -0.69
C GLU B 257 39.22 -14.33 0.72
N GLY B 258 39.39 -13.03 0.95
CA GLY B 258 39.11 -12.47 2.26
C GLY B 258 37.63 -12.45 2.59
N ILE B 259 36.77 -12.32 1.57
CA ILE B 259 35.34 -12.34 1.80
C ILE B 259 34.87 -13.74 2.19
N GLY B 260 35.51 -14.76 1.63
CA GLY B 260 35.10 -16.12 1.95
C GLY B 260 35.19 -16.42 3.43
N LYS B 261 36.23 -15.92 4.10
CA LYS B 261 36.36 -16.12 5.53
C LYS B 261 35.25 -15.42 6.29
N LEU B 262 35.02 -14.14 5.99
CA LEU B 262 34.04 -13.34 6.69
C LEU B 262 32.60 -13.77 6.44
N ALA B 263 32.37 -14.62 5.44
CA ALA B 263 31.00 -15.00 5.07
C ALA B 263 30.37 -15.95 6.09
N GLY B 264 31.17 -16.67 6.86
CA GLY B 264 30.60 -17.62 7.79
C GLY B 264 29.83 -18.69 7.04
N MET B 265 28.61 -18.97 7.51
CA MET B 265 27.76 -19.94 6.85
C MET B 265 26.98 -19.37 5.68
N ARG B 266 27.02 -18.05 5.48
CA ARG B 266 26.12 -17.42 4.53
C ARG B 266 26.57 -17.72 3.10
N PRO B 267 25.62 -17.92 2.19
CA PRO B 267 26.01 -18.20 0.80
C PRO B 267 26.66 -17.00 0.14
N ILE B 268 27.67 -17.27 -0.69
CA ILE B 268 28.41 -16.22 -1.38
C ILE B 268 28.59 -16.61 -2.84
N MET B 269 28.76 -15.59 -3.68
CA MET B 269 29.19 -15.74 -5.06
C MET B 269 30.42 -14.86 -5.26
N LEU B 270 31.43 -15.40 -5.93
CA LEU B 270 32.69 -14.72 -6.15
C LEU B 270 33.07 -14.80 -7.63
N GLU B 271 33.30 -13.64 -8.25
CA GLU B 271 33.76 -13.55 -9.63
C GLU B 271 35.13 -12.90 -9.56
N LEU B 272 36.19 -13.71 -9.69
CA LEU B 272 37.54 -13.25 -9.39
C LEU B 272 38.42 -13.27 -10.63
N GLY B 273 39.72 -13.51 -10.46
CA GLY B 273 40.65 -13.37 -11.55
C GLY B 273 40.65 -14.55 -12.52
N GLY B 274 41.40 -14.36 -13.61
CA GLY B 274 41.56 -15.41 -14.60
C GLY B 274 42.91 -15.30 -15.30
N LYS B 275 43.30 -16.40 -15.93
CA LYS B 275 44.50 -16.46 -16.76
C LYS B 275 44.18 -17.37 -17.96
N ASP B 276 43.18 -16.94 -18.74
CA ASP B 276 42.60 -17.78 -19.78
C ASP B 276 43.62 -18.18 -20.84
N SER B 277 43.71 -19.48 -21.12
CA SER B 277 44.56 -20.02 -22.17
C SER B 277 43.87 -19.98 -23.52
N ALA B 278 44.64 -19.65 -24.56
CA ALA B 278 44.21 -19.84 -25.95
C ALA B 278 45.10 -20.93 -26.55
N ILE B 279 44.53 -22.11 -26.76
CA ILE B 279 45.28 -23.27 -27.26
C ILE B 279 45.12 -23.32 -28.77
N VAL B 280 46.24 -23.27 -29.48
CA VAL B 280 46.26 -23.20 -30.94
C VAL B 280 46.97 -24.44 -31.47
N LEU B 281 46.22 -25.29 -32.16
CA LEU B 281 46.73 -26.55 -32.70
C LEU B 281 47.24 -26.36 -34.13
N GLU B 282 47.90 -27.40 -34.63
CA GLU B 282 48.56 -27.31 -35.94
C GLU B 282 47.58 -27.07 -37.08
N ASP B 283 46.33 -27.52 -36.95
CA ASP B 283 45.36 -27.35 -38.03
C ASP B 283 44.49 -26.10 -37.88
N ALA B 284 44.89 -25.16 -37.02
CA ALA B 284 44.06 -23.99 -36.77
C ALA B 284 44.09 -22.99 -37.93
N ASP B 285 43.01 -22.21 -38.04
CA ASP B 285 42.92 -21.03 -38.90
C ASP B 285 43.65 -19.90 -38.17
N LEU B 286 44.91 -19.66 -38.55
CA LEU B 286 45.74 -18.74 -37.76
C LEU B 286 45.26 -17.30 -37.87
N ALA B 287 44.72 -16.89 -39.01
CA ALA B 287 44.21 -15.53 -39.14
C ALA B 287 43.03 -15.30 -38.21
N LEU B 288 42.10 -16.26 -38.14
CA LEU B 288 41.01 -16.18 -37.19
CA LEU B 288 41.01 -16.18 -37.19
C LEU B 288 41.54 -16.19 -35.76
N ALA B 289 42.47 -17.10 -35.47
CA ALA B 289 43.02 -17.21 -34.12
C ALA B 289 43.63 -15.89 -33.67
N ALA B 290 44.44 -15.27 -34.52
CA ALA B 290 45.10 -14.03 -34.16
C ALA B 290 44.09 -12.91 -33.93
N LYS B 291 43.09 -12.79 -34.80
CA LYS B 291 42.07 -11.76 -34.63
C LYS B 291 41.38 -11.89 -33.28
N ASN B 292 40.96 -13.11 -32.94
CA ASN B 292 40.25 -13.33 -31.68
C ASN B 292 41.15 -13.14 -30.47
N ILE B 293 42.39 -13.63 -30.57
CA ILE B 293 43.34 -13.51 -29.46
C ILE B 293 43.62 -12.05 -29.14
N VAL B 294 43.79 -11.22 -30.18
CA VAL B 294 44.12 -9.82 -29.93
C VAL B 294 42.91 -9.07 -29.40
N ALA B 295 41.73 -9.31 -29.98
CA ALA B 295 40.52 -8.67 -29.47
C ALA B 295 40.28 -9.02 -28.00
N GLY B 296 40.46 -10.28 -27.63
CA GLY B 296 40.18 -10.69 -26.27
C GLY B 296 41.25 -10.24 -25.30
N ALA B 297 42.51 -10.28 -25.73
CA ALA B 297 43.60 -10.02 -24.80
C ALA B 297 43.71 -8.55 -24.44
N PHE B 298 43.44 -7.66 -25.39
CA PHE B 298 43.74 -6.25 -25.19
C PHE B 298 42.53 -5.36 -25.01
N GLY B 299 41.32 -5.92 -25.06
CA GLY B 299 40.13 -5.17 -24.71
C GLY B 299 40.25 -4.48 -23.36
N TYR B 300 39.91 -3.20 -23.31
CA TYR B 300 40.02 -2.40 -22.08
C TYR B 300 41.43 -2.53 -21.49
N SER B 301 42.43 -2.52 -22.37
CA SER B 301 43.84 -2.61 -22.00
C SER B 301 44.16 -3.86 -21.18
N GLY B 302 43.39 -4.93 -21.36
CA GLY B 302 43.61 -6.15 -20.62
C GLY B 302 43.08 -6.17 -19.21
N GLN B 303 42.28 -5.19 -18.81
CA GLN B 303 41.75 -5.11 -17.45
C GLN B 303 40.42 -5.87 -17.33
N ARG B 304 40.48 -7.17 -17.64
CA ARG B 304 39.30 -8.02 -17.68
C ARG B 304 39.67 -9.41 -17.18
N SER B 305 38.81 -9.97 -16.31
CA SER B 305 39.05 -11.32 -15.79
CA SER B 305 39.07 -11.31 -15.79
C SER B 305 38.93 -12.37 -16.89
N THR B 306 37.97 -12.19 -17.79
CA THR B 306 37.76 -13.10 -18.91
C THR B 306 38.40 -12.46 -20.14
N ALA B 307 39.52 -13.02 -20.56
CA ALA B 307 40.38 -12.41 -21.57
C ALA B 307 41.50 -13.41 -21.84
N VAL B 308 41.85 -13.65 -23.10
CA VAL B 308 43.02 -14.47 -23.38
C VAL B 308 44.22 -13.81 -22.70
N LYS B 309 44.90 -14.56 -21.84
CA LYS B 309 46.06 -14.04 -21.14
C LYS B 309 47.31 -14.89 -21.35
N ARG B 310 47.23 -15.95 -22.14
CA ARG B 310 48.41 -16.71 -22.51
C ARG B 310 48.05 -17.55 -23.73
N VAL B 311 48.92 -17.53 -24.73
CA VAL B 311 48.77 -18.34 -25.91
C VAL B 311 49.62 -19.58 -25.73
N LEU B 312 48.99 -20.76 -25.81
CA LEU B 312 49.68 -22.04 -25.79
C LEU B 312 49.57 -22.61 -27.20
N VAL B 313 50.66 -22.50 -27.98
CA VAL B 313 50.63 -22.79 -29.41
C VAL B 313 51.62 -23.90 -29.76
N MET B 314 51.16 -24.83 -30.61
CA MET B 314 52.03 -25.90 -31.09
C MET B 314 53.22 -25.33 -31.86
N ASP B 315 54.40 -25.90 -31.61
CA ASP B 315 55.65 -25.36 -32.15
C ASP B 315 55.55 -25.01 -33.63
N LYS B 316 54.96 -25.91 -34.42
CA LYS B 316 55.09 -25.83 -35.87
C LYS B 316 54.27 -24.72 -36.50
N VAL B 317 53.35 -24.09 -35.79
CA VAL B 317 52.65 -22.93 -36.30
C VAL B 317 52.91 -21.68 -35.47
N ALA B 318 53.85 -21.73 -34.53
CA ALA B 318 54.02 -20.62 -33.59
C ALA B 318 54.62 -19.38 -34.26
N ASP B 319 55.63 -19.57 -35.13
CA ASP B 319 56.27 -18.43 -35.78
C ASP B 319 55.25 -17.61 -36.57
N GLN B 320 54.41 -18.29 -37.36
CA GLN B 320 53.44 -17.60 -38.19
C GLN B 320 52.32 -16.98 -37.35
N LEU B 321 51.85 -17.70 -36.32
CA LEU B 321 50.81 -17.12 -35.46
C LEU B 321 51.32 -15.87 -34.77
N ALA B 322 52.54 -15.92 -34.24
CA ALA B 322 53.10 -14.76 -33.55
C ALA B 322 53.19 -13.56 -34.49
N ALA B 323 53.57 -13.79 -35.75
CA ALA B 323 53.68 -12.70 -36.70
C ALA B 323 52.32 -12.08 -37.00
N GLU B 324 51.28 -12.91 -37.11
CA GLU B 324 49.96 -12.38 -37.41
C GLU B 324 49.36 -11.68 -36.19
N ILE B 325 49.68 -12.16 -34.97
CA ILE B 325 49.26 -11.43 -33.78
C ILE B 325 50.00 -10.09 -33.70
N LYS B 326 51.31 -10.10 -33.93
CA LYS B 326 52.11 -8.87 -33.88
C LYS B 326 51.53 -7.79 -34.78
N THR B 327 51.20 -8.13 -36.02
CA THR B 327 50.66 -7.14 -36.94
C THR B 327 49.38 -6.50 -36.40
N LEU B 328 48.54 -7.29 -35.73
CA LEU B 328 47.29 -6.75 -35.21
C LEU B 328 47.52 -5.87 -33.99
N VAL B 329 48.44 -6.28 -33.10
CA VAL B 329 48.77 -5.46 -31.94
C VAL B 329 49.28 -4.09 -32.38
N GLU B 330 50.10 -4.06 -33.43
CA GLU B 330 50.72 -2.81 -33.89
C GLU B 330 49.68 -1.82 -34.42
N LYS B 331 48.51 -2.30 -34.83
CA LYS B 331 47.46 -1.40 -35.32
C LYS B 331 46.54 -0.90 -34.22
N LEU B 332 46.68 -1.39 -32.99
CA LEU B 332 45.86 -0.91 -31.90
C LEU B 332 46.16 0.56 -31.61
N SER B 333 45.12 1.36 -31.41
CA SER B 333 45.32 2.74 -31.02
C SER B 333 45.67 2.84 -29.54
N VAL B 334 46.56 3.77 -29.21
CA VAL B 334 47.06 3.98 -27.86
C VAL B 334 46.84 5.45 -27.50
N GLY B 335 45.92 5.72 -26.59
CA GLY B 335 45.54 7.09 -26.30
C GLY B 335 44.47 7.27 -25.24
N MET B 336 43.60 8.29 -25.41
CA MET B 336 42.73 8.71 -24.33
C MET B 336 41.33 8.13 -24.47
N PRO B 337 40.64 7.93 -23.34
CA PRO B 337 39.28 7.39 -23.38
C PRO B 337 38.32 8.19 -24.25
N GLU B 338 38.40 9.53 -24.23
CA GLU B 338 37.45 10.32 -25.00
CA GLU B 338 37.43 10.29 -24.99
C GLU B 338 37.64 10.17 -26.49
N ASP B 339 38.78 9.63 -26.94
CA ASP B 339 39.06 9.39 -28.35
C ASP B 339 38.83 7.93 -28.72
N ASP B 340 38.18 7.15 -27.86
CA ASP B 340 37.84 5.76 -28.13
C ASP B 340 39.07 4.92 -28.45
N ALA B 341 40.20 5.25 -27.83
CA ALA B 341 41.43 4.48 -28.03
C ALA B 341 41.22 3.02 -27.61
N ASP B 342 41.89 2.12 -28.34
CA ASP B 342 41.86 0.70 -27.96
C ASP B 342 42.52 0.48 -26.61
N ILE B 343 43.69 1.07 -26.43
CA ILE B 343 44.49 0.95 -25.22
C ILE B 343 44.45 2.28 -24.51
N THR B 344 43.90 2.29 -23.30
CA THR B 344 43.73 3.47 -22.48
C THR B 344 44.60 3.40 -21.23
N PRO B 345 44.79 4.52 -20.53
CA PRO B 345 45.58 4.48 -19.29
C PRO B 345 44.93 3.55 -18.28
N LEU B 346 45.78 2.84 -17.54
CA LEU B 346 45.28 1.90 -16.55
C LEU B 346 44.68 2.63 -15.35
N ILE B 347 43.96 1.86 -14.54
CA ILE B 347 43.07 2.43 -13.52
C ILE B 347 43.83 3.26 -12.49
N ASP B 348 45.05 2.87 -12.15
CA ASP B 348 45.85 3.70 -11.25
C ASP B 348 47.33 3.36 -11.36
N THR B 349 48.15 4.10 -10.61
CA THR B 349 49.60 4.00 -10.76
C THR B 349 50.12 2.65 -10.28
N SER B 350 49.56 2.13 -9.18
CA SER B 350 50.00 0.82 -8.69
C SER B 350 49.73 -0.26 -9.72
N ALA B 351 48.59 -0.19 -10.40
CA ALA B 351 48.28 -1.15 -11.44
C ALA B 351 49.33 -1.13 -12.54
N ALA B 352 49.71 0.06 -12.99
CA ALA B 352 50.71 0.17 -14.04
C ALA B 352 52.08 -0.30 -13.55
N ASP B 353 52.44 0.05 -12.31
CA ASP B 353 53.71 -0.43 -11.75
C ASP B 353 53.78 -1.95 -11.77
N PHE B 354 52.68 -2.63 -11.39
CA PHE B 354 52.69 -4.10 -11.35
C PHE B 354 52.91 -4.69 -12.73
N VAL B 355 52.26 -4.13 -13.75
CA VAL B 355 52.44 -4.60 -15.12
C VAL B 355 53.88 -4.36 -15.57
N GLU B 356 54.43 -3.19 -15.27
CA GLU B 356 55.82 -2.92 -15.63
C GLU B 356 56.75 -3.99 -15.03
N GLY B 357 56.50 -4.39 -13.79
CA GLY B 357 57.36 -5.38 -13.15
C GLY B 357 57.31 -6.73 -13.86
N LEU B 358 56.12 -7.15 -14.28
CA LEU B 358 55.99 -8.40 -15.01
C LEU B 358 56.73 -8.35 -16.33
N ILE B 359 56.62 -7.21 -17.05
CA ILE B 359 57.33 -7.06 -18.31
C ILE B 359 58.84 -7.14 -18.08
N LYS B 360 59.33 -6.47 -17.04
CA LYS B 360 60.77 -6.50 -16.77
C LYS B 360 61.24 -7.91 -16.45
N ASP B 361 60.44 -8.67 -15.70
CA ASP B 361 60.82 -10.04 -15.36
C ASP B 361 60.90 -10.91 -16.59
N ALA B 362 59.94 -10.79 -17.50
CA ALA B 362 59.99 -11.57 -18.73
C ALA B 362 61.22 -11.22 -19.55
N THR B 363 61.49 -9.92 -19.70
CA THR B 363 62.64 -9.49 -20.49
C THR B 363 63.94 -10.01 -19.89
N ASP B 364 64.10 -9.86 -18.58
CA ASP B 364 65.35 -10.27 -17.94
C ASP B 364 65.59 -11.78 -18.05
N LYS B 365 64.53 -12.56 -18.23
CA LYS B 365 64.64 -14.01 -18.34
C LYS B 365 64.73 -14.49 -19.77
N GLY B 366 64.73 -13.59 -20.75
CA GLY B 366 65.03 -13.94 -22.12
C GLY B 366 63.86 -13.94 -23.09
N ALA B 367 62.68 -13.47 -22.69
CA ALA B 367 61.56 -13.40 -23.60
C ALA B 367 61.85 -12.41 -24.73
N THR B 368 61.22 -12.64 -25.88
CA THR B 368 61.41 -11.79 -27.06
C THR B 368 60.29 -10.76 -27.13
N ALA B 369 60.66 -9.49 -27.14
CA ALA B 369 59.67 -8.40 -27.22
C ALA B 369 59.34 -8.15 -28.69
N LEU B 370 58.20 -8.68 -29.14
CA LEU B 370 57.75 -8.45 -30.51
C LEU B 370 57.18 -7.05 -30.69
N THR B 371 56.65 -6.47 -29.61
CA THR B 371 56.36 -5.04 -29.54
C THR B 371 57.01 -4.51 -28.26
N ALA B 372 57.33 -3.22 -28.27
CA ALA B 372 58.22 -2.68 -27.25
C ALA B 372 57.44 -1.98 -26.13
N PHE B 373 57.95 -2.13 -24.91
CA PHE B 373 57.36 -1.43 -23.76
C PHE B 373 57.58 0.08 -23.89
N ASN B 374 56.51 0.83 -23.65
CA ASN B 374 56.57 2.29 -23.48
C ASN B 374 55.50 2.67 -22.47
N ARG B 375 55.82 3.63 -21.60
CA ARG B 375 54.88 4.08 -20.59
C ARG B 375 54.92 5.60 -20.47
N GLU B 376 53.75 6.23 -20.59
CA GLU B 376 53.56 7.66 -20.38
C GLU B 376 52.51 7.82 -19.29
N GLY B 377 52.92 8.29 -18.11
CA GLY B 377 52.00 8.25 -16.98
C GLY B 377 51.67 6.81 -16.65
N ASN B 378 50.37 6.48 -16.67
CA ASN B 378 49.91 5.10 -16.52
C ASN B 378 49.41 4.51 -17.83
N LEU B 379 49.77 5.13 -18.95
CA LEU B 379 49.42 4.65 -20.28
C LEU B 379 50.56 3.78 -20.78
N ILE B 380 50.36 2.47 -20.77
CA ILE B 380 51.36 1.50 -21.21
C ILE B 380 50.97 1.01 -22.60
N SER B 381 51.92 1.08 -23.53
CA SER B 381 51.70 0.58 -24.87
C SER B 381 51.60 -0.95 -24.85
N PRO B 382 50.88 -1.54 -25.80
CA PRO B 382 50.64 -2.99 -25.72
C PRO B 382 51.90 -3.78 -26.03
N VAL B 383 52.21 -4.74 -25.15
CA VAL B 383 53.44 -5.51 -25.23
C VAL B 383 53.09 -6.97 -25.55
N LEU B 384 53.69 -7.49 -26.61
CA LEU B 384 53.57 -8.89 -27.03
C LEU B 384 54.92 -9.57 -26.87
N PHE B 385 54.94 -10.66 -26.09
CA PHE B 385 56.15 -11.44 -25.83
C PHE B 385 56.04 -12.82 -26.47
N ASP B 386 57.11 -13.26 -27.12
CA ASP B 386 57.24 -14.64 -27.61
C ASP B 386 58.33 -15.35 -26.80
N HIS B 387 58.32 -16.67 -26.87
CA HIS B 387 59.33 -17.50 -26.19
C HIS B 387 59.27 -17.30 -24.67
N VAL B 388 58.06 -17.17 -24.15
CA VAL B 388 57.85 -17.10 -22.71
C VAL B 388 57.92 -18.52 -22.15
N THR B 389 58.56 -18.66 -21.00
CA THR B 389 58.76 -19.94 -20.35
C THR B 389 58.11 -19.93 -18.98
N THR B 390 57.95 -21.12 -18.41
CA THR B 390 57.17 -21.25 -17.19
C THR B 390 57.92 -20.73 -15.96
N ASP B 391 59.19 -20.38 -16.07
CA ASP B 391 59.88 -19.75 -14.96
C ASP B 391 59.59 -18.25 -14.87
N MET B 392 58.88 -17.68 -15.84
CA MET B 392 58.57 -16.26 -15.87
C MET B 392 57.24 -15.98 -15.19
N ARG B 393 57.22 -14.93 -14.38
CA ARG B 393 56.00 -14.55 -13.67
C ARG B 393 54.85 -14.35 -14.64
N LEU B 394 55.13 -13.82 -15.82
CA LEU B 394 54.09 -13.51 -16.81
C LEU B 394 53.42 -14.76 -17.34
N ALA B 395 54.01 -15.94 -17.14
CA ALA B 395 53.34 -17.16 -17.53
C ALA B 395 52.13 -17.44 -16.66
N TRP B 396 52.10 -16.92 -15.42
CA TRP B 396 51.09 -17.33 -14.44
C TRP B 396 50.29 -16.18 -13.82
N GLU B 397 50.94 -15.08 -13.46
CA GLU B 397 50.25 -14.04 -12.70
C GLU B 397 49.33 -13.23 -13.60
N GLU B 398 48.18 -12.83 -13.07
CA GLU B 398 47.23 -12.02 -13.84
C GLU B 398 47.71 -10.58 -13.89
N PRO B 399 48.01 -10.03 -15.07
CA PRO B 399 48.57 -8.66 -15.10
C PRO B 399 47.54 -7.56 -14.90
N PHE B 400 46.33 -7.74 -15.43
CA PHE B 400 45.37 -6.64 -15.55
C PHE B 400 46.03 -5.43 -16.22
N GLY B 401 46.64 -5.71 -17.36
CA GLY B 401 47.30 -4.70 -18.17
C GLY B 401 47.58 -5.24 -19.56
N PRO B 402 48.05 -4.38 -20.45
CA PRO B 402 48.11 -4.76 -21.88
C PRO B 402 49.40 -5.47 -22.27
N VAL B 403 49.56 -6.70 -21.77
CA VAL B 403 50.73 -7.53 -22.08
C VAL B 403 50.27 -8.97 -22.28
N LEU B 404 50.74 -9.60 -23.35
CA LEU B 404 50.32 -10.95 -23.73
C LEU B 404 51.52 -11.84 -23.96
N PRO B 405 51.63 -12.97 -23.26
CA PRO B 405 52.73 -13.91 -23.55
C PRO B 405 52.34 -15.03 -24.48
N ILE B 406 53.29 -15.45 -25.31
CA ILE B 406 53.14 -16.61 -26.19
C ILE B 406 54.07 -17.71 -25.67
N ILE B 407 53.48 -18.88 -25.36
CA ILE B 407 54.19 -20.04 -24.82
C ILE B 407 54.07 -21.16 -25.84
N ARG B 408 55.21 -21.69 -26.29
CA ARG B 408 55.25 -22.76 -27.28
C ARG B 408 55.25 -24.12 -26.61
N VAL B 409 54.43 -25.03 -27.12
CA VAL B 409 54.32 -26.40 -26.61
C VAL B 409 54.58 -27.35 -27.77
N THR B 410 54.94 -28.59 -27.43
CA THR B 410 55.24 -29.61 -28.44
C THR B 410 54.11 -30.61 -28.65
N THR B 411 53.19 -30.74 -27.69
CA THR B 411 52.08 -31.68 -27.80
C THR B 411 50.82 -31.04 -27.22
N VAL B 412 49.67 -31.59 -27.60
CA VAL B 412 48.42 -31.13 -27.02
C VAL B 412 48.36 -31.52 -25.55
N GLU B 413 48.91 -32.68 -25.20
CA GLU B 413 48.95 -33.09 -23.79
C GLU B 413 49.71 -32.08 -22.95
N GLU B 414 50.84 -31.58 -23.46
CA GLU B 414 51.59 -30.55 -22.75
C GLU B 414 50.77 -29.28 -22.59
N ALA B 415 50.06 -28.87 -23.65
CA ALA B 415 49.18 -27.70 -23.55
C ALA B 415 48.14 -27.85 -22.46
N ILE B 416 47.52 -29.03 -22.37
CA ILE B 416 46.50 -29.25 -21.34
C ILE B 416 47.13 -29.18 -19.96
N LYS B 417 48.32 -29.77 -19.78
CA LYS B 417 48.97 -29.77 -18.48
C LYS B 417 49.32 -28.34 -18.04
N ILE B 418 49.94 -27.56 -18.93
CA ILE B 418 50.29 -26.19 -18.56
C ILE B 418 49.04 -25.36 -18.31
N SER B 419 47.99 -25.56 -19.12
CA SER B 419 46.75 -24.83 -18.89
C SER B 419 46.22 -25.10 -17.48
N ASN B 420 46.14 -26.38 -17.09
CA ASN B 420 45.58 -26.76 -15.79
C ASN B 420 46.52 -26.50 -14.62
N GLU B 421 47.81 -26.23 -14.85
CA GLU B 421 48.72 -25.91 -13.76
C GLU B 421 48.42 -24.55 -13.14
N SER B 422 47.74 -23.68 -13.88
CA SER B 422 47.35 -22.38 -13.35
C SER B 422 46.43 -22.55 -12.14
N GLU B 423 46.57 -21.64 -11.19
CA GLU B 423 45.61 -21.57 -10.09
C GLU B 423 44.27 -21.03 -10.53
N TYR B 424 44.20 -20.46 -11.74
CA TYR B 424 42.99 -19.88 -12.28
C TYR B 424 42.32 -20.85 -13.23
N GLY B 425 41.01 -20.71 -13.37
CA GLY B 425 40.25 -21.59 -14.25
C GLY B 425 38.94 -20.99 -14.67
N LEU B 426 38.98 -19.83 -15.31
CA LEU B 426 37.75 -19.15 -15.70
C LEU B 426 37.26 -19.67 -17.05
N GLN B 427 37.96 -19.34 -18.13
CA GLN B 427 37.61 -19.84 -19.46
C GLN B 427 38.87 -20.22 -20.22
N ALA B 428 38.66 -20.83 -21.38
CA ALA B 428 39.73 -21.19 -22.30
C ALA B 428 39.18 -21.14 -23.72
N SER B 429 40.06 -20.90 -24.69
CA SER B 429 39.76 -21.00 -26.12
C SER B 429 40.56 -22.16 -26.73
N ILE B 430 39.95 -22.86 -27.69
CA ILE B 430 40.66 -23.87 -28.47
C ILE B 430 40.47 -23.56 -29.95
N PHE B 431 41.58 -23.37 -30.67
CA PHE B 431 41.56 -23.07 -32.10
CA PHE B 431 41.56 -23.07 -32.10
C PHE B 431 42.04 -24.30 -32.85
N THR B 432 41.14 -24.92 -33.62
CA THR B 432 41.42 -26.13 -34.37
C THR B 432 40.24 -26.37 -35.30
N THR B 433 40.48 -27.16 -36.34
CA THR B 433 39.43 -27.54 -37.27
C THR B 433 38.84 -28.91 -36.96
N ASN B 434 39.31 -29.58 -35.92
CA ASN B 434 38.83 -30.91 -35.53
C ASN B 434 37.96 -30.74 -34.28
N PHE B 435 36.64 -30.65 -34.51
CA PHE B 435 35.77 -30.35 -33.41
CA PHE B 435 35.70 -30.38 -33.43
C PHE B 435 35.57 -31.52 -32.47
N PRO B 436 35.44 -32.79 -32.91
CA PRO B 436 35.37 -33.88 -31.92
C PRO B 436 36.58 -33.93 -31.02
N LYS B 437 37.77 -33.67 -31.56
CA LYS B 437 38.96 -33.64 -30.72
C LYS B 437 38.93 -32.44 -29.77
N ALA B 438 38.49 -31.28 -30.25
CA ALA B 438 38.39 -30.12 -29.38
C ALA B 438 37.43 -30.35 -28.23
N PHE B 439 36.32 -31.05 -28.49
CA PHE B 439 35.39 -31.37 -27.41
C PHE B 439 36.05 -32.24 -26.34
N GLY B 440 36.85 -33.23 -26.77
CA GLY B 440 37.54 -34.07 -25.81
C GLY B 440 38.57 -33.31 -24.99
N ILE B 441 39.28 -32.39 -25.63
CA ILE B 441 40.19 -31.51 -24.89
C ILE B 441 39.41 -30.66 -23.89
N ALA B 442 38.31 -30.07 -24.33
CA ALA B 442 37.53 -29.21 -23.45
C ALA B 442 37.12 -29.94 -22.17
N GLU B 443 36.82 -31.24 -22.29
CA GLU B 443 36.47 -32.03 -21.12
C GLU B 443 37.58 -32.06 -20.08
N GLN B 444 38.83 -31.97 -20.53
CA GLN B 444 39.98 -32.07 -19.63
C GLN B 444 40.43 -30.74 -19.07
N LEU B 445 39.94 -29.62 -19.60
CA LEU B 445 40.35 -28.30 -19.13
C LEU B 445 39.56 -27.92 -17.88
N GLU B 446 40.29 -27.51 -16.84
CA GLU B 446 39.68 -27.13 -15.55
C GLU B 446 39.26 -25.66 -15.60
N VAL B 447 38.16 -25.42 -16.32
CA VAL B 447 37.62 -24.07 -16.52
C VAL B 447 36.10 -24.17 -16.50
N GLY B 448 35.46 -23.00 -16.40
CA GLY B 448 34.01 -22.95 -16.46
C GLY B 448 33.46 -23.12 -17.87
N THR B 449 33.99 -22.32 -18.82
CA THR B 449 33.54 -22.31 -20.20
C THR B 449 34.72 -22.45 -21.15
N VAL B 450 34.52 -23.24 -22.21
CA VAL B 450 35.48 -23.40 -23.31
C VAL B 450 34.82 -22.90 -24.60
N HIS B 451 35.48 -21.97 -25.28
CA HIS B 451 35.01 -21.42 -26.55
C HIS B 451 35.81 -22.03 -27.69
N LEU B 452 35.11 -22.60 -28.67
CA LEU B 452 35.75 -23.21 -29.83
C LEU B 452 35.89 -22.18 -30.95
N ASN B 453 37.13 -21.95 -31.39
CA ASN B 453 37.46 -21.06 -32.51
C ASN B 453 36.90 -19.64 -32.27
N ASN B 454 37.01 -19.18 -31.02
CA ASN B 454 36.60 -17.83 -30.66
CA ASN B 454 36.55 -17.85 -30.64
C ASN B 454 37.27 -17.46 -29.36
N LYS B 455 37.38 -16.16 -29.13
CA LYS B 455 37.94 -15.66 -27.88
C LYS B 455 37.03 -16.02 -26.70
N THR B 456 37.60 -15.99 -25.50
CA THR B 456 36.80 -16.14 -24.31
C THR B 456 35.94 -14.89 -24.08
N GLN B 457 34.78 -15.08 -23.48
CA GLN B 457 33.84 -14.00 -23.23
C GLN B 457 32.76 -14.47 -22.27
N ARG B 458 32.20 -13.50 -21.53
CA ARG B 458 31.09 -13.78 -20.62
C ARG B 458 29.78 -13.99 -21.36
N GLY B 459 29.56 -13.31 -22.48
CA GLY B 459 28.29 -13.39 -23.17
C GLY B 459 28.11 -14.68 -23.97
N THR B 460 26.88 -14.85 -24.46
CA THR B 460 25.73 -13.98 -24.21
C THR B 460 25.28 -14.15 -22.75
N ASP B 461 24.59 -13.15 -22.21
CA ASP B 461 24.38 -13.11 -20.77
C ASP B 461 23.36 -14.12 -20.27
N ASN B 462 22.68 -14.87 -21.15
CA ASN B 462 21.87 -16.00 -20.71
C ASN B 462 22.68 -17.27 -20.48
N PHE B 463 23.89 -17.34 -21.06
CA PHE B 463 24.77 -18.48 -20.89
C PHE B 463 25.35 -18.49 -19.47
N PRO B 464 25.70 -19.67 -18.94
CA PRO B 464 26.36 -19.70 -17.63
C PRO B 464 27.72 -19.02 -17.67
N PHE B 465 28.07 -18.38 -16.56
CA PHE B 465 29.37 -17.76 -16.35
C PHE B 465 29.90 -18.19 -14.99
N LEU B 466 31.00 -18.95 -14.99
CA LEU B 466 31.54 -19.51 -13.76
C LEU B 466 33.03 -19.79 -13.94
N GLY B 467 33.73 -19.88 -12.83
CA GLY B 467 35.15 -20.18 -12.84
C GLY B 467 35.54 -21.21 -11.81
N ALA B 468 36.47 -22.07 -12.19
CA ALA B 468 37.01 -23.09 -11.30
C ALA B 468 38.17 -22.53 -10.47
N LYS B 469 38.57 -23.29 -9.44
CA LYS B 469 39.77 -23.02 -8.63
C LYS B 469 39.71 -21.59 -8.11
N LYS B 470 40.76 -20.79 -8.23
CA LYS B 470 40.79 -19.47 -7.60
C LYS B 470 40.00 -18.43 -8.37
N SER B 471 39.32 -18.79 -9.46
CA SER B 471 38.59 -17.80 -10.26
C SER B 471 37.20 -17.49 -9.70
N GLY B 472 36.69 -18.25 -8.74
CA GLY B 472 35.50 -17.82 -8.03
C GLY B 472 34.66 -18.99 -7.54
N ALA B 473 33.41 -18.66 -7.21
CA ALA B 473 32.46 -19.65 -6.71
C ALA B 473 31.05 -19.20 -7.07
N GLY B 474 30.19 -20.17 -7.38
CA GLY B 474 28.85 -19.89 -7.86
C GLY B 474 28.80 -19.76 -9.38
N VAL B 475 27.57 -19.80 -9.89
CA VAL B 475 27.29 -19.79 -11.33
C VAL B 475 26.38 -18.60 -11.61
N GLN B 476 26.82 -17.70 -12.49
CA GLN B 476 26.03 -16.58 -12.94
C GLN B 476 25.71 -16.76 -14.42
N GLY B 477 25.42 -15.67 -15.11
CA GLY B 477 24.45 -15.74 -16.18
C GLY B 477 23.07 -15.62 -15.57
N VAL B 478 22.08 -15.14 -16.32
CA VAL B 478 20.89 -14.56 -15.69
C VAL B 478 20.12 -15.61 -14.90
N LYS B 479 19.68 -16.68 -15.56
CA LYS B 479 18.83 -17.62 -14.83
C LYS B 479 19.58 -18.27 -13.67
N TYR B 480 20.87 -18.54 -13.85
CA TYR B 480 21.66 -19.16 -12.80
C TYR B 480 21.80 -18.24 -11.60
N SER B 481 21.92 -16.93 -11.85
CA SER B 481 22.08 -15.98 -10.76
C SER B 481 20.78 -15.80 -9.99
N ILE B 482 19.64 -15.90 -10.68
CA ILE B 482 18.35 -15.90 -9.98
C ILE B 482 18.25 -17.12 -9.08
N GLU B 483 18.62 -18.29 -9.60
CA GLU B 483 18.58 -19.52 -8.81
C GLU B 483 19.49 -19.42 -7.59
N ALA B 484 20.68 -18.83 -7.77
CA ALA B 484 21.63 -18.76 -6.66
C ALA B 484 21.07 -17.92 -5.51
N MET B 485 20.36 -16.85 -5.81
CA MET B 485 19.87 -15.92 -4.80
C MET B 485 18.44 -16.22 -4.38
N THR B 486 18.01 -17.48 -4.55
CA THR B 486 16.77 -17.95 -3.97
C THR B 486 17.04 -19.21 -3.16
N THR B 487 16.11 -19.53 -2.28
CA THR B 487 16.07 -20.81 -1.59
C THR B 487 14.71 -21.44 -1.91
N VAL B 488 14.42 -22.56 -1.25
CA VAL B 488 13.13 -23.20 -1.44
C VAL B 488 12.46 -23.34 -0.08
N LYS B 489 11.14 -23.44 -0.13
CA LYS B 489 10.27 -23.68 1.01
C LYS B 489 9.38 -24.85 0.62
N SER B 490 9.47 -25.96 1.35
CA SER B 490 8.69 -27.16 1.08
C SER B 490 7.52 -27.26 2.06
N VAL B 491 6.31 -27.42 1.52
CA VAL B 491 5.12 -27.69 2.32
C VAL B 491 4.62 -29.08 1.96
N VAL B 492 4.56 -29.95 2.97
CA VAL B 492 4.24 -31.36 2.82
C VAL B 492 2.93 -31.66 3.53
N PHE B 493 2.06 -32.42 2.88
CA PHE B 493 0.83 -32.87 3.52
C PHE B 493 0.39 -34.19 2.90
N ASP B 494 -0.57 -34.82 3.57
CA ASP B 494 -1.10 -36.12 3.18
C ASP B 494 -2.49 -35.96 2.56
N ILE B 495 -2.64 -36.47 1.34
CA ILE B 495 -3.93 -36.48 0.68
C ILE B 495 -4.82 -37.54 1.34
N GLN B 496 -6.10 -37.19 1.51
CA GLN B 496 -7.05 -38.12 2.10
C GLN B 496 -8.09 -38.49 1.05
N LEU C 22 5.59 -76.00 -34.79
CA LEU C 22 5.05 -77.09 -33.92
C LEU C 22 3.53 -77.18 -34.02
N ALA C 23 2.97 -78.17 -33.34
CA ALA C 23 1.55 -78.18 -33.02
C ALA C 23 1.25 -77.30 -31.80
N LYS C 24 2.18 -76.40 -31.47
CA LYS C 24 2.08 -75.57 -30.26
C LYS C 24 1.04 -74.48 -30.47
N GLN C 25 -0.09 -74.60 -29.79
CA GLN C 25 -1.16 -73.62 -29.87
C GLN C 25 -0.92 -72.55 -28.81
N TYR C 26 -0.54 -71.36 -29.26
CA TYR C 26 -0.35 -70.25 -28.33
C TYR C 26 -1.69 -69.64 -27.94
N LYS C 27 -1.66 -68.84 -26.87
CA LYS C 27 -2.87 -68.32 -26.27
C LYS C 27 -2.70 -66.86 -25.91
N ASN C 28 -3.81 -66.12 -25.94
CA ASN C 28 -3.78 -64.72 -25.56
C ASN C 28 -3.88 -64.55 -24.05
N LEU C 29 -3.23 -63.51 -23.53
CA LEU C 29 -3.34 -63.14 -22.13
C LEU C 29 -4.50 -62.16 -21.98
N VAL C 30 -5.52 -62.57 -21.23
CA VAL C 30 -6.74 -61.81 -21.07
C VAL C 30 -7.12 -61.86 -19.60
N ASN C 31 -7.01 -60.72 -18.90
CA ASN C 31 -7.42 -60.60 -17.52
C ASN C 31 -6.77 -61.67 -16.65
N GLY C 32 -5.46 -61.82 -16.81
CA GLY C 32 -4.68 -62.75 -16.01
C GLY C 32 -4.83 -64.21 -16.37
N GLU C 33 -5.63 -64.54 -17.39
CA GLU C 33 -5.87 -65.90 -17.83
C GLU C 33 -5.40 -66.06 -19.27
N TRP C 34 -5.17 -67.31 -19.67
CA TRP C 34 -4.74 -67.64 -21.02
C TRP C 34 -5.90 -68.25 -21.78
N LYS C 35 -6.18 -67.71 -22.98
CA LYS C 35 -7.38 -68.08 -23.73
C LYS C 35 -7.07 -68.43 -25.18
N LEU C 36 -7.53 -69.61 -25.60
CA LEU C 36 -7.66 -69.94 -27.01
C LEU C 36 -8.92 -69.27 -27.58
N SER C 37 -9.04 -69.29 -28.90
CA SER C 37 -10.28 -68.90 -29.59
C SER C 37 -10.76 -70.10 -30.41
N GLU C 38 -11.98 -69.98 -30.94
CA GLU C 38 -12.55 -71.07 -31.71
C GLU C 38 -11.77 -71.34 -32.99
N ASN C 39 -11.28 -70.29 -33.64
CA ASN C 39 -10.45 -70.41 -34.82
C ASN C 39 -9.05 -69.90 -34.49
N GLU C 40 -8.08 -70.32 -35.32
CA GLU C 40 -6.68 -70.02 -35.10
C GLU C 40 -6.02 -69.64 -36.42
N ILE C 41 -4.79 -69.16 -36.32
CA ILE C 41 -3.98 -68.75 -37.47
C ILE C 41 -2.63 -69.45 -37.35
N THR C 42 -2.26 -70.25 -38.36
CA THR C 42 -0.99 -70.95 -38.32
C THR C 42 0.14 -70.03 -38.80
N ILE C 43 1.25 -70.03 -38.07
CA ILE C 43 2.40 -69.18 -38.36
C ILE C 43 3.53 -70.05 -38.89
N TYR C 44 4.11 -69.63 -40.01
CA TYR C 44 5.20 -70.34 -40.67
C TYR C 44 6.43 -69.45 -40.76
N ALA C 45 7.60 -70.09 -40.71
CA ALA C 45 8.87 -69.38 -40.79
C ALA C 45 9.12 -68.86 -42.21
N PRO C 46 9.35 -67.56 -42.40
CA PRO C 46 9.53 -67.06 -43.78
C PRO C 46 10.75 -67.61 -44.50
N ALA C 47 11.78 -68.07 -43.79
CA ALA C 47 12.98 -68.52 -44.47
C ALA C 47 12.92 -69.97 -44.92
N THR C 48 12.05 -70.78 -44.32
CA THR C 48 12.07 -72.22 -44.53
C THR C 48 10.70 -72.85 -44.69
N GLY C 49 9.61 -72.17 -44.35
CA GLY C 49 8.31 -72.79 -44.35
C GLY C 49 7.98 -73.62 -43.14
N GLU C 50 8.87 -73.71 -42.15
CA GLU C 50 8.61 -74.51 -40.96
C GLU C 50 7.36 -74.03 -40.23
N GLU C 51 6.50 -74.97 -39.86
CA GLU C 51 5.32 -74.63 -39.06
C GLU C 51 5.73 -74.34 -37.61
N LEU C 52 5.48 -73.11 -37.15
CA LEU C 52 5.92 -72.68 -35.82
C LEU C 52 4.84 -72.84 -34.75
N GLY C 53 3.58 -72.92 -35.14
CA GLY C 53 2.48 -72.99 -34.22
C GLY C 53 1.34 -72.14 -34.71
N SER C 54 0.38 -71.88 -33.82
CA SER C 54 -0.79 -71.10 -34.14
C SER C 54 -1.07 -70.06 -33.06
N VAL C 55 -1.77 -69.00 -33.45
CA VAL C 55 -2.23 -68.00 -32.50
C VAL C 55 -3.74 -67.85 -32.69
N PRO C 56 -4.47 -67.40 -31.68
CA PRO C 56 -5.93 -67.34 -31.80
C PRO C 56 -6.38 -66.30 -32.82
N ALA C 57 -7.51 -66.62 -33.48
CA ALA C 57 -8.19 -65.69 -34.37
C ALA C 57 -9.39 -65.12 -33.62
N MET C 58 -9.13 -64.07 -32.83
CA MET C 58 -10.12 -63.53 -31.93
C MET C 58 -11.31 -62.92 -32.68
N THR C 59 -12.48 -63.04 -32.06
CA THR C 59 -13.70 -62.39 -32.51
C THR C 59 -13.79 -60.97 -31.95
N GLN C 60 -14.70 -60.17 -32.51
CA GLN C 60 -14.91 -58.83 -32.00
C GLN C 60 -15.37 -58.85 -30.54
N ALA C 61 -16.22 -59.83 -30.18
CA ALA C 61 -16.67 -59.93 -28.79
C ALA C 61 -15.51 -60.29 -27.86
N GLU C 62 -14.55 -61.08 -28.34
CA GLU C 62 -13.39 -61.39 -27.52
C GLU C 62 -12.49 -60.16 -27.36
N VAL C 63 -12.42 -59.29 -28.37
CA VAL C 63 -11.76 -58.01 -28.19
C VAL C 63 -12.50 -57.17 -27.16
N ASP C 64 -13.84 -57.17 -27.20
CA ASP C 64 -14.60 -56.44 -26.18
C ASP C 64 -14.21 -56.87 -24.78
N ALA C 65 -14.03 -58.17 -24.56
CA ALA C 65 -13.68 -58.67 -23.23
C ALA C 65 -12.29 -58.22 -22.82
N VAL C 66 -11.34 -58.21 -23.76
CA VAL C 66 -10.00 -57.71 -23.46
C VAL C 66 -10.09 -56.28 -22.94
N TYR C 67 -10.84 -55.44 -23.64
CA TYR C 67 -10.91 -54.02 -23.30
C TYR C 67 -11.69 -53.79 -22.01
N ALA C 68 -12.75 -54.57 -21.78
CA ALA C 68 -13.49 -54.43 -20.53
C ALA C 68 -12.63 -54.82 -19.33
N SER C 69 -11.85 -55.89 -19.47
CA SER C 69 -10.92 -56.27 -18.41
C SER C 69 -9.92 -55.16 -18.12
N ALA C 70 -9.39 -54.51 -19.16
CA ALA C 70 -8.37 -53.49 -18.96
C ALA C 70 -8.94 -52.26 -18.26
N LYS C 71 -10.12 -51.80 -18.69
CA LYS C 71 -10.70 -50.63 -18.03
C LYS C 71 -11.07 -50.94 -16.58
N LYS C 72 -11.49 -52.17 -16.29
CA LYS C 72 -11.73 -52.53 -14.89
C LYS C 72 -10.45 -52.47 -14.06
N ALA C 73 -9.36 -52.99 -14.62
CA ALA C 73 -8.09 -53.01 -13.90
C ALA C 73 -7.49 -51.63 -13.71
N LEU C 74 -7.88 -50.65 -14.54
CA LEU C 74 -7.21 -49.35 -14.53
C LEU C 74 -7.33 -48.66 -13.18
N SER C 75 -8.50 -48.74 -12.54
CA SER C 75 -8.72 -47.92 -11.34
C SER C 75 -7.72 -48.27 -10.25
N ASP C 76 -7.52 -49.57 -9.99
CA ASP C 76 -6.59 -49.97 -8.94
C ASP C 76 -5.12 -49.84 -9.37
N TRP C 77 -4.84 -49.93 -10.68
CA TRP C 77 -3.45 -49.83 -11.13
C TRP C 77 -2.95 -48.40 -11.07
N ARG C 78 -3.77 -47.43 -11.49
CA ARG C 78 -3.31 -46.05 -11.50
C ARG C 78 -3.17 -45.46 -10.10
N THR C 79 -3.73 -46.11 -9.09
CA THR C 79 -3.61 -45.66 -7.71
C THR C 79 -2.49 -46.38 -6.94
N LEU C 80 -1.86 -47.39 -7.52
CA LEU C 80 -0.65 -47.92 -6.91
C LEU C 80 0.42 -46.83 -6.88
N SER C 81 1.42 -47.04 -6.03
CA SER C 81 2.59 -46.15 -6.03
C SER C 81 3.45 -46.40 -7.26
N TYR C 82 4.26 -45.41 -7.63
CA TYR C 82 5.23 -45.61 -8.71
C TYR C 82 6.17 -46.76 -8.39
N VAL C 83 6.62 -46.86 -7.14
CA VAL C 83 7.58 -47.91 -6.76
CA VAL C 83 7.59 -47.90 -6.80
C VAL C 83 6.98 -49.29 -7.01
N GLU C 84 5.70 -49.47 -6.67
CA GLU C 84 5.06 -50.76 -6.86
C GLU C 84 4.97 -51.11 -8.34
N ARG C 85 4.56 -50.15 -9.18
CA ARG C 85 4.49 -50.43 -10.61
C ARG C 85 5.88 -50.74 -11.17
N ALA C 86 6.91 -50.02 -10.72
CA ALA C 86 8.25 -50.24 -11.23
C ALA C 86 8.74 -51.65 -10.89
N ALA C 87 8.37 -52.17 -9.72
CA ALA C 87 8.82 -53.48 -9.29
C ALA C 87 8.36 -54.57 -10.26
N TYR C 88 7.13 -54.47 -10.76
CA TYR C 88 6.67 -55.44 -11.75
C TYR C 88 7.50 -55.37 -13.03
N LEU C 89 7.82 -54.16 -13.49
CA LEU C 89 8.58 -54.01 -14.72
CA LEU C 89 8.57 -54.03 -14.73
C LEU C 89 9.97 -54.62 -14.59
N HIS C 90 10.65 -54.33 -13.47
CA HIS C 90 11.98 -54.89 -13.27
C HIS C 90 11.96 -56.42 -13.26
N LYS C 91 10.96 -57.00 -12.61
CA LYS C 91 10.85 -58.46 -12.58
C LYS C 91 10.62 -59.02 -13.98
N ALA C 92 9.75 -58.37 -14.76
CA ALA C 92 9.52 -58.81 -16.13
C ALA C 92 10.82 -58.76 -16.94
N ALA C 93 11.61 -57.70 -16.78
CA ALA C 93 12.88 -57.61 -17.49
C ALA C 93 13.83 -58.73 -17.10
N ASP C 94 13.88 -59.05 -15.80
CA ASP C 94 14.74 -60.14 -15.35
C ASP C 94 14.36 -61.46 -16.00
N ILE C 95 13.07 -61.73 -16.13
CA ILE C 95 12.63 -62.96 -16.78
C ILE C 95 13.02 -62.96 -18.26
N LEU C 96 12.90 -61.80 -18.94
CA LEU C 96 13.28 -61.75 -20.35
C LEU C 96 14.76 -62.06 -20.55
N VAL C 97 15.62 -61.51 -19.70
CA VAL C 97 17.04 -61.83 -19.75
C VAL C 97 17.26 -63.33 -19.58
N ARG C 98 16.57 -63.92 -18.60
CA ARG C 98 16.70 -65.36 -18.33
C ARG C 98 16.33 -66.18 -19.55
N ASP C 99 15.27 -65.79 -20.26
CA ASP C 99 14.72 -66.55 -21.38
C ASP C 99 15.13 -65.98 -22.74
N ALA C 100 16.20 -65.19 -22.78
CA ALA C 100 16.54 -64.49 -24.02
C ALA C 100 16.88 -65.47 -25.14
N GLU C 101 17.62 -66.54 -24.84
CA GLU C 101 17.96 -67.51 -25.88
C GLU C 101 16.71 -68.23 -26.37
N LYS C 102 15.87 -68.68 -25.45
CA LYS C 102 14.64 -69.38 -25.80
C LYS C 102 13.71 -68.52 -26.66
N ILE C 103 13.48 -67.28 -26.24
CA ILE C 103 12.60 -66.39 -27.00
C ILE C 103 13.24 -66.01 -28.33
N GLY C 104 14.51 -65.61 -28.31
CA GLY C 104 15.18 -65.20 -29.53
C GLY C 104 15.28 -66.29 -30.57
N ALA C 105 15.34 -67.56 -30.15
CA ALA C 105 15.36 -68.65 -31.10
C ALA C 105 14.07 -68.71 -31.92
N ILE C 106 12.93 -68.41 -31.28
CA ILE C 106 11.65 -68.46 -31.98
C ILE C 106 11.43 -67.19 -32.79
N LEU C 107 11.81 -66.04 -32.23
CA LEU C 107 11.70 -64.78 -32.97
C LEU C 107 12.49 -64.84 -34.27
N SER C 108 13.70 -65.40 -34.22
CA SER C 108 14.50 -65.58 -35.42
C SER C 108 13.73 -66.32 -36.51
N LYS C 109 13.13 -67.45 -36.15
CA LYS C 109 12.36 -68.21 -37.14
C LYS C 109 11.16 -67.42 -37.64
N GLU C 110 10.48 -66.69 -36.74
CA GLU C 110 9.18 -66.11 -37.10
C GLU C 110 9.32 -64.97 -38.11
N VAL C 111 10.39 -64.17 -38.02
CA VAL C 111 10.56 -63.03 -38.91
C VAL C 111 11.86 -63.12 -39.70
N ALA C 112 12.49 -64.29 -39.74
CA ALA C 112 13.69 -64.53 -40.54
C ALA C 112 14.78 -63.51 -40.19
N LYS C 113 14.95 -63.28 -38.90
CA LYS C 113 16.04 -62.47 -38.38
C LYS C 113 17.14 -63.40 -37.88
N GLY C 114 18.39 -62.99 -38.07
CA GLY C 114 19.52 -63.78 -37.62
C GLY C 114 19.37 -64.20 -36.19
N HIS C 115 19.76 -65.44 -35.88
N HIS C 115 19.78 -65.44 -35.88
CA HIS C 115 19.59 -65.98 -34.53
CA HIS C 115 19.59 -65.98 -34.54
C HIS C 115 20.20 -65.05 -33.48
C HIS C 115 20.21 -65.07 -33.47
N LYS C 116 21.48 -64.71 -33.65
CA LYS C 116 22.13 -63.86 -32.65
C LYS C 116 21.49 -62.49 -32.57
N ALA C 117 21.12 -61.91 -33.72
CA ALA C 117 20.44 -60.63 -33.72
C ALA C 117 19.12 -60.69 -32.96
N ALA C 118 18.40 -61.82 -33.08
CA ALA C 118 17.11 -61.96 -32.41
C ALA C 118 17.29 -62.05 -30.90
N VAL C 119 18.28 -62.81 -30.44
CA VAL C 119 18.58 -62.83 -29.01
C VAL C 119 18.95 -61.43 -28.53
N SER C 120 19.77 -60.70 -29.30
CA SER C 120 20.15 -59.34 -28.93
C SER C 120 18.93 -58.44 -28.80
N GLU C 121 17.93 -58.64 -29.67
CA GLU C 121 16.70 -57.87 -29.58
C GLU C 121 16.03 -58.05 -28.21
N VAL C 122 15.99 -59.28 -27.70
CA VAL C 122 15.34 -59.53 -26.41
C VAL C 122 16.12 -58.86 -25.28
N ILE C 123 17.44 -59.00 -25.30
CA ILE C 123 18.28 -58.37 -24.29
C ILE C 123 18.06 -56.86 -24.27
N ARG C 124 17.99 -56.24 -25.46
CA ARG C 124 17.80 -54.79 -25.53
C ARG C 124 16.42 -54.40 -25.01
N THR C 125 15.42 -55.24 -25.23
CA THR C 125 14.09 -54.98 -24.71
C THR C 125 14.08 -54.94 -23.18
N ALA C 126 14.80 -55.87 -22.54
CA ALA C 126 14.93 -55.82 -21.09
C ALA C 126 15.59 -54.53 -20.64
N GLU C 127 16.59 -54.05 -21.37
CA GLU C 127 17.24 -52.80 -20.99
C GLU C 127 16.27 -51.63 -21.07
N ILE C 128 15.42 -51.59 -22.10
CA ILE C 128 14.44 -50.52 -22.24
C ILE C 128 13.42 -50.57 -21.11
N ILE C 129 12.98 -51.79 -20.74
CA ILE C 129 11.97 -51.93 -19.70
C ILE C 129 12.51 -51.46 -18.35
N ASN C 130 13.73 -51.88 -17.99
CA ASN C 130 14.35 -51.43 -16.76
C ASN C 130 14.51 -49.92 -16.73
N TYR C 131 14.98 -49.33 -17.84
CA TYR C 131 15.21 -47.88 -17.90
C TYR C 131 13.90 -47.11 -17.81
N ALA C 132 12.84 -47.62 -18.44
CA ALA C 132 11.55 -46.95 -18.37
C ALA C 132 11.01 -46.95 -16.95
N ALA C 133 11.22 -48.03 -16.21
CA ALA C 133 10.73 -48.09 -14.84
C ALA C 133 11.38 -47.02 -13.98
N GLU C 134 12.69 -46.85 -14.10
CA GLU C 134 13.41 -45.89 -13.27
C GLU C 134 13.22 -44.46 -13.75
N GLU C 135 13.04 -44.26 -15.06
CA GLU C 135 12.73 -42.94 -15.59
C GLU C 135 11.35 -42.49 -15.12
N GLY C 136 10.36 -43.37 -15.20
CA GLY C 136 8.99 -42.96 -14.92
C GLY C 136 8.72 -42.73 -13.44
N LEU C 137 9.32 -43.53 -12.57
CA LEU C 137 8.94 -43.45 -11.17
C LEU C 137 9.39 -42.15 -10.50
N ARG C 138 10.30 -41.39 -11.11
CA ARG C 138 10.76 -40.14 -10.52
C ARG C 138 10.28 -38.92 -11.30
N MET C 139 9.32 -39.09 -12.21
CA MET C 139 8.69 -37.93 -12.83
C MET C 139 8.10 -37.04 -11.75
N GLU C 140 8.01 -35.76 -12.04
CA GLU C 140 7.56 -34.78 -11.06
C GLU C 140 6.42 -33.94 -11.62
N GLY C 141 5.70 -33.29 -10.71
CA GLY C 141 4.76 -32.26 -11.07
C GLY C 141 5.37 -30.88 -10.90
N GLU C 142 4.53 -29.86 -11.10
CA GLU C 142 4.99 -28.48 -11.00
C GLU C 142 3.96 -27.66 -10.24
N VAL C 143 4.42 -26.57 -9.63
CA VAL C 143 3.55 -25.59 -8.98
C VAL C 143 3.78 -24.25 -9.65
N LEU C 144 2.70 -23.67 -10.17
CA LEU C 144 2.74 -22.41 -10.89
C LEU C 144 2.09 -21.31 -10.09
N GLU C 145 2.61 -20.10 -10.27
CA GLU C 145 2.21 -18.93 -9.49
C GLU C 145 1.27 -18.06 -10.30
N GLY C 146 0.11 -17.75 -9.72
CA GLY C 146 -0.79 -16.82 -10.36
C GLY C 146 -0.17 -15.45 -10.61
N GLY C 147 0.69 -15.01 -9.70
CA GLY C 147 1.31 -13.70 -9.78
C GLY C 147 2.42 -13.56 -10.79
N SER C 148 2.75 -14.65 -11.50
CA SER C 148 3.59 -14.53 -12.68
C SER C 148 2.86 -13.83 -13.81
N PHE C 149 1.52 -13.92 -13.82
CA PHE C 149 0.70 -13.40 -14.91
C PHE C 149 -0.15 -12.19 -14.53
N GLU C 150 -0.72 -12.14 -13.32
CA GLU C 150 -1.47 -10.96 -12.92
C GLU C 150 -1.40 -10.76 -11.42
N ALA C 151 -1.19 -9.50 -11.02
CA ALA C 151 -0.98 -9.19 -9.62
C ALA C 151 -2.16 -9.62 -8.76
N ALA C 152 -3.38 -9.46 -9.27
CA ALA C 152 -4.56 -9.78 -8.46
C ALA C 152 -4.65 -11.26 -8.11
N SER C 153 -3.95 -12.13 -8.83
CA SER C 153 -3.98 -13.57 -8.57
C SER C 153 -2.71 -14.06 -7.87
N LYS C 154 -1.99 -13.17 -7.17
CA LYS C 154 -0.71 -13.56 -6.59
C LYS C 154 -0.84 -14.63 -5.51
N LYS C 155 -2.01 -14.77 -4.87
CA LYS C 155 -2.20 -15.80 -3.86
C LYS C 155 -2.78 -17.11 -4.42
N LYS C 156 -3.03 -17.17 -5.73
CA LYS C 156 -3.57 -18.35 -6.39
C LYS C 156 -2.42 -19.17 -6.98
N ILE C 157 -2.32 -20.44 -6.58
CA ILE C 157 -1.31 -21.34 -7.11
C ILE C 157 -1.96 -22.58 -7.71
N ALA C 158 -1.27 -23.20 -8.66
CA ALA C 158 -1.73 -24.40 -9.35
C ALA C 158 -0.78 -25.54 -9.03
N ILE C 159 -1.32 -26.61 -8.46
CA ILE C 159 -0.57 -27.84 -8.18
C ILE C 159 -0.86 -28.79 -9.34
N VAL C 160 0.15 -29.00 -10.19
CA VAL C 160 0.00 -29.76 -11.44
C VAL C 160 0.73 -31.09 -11.29
N ARG C 161 -0.03 -32.18 -11.37
CA ARG C 161 0.51 -33.53 -11.24
C ARG C 161 0.19 -34.35 -12.48
N ARG C 162 1.02 -35.37 -12.70
CA ARG C 162 0.87 -36.25 -13.86
C ARG C 162 -0.16 -37.33 -13.59
N GLU C 163 -0.85 -37.74 -14.64
CA GLU C 163 -1.80 -38.84 -14.59
C GLU C 163 -1.72 -39.63 -15.88
N PRO C 164 -2.10 -40.91 -15.85
CA PRO C 164 -2.15 -41.69 -17.10
C PRO C 164 -3.25 -41.19 -18.03
N VAL C 165 -3.15 -41.61 -19.30
CA VAL C 165 -4.21 -41.29 -20.26
C VAL C 165 -5.33 -42.33 -20.22
N GLY C 166 -5.03 -43.57 -19.82
CA GLY C 166 -6.03 -44.61 -19.69
C GLY C 166 -5.61 -45.92 -20.31
N LEU C 167 -6.36 -46.41 -21.30
CA LEU C 167 -6.01 -47.65 -22.01
C LEU C 167 -5.20 -47.32 -23.27
N VAL C 168 -3.99 -47.86 -23.35
CA VAL C 168 -3.11 -47.68 -24.49
C VAL C 168 -3.21 -48.92 -25.39
N LEU C 169 -3.51 -48.70 -26.66
CA LEU C 169 -3.41 -49.75 -27.68
C LEU C 169 -2.02 -49.69 -28.30
N ALA C 170 -1.22 -50.72 -28.04
CA ALA C 170 0.13 -50.87 -28.57
C ALA C 170 0.12 -51.84 -29.74
N ILE C 171 0.64 -51.41 -30.88
CA ILE C 171 0.69 -52.21 -32.09
C ILE C 171 2.16 -52.31 -32.52
N SER C 172 2.72 -53.51 -32.44
CA SER C 172 4.13 -53.73 -32.71
C SER C 172 4.36 -54.10 -34.16
N PRO C 173 5.60 -53.94 -34.65
CA PRO C 173 5.90 -54.21 -36.07
C PRO C 173 6.55 -55.57 -36.26
N PHE C 174 6.53 -56.12 -37.47
CA PHE C 174 7.14 -57.43 -37.65
C PHE C 174 8.65 -57.39 -37.50
N ASN C 175 9.31 -56.26 -37.80
CA ASN C 175 10.77 -56.28 -37.84
C ASN C 175 11.39 -56.13 -36.46
N TYR C 176 10.62 -55.72 -35.44
CA TYR C 176 11.08 -55.72 -34.04
C TYR C 176 9.89 -56.10 -33.16
N PRO C 177 9.43 -57.35 -33.25
CA PRO C 177 8.16 -57.71 -32.59
C PRO C 177 8.25 -57.82 -31.07
N VAL C 178 9.44 -57.76 -30.51
CA VAL C 178 9.63 -57.74 -29.07
C VAL C 178 10.17 -56.38 -28.59
N ASN C 179 11.19 -55.86 -29.27
CA ASN C 179 11.78 -54.56 -28.91
C ASN C 179 10.77 -53.43 -29.06
N LEU C 180 10.03 -53.39 -30.17
CA LEU C 180 9.06 -52.32 -30.38
C LEU C 180 7.64 -52.74 -29.98
N ALA C 181 7.52 -53.79 -29.18
CA ALA C 181 6.41 -53.97 -28.26
C ALA C 181 6.76 -53.40 -26.89
N GLY C 182 7.90 -53.83 -26.33
CA GLY C 182 8.31 -53.38 -25.00
C GLY C 182 8.56 -51.90 -24.91
N SER C 183 9.02 -51.28 -26.01
CA SER C 183 9.20 -49.84 -26.07
C SER C 183 7.91 -49.08 -25.83
N LYS C 184 6.76 -49.70 -26.05
CA LYS C 184 5.46 -49.10 -25.77
C LYS C 184 4.91 -49.53 -24.42
N ILE C 185 5.00 -50.82 -24.12
CA ILE C 185 4.36 -51.39 -22.93
C ILE C 185 4.93 -50.78 -21.66
N ALA C 186 6.27 -50.77 -21.54
CA ALA C 186 6.86 -50.35 -20.27
C ALA C 186 6.64 -48.88 -19.99
N PRO C 187 6.89 -47.96 -20.93
CA PRO C 187 6.56 -46.54 -20.66
C PRO C 187 5.11 -46.33 -20.33
N ALA C 188 4.20 -47.06 -20.99
CA ALA C 188 2.78 -46.91 -20.68
C ALA C 188 2.48 -47.37 -19.26
N LEU C 189 3.04 -48.49 -18.83
CA LEU C 189 2.67 -49.09 -17.56
C LEU C 189 3.21 -48.28 -16.37
N ILE C 190 4.44 -47.77 -16.46
CA ILE C 190 5.01 -47.06 -15.31
C ILE C 190 4.19 -45.82 -14.98
N ALA C 191 3.59 -45.19 -16.00
CA ALA C 191 2.77 -43.99 -15.83
C ALA C 191 1.38 -44.26 -15.29
N GLY C 192 1.01 -45.53 -15.11
CA GLY C 192 -0.32 -45.87 -14.63
C GLY C 192 -1.34 -46.20 -15.69
N ASN C 193 -0.95 -46.26 -16.97
CA ASN C 193 -1.84 -46.73 -18.02
C ASN C 193 -1.98 -48.25 -17.97
N VAL C 194 -3.08 -48.76 -18.53
CA VAL C 194 -3.22 -50.18 -18.85
C VAL C 194 -3.00 -50.34 -20.34
N VAL C 195 -2.61 -51.54 -20.77
CA VAL C 195 -2.15 -51.78 -22.14
C VAL C 195 -2.78 -53.03 -22.75
N ALA C 196 -3.13 -52.93 -24.03
CA ALA C 196 -3.45 -54.07 -24.87
C ALA C 196 -2.46 -54.09 -26.03
N LEU C 197 -1.76 -55.21 -26.21
CA LEU C 197 -0.79 -55.38 -27.29
C LEU C 197 -1.42 -56.16 -28.43
N LYS C 198 -1.47 -55.53 -29.62
CA LYS C 198 -1.85 -56.20 -30.86
C LYS C 198 -0.61 -56.42 -31.70
N PRO C 199 -0.04 -57.62 -31.74
CA PRO C 199 1.10 -57.85 -32.62
C PRO C 199 0.65 -58.06 -34.06
N PRO C 200 1.54 -57.90 -35.03
CA PRO C 200 1.22 -58.34 -36.39
C PRO C 200 1.11 -59.86 -36.40
N THR C 201 0.35 -60.39 -37.36
CA THR C 201 0.23 -61.85 -37.43
C THR C 201 1.60 -62.48 -37.53
N GLN C 202 2.44 -62.01 -38.45
CA GLN C 202 3.83 -62.43 -38.52
C GLN C 202 4.60 -61.66 -37.45
N GLY C 203 4.85 -62.33 -36.32
CA GLY C 203 5.33 -61.68 -35.12
C GLY C 203 4.42 -61.85 -33.91
N SER C 204 3.28 -62.53 -34.04
CA SER C 204 2.36 -62.68 -32.91
C SER C 204 2.88 -63.69 -31.90
N ILE C 205 3.58 -64.73 -32.33
CA ILE C 205 4.14 -65.67 -31.37
C ILE C 205 5.15 -64.96 -30.46
N SER C 206 6.07 -64.21 -31.06
CA SER C 206 7.05 -63.46 -30.29
CA SER C 206 7.04 -63.47 -30.27
C SER C 206 6.35 -62.49 -29.33
N GLY C 207 5.26 -61.86 -29.78
CA GLY C 207 4.55 -60.95 -28.91
C GLY C 207 3.96 -61.65 -27.70
N LEU C 208 3.38 -62.84 -27.92
CA LEU C 208 2.81 -63.60 -26.82
C LEU C 208 3.87 -64.16 -25.90
N LEU C 209 5.05 -64.48 -26.44
CA LEU C 209 6.17 -64.90 -25.59
C LEU C 209 6.62 -63.76 -24.67
N LEU C 210 6.68 -62.54 -25.20
CA LEU C 210 6.89 -61.37 -24.36
C LEU C 210 5.83 -61.28 -23.27
N ALA C 211 4.56 -61.50 -23.63
CA ALA C 211 3.48 -61.42 -22.66
C ALA C 211 3.67 -62.43 -21.53
N GLU C 212 4.27 -63.59 -21.82
CA GLU C 212 4.49 -64.59 -20.78
C GLU C 212 5.37 -64.05 -19.68
N ALA C 213 6.42 -63.31 -20.04
CA ALA C 213 7.30 -62.73 -19.03
C ALA C 213 6.54 -61.80 -18.11
N PHE C 214 5.66 -60.96 -18.67
CA PHE C 214 4.90 -60.02 -17.83
C PHE C 214 3.92 -60.76 -16.94
N ALA C 215 3.31 -61.84 -17.45
CA ALA C 215 2.41 -62.62 -16.61
C ALA C 215 3.16 -63.29 -15.47
N GLU C 216 4.32 -63.87 -15.75
CA GLU C 216 5.09 -64.54 -14.71
C GLU C 216 5.60 -63.54 -13.67
N ALA C 217 5.88 -62.29 -14.08
CA ALA C 217 6.25 -61.25 -13.12
C ALA C 217 5.10 -60.86 -12.22
N GLY C 218 3.88 -61.33 -12.49
CA GLY C 218 2.76 -61.05 -11.63
C GLY C 218 1.98 -59.80 -11.94
N ILE C 219 2.08 -59.27 -13.15
CA ILE C 219 1.34 -58.05 -13.53
C ILE C 219 -0.13 -58.29 -13.21
N PRO C 220 -0.81 -57.35 -12.54
CA PRO C 220 -2.19 -57.63 -12.12
C PRO C 220 -3.10 -57.93 -13.30
N ALA C 221 -4.12 -58.74 -13.03
CA ALA C 221 -5.04 -59.19 -14.08
C ALA C 221 -5.66 -58.01 -14.79
N GLY C 222 -5.56 -57.99 -16.12
CA GLY C 222 -6.14 -56.93 -16.91
C GLY C 222 -5.26 -55.72 -17.13
N VAL C 223 -4.18 -55.56 -16.37
CA VAL C 223 -3.29 -54.41 -16.56
C VAL C 223 -2.55 -54.50 -17.89
N PHE C 224 -2.24 -55.72 -18.32
CA PHE C 224 -1.61 -55.97 -19.62
C PHE C 224 -2.29 -57.17 -20.26
N ASN C 225 -2.71 -57.01 -21.52
CA ASN C 225 -3.41 -58.06 -22.25
C ASN C 225 -2.92 -58.09 -23.69
N THR C 226 -3.23 -59.18 -24.39
CA THR C 226 -2.89 -59.32 -25.80
C THR C 226 -4.13 -59.61 -26.63
N ILE C 227 -4.07 -59.20 -27.89
CA ILE C 227 -5.09 -59.44 -28.91
C ILE C 227 -4.39 -60.02 -30.13
N THR C 228 -4.93 -61.11 -30.68
CA THR C 228 -4.47 -61.61 -31.97
C THR C 228 -5.68 -61.97 -32.82
N GLY C 229 -5.54 -61.83 -34.14
CA GLY C 229 -6.61 -62.20 -35.03
C GLY C 229 -6.41 -61.66 -36.43
N ARG C 230 -7.44 -61.85 -37.26
CA ARG C 230 -7.38 -61.51 -38.67
C ARG C 230 -7.86 -60.08 -38.91
N GLY C 231 -7.12 -59.36 -39.77
CA GLY C 231 -7.49 -57.99 -40.07
C GLY C 231 -8.89 -57.85 -40.60
N SER C 232 -9.30 -58.80 -41.44
CA SER C 232 -10.66 -58.76 -42.00
C SER C 232 -11.73 -58.93 -40.94
N VAL C 233 -11.41 -59.48 -39.79
CA VAL C 233 -12.39 -59.70 -38.73
C VAL C 233 -12.34 -58.59 -37.67
N ILE C 234 -11.14 -58.19 -37.23
CA ILE C 234 -11.00 -57.29 -36.09
C ILE C 234 -10.10 -56.09 -36.38
N GLY C 235 -9.54 -55.96 -37.57
CA GLY C 235 -8.54 -54.94 -37.84
C GLY C 235 -8.92 -53.52 -37.49
N ASP C 236 -10.00 -53.02 -38.09
CA ASP C 236 -10.48 -51.69 -37.75
C ASP C 236 -11.15 -51.67 -36.37
N TYR C 237 -11.77 -52.79 -35.98
CA TYR C 237 -12.55 -52.82 -34.74
C TYR C 237 -11.69 -52.51 -33.52
N ILE C 238 -10.47 -53.07 -33.48
CA ILE C 238 -9.62 -52.83 -32.32
C ILE C 238 -9.26 -51.36 -32.20
N VAL C 239 -9.16 -50.64 -33.32
CA VAL C 239 -8.72 -49.25 -33.30
C VAL C 239 -9.89 -48.30 -33.01
N GLU C 240 -11.07 -48.59 -33.57
CA GLU C 240 -12.20 -47.69 -33.43
C GLU C 240 -12.91 -47.82 -32.08
N HIS C 241 -12.62 -48.87 -31.31
CA HIS C 241 -13.32 -49.12 -30.06
C HIS C 241 -13.18 -47.94 -29.12
N GLU C 242 -14.30 -47.54 -28.50
CA GLU C 242 -14.31 -46.35 -27.64
C GLU C 242 -13.54 -46.56 -26.34
N ALA C 243 -13.26 -47.80 -25.95
CA ALA C 243 -12.50 -48.02 -24.73
C ALA C 243 -11.06 -47.55 -24.87
N VAL C 244 -10.51 -47.57 -26.09
CA VAL C 244 -9.13 -47.17 -26.31
C VAL C 244 -8.98 -45.66 -26.16
N ASN C 245 -8.00 -45.23 -25.37
CA ASN C 245 -7.73 -43.81 -25.14
C ASN C 245 -6.47 -43.30 -25.82
N PHE C 246 -5.65 -44.17 -26.40
CA PHE C 246 -4.34 -43.79 -26.93
C PHE C 246 -3.88 -44.90 -27.86
N ILE C 247 -3.38 -44.54 -29.04
CA ILE C 247 -2.92 -45.51 -30.03
C ILE C 247 -1.44 -45.26 -30.28
N ASN C 248 -0.64 -46.30 -30.11
CA ASN C 248 0.82 -46.24 -30.24
C ASN C 248 1.21 -47.30 -31.27
N PHE C 249 1.54 -46.88 -32.48
CA PHE C 249 1.69 -47.77 -33.63
C PHE C 249 3.07 -47.67 -34.28
N THR C 250 3.66 -48.83 -34.60
CA THR C 250 4.84 -48.91 -35.45
C THR C 250 4.57 -49.89 -36.60
N GLY C 251 4.89 -49.46 -37.82
CA GLY C 251 4.61 -50.28 -38.99
C GLY C 251 4.73 -49.46 -40.27
N SER C 252 4.08 -49.96 -41.33
CA SER C 252 4.24 -49.34 -42.63
C SER C 252 3.50 -48.02 -42.72
N THR C 253 3.99 -47.15 -43.60
CA THR C 253 3.37 -45.84 -43.77
C THR C 253 1.93 -45.93 -44.23
N PRO C 254 1.57 -46.71 -45.26
CA PRO C 254 0.15 -46.78 -45.63
C PRO C 254 -0.74 -47.31 -44.50
N ILE C 255 -0.26 -48.28 -43.73
CA ILE C 255 -1.05 -48.75 -42.59
C ILE C 255 -1.16 -47.65 -41.54
N GLY C 256 -0.07 -46.94 -41.26
CA GLY C 256 -0.14 -45.84 -40.31
C GLY C 256 -1.11 -44.76 -40.72
N GLU C 257 -1.17 -44.44 -42.00
CA GLU C 257 -2.14 -43.44 -42.47
CA GLU C 257 -2.14 -43.44 -42.47
C GLU C 257 -3.56 -43.92 -42.23
N GLY C 258 -3.83 -45.20 -42.44
CA GLY C 258 -5.15 -45.72 -42.18
C GLY C 258 -5.55 -45.56 -40.73
N ILE C 259 -4.60 -45.78 -39.81
CA ILE C 259 -4.89 -45.63 -38.39
C ILE C 259 -5.18 -44.17 -38.05
N GLY C 260 -4.45 -43.23 -38.66
CA GLY C 260 -4.75 -41.83 -38.44
C GLY C 260 -6.19 -41.47 -38.78
N LYS C 261 -6.75 -42.12 -39.80
CA LYS C 261 -8.12 -41.83 -40.19
C LYS C 261 -9.14 -42.34 -39.18
N LEU C 262 -8.76 -43.27 -38.31
CA LEU C 262 -9.65 -43.86 -37.32
C LEU C 262 -9.41 -43.32 -35.92
N ALA C 263 -8.37 -42.52 -35.72
CA ALA C 263 -8.00 -42.07 -34.38
C ALA C 263 -9.06 -41.17 -33.76
N GLY C 264 -9.74 -40.36 -34.57
CA GLY C 264 -10.69 -39.41 -34.02
C GLY C 264 -9.99 -38.41 -33.13
N MET C 265 -10.51 -38.24 -31.90
CA MET C 265 -9.92 -37.34 -30.93
C MET C 265 -8.82 -37.99 -30.10
N ARG C 266 -8.58 -39.29 -30.25
CA ARG C 266 -7.58 -39.97 -29.43
C ARG C 266 -6.18 -39.55 -29.84
N PRO C 267 -5.30 -39.22 -28.90
CA PRO C 267 -3.90 -38.98 -29.28
C PRO C 267 -3.29 -40.26 -29.86
N ILE C 268 -2.40 -40.06 -30.84
CA ILE C 268 -1.75 -41.17 -31.52
C ILE C 268 -0.27 -40.89 -31.66
N MET C 269 0.52 -41.96 -31.67
CA MET C 269 1.93 -41.95 -32.04
C MET C 269 2.10 -42.92 -33.20
N LEU C 270 2.91 -42.51 -34.18
CA LEU C 270 3.14 -43.30 -35.38
C LEU C 270 4.64 -43.36 -35.66
N GLU C 271 5.14 -44.57 -35.90
CA GLU C 271 6.54 -44.82 -36.29
C GLU C 271 6.51 -45.53 -37.63
N LEU C 272 6.72 -44.80 -38.72
CA LEU C 272 6.47 -45.29 -40.06
C LEU C 272 7.79 -45.45 -40.82
N GLY C 273 7.74 -45.35 -42.15
CA GLY C 273 8.91 -45.61 -42.97
C GLY C 273 9.88 -44.45 -43.06
N GLY C 274 11.01 -44.74 -43.70
CA GLY C 274 12.05 -43.73 -43.90
C GLY C 274 12.78 -43.96 -45.20
N LYS C 275 13.52 -42.93 -45.62
CA LYS C 275 14.41 -43.02 -46.76
C LYS C 275 15.65 -42.18 -46.42
N ASP C 276 16.35 -42.60 -45.37
CA ASP C 276 17.40 -41.78 -44.78
C ASP C 276 18.52 -41.53 -45.79
N SER C 277 18.96 -40.28 -45.88
CA SER C 277 20.08 -39.94 -46.75
CA SER C 277 20.07 -39.90 -46.74
C SER C 277 21.39 -39.95 -45.96
N ALA C 278 22.44 -40.39 -46.63
CA ALA C 278 23.81 -40.26 -46.14
C ALA C 278 24.50 -39.25 -47.05
N ILE C 279 24.77 -38.06 -46.53
CA ILE C 279 25.41 -36.99 -47.28
C ILE C 279 26.91 -37.08 -47.05
N VAL C 280 27.69 -37.23 -48.13
CA VAL C 280 29.13 -37.44 -48.03
C VAL C 280 29.86 -36.27 -48.72
N LEU C 281 30.59 -35.48 -47.94
CA LEU C 281 31.27 -34.30 -48.45
C LEU C 281 32.71 -34.62 -48.86
N GLU C 282 33.34 -33.65 -49.53
CA GLU C 282 34.65 -33.90 -50.13
C GLU C 282 35.73 -34.20 -49.08
N ASP C 283 35.57 -33.68 -47.87
CA ASP C 283 36.56 -33.89 -46.81
C ASP C 283 36.25 -35.09 -45.92
N ALA C 284 35.33 -35.97 -46.32
CA ALA C 284 34.94 -37.07 -45.46
C ALA C 284 36.00 -38.16 -45.42
N ASP C 285 36.01 -38.91 -44.31
CA ASP C 285 36.74 -40.18 -44.23
C ASP C 285 35.93 -41.21 -45.01
N LEU C 286 36.38 -41.52 -46.23
CA LEU C 286 35.55 -42.31 -47.14
C LEU C 286 35.48 -43.78 -46.73
N ALA C 287 36.55 -44.35 -46.18
CA ALA C 287 36.48 -45.72 -45.69
C ALA C 287 35.52 -45.85 -44.51
N LEU C 288 35.54 -44.88 -43.60
CA LEU C 288 34.60 -44.89 -42.48
C LEU C 288 33.17 -44.66 -42.96
N ALA C 289 32.98 -43.73 -43.89
CA ALA C 289 31.66 -43.53 -44.46
C ALA C 289 31.13 -44.82 -45.09
N ALA C 290 31.96 -45.50 -45.87
CA ALA C 290 31.54 -46.74 -46.51
C ALA C 290 31.15 -47.78 -45.47
N LYS C 291 31.94 -47.91 -44.41
CA LYS C 291 31.66 -48.91 -43.38
C LYS C 291 30.31 -48.66 -42.71
N ASN C 292 30.06 -47.41 -42.30
CA ASN C 292 28.79 -47.06 -41.69
C ASN C 292 27.63 -47.20 -42.65
N ILE C 293 27.80 -46.72 -43.89
CA ILE C 293 26.75 -46.81 -44.89
C ILE C 293 26.30 -48.25 -45.09
N VAL C 294 27.25 -49.17 -45.29
CA VAL C 294 26.90 -50.55 -45.60
C VAL C 294 26.27 -51.24 -44.39
N ALA C 295 26.81 -50.98 -43.18
CA ALA C 295 26.21 -51.53 -41.97
C ALA C 295 24.76 -51.08 -41.80
N GLY C 296 24.49 -49.79 -42.01
CA GLY C 296 23.15 -49.28 -41.79
C GLY C 296 22.17 -49.69 -42.88
N ALA C 297 22.63 -49.66 -44.14
CA ALA C 297 21.73 -49.93 -45.25
C ALA C 297 21.29 -51.38 -45.32
N PHE C 298 22.17 -52.32 -44.96
CA PHE C 298 21.93 -53.73 -45.24
C PHE C 298 21.67 -54.59 -44.00
N GLY C 299 21.67 -54.00 -42.81
CA GLY C 299 21.25 -54.73 -41.63
C GLY C 299 19.83 -55.27 -41.80
N TYR C 300 19.62 -56.52 -41.36
CA TYR C 300 18.32 -57.19 -41.50
C TYR C 300 17.77 -57.02 -42.92
N SER C 301 18.68 -57.10 -43.90
CA SER C 301 18.33 -57.09 -45.32
C SER C 301 17.64 -55.79 -45.74
N GLY C 302 17.89 -54.71 -45.02
CA GLY C 302 17.30 -53.44 -45.34
C GLY C 302 15.89 -53.24 -44.83
N GLN C 303 15.38 -54.15 -44.01
CA GLN C 303 14.00 -54.11 -43.52
C GLN C 303 13.92 -53.33 -42.22
N ARG C 304 14.34 -52.06 -42.30
CA ARG C 304 14.34 -51.15 -41.17
C ARG C 304 13.98 -49.75 -41.66
N SER C 305 13.11 -49.07 -40.92
CA SER C 305 12.74 -47.71 -41.30
CA SER C 305 12.73 -47.70 -41.28
C SER C 305 13.90 -46.73 -41.10
N THR C 306 14.70 -46.94 -40.05
CA THR C 306 15.91 -46.15 -39.81
C THR C 306 17.10 -46.93 -40.34
N ALA C 307 17.65 -46.45 -41.46
CA ALA C 307 18.66 -47.17 -42.23
C ALA C 307 19.06 -46.29 -43.41
N VAL C 308 20.35 -46.16 -43.71
CA VAL C 308 20.75 -45.41 -44.90
C VAL C 308 20.10 -46.03 -46.12
N LYS C 309 19.30 -45.25 -46.86
CA LYS C 309 18.64 -45.74 -48.05
C LYS C 309 19.00 -44.99 -49.32
N ARG C 310 19.82 -43.95 -49.22
CA ARG C 310 20.35 -43.31 -50.42
C ARG C 310 21.61 -42.55 -50.04
N VAL C 311 22.64 -42.68 -50.86
CA VAL C 311 23.90 -41.95 -50.69
C VAL C 311 23.86 -40.74 -51.61
N LEU C 312 23.99 -39.55 -51.04
CA LEU C 312 24.12 -38.30 -51.79
C LEU C 312 25.58 -37.85 -51.63
N VAL C 313 26.39 -38.06 -52.67
CA VAL C 313 27.84 -37.90 -52.55
C VAL C 313 28.34 -36.84 -53.51
N MET C 314 29.22 -35.97 -53.02
CA MET C 314 29.84 -34.97 -53.88
C MET C 314 30.67 -35.66 -54.96
N ASP C 315 30.53 -35.19 -56.21
CA ASP C 315 31.04 -35.97 -57.33
C ASP C 315 32.56 -36.20 -57.26
N LYS C 316 33.31 -35.27 -56.64
CA LYS C 316 34.76 -35.40 -56.65
C LYS C 316 35.27 -36.61 -55.88
N VAL C 317 34.49 -37.11 -54.91
CA VAL C 317 34.86 -38.30 -54.14
C VAL C 317 33.96 -39.48 -54.41
N ALA C 318 33.03 -39.36 -55.39
CA ALA C 318 32.06 -40.41 -55.63
C ALA C 318 32.71 -41.70 -56.12
N ASP C 319 33.64 -41.60 -57.07
CA ASP C 319 34.28 -42.81 -57.60
C ASP C 319 34.97 -43.59 -56.49
N GLN C 320 35.71 -42.90 -55.62
CA GLN C 320 36.41 -43.57 -54.53
C GLN C 320 35.44 -44.15 -53.52
N LEU C 321 34.40 -43.39 -53.15
CA LEU C 321 33.42 -43.90 -52.21
C LEU C 321 32.74 -45.15 -52.75
N ALA C 322 32.30 -45.10 -54.02
CA ALA C 322 31.57 -46.22 -54.59
C ALA C 322 32.40 -47.51 -54.55
N ALA C 323 33.70 -47.41 -54.82
CA ALA C 323 34.55 -48.60 -54.78
C ALA C 323 34.68 -49.14 -53.36
N GLU C 324 34.77 -48.25 -52.37
CA GLU C 324 34.83 -48.69 -50.98
C GLU C 324 33.54 -49.39 -50.57
N ILE C 325 32.39 -48.87 -50.99
CA ILE C 325 31.12 -49.51 -50.65
C ILE C 325 30.98 -50.84 -51.38
N LYS C 326 31.37 -50.88 -52.66
CA LYS C 326 31.27 -52.11 -53.44
C LYS C 326 32.05 -53.25 -52.79
N THR C 327 33.27 -52.95 -52.34
CA THR C 327 34.09 -54.00 -51.72
CA THR C 327 34.10 -53.99 -51.71
C THR C 327 33.37 -54.63 -50.54
N LEU C 328 32.70 -53.81 -49.72
CA LEU C 328 32.03 -54.32 -48.53
C LEU C 328 30.77 -55.09 -48.90
N VAL C 329 29.98 -54.58 -49.86
CA VAL C 329 28.75 -55.25 -50.23
C VAL C 329 29.05 -56.63 -50.80
N GLU C 330 30.15 -56.74 -51.56
CA GLU C 330 30.52 -58.03 -52.14
C GLU C 330 30.81 -59.08 -51.08
N LYS C 331 31.22 -58.67 -49.88
CA LYS C 331 31.61 -59.59 -48.82
C LYS C 331 30.45 -60.00 -47.92
N LEU C 332 29.30 -59.34 -48.02
CA LEU C 332 28.17 -59.70 -47.17
C LEU C 332 27.73 -61.13 -47.42
N SER C 333 27.49 -61.87 -46.34
CA SER C 333 26.99 -63.24 -46.45
C SER C 333 25.50 -63.24 -46.74
N VAL C 334 25.07 -64.16 -47.59
CA VAL C 334 23.69 -64.28 -48.04
C VAL C 334 23.23 -65.69 -47.71
N GLY C 335 22.20 -65.80 -46.87
CA GLY C 335 21.76 -67.15 -46.49
C GLY C 335 20.68 -67.12 -45.43
N MET C 336 20.73 -68.19 -44.52
CA MET C 336 19.64 -68.49 -43.61
C MET C 336 19.83 -67.82 -42.24
N PRO C 337 18.72 -67.52 -41.57
CA PRO C 337 18.83 -66.91 -40.23
C PRO C 337 19.59 -67.75 -39.22
N GLU C 338 19.37 -69.07 -39.22
CA GLU C 338 20.07 -69.93 -38.26
C GLU C 338 21.58 -69.84 -38.41
N ASP C 339 22.08 -69.47 -39.59
CA ASP C 339 23.51 -69.32 -39.83
C ASP C 339 23.99 -67.88 -39.65
N ASP C 340 23.14 -66.99 -39.17
CA ASP C 340 23.53 -65.60 -38.89
C ASP C 340 24.07 -64.90 -40.14
N ALA C 341 23.48 -65.19 -41.29
CA ALA C 341 23.83 -64.47 -42.51
C ALA C 341 23.53 -62.98 -42.36
N ASP C 342 24.37 -62.16 -43.01
CA ASP C 342 24.10 -60.73 -43.09
C ASP C 342 22.79 -60.45 -43.81
N ILE C 343 22.57 -61.11 -44.95
CA ILE C 343 21.39 -60.94 -45.78
C ILE C 343 20.55 -62.20 -45.67
N THR C 344 19.35 -62.08 -45.13
CA THR C 344 18.41 -63.17 -44.95
C THR C 344 17.19 -63.00 -45.85
N PRO C 345 16.35 -64.03 -45.97
CA PRO C 345 15.17 -63.91 -46.84
C PRO C 345 14.21 -62.84 -46.33
N LEU C 346 13.55 -62.16 -47.26
CA LEU C 346 12.61 -61.10 -46.90
C LEU C 346 11.31 -61.70 -46.35
N ILE C 347 10.50 -60.83 -45.74
CA ILE C 347 9.41 -61.29 -44.87
C ILE C 347 8.36 -62.08 -45.64
N ASP C 348 8.09 -61.72 -46.90
CA ASP C 348 7.17 -62.52 -47.71
C ASP C 348 7.39 -62.22 -49.18
N THR C 349 6.61 -62.90 -50.04
CA THR C 349 6.84 -62.85 -51.48
C THR C 349 6.49 -61.49 -52.05
N SER C 350 5.41 -60.86 -51.57
CA SER C 350 5.05 -59.54 -52.08
CA SER C 350 5.05 -59.54 -52.08
C SER C 350 6.16 -58.53 -51.80
N ALA C 351 6.83 -58.65 -50.66
CA ALA C 351 7.92 -57.72 -50.33
C ALA C 351 9.07 -57.88 -51.32
N ALA C 352 9.46 -59.12 -51.57
CA ALA C 352 10.55 -59.37 -52.51
C ALA C 352 10.19 -58.95 -53.92
N ASP C 353 8.96 -59.24 -54.36
CA ASP C 353 8.52 -58.77 -55.67
C ASP C 353 8.70 -57.26 -55.79
N PHE C 354 8.33 -56.52 -54.74
CA PHE C 354 8.41 -55.07 -54.79
C PHE C 354 9.86 -54.61 -54.93
N VAL C 355 10.77 -55.26 -54.21
CA VAL C 355 12.17 -54.91 -54.30
C VAL C 355 12.73 -55.25 -55.68
N GLU C 356 12.34 -56.41 -56.22
CA GLU C 356 12.78 -56.78 -57.56
C GLU C 356 12.35 -55.73 -58.58
N GLY C 357 11.14 -55.17 -58.41
CA GLY C 357 10.65 -54.18 -59.37
C GLY C 357 11.40 -52.87 -59.31
N LEU C 358 11.84 -52.44 -58.12
CA LEU C 358 12.67 -51.26 -58.01
C LEU C 358 14.02 -51.47 -58.69
N ILE C 359 14.61 -52.64 -58.48
CA ILE C 359 15.88 -52.97 -59.12
C ILE C 359 15.72 -52.97 -60.64
N LYS C 360 14.63 -53.55 -61.14
CA LYS C 360 14.43 -53.59 -62.58
C LYS C 360 14.26 -52.18 -63.16
N ASP C 361 13.51 -51.31 -62.47
CA ASP C 361 13.35 -49.94 -62.95
C ASP C 361 14.70 -49.24 -63.03
N ALA C 362 15.54 -49.39 -62.01
CA ALA C 362 16.86 -48.78 -62.01
C ALA C 362 17.72 -49.30 -63.16
N THR C 363 17.74 -50.62 -63.34
CA THR C 363 18.51 -51.21 -64.43
C THR C 363 18.03 -50.70 -65.78
N ASP C 364 16.72 -50.71 -66.00
CA ASP C 364 16.18 -50.32 -67.30
C ASP C 364 16.45 -48.87 -67.62
N LYS C 365 16.54 -48.01 -66.60
CA LYS C 365 16.79 -46.60 -66.80
C LYS C 365 18.28 -46.26 -66.82
N GLY C 366 19.15 -47.27 -66.73
CA GLY C 366 20.56 -47.08 -67.02
C GLY C 366 21.49 -46.97 -65.82
N ALA C 367 21.02 -47.26 -64.62
CA ALA C 367 21.91 -47.20 -63.46
C ALA C 367 22.95 -48.32 -63.55
N THR C 368 24.10 -48.09 -62.90
CA THR C 368 25.21 -49.03 -62.94
C THR C 368 25.09 -50.02 -61.80
N ALA C 369 24.91 -51.30 -62.11
CA ALA C 369 24.82 -52.34 -61.11
C ALA C 369 26.23 -52.76 -60.69
N LEU C 370 26.67 -52.29 -59.52
CA LEU C 370 28.00 -52.62 -59.02
C LEU C 370 28.06 -53.98 -58.36
N THR C 371 26.93 -54.51 -57.88
CA THR C 371 26.81 -55.89 -57.45
C THR C 371 25.57 -56.49 -58.13
N ALA C 372 25.57 -57.80 -58.25
CA ALA C 372 24.64 -58.50 -59.12
C ALA C 372 23.36 -58.90 -58.38
N PHE C 373 22.22 -58.61 -59.00
CA PHE C 373 20.94 -59.08 -58.50
C PHE C 373 20.83 -60.60 -58.67
N ASN C 374 20.40 -61.27 -57.62
CA ASN C 374 20.09 -62.70 -57.66
C ASN C 374 18.97 -62.94 -56.66
N ARG C 375 18.02 -63.81 -57.01
CA ARG C 375 16.90 -64.09 -56.13
C ARG C 375 16.60 -65.58 -56.15
N GLU C 376 16.57 -66.18 -54.96
CA GLU C 376 16.19 -67.58 -54.77
C GLU C 376 15.08 -67.60 -53.73
N GLY C 377 13.87 -67.95 -54.16
CA GLY C 377 12.73 -67.80 -53.28
C GLY C 377 12.55 -66.31 -53.01
N ASN C 378 12.55 -65.93 -51.74
CA ASN C 378 12.52 -64.52 -51.34
C ASN C 378 13.86 -64.05 -50.79
N LEU C 379 14.95 -64.77 -51.11
CA LEU C 379 16.30 -64.39 -50.70
C LEU C 379 16.94 -63.61 -51.86
N ILE C 380 17.01 -62.29 -51.72
CA ILE C 380 17.58 -61.41 -52.73
C ILE C 380 18.99 -61.05 -52.30
N SER C 381 19.96 -61.24 -53.20
CA SER C 381 21.34 -60.83 -52.92
C SER C 381 21.44 -59.31 -52.92
N PRO C 382 22.40 -58.75 -52.16
CA PRO C 382 22.46 -57.29 -52.01
C PRO C 382 22.93 -56.59 -53.28
N VAL C 383 22.18 -55.56 -53.69
CA VAL C 383 22.41 -54.86 -54.95
C VAL C 383 22.80 -53.41 -54.67
N LEU C 384 23.96 -53.02 -55.18
CA LEU C 384 24.47 -51.67 -55.10
C LEU C 384 24.42 -51.03 -56.49
N PHE C 385 23.75 -49.89 -56.60
CA PHE C 385 23.70 -49.14 -57.84
C PHE C 385 24.44 -47.81 -57.70
N ASP C 386 25.26 -47.48 -58.71
CA ASP C 386 25.86 -46.17 -58.87
C ASP C 386 25.18 -45.43 -60.02
N HIS C 387 25.47 -44.13 -60.12
CA HIS C 387 24.89 -43.26 -61.14
C HIS C 387 23.37 -43.36 -61.17
N VAL C 388 22.76 -43.37 -59.99
CA VAL C 388 21.30 -43.29 -59.91
C VAL C 388 20.88 -41.84 -60.07
N THR C 389 19.85 -41.61 -60.86
CA THR C 389 19.28 -40.27 -61.03
C THR C 389 17.85 -40.25 -60.48
N THR C 390 17.36 -39.04 -60.16
CA THR C 390 16.13 -38.89 -59.38
C THR C 390 14.86 -39.05 -60.22
N ASP C 391 14.97 -39.45 -61.48
CA ASP C 391 13.82 -39.99 -62.22
C ASP C 391 13.61 -41.48 -61.94
N MET C 392 14.46 -42.10 -61.14
CA MET C 392 14.38 -43.53 -60.87
C MET C 392 13.59 -43.77 -59.59
N ARG C 393 12.71 -44.77 -59.62
CA ARG C 393 11.89 -45.07 -58.44
C ARG C 393 12.78 -45.33 -57.23
N LEU C 394 13.92 -45.99 -57.42
CA LEU C 394 14.80 -46.34 -56.32
C LEU C 394 15.38 -45.13 -55.62
N ALA C 395 15.38 -43.95 -56.27
CA ALA C 395 15.86 -42.76 -55.59
C ALA C 395 14.93 -42.31 -54.46
N TRP C 396 13.68 -42.76 -54.45
CA TRP C 396 12.64 -42.21 -53.58
C TRP C 396 11.88 -43.27 -52.77
N GLU C 397 11.50 -44.38 -53.39
CA GLU C 397 10.62 -45.33 -52.75
C GLU C 397 11.38 -46.22 -51.76
N GLU C 398 10.75 -46.46 -50.61
CA GLU C 398 11.34 -47.27 -49.55
C GLU C 398 11.27 -48.76 -49.91
N PRO C 399 12.40 -49.44 -50.14
CA PRO C 399 12.31 -50.81 -50.65
C PRO C 399 11.95 -51.83 -49.57
N PHE C 400 12.47 -51.65 -48.35
CA PHE C 400 12.45 -52.70 -47.32
C PHE C 400 13.06 -53.98 -47.89
N GLY C 401 14.25 -53.81 -48.47
CA GLY C 401 15.00 -54.89 -49.04
C GLY C 401 16.43 -54.43 -49.28
N PRO C 402 17.29 -55.36 -49.69
CA PRO C 402 18.75 -55.09 -49.71
C PRO C 402 19.26 -54.48 -51.01
N VAL C 403 18.90 -53.21 -51.23
CA VAL C 403 19.29 -52.47 -52.43
C VAL C 403 19.58 -51.02 -52.05
N LEU C 404 20.70 -50.47 -52.55
CA LEU C 404 21.15 -49.14 -52.17
C LEU C 404 21.58 -48.32 -53.38
N PRO C 405 21.01 -47.12 -53.58
CA PRO C 405 21.49 -46.25 -54.68
C PRO C 405 22.51 -45.21 -54.26
N ILE C 406 23.48 -44.92 -55.13
CA ILE C 406 24.40 -43.80 -54.97
C ILE C 406 23.99 -42.73 -55.97
N ILE C 407 23.75 -41.52 -55.47
CA ILE C 407 23.33 -40.38 -56.27
C ILE C 407 24.40 -39.30 -56.17
N ARG C 408 24.95 -38.88 -57.31
CA ARG C 408 26.01 -37.88 -57.33
C ARG C 408 25.45 -36.47 -57.44
N VAL C 409 26.01 -35.57 -56.64
CA VAL C 409 25.65 -34.15 -56.63
C VAL C 409 26.93 -33.34 -56.75
N THR C 410 26.79 -32.05 -57.09
CA THR C 410 27.95 -31.18 -57.20
C THR C 410 27.99 -30.06 -56.16
N THR C 411 26.92 -29.83 -55.42
CA THR C 411 26.93 -28.88 -54.32
C THR C 411 26.20 -29.44 -53.10
N VAL C 412 26.54 -28.90 -51.92
CA VAL C 412 25.82 -29.31 -50.73
C VAL C 412 24.38 -28.81 -50.80
N GLU C 413 24.16 -27.64 -51.40
CA GLU C 413 22.81 -27.14 -51.57
C GLU C 413 21.95 -28.12 -52.36
N GLU C 414 22.51 -28.71 -53.43
CA GLU C 414 21.78 -29.71 -54.19
C GLU C 414 21.46 -30.93 -53.34
N ALA C 415 22.41 -31.37 -52.52
CA ALA C 415 22.18 -32.51 -51.65
C ALA C 415 21.05 -32.24 -50.65
N ILE C 416 21.05 -31.03 -50.09
CA ILE C 416 20.00 -30.67 -49.13
C ILE C 416 18.63 -30.66 -49.82
N LYS C 417 18.56 -30.08 -51.02
CA LYS C 417 17.29 -30.05 -51.75
C LYS C 417 16.78 -31.47 -52.04
N ILE C 418 17.65 -32.33 -52.56
CA ILE C 418 17.24 -33.70 -52.90
C ILE C 418 16.83 -34.44 -51.64
N SER C 419 17.58 -34.27 -50.55
CA SER C 419 17.21 -34.91 -49.29
C SER C 419 15.80 -34.51 -48.85
N ASN C 420 15.53 -33.20 -48.82
CA ASN C 420 14.24 -32.69 -48.32
C ASN C 420 13.08 -32.93 -49.29
N GLU C 421 13.38 -33.24 -50.56
CA GLU C 421 12.33 -33.54 -51.54
C GLU C 421 11.60 -34.84 -51.23
N SER C 422 12.19 -35.72 -50.42
CA SER C 422 11.53 -36.97 -50.06
C SER C 422 10.26 -36.71 -49.25
N GLU C 423 9.26 -37.57 -49.44
CA GLU C 423 8.10 -37.55 -48.56
C GLU C 423 8.46 -38.02 -47.15
N TYR C 424 9.61 -38.67 -46.96
CA TYR C 424 10.03 -39.18 -45.66
C TYR C 424 11.00 -38.23 -44.97
N GLY C 425 11.03 -38.31 -43.64
CA GLY C 425 11.93 -37.45 -42.88
C GLY C 425 12.34 -37.99 -41.53
N LEU C 426 12.92 -39.19 -41.52
CA LEU C 426 13.22 -39.88 -40.26
C LEU C 426 14.58 -39.46 -39.73
N GLN C 427 15.66 -39.92 -40.37
CA GLN C 427 17.00 -39.50 -39.98
C GLN C 427 17.87 -39.23 -41.20
N ALA C 428 19.07 -38.69 -40.93
CA ALA C 428 20.09 -38.49 -41.96
C ALA C 428 21.46 -38.60 -41.32
N SER C 429 22.44 -38.98 -42.14
CA SER C 429 23.85 -39.00 -41.77
C SER C 429 24.61 -37.94 -42.57
N ILE C 430 25.56 -37.26 -41.92
CA ILE C 430 26.49 -36.37 -42.61
C ILE C 430 27.91 -36.80 -42.29
N PHE C 431 28.70 -37.07 -43.33
CA PHE C 431 30.09 -37.48 -43.22
C PHE C 431 30.97 -36.34 -43.72
N THR C 432 31.75 -35.76 -42.81
CA THR C 432 32.59 -34.59 -43.06
C THR C 432 33.48 -34.40 -41.84
N THR C 433 34.57 -33.68 -42.03
CA THR C 433 35.42 -33.26 -40.92
C THR C 433 35.11 -31.86 -40.41
N ASN C 434 34.21 -31.13 -41.06
CA ASN C 434 33.85 -29.76 -40.65
C ASN C 434 32.51 -29.82 -39.92
N PHE C 435 32.57 -29.89 -38.60
CA PHE C 435 31.36 -30.08 -37.80
C PHE C 435 30.51 -28.83 -37.70
N PRO C 436 31.09 -27.63 -37.55
CA PRO C 436 30.24 -26.42 -37.61
C PRO C 436 29.43 -26.34 -38.90
N LYS C 437 30.03 -26.69 -40.03
CA LYS C 437 29.27 -26.77 -41.27
C LYS C 437 28.20 -27.86 -41.21
N ALA C 438 28.53 -29.00 -40.61
CA ALA C 438 27.55 -30.10 -40.53
C ALA C 438 26.34 -29.71 -39.67
N PHE C 439 26.57 -28.98 -38.57
CA PHE C 439 25.46 -28.48 -37.78
C PHE C 439 24.57 -27.56 -38.60
N GLY C 440 25.17 -26.73 -39.45
CA GLY C 440 24.39 -25.85 -40.29
C GLY C 440 23.56 -26.60 -41.32
N ILE C 441 24.12 -27.68 -41.86
CA ILE C 441 23.35 -28.54 -42.76
C ILE C 441 22.22 -29.20 -41.98
N ALA C 442 22.52 -29.74 -40.80
CA ALA C 442 21.51 -30.43 -40.01
C ALA C 442 20.29 -29.56 -39.76
N GLU C 443 20.50 -28.27 -39.47
CA GLU C 443 19.39 -27.35 -39.26
C GLU C 443 18.46 -27.31 -40.46
N GLN C 444 19.00 -27.51 -41.66
CA GLN C 444 18.22 -27.40 -42.88
C GLN C 444 17.54 -28.71 -43.28
N LEU C 445 17.95 -29.84 -42.71
CA LEU C 445 17.40 -31.14 -43.09
C LEU C 445 16.09 -31.39 -42.35
N GLU C 446 15.06 -31.79 -43.10
CA GLU C 446 13.73 -32.06 -42.56
C GLU C 446 13.67 -33.49 -42.05
N VAL C 447 14.27 -33.71 -40.87
CA VAL C 447 14.37 -35.02 -40.23
C VAL C 447 14.30 -34.86 -38.72
N GLY C 448 14.08 -35.98 -38.04
CA GLY C 448 14.11 -35.99 -36.59
C GLY C 448 15.50 -35.95 -35.99
N THR C 449 16.42 -36.75 -36.55
CA THR C 449 17.76 -36.89 -36.01
C THR C 449 18.82 -36.92 -37.10
N VAL C 450 19.93 -36.22 -36.85
CA VAL C 450 21.08 -36.21 -37.75
C VAL C 450 22.28 -36.77 -36.99
N HIS C 451 22.93 -37.78 -37.58
CA HIS C 451 24.13 -38.39 -37.03
C HIS C 451 25.37 -37.94 -37.80
N LEU C 452 26.38 -37.45 -37.08
CA LEU C 452 27.61 -36.99 -37.70
C LEU C 452 28.65 -38.10 -37.70
N ASN C 453 29.15 -38.44 -38.89
CA ASN C 453 30.18 -39.48 -39.08
C ASN C 453 29.77 -40.79 -38.44
N ASN C 454 28.48 -41.12 -38.58
CA ASN C 454 27.95 -42.39 -38.15
C ASN C 454 26.69 -42.67 -38.95
N LYS C 455 26.33 -43.95 -39.02
CA LYS C 455 25.07 -44.37 -39.63
C LYS C 455 23.89 -43.86 -38.82
N THR C 456 22.72 -43.80 -39.46
CA THR C 456 21.52 -43.50 -38.71
C THR C 456 21.16 -44.70 -37.84
N GLN C 457 20.52 -44.42 -36.70
CA GLN C 457 20.19 -45.44 -35.71
C GLN C 457 19.23 -44.85 -34.68
N ARG C 458 18.39 -45.70 -34.09
CA ARG C 458 17.45 -45.26 -33.06
C ARG C 458 18.14 -45.06 -31.70
N GLY C 459 19.19 -45.83 -31.40
CA GLY C 459 19.82 -45.75 -30.10
C GLY C 459 20.70 -44.52 -29.91
N THR C 460 21.15 -44.33 -28.67
CA THR C 460 20.77 -45.11 -27.49
C THR C 460 19.32 -44.76 -27.15
N ASP C 461 18.62 -45.68 -26.49
CA ASP C 461 17.17 -45.56 -26.35
C ASP C 461 16.72 -44.46 -25.38
N ASN C 462 17.65 -43.77 -24.70
CA ASN C 462 17.29 -42.57 -23.96
C ASN C 462 17.22 -41.33 -24.84
N PHE C 463 17.86 -41.37 -26.02
CA PHE C 463 17.80 -40.27 -26.97
C PHE C 463 16.42 -40.18 -27.64
N PRO C 464 16.03 -39.00 -28.11
CA PRO C 464 14.74 -38.90 -28.82
C PRO C 464 14.75 -39.67 -30.13
N PHE C 465 13.63 -40.31 -30.44
CA PHE C 465 13.42 -40.97 -31.72
C PHE C 465 12.12 -40.47 -32.33
N LEU C 466 12.24 -39.79 -33.47
CA LEU C 466 11.06 -39.22 -34.14
C LEU C 466 11.33 -39.03 -35.62
N GLY C 467 10.23 -38.99 -36.38
CA GLY C 467 10.30 -38.75 -37.80
C GLY C 467 9.37 -37.63 -38.21
N ALA C 468 9.83 -36.86 -39.20
CA ALA C 468 9.08 -35.78 -39.82
C ALA C 468 8.30 -36.29 -41.03
N LYS C 469 7.30 -35.51 -41.44
CA LYS C 469 6.54 -35.75 -42.69
C LYS C 469 5.87 -37.12 -42.61
N LYS C 470 5.98 -37.97 -43.64
CA LYS C 470 5.34 -39.27 -43.67
C LYS C 470 6.04 -40.31 -42.80
N SER C 471 7.10 -39.93 -42.09
CA SER C 471 7.80 -40.88 -41.24
C SER C 471 7.14 -41.06 -39.87
N GLY C 472 6.16 -40.24 -39.49
CA GLY C 472 5.37 -40.57 -38.32
C GLY C 472 4.90 -39.33 -37.57
N ALA C 473 4.59 -39.56 -36.29
CA ALA C 473 4.07 -38.52 -35.41
C ALA C 473 4.40 -38.89 -33.97
N GLY C 474 4.75 -37.89 -33.17
CA GLY C 474 5.11 -38.09 -31.78
C GLY C 474 6.60 -38.33 -31.60
N VAL C 475 7.04 -38.22 -30.35
CA VAL C 475 8.44 -38.37 -29.99
C VAL C 475 8.58 -39.54 -29.02
N GLN C 476 9.41 -40.51 -29.39
CA GLN C 476 9.76 -41.62 -28.52
C GLN C 476 11.25 -41.50 -28.15
N GLY C 477 11.85 -42.62 -27.79
CA GLY C 477 12.90 -42.56 -26.79
C GLY C 477 12.21 -42.61 -25.43
N VAL C 478 12.89 -43.07 -24.38
CA VAL C 478 12.17 -43.55 -23.20
C VAL C 478 11.44 -42.40 -22.50
N LYS C 479 12.16 -41.35 -22.11
CA LYS C 479 11.46 -40.32 -21.34
C LYS C 479 10.42 -39.61 -22.20
N TYR C 480 10.66 -39.48 -23.51
CA TYR C 480 9.69 -38.81 -24.37
C TYR C 480 8.43 -39.64 -24.55
N SER C 481 8.56 -40.97 -24.57
CA SER C 481 7.41 -41.83 -24.75
C SER C 481 6.55 -41.86 -23.50
N ILE C 482 7.16 -41.75 -22.32
CA ILE C 482 6.40 -41.65 -21.07
C ILE C 482 5.62 -40.34 -21.03
N GLU C 483 6.28 -39.23 -21.36
CA GLU C 483 5.59 -37.95 -21.43
C GLU C 483 4.38 -38.02 -22.34
N ALA C 484 4.52 -38.69 -23.50
CA ALA C 484 3.46 -38.70 -24.50
C ALA C 484 2.23 -39.45 -24.01
N MET C 485 2.41 -40.47 -23.17
CA MET C 485 1.33 -41.30 -22.65
C MET C 485 0.93 -40.90 -21.24
N THR C 486 1.18 -39.65 -20.87
CA THR C 486 0.63 -39.08 -19.64
C THR C 486 -0.02 -37.74 -20.00
N THR C 487 -0.96 -37.34 -19.16
CA THR C 487 -1.55 -36.01 -19.20
C THR C 487 -1.32 -35.38 -17.83
N VAL C 488 -1.98 -34.26 -17.56
CA VAL C 488 -1.83 -33.59 -16.29
C VAL C 488 -3.20 -33.39 -15.66
N LYS C 489 -3.18 -33.21 -14.34
CA LYS C 489 -4.35 -32.83 -13.55
CA LYS C 489 -4.34 -32.83 -13.55
C LYS C 489 -3.91 -31.66 -12.68
N SER C 490 -4.58 -30.52 -12.81
CA SER C 490 -4.24 -29.31 -12.08
CA SER C 490 -4.23 -29.32 -12.07
C SER C 490 -5.27 -29.07 -10.98
N VAL C 491 -4.80 -28.82 -9.76
CA VAL C 491 -5.64 -28.44 -8.63
C VAL C 491 -5.21 -27.04 -8.21
N VAL C 492 -6.15 -26.10 -8.22
CA VAL C 492 -5.88 -24.68 -8.03
C VAL C 492 -6.59 -24.22 -6.77
N PHE C 493 -5.87 -23.47 -5.91
CA PHE C 493 -6.48 -22.94 -4.71
C PHE C 493 -5.82 -21.61 -4.33
N ASP C 494 -6.48 -20.89 -3.41
CA ASP C 494 -6.05 -19.56 -3.00
C ASP C 494 -5.49 -19.62 -1.58
N ILE C 495 -4.24 -19.17 -1.44
CA ILE C 495 -3.62 -19.06 -0.12
C ILE C 495 -4.26 -17.89 0.64
N GLN C 496 -4.42 -18.06 1.94
CA GLN C 496 -5.04 -17.03 2.76
C GLN C 496 -4.03 -16.54 3.80
N LEU D 22 -21.38 3.94 -41.58
CA LEU D 22 -21.00 3.27 -40.30
C LEU D 22 -20.42 1.88 -40.60
N ALA D 23 -21.16 1.06 -41.35
CA ALA D 23 -20.72 -0.30 -41.66
C ALA D 23 -19.64 -0.29 -42.74
N LYS D 24 -18.59 -1.10 -42.51
CA LYS D 24 -17.39 -1.09 -43.32
C LYS D 24 -17.18 -2.42 -44.03
N GLN D 25 -16.56 -2.34 -45.19
CA GLN D 25 -16.12 -3.53 -45.92
C GLN D 25 -14.71 -3.90 -45.46
N TYR D 26 -14.55 -5.13 -44.95
CA TYR D 26 -13.27 -5.59 -44.43
C TYR D 26 -12.60 -6.52 -45.46
N LYS D 27 -11.31 -6.77 -45.23
CA LYS D 27 -10.48 -7.50 -46.18
C LYS D 27 -9.61 -8.50 -45.42
N ASN D 28 -9.16 -9.54 -46.14
CA ASN D 28 -8.26 -10.52 -45.55
C ASN D 28 -6.80 -10.10 -45.75
N LEU D 29 -5.97 -10.49 -44.79
CA LEU D 29 -4.53 -10.30 -44.87
C LEU D 29 -3.94 -11.51 -45.58
N VAL D 30 -3.38 -11.28 -46.78
CA VAL D 30 -2.81 -12.33 -47.59
C VAL D 30 -1.44 -11.85 -48.06
N ASN D 31 -0.37 -12.47 -47.58
CA ASN D 31 0.97 -12.20 -48.08
C ASN D 31 1.29 -10.71 -48.03
N GLY D 32 0.95 -10.07 -46.91
CA GLY D 32 1.26 -8.68 -46.69
C GLY D 32 0.31 -7.69 -47.33
N GLU D 33 -0.68 -8.16 -48.08
CA GLU D 33 -1.63 -7.31 -48.77
C GLU D 33 -3.04 -7.56 -48.23
N TRP D 34 -3.93 -6.60 -48.45
CA TRP D 34 -5.32 -6.70 -48.01
C TRP D 34 -6.19 -6.99 -49.24
N LYS D 35 -6.93 -8.10 -49.20
CA LYS D 35 -7.60 -8.62 -50.37
C LYS D 35 -9.09 -8.79 -50.14
N LEU D 36 -9.89 -8.32 -51.09
CA LEU D 36 -11.31 -8.61 -51.19
C LEU D 36 -11.53 -9.89 -52.00
N SER D 37 -12.75 -10.41 -51.94
CA SER D 37 -13.18 -11.53 -52.78
C SER D 37 -14.40 -11.08 -53.59
N GLU D 38 -14.76 -11.88 -54.60
CA GLU D 38 -15.88 -11.53 -55.45
C GLU D 38 -17.20 -11.53 -54.68
N ASN D 39 -17.35 -12.44 -53.73
CA ASN D 39 -18.50 -12.48 -52.84
C ASN D 39 -18.07 -12.10 -51.43
N GLU D 40 -19.04 -11.75 -50.61
CA GLU D 40 -18.79 -11.40 -49.23
C GLU D 40 -19.93 -11.88 -48.34
N ILE D 41 -19.74 -11.72 -47.04
CA ILE D 41 -20.69 -12.13 -46.01
C ILE D 41 -20.95 -10.91 -45.14
N THR D 42 -22.20 -10.50 -45.04
CA THR D 42 -22.59 -9.39 -44.18
C THR D 42 -22.87 -9.90 -42.78
N ILE D 43 -22.35 -9.19 -41.78
CA ILE D 43 -22.44 -9.60 -40.38
C ILE D 43 -23.29 -8.58 -39.64
N TYR D 44 -24.24 -9.09 -38.83
CA TYR D 44 -25.20 -8.27 -38.10
C TYR D 44 -25.04 -8.50 -36.60
N ALA D 45 -25.33 -7.46 -35.82
CA ALA D 45 -25.25 -7.55 -34.36
C ALA D 45 -26.36 -8.44 -33.80
N PRO D 46 -26.04 -9.49 -33.04
CA PRO D 46 -27.10 -10.37 -32.52
C PRO D 46 -28.08 -9.67 -31.59
N ALA D 47 -27.65 -8.66 -30.83
CA ALA D 47 -28.56 -8.03 -29.87
C ALA D 47 -29.54 -7.06 -30.52
N THR D 48 -29.21 -6.51 -31.69
CA THR D 48 -30.01 -5.45 -32.29
C THR D 48 -30.35 -5.65 -33.75
N GLY D 49 -29.69 -6.55 -34.46
CA GLY D 49 -29.90 -6.66 -35.89
C GLY D 49 -29.18 -5.62 -36.71
N GLU D 50 -28.39 -4.76 -36.09
CA GLU D 50 -27.69 -3.71 -36.81
C GLU D 50 -26.62 -4.29 -37.74
N GLU D 51 -26.54 -3.74 -38.95
CA GLU D 51 -25.51 -4.16 -39.90
C GLU D 51 -24.15 -3.61 -39.46
N LEU D 52 -23.17 -4.50 -39.23
CA LEU D 52 -21.85 -4.10 -38.74
C LEU D 52 -20.80 -3.97 -39.84
N GLY D 53 -20.92 -4.71 -40.92
CA GLY D 53 -19.92 -4.69 -41.98
C GLY D 53 -19.94 -6.01 -42.73
N SER D 54 -19.00 -6.14 -43.66
CA SER D 54 -18.88 -7.36 -44.44
C SER D 54 -17.45 -7.89 -44.43
N VAL D 55 -17.34 -9.21 -44.60
CA VAL D 55 -16.03 -9.87 -44.72
C VAL D 55 -16.03 -10.73 -45.99
N PRO D 56 -14.87 -10.99 -46.59
CA PRO D 56 -14.87 -11.75 -47.85
C PRO D 56 -15.37 -13.18 -47.67
N ALA D 57 -15.96 -13.72 -48.75
CA ALA D 57 -16.32 -15.13 -48.83
C ALA D 57 -15.31 -15.78 -49.77
N MET D 58 -14.20 -16.24 -49.20
CA MET D 58 -13.10 -16.73 -50.03
C MET D 58 -13.48 -18.02 -50.77
N THR D 59 -12.84 -18.22 -51.91
CA THR D 59 -12.93 -19.45 -52.67
C THR D 59 -11.79 -20.40 -52.28
N GLN D 60 -11.88 -21.64 -52.77
CA GLN D 60 -10.80 -22.57 -52.52
C GLN D 60 -9.51 -22.12 -53.19
N ALA D 61 -9.61 -21.48 -54.37
CA ALA D 61 -8.40 -20.98 -55.02
C ALA D 61 -7.74 -19.87 -54.22
N GLU D 62 -8.54 -19.07 -53.50
CA GLU D 62 -7.98 -18.01 -52.66
C GLU D 62 -7.37 -18.60 -51.39
N VAL D 63 -7.92 -19.70 -50.88
CA VAL D 63 -7.27 -20.40 -49.77
C VAL D 63 -5.93 -20.96 -50.22
N ASP D 64 -5.85 -21.46 -51.45
CA ASP D 64 -4.57 -21.94 -51.98
C ASP D 64 -3.51 -20.85 -51.92
N ALA D 65 -3.87 -19.62 -52.31
CA ALA D 65 -2.93 -18.51 -52.32
C ALA D 65 -2.47 -18.14 -50.91
N VAL D 66 -3.38 -18.19 -49.94
CA VAL D 66 -3.00 -17.94 -48.55
C VAL D 66 -1.94 -18.94 -48.11
N TYR D 67 -2.19 -20.23 -48.35
CA TYR D 67 -1.29 -21.25 -47.86
C TYR D 67 0.04 -21.24 -48.61
N ALA D 68 -0.01 -20.98 -49.93
CA ALA D 68 1.22 -20.89 -50.71
C ALA D 68 2.14 -19.80 -50.16
N SER D 69 1.57 -18.65 -49.78
CA SER D 69 2.38 -17.54 -49.27
CA SER D 69 2.39 -17.56 -49.28
C SER D 69 2.95 -17.88 -47.89
N ALA D 70 2.17 -18.56 -47.05
CA ALA D 70 2.67 -18.94 -45.74
C ALA D 70 3.86 -19.86 -45.87
N LYS D 71 3.76 -20.89 -46.71
CA LYS D 71 4.86 -21.83 -46.85
C LYS D 71 6.10 -21.15 -47.43
N LYS D 72 5.94 -20.18 -48.32
CA LYS D 72 7.11 -19.48 -48.83
C LYS D 72 7.77 -18.61 -47.76
N ALA D 73 6.99 -18.05 -46.84
CA ALA D 73 7.54 -17.21 -45.78
C ALA D 73 8.19 -18.02 -44.65
N LEU D 74 7.88 -19.32 -44.54
CA LEU D 74 8.33 -20.09 -43.39
C LEU D 74 9.85 -20.16 -43.29
N SER D 75 10.54 -20.27 -44.42
CA SER D 75 11.99 -20.44 -44.37
C SER D 75 12.67 -19.24 -43.71
N ASP D 76 12.37 -18.03 -44.19
CA ASP D 76 13.03 -16.85 -43.63
C ASP D 76 12.54 -16.53 -42.22
N TRP D 77 11.30 -16.90 -41.90
CA TRP D 77 10.77 -16.63 -40.56
C TRP D 77 11.42 -17.54 -39.52
N ARG D 78 11.56 -18.83 -39.83
CA ARG D 78 12.06 -19.76 -38.82
C ARG D 78 13.56 -19.58 -38.56
N THR D 79 14.29 -18.93 -39.46
CA THR D 79 15.71 -18.70 -39.24
C THR D 79 16.00 -17.34 -38.59
N LEU D 80 14.99 -16.51 -38.35
CA LEU D 80 15.20 -15.34 -37.51
C LEU D 80 15.54 -15.79 -36.08
N SER D 81 16.17 -14.90 -35.33
CA SER D 81 16.42 -15.15 -33.92
C SER D 81 15.11 -15.05 -33.14
N TYR D 82 15.09 -15.73 -31.99
CA TYR D 82 13.95 -15.58 -31.09
C TYR D 82 13.68 -14.12 -30.75
N VAL D 83 14.73 -13.33 -30.52
CA VAL D 83 14.56 -11.94 -30.09
CA VAL D 83 14.51 -11.96 -30.08
C VAL D 83 13.85 -11.14 -31.18
N GLU D 84 14.18 -11.41 -32.45
CA GLU D 84 13.54 -10.69 -33.54
C GLU D 84 12.07 -11.07 -33.67
N ARG D 85 11.74 -12.34 -33.47
CA ARG D 85 10.33 -12.74 -33.53
C ARG D 85 9.55 -12.17 -32.35
N ALA D 86 10.17 -12.14 -31.16
CA ALA D 86 9.49 -11.59 -30.00
C ALA D 86 9.17 -10.11 -30.17
N ALA D 87 10.06 -9.36 -30.84
CA ALA D 87 9.84 -7.93 -31.04
C ALA D 87 8.57 -7.67 -31.84
N TYR D 88 8.34 -8.41 -32.92
CA TYR D 88 7.10 -8.26 -33.68
C TYR D 88 5.87 -8.49 -32.79
N LEU D 89 5.93 -9.51 -31.93
CA LEU D 89 4.79 -9.83 -31.08
C LEU D 89 4.54 -8.73 -30.06
N HIS D 90 5.59 -8.21 -29.41
CA HIS D 90 5.39 -7.13 -28.47
C HIS D 90 4.78 -5.91 -29.14
N LYS D 91 5.27 -5.56 -30.34
CA LYS D 91 4.72 -4.41 -31.07
C LYS D 91 3.24 -4.60 -31.36
N ALA D 92 2.83 -5.81 -31.76
CA ALA D 92 1.42 -6.07 -32.04
C ALA D 92 0.59 -5.96 -30.77
N ALA D 93 1.12 -6.45 -29.65
CA ALA D 93 0.42 -6.29 -28.37
C ALA D 93 0.22 -4.81 -28.04
N ASP D 94 1.27 -4.00 -28.22
CA ASP D 94 1.17 -2.58 -27.92
C ASP D 94 0.08 -1.91 -28.75
N ILE D 95 -0.04 -2.29 -30.02
CA ILE D 95 -1.09 -1.73 -30.88
C ILE D 95 -2.47 -2.17 -30.40
N LEU D 96 -2.60 -3.42 -29.98
CA LEU D 96 -3.89 -3.88 -29.46
C LEU D 96 -4.32 -3.07 -28.25
N VAL D 97 -3.40 -2.81 -27.33
CA VAL D 97 -3.71 -1.97 -26.18
C VAL D 97 -4.13 -0.58 -26.63
N ARG D 98 -3.38 0.00 -27.56
CA ARG D 98 -3.69 1.34 -28.07
C ARG D 98 -5.11 1.41 -28.61
N ASP D 99 -5.55 0.38 -29.34
CA ASP D 99 -6.83 0.38 -30.03
C ASP D 99 -7.90 -0.45 -29.32
N ALA D 100 -7.74 -0.73 -28.02
CA ALA D 100 -8.65 -1.68 -27.38
C ALA D 100 -10.08 -1.17 -27.33
N GLU D 101 -10.27 0.14 -27.16
CA GLU D 101 -11.62 0.68 -27.15
C GLU D 101 -12.26 0.59 -28.52
N LYS D 102 -11.48 0.88 -29.57
CA LYS D 102 -12.00 0.79 -30.94
C LYS D 102 -12.39 -0.65 -31.27
N ILE D 103 -11.50 -1.61 -30.99
CA ILE D 103 -11.76 -3.00 -31.33
C ILE D 103 -12.83 -3.59 -30.42
N GLY D 104 -12.72 -3.32 -29.12
CA GLY D 104 -13.70 -3.86 -28.19
C GLY D 104 -15.12 -3.43 -28.48
N ALA D 105 -15.29 -2.20 -28.97
CA ALA D 105 -16.64 -1.71 -29.28
C ALA D 105 -17.29 -2.54 -30.38
N ILE D 106 -16.51 -2.95 -31.37
CA ILE D 106 -17.05 -3.75 -32.46
C ILE D 106 -17.24 -5.20 -32.04
N LEU D 107 -16.26 -5.77 -31.34
CA LEU D 107 -16.41 -7.11 -30.76
C LEU D 107 -17.69 -7.22 -29.94
N SER D 108 -17.95 -6.23 -29.09
CA SER D 108 -19.17 -6.20 -28.30
C SER D 108 -20.41 -6.38 -29.18
N LYS D 109 -20.52 -5.58 -30.25
CA LYS D 109 -21.67 -5.68 -31.12
C LYS D 109 -21.71 -7.01 -31.85
N GLU D 110 -20.55 -7.52 -32.28
CA GLU D 110 -20.51 -8.68 -33.16
C GLU D 110 -20.98 -9.95 -32.46
N VAL D 111 -20.66 -10.13 -31.18
CA VAL D 111 -21.03 -11.36 -30.50
C VAL D 111 -21.87 -11.10 -29.25
N ALA D 112 -22.47 -9.90 -29.17
CA ALA D 112 -23.36 -9.52 -28.08
C ALA D 112 -22.69 -9.74 -26.72
N LYS D 113 -21.42 -9.38 -26.65
CA LYS D 113 -20.68 -9.37 -25.38
C LYS D 113 -20.78 -7.98 -24.77
N GLY D 114 -20.87 -7.93 -23.45
CA GLY D 114 -20.90 -6.66 -22.75
C GLY D 114 -19.75 -5.78 -23.20
N HIS D 115 -20.01 -4.47 -23.33
CA HIS D 115 -19.00 -3.57 -23.89
C HIS D 115 -17.71 -3.61 -23.07
N LYS D 116 -17.81 -3.40 -21.77
CA LYS D 116 -16.61 -3.40 -20.93
C LYS D 116 -15.92 -4.75 -20.98
N ALA D 117 -16.68 -5.84 -20.99
CA ALA D 117 -16.08 -7.18 -21.06
C ALA D 117 -15.37 -7.40 -22.39
N ALA D 118 -15.90 -6.84 -23.48
CA ALA D 118 -15.27 -6.95 -24.79
C ALA D 118 -13.93 -6.21 -24.81
N VAL D 119 -13.90 -4.99 -24.28
CA VAL D 119 -12.64 -4.26 -24.22
C VAL D 119 -11.64 -5.02 -23.36
N SER D 120 -12.11 -5.63 -22.27
CA SER D 120 -11.24 -6.44 -21.43
C SER D 120 -10.70 -7.65 -22.17
N GLU D 121 -11.47 -8.19 -23.12
CA GLU D 121 -10.98 -9.31 -23.92
C GLU D 121 -9.76 -8.90 -24.73
N VAL D 122 -9.81 -7.72 -25.36
CA VAL D 122 -8.69 -7.27 -26.17
C VAL D 122 -7.45 -7.06 -25.31
N ILE D 123 -7.64 -6.47 -24.12
CA ILE D 123 -6.50 -6.22 -23.24
C ILE D 123 -5.90 -7.54 -22.76
N ARG D 124 -6.74 -8.53 -22.45
CA ARG D 124 -6.22 -9.83 -22.05
C ARG D 124 -5.44 -10.49 -23.19
N THR D 125 -5.87 -10.27 -24.43
CA THR D 125 -5.17 -10.84 -25.57
C THR D 125 -3.77 -10.26 -25.70
N ALA D 126 -3.63 -8.94 -25.54
CA ALA D 126 -2.30 -8.33 -25.52
C ALA D 126 -1.43 -8.93 -24.42
N GLU D 127 -2.01 -9.20 -23.24
CA GLU D 127 -1.24 -9.80 -22.16
C GLU D 127 -0.76 -11.19 -22.54
N ILE D 128 -1.60 -11.96 -23.24
CA ILE D 128 -1.21 -13.30 -23.64
C ILE D 128 -0.12 -13.24 -24.71
N ILE D 129 -0.24 -12.32 -25.66
CA ILE D 129 0.77 -12.16 -26.71
C ILE D 129 2.11 -11.80 -26.10
N ASN D 130 2.14 -10.80 -25.21
CA ASN D 130 3.41 -10.42 -24.58
C ASN D 130 4.01 -11.59 -23.78
N TYR D 131 3.18 -12.30 -23.02
CA TYR D 131 3.68 -13.39 -22.18
C TYR D 131 4.21 -14.54 -23.02
N ALA D 132 3.54 -14.84 -24.15
CA ALA D 132 4.00 -15.91 -25.03
C ALA D 132 5.33 -15.55 -25.69
N ALA D 133 5.51 -14.28 -26.03
CA ALA D 133 6.77 -13.87 -26.66
C ALA D 133 7.95 -14.11 -25.71
N GLU D 134 7.79 -13.76 -24.44
CA GLU D 134 8.86 -13.92 -23.46
C GLU D 134 9.01 -15.37 -22.98
N GLU D 135 7.92 -16.12 -22.91
CA GLU D 135 8.05 -17.55 -22.60
C GLU D 135 8.82 -18.27 -23.69
N GLY D 136 8.46 -18.02 -24.96
CA GLY D 136 9.01 -18.79 -26.06
C GLY D 136 10.46 -18.48 -26.35
N LEU D 137 10.90 -17.25 -26.09
CA LEU D 137 12.24 -16.86 -26.51
C LEU D 137 13.33 -17.45 -25.63
N ARG D 138 12.99 -17.93 -24.43
CA ARG D 138 13.98 -18.48 -23.52
C ARG D 138 13.80 -19.99 -23.34
N MET D 139 13.05 -20.63 -24.22
CA MET D 139 13.03 -22.09 -24.22
C MET D 139 14.42 -22.61 -24.58
N GLU D 140 14.71 -23.81 -24.11
CA GLU D 140 16.03 -24.39 -24.19
C GLU D 140 15.95 -25.79 -24.81
N GLY D 141 17.10 -26.26 -25.29
CA GLY D 141 17.28 -27.64 -25.63
C GLY D 141 17.97 -28.39 -24.51
N GLU D 142 18.38 -29.62 -24.82
CA GLU D 142 19.03 -30.47 -23.82
C GLU D 142 20.14 -31.26 -24.47
N VAL D 143 21.04 -31.77 -23.62
CA VAL D 143 22.16 -32.61 -24.00
C VAL D 143 22.01 -33.91 -23.24
N LEU D 144 21.98 -35.02 -23.96
CA LEU D 144 21.79 -36.34 -23.38
C LEU D 144 23.06 -37.17 -23.54
N GLU D 145 23.34 -37.99 -22.53
CA GLU D 145 24.55 -38.80 -22.46
C GLU D 145 24.25 -40.22 -22.90
N GLY D 146 25.00 -40.71 -23.89
CA GLY D 146 24.89 -42.11 -24.23
C GLY D 146 25.20 -43.03 -23.07
N GLY D 147 26.14 -42.62 -22.22
CA GLY D 147 26.54 -43.42 -21.08
C GLY D 147 25.52 -43.50 -19.96
N SER D 148 24.43 -42.74 -20.06
CA SER D 148 23.30 -42.95 -19.17
C SER D 148 22.66 -44.31 -19.42
N PHE D 149 22.74 -44.80 -20.66
CA PHE D 149 22.05 -46.02 -21.06
C PHE D 149 22.97 -47.21 -21.28
N GLU D 150 24.16 -47.01 -21.86
CA GLU D 150 25.08 -48.12 -22.08
C GLU D 150 26.52 -47.61 -22.09
N ALA D 151 27.39 -48.38 -21.45
CA ALA D 151 28.77 -47.94 -21.24
C ALA D 151 29.49 -47.73 -22.56
N ALA D 152 29.24 -48.60 -23.54
CA ALA D 152 29.94 -48.51 -24.82
C ALA D 152 29.64 -47.21 -25.55
N SER D 153 28.59 -46.48 -25.17
CA SER D 153 28.24 -45.24 -25.84
C SER D 153 28.52 -44.02 -24.96
N LYS D 154 29.48 -44.13 -24.04
CA LYS D 154 29.70 -43.03 -23.10
C LYS D 154 30.27 -41.80 -23.77
N LYS D 155 30.91 -41.91 -24.93
CA LYS D 155 31.41 -40.74 -25.64
C LYS D 155 30.43 -40.19 -26.67
N LYS D 156 29.24 -40.77 -26.79
CA LYS D 156 28.21 -40.30 -27.70
C LYS D 156 27.24 -39.39 -26.95
N ILE D 157 26.97 -38.20 -27.51
CA ILE D 157 26.01 -37.29 -26.90
C ILE D 157 25.04 -36.80 -27.97
N ALA D 158 23.84 -36.43 -27.52
CA ALA D 158 22.77 -35.95 -28.37
C ALA D 158 22.49 -34.50 -28.00
N ILE D 159 22.60 -33.62 -28.99
CA ILE D 159 22.28 -32.21 -28.85
C ILE D 159 20.85 -32.03 -29.38
N VAL D 160 19.90 -31.69 -28.52
CA VAL D 160 18.48 -31.68 -28.85
C VAL D 160 17.97 -30.24 -28.77
N ARG D 161 17.52 -29.71 -29.90
CA ARG D 161 17.06 -28.33 -29.98
C ARG D 161 15.63 -28.28 -30.53
N ARG D 162 14.92 -27.22 -30.18
CA ARG D 162 13.53 -27.09 -30.58
C ARG D 162 13.41 -26.50 -31.99
N GLU D 163 12.36 -26.91 -32.69
CA GLU D 163 12.06 -26.39 -34.01
C GLU D 163 10.54 -26.27 -34.18
N PRO D 164 10.08 -25.37 -35.03
CA PRO D 164 8.63 -25.26 -35.28
C PRO D 164 8.12 -26.45 -36.08
N VAL D 165 6.80 -26.61 -36.07
CA VAL D 165 6.17 -27.69 -36.83
C VAL D 165 5.84 -27.27 -38.26
N GLY D 166 5.66 -25.97 -38.51
CA GLY D 166 5.44 -25.50 -39.87
C GLY D 166 4.30 -24.49 -39.97
N LEU D 167 3.26 -24.84 -40.71
CA LEU D 167 2.08 -23.98 -40.85
C LEU D 167 1.00 -24.42 -39.87
N VAL D 168 0.55 -23.49 -39.04
CA VAL D 168 -0.48 -23.73 -38.05
C VAL D 168 -1.78 -23.10 -38.54
N LEU D 169 -2.82 -23.91 -38.66
CA LEU D 169 -4.18 -23.42 -38.90
C LEU D 169 -4.83 -23.16 -37.54
N ALA D 170 -5.14 -21.90 -37.26
CA ALA D 170 -5.77 -21.50 -36.02
C ALA D 170 -7.22 -21.13 -36.29
N ILE D 171 -8.13 -21.76 -35.56
CA ILE D 171 -9.57 -21.58 -35.73
C ILE D 171 -10.12 -21.09 -34.39
N SER D 172 -10.59 -19.84 -34.36
CA SER D 172 -11.07 -19.21 -33.13
C SER D 172 -12.58 -19.35 -32.99
N PRO D 173 -13.11 -19.12 -31.76
CA PRO D 173 -14.54 -19.32 -31.50
C PRO D 173 -15.33 -18.02 -31.41
N PHE D 174 -16.66 -18.08 -31.55
CA PHE D 174 -17.44 -16.85 -31.49
C PHE D 174 -17.40 -16.22 -30.10
N ASN D 175 -17.24 -17.02 -29.05
CA ASN D 175 -17.35 -16.47 -27.70
C ASN D 175 -16.07 -15.79 -27.22
N TYR D 176 -14.95 -16.03 -27.90
CA TYR D 176 -13.70 -15.32 -27.63
C TYR D 176 -12.96 -15.12 -28.95
N PRO D 177 -13.50 -14.28 -29.84
CA PRO D 177 -12.96 -14.22 -31.21
C PRO D 177 -11.60 -13.55 -31.29
N VAL D 178 -11.18 -12.82 -30.26
CA VAL D 178 -9.86 -12.21 -30.21
C VAL D 178 -8.95 -12.94 -29.21
N ASN D 179 -9.45 -13.18 -28.00
CA ASN D 179 -8.67 -13.85 -26.96
C ASN D 179 -8.22 -15.24 -27.41
N LEU D 180 -9.13 -16.05 -27.94
CA LEU D 180 -8.78 -17.41 -28.37
C LEU D 180 -8.42 -17.48 -29.86
N ALA D 181 -8.13 -16.34 -30.47
CA ALA D 181 -7.25 -16.29 -31.64
C ALA D 181 -5.82 -16.03 -31.20
N GLY D 182 -5.60 -15.02 -30.34
CA GLY D 182 -4.26 -14.71 -29.88
C GLY D 182 -3.62 -15.83 -29.08
N SER D 183 -4.41 -16.56 -28.32
CA SER D 183 -3.89 -17.71 -27.57
C SER D 183 -3.24 -18.75 -28.48
N LYS D 184 -3.58 -18.74 -29.77
CA LYS D 184 -3.02 -19.63 -30.77
C LYS D 184 -1.91 -18.97 -31.58
N ILE D 185 -2.11 -17.72 -31.98
CA ILE D 185 -1.20 -17.07 -32.91
C ILE D 185 0.15 -16.81 -32.27
N ALA D 186 0.15 -16.22 -31.07
CA ALA D 186 1.42 -15.80 -30.48
C ALA D 186 2.30 -16.99 -30.09
N PRO D 187 1.79 -18.03 -29.41
CA PRO D 187 2.64 -19.21 -29.17
C PRO D 187 3.19 -19.84 -30.45
N ALA D 188 2.38 -19.89 -31.51
CA ALA D 188 2.84 -20.45 -32.77
C ALA D 188 3.94 -19.60 -33.37
N LEU D 189 3.76 -18.28 -33.39
CA LEU D 189 4.71 -17.41 -34.07
C LEU D 189 6.05 -17.38 -33.35
N ILE D 190 6.06 -17.31 -32.02
CA ILE D 190 7.35 -17.16 -31.33
C ILE D 190 8.23 -18.37 -31.59
N ALA D 191 7.62 -19.56 -31.72
CA ALA D 191 8.34 -20.79 -31.97
C ALA D 191 8.91 -20.89 -33.38
N GLY D 192 8.51 -20.00 -34.29
CA GLY D 192 8.96 -20.06 -35.66
C GLY D 192 7.98 -20.65 -36.65
N ASN D 193 6.75 -20.93 -36.23
CA ASN D 193 5.69 -21.34 -37.15
C ASN D 193 5.14 -20.13 -37.90
N VAL D 194 4.53 -20.40 -39.06
CA VAL D 194 3.69 -19.45 -39.76
C VAL D 194 2.24 -19.82 -39.46
N VAL D 195 1.33 -18.85 -39.63
CA VAL D 195 -0.04 -18.99 -39.12
C VAL D 195 -1.05 -18.49 -40.13
N ALA D 196 -2.15 -19.23 -40.26
CA ALA D 196 -3.37 -18.78 -40.93
C ALA D 196 -4.50 -18.81 -39.91
N LEU D 197 -5.19 -17.69 -39.74
CA LEU D 197 -6.30 -17.58 -38.80
C LEU D 197 -7.63 -17.67 -39.55
N LYS D 198 -8.46 -18.66 -39.19
CA LYS D 198 -9.83 -18.75 -39.66
C LYS D 198 -10.75 -18.36 -38.52
N PRO D 199 -11.31 -17.15 -38.52
CA PRO D 199 -12.29 -16.81 -37.47
C PRO D 199 -13.64 -17.41 -37.80
N PRO D 200 -14.52 -17.54 -36.80
CA PRO D 200 -15.90 -17.93 -37.11
C PRO D 200 -16.57 -16.77 -37.83
N THR D 201 -17.55 -17.09 -38.67
CA THR D 201 -18.19 -16.00 -39.41
C THR D 201 -18.70 -14.93 -38.45
N GLN D 202 -19.43 -15.33 -37.42
CA GLN D 202 -19.84 -14.41 -36.36
C GLN D 202 -18.65 -14.19 -35.44
N GLY D 203 -17.87 -13.15 -35.73
CA GLY D 203 -16.59 -12.93 -35.08
C GLY D 203 -15.46 -12.73 -36.07
N SER D 204 -15.80 -12.72 -37.36
CA SER D 204 -14.79 -12.52 -38.39
C SER D 204 -14.28 -11.08 -38.43
N ILE D 205 -15.15 -10.11 -38.17
CA ILE D 205 -14.71 -8.72 -38.16
C ILE D 205 -13.66 -8.53 -37.07
N SER D 206 -13.97 -9.01 -35.86
CA SER D 206 -13.03 -8.93 -34.75
C SER D 206 -11.72 -9.66 -35.07
N GLY D 207 -11.82 -10.80 -35.75
CA GLY D 207 -10.60 -11.50 -36.14
C GLY D 207 -9.74 -10.68 -37.10
N LEU D 208 -10.39 -10.00 -38.05
CA LEU D 208 -9.64 -9.18 -38.99
C LEU D 208 -9.10 -7.91 -38.34
N LEU D 209 -9.80 -7.38 -37.32
CA LEU D 209 -9.25 -6.25 -36.58
C LEU D 209 -7.97 -6.66 -35.83
N LEU D 210 -7.94 -7.87 -35.28
CA LEU D 210 -6.71 -8.38 -34.67
C LEU D 210 -5.60 -8.48 -35.71
N ALA D 211 -5.93 -8.98 -36.91
CA ALA D 211 -4.95 -9.07 -37.99
C ALA D 211 -4.34 -7.70 -38.31
N GLU D 212 -5.16 -6.64 -38.32
CA GLU D 212 -4.64 -5.32 -38.61
C GLU D 212 -3.50 -4.95 -37.66
N ALA D 213 -3.63 -5.32 -36.38
CA ALA D 213 -2.59 -4.99 -35.42
C ALA D 213 -1.28 -5.69 -35.76
N PHE D 214 -1.33 -6.98 -36.14
CA PHE D 214 -0.11 -7.68 -36.52
C PHE D 214 0.50 -7.09 -37.77
N ALA D 215 -0.34 -6.69 -38.73
CA ALA D 215 0.16 -6.09 -39.96
C ALA D 215 0.86 -4.76 -39.70
N GLU D 216 0.23 -3.89 -38.90
CA GLU D 216 0.85 -2.61 -38.57
C GLU D 216 2.15 -2.83 -37.80
N ALA D 217 2.23 -3.88 -37.00
CA ALA D 217 3.45 -4.21 -36.28
C ALA D 217 4.58 -4.66 -37.20
N GLY D 218 4.27 -4.93 -38.47
CA GLY D 218 5.28 -5.26 -39.45
C GLY D 218 5.54 -6.73 -39.65
N ILE D 219 4.65 -7.60 -39.19
CA ILE D 219 4.83 -9.04 -39.34
C ILE D 219 5.15 -9.28 -40.81
N PRO D 220 6.18 -10.06 -41.14
CA PRO D 220 6.57 -10.18 -42.55
C PRO D 220 5.48 -10.84 -43.38
N ALA D 221 5.45 -10.46 -44.65
CA ALA D 221 4.44 -10.96 -45.59
C ALA D 221 4.38 -12.48 -45.58
N GLY D 222 3.18 -13.01 -45.35
CA GLY D 222 2.96 -14.43 -45.36
C GLY D 222 3.14 -15.14 -44.05
N VAL D 223 3.82 -14.52 -43.08
CA VAL D 223 4.02 -15.15 -41.78
C VAL D 223 2.70 -15.27 -41.04
N PHE D 224 1.81 -14.30 -41.21
CA PHE D 224 0.48 -14.36 -40.62
C PHE D 224 -0.55 -13.92 -41.66
N ASN D 225 -1.59 -14.72 -41.85
CA ASN D 225 -2.63 -14.46 -42.84
C ASN D 225 -3.99 -14.79 -42.24
N THR D 226 -5.04 -14.29 -42.88
CA THR D 226 -6.40 -14.58 -42.45
C THR D 226 -7.17 -15.25 -43.60
N ILE D 227 -8.15 -16.07 -43.21
CA ILE D 227 -9.07 -16.74 -44.13
C ILE D 227 -10.48 -16.50 -43.60
N THR D 228 -11.37 -15.99 -44.45
CA THR D 228 -12.79 -15.93 -44.13
C THR D 228 -13.59 -16.48 -45.29
N GLY D 229 -14.73 -17.10 -44.98
CA GLY D 229 -15.57 -17.67 -46.01
C GLY D 229 -16.67 -18.54 -45.43
N ARG D 230 -17.43 -19.16 -46.34
CA ARG D 230 -18.58 -19.98 -46.00
C ARG D 230 -18.18 -21.44 -45.81
N GLY D 231 -18.71 -22.06 -44.75
CA GLY D 231 -18.42 -23.47 -44.51
C GLY D 231 -18.72 -24.34 -45.72
N SER D 232 -19.86 -24.10 -46.36
CA SER D 232 -20.24 -24.90 -47.53
C SER D 232 -19.27 -24.74 -48.69
N VAL D 233 -18.41 -23.74 -48.66
CA VAL D 233 -17.46 -23.52 -49.75
C VAL D 233 -16.06 -23.98 -49.38
N ILE D 234 -15.57 -23.63 -48.18
CA ILE D 234 -14.19 -23.89 -47.81
C ILE D 234 -14.04 -24.62 -46.48
N GLY D 235 -15.13 -24.98 -45.81
CA GLY D 235 -15.04 -25.52 -44.47
C GLY D 235 -14.11 -26.72 -44.31
N ASP D 236 -14.34 -27.78 -45.08
CA ASP D 236 -13.44 -28.92 -45.06
C ASP D 236 -12.12 -28.62 -45.76
N TYR D 237 -12.16 -27.79 -46.81
CA TYR D 237 -10.98 -27.58 -47.65
C TYR D 237 -9.82 -27.01 -46.86
N ILE D 238 -10.08 -26.10 -45.92
CA ILE D 238 -8.99 -25.43 -45.20
C ILE D 238 -8.28 -26.41 -44.26
N VAL D 239 -9.00 -27.43 -43.78
CA VAL D 239 -8.43 -28.39 -42.83
C VAL D 239 -7.74 -29.55 -43.55
N GLU D 240 -8.27 -29.99 -44.68
CA GLU D 240 -7.70 -31.13 -45.40
C GLU D 240 -6.47 -30.76 -46.23
N HIS D 241 -6.26 -29.48 -46.49
CA HIS D 241 -5.17 -29.04 -47.34
C HIS D 241 -3.83 -29.56 -46.83
N GLU D 242 -3.02 -30.09 -47.75
CA GLU D 242 -1.75 -30.69 -47.38
C GLU D 242 -0.73 -29.68 -46.88
N ALA D 243 -0.89 -28.39 -47.20
CA ALA D 243 0.06 -27.39 -46.71
C ALA D 243 0.01 -27.24 -45.19
N VAL D 244 -1.13 -27.56 -44.58
CA VAL D 244 -1.32 -27.37 -43.15
C VAL D 244 -0.62 -28.49 -42.38
N ASN D 245 0.22 -28.10 -41.41
CA ASN D 245 1.01 -29.05 -40.62
C ASN D 245 0.47 -29.26 -39.21
N PHE D 246 -0.48 -28.46 -38.75
CA PHE D 246 -0.96 -28.45 -37.38
C PHE D 246 -2.30 -27.74 -37.35
N ILE D 247 -3.29 -28.31 -36.65
CA ILE D 247 -4.61 -27.71 -36.54
C ILE D 247 -4.93 -27.42 -35.08
N ASN D 248 -5.29 -26.17 -34.78
CA ASN D 248 -5.47 -25.69 -33.41
C ASN D 248 -6.86 -25.05 -33.33
N PHE D 249 -7.82 -25.75 -32.71
CA PHE D 249 -9.24 -25.43 -32.83
C PHE D 249 -9.93 -25.27 -31.49
N THR D 250 -10.76 -24.22 -31.39
CA THR D 250 -11.69 -24.01 -30.29
C THR D 250 -13.08 -23.83 -30.86
N GLY D 251 -14.04 -24.56 -30.33
CA GLY D 251 -15.41 -24.47 -30.81
C GLY D 251 -16.29 -25.57 -30.26
N SER D 252 -17.34 -25.88 -31.00
CA SER D 252 -18.34 -26.83 -30.54
C SER D 252 -17.78 -28.25 -30.61
N THR D 253 -18.34 -29.12 -29.76
CA THR D 253 -17.88 -30.50 -29.74
C THR D 253 -18.16 -31.22 -31.06
N PRO D 254 -19.34 -31.11 -31.67
CA PRO D 254 -19.55 -31.79 -32.97
C PRO D 254 -18.62 -31.30 -34.06
N ILE D 255 -18.35 -29.99 -34.15
CA ILE D 255 -17.40 -29.51 -35.15
C ILE D 255 -16.01 -30.04 -34.85
N GLY D 256 -15.64 -30.05 -33.56
CA GLY D 256 -14.33 -30.57 -33.18
C GLY D 256 -14.15 -32.02 -33.58
N GLU D 257 -15.16 -32.86 -33.31
CA GLU D 257 -15.06 -34.25 -33.73
C GLU D 257 -14.85 -34.36 -35.24
N GLY D 258 -15.55 -33.52 -36.01
CA GLY D 258 -15.38 -33.55 -37.46
C GLY D 258 -13.96 -33.22 -37.89
N ILE D 259 -13.32 -32.27 -37.21
CA ILE D 259 -11.94 -31.92 -37.54
C ILE D 259 -11.03 -33.11 -37.29
N GLY D 260 -11.26 -33.86 -36.21
CA GLY D 260 -10.45 -35.03 -35.95
C GLY D 260 -10.48 -36.02 -37.09
N LYS D 261 -11.63 -36.16 -37.75
CA LYS D 261 -11.75 -37.11 -38.85
C LYS D 261 -10.96 -36.68 -40.07
N LEU D 262 -10.53 -35.41 -40.14
CA LEU D 262 -9.84 -34.86 -41.29
C LEU D 262 -8.36 -34.59 -41.01
N ALA D 263 -7.91 -34.84 -39.78
CA ALA D 263 -6.56 -34.46 -39.41
C ALA D 263 -5.51 -35.36 -40.06
N GLY D 264 -5.86 -36.63 -40.29
CA GLY D 264 -4.86 -37.54 -40.80
C GLY D 264 -3.74 -37.73 -39.78
N MET D 265 -2.50 -37.57 -40.23
CA MET D 265 -1.33 -37.72 -39.37
C MET D 265 -0.96 -36.42 -38.66
N ARG D 266 -1.68 -35.35 -38.92
CA ARG D 266 -1.20 -34.07 -38.42
C ARG D 266 -1.65 -33.85 -36.99
N PRO D 267 -0.79 -33.28 -36.15
CA PRO D 267 -1.18 -33.04 -34.76
C PRO D 267 -2.30 -32.02 -34.68
N ILE D 268 -3.15 -32.18 -33.68
CA ILE D 268 -4.29 -31.30 -33.50
C ILE D 268 -4.48 -30.99 -32.02
N MET D 269 -5.03 -29.82 -31.76
CA MET D 269 -5.48 -29.42 -30.44
C MET D 269 -6.94 -29.03 -30.56
N LEU D 270 -7.74 -29.46 -29.59
CA LEU D 270 -9.18 -29.24 -29.58
C LEU D 270 -9.61 -28.74 -28.21
N GLU D 271 -10.33 -27.61 -28.20
CA GLU D 271 -10.92 -27.03 -26.99
C GLU D 271 -12.42 -27.01 -27.24
N LEU D 272 -13.14 -27.96 -26.64
CA LEU D 272 -14.55 -28.16 -26.97
C LEU D 272 -15.44 -27.86 -25.78
N GLY D 273 -16.52 -28.63 -25.60
CA GLY D 273 -17.54 -28.28 -24.63
C GLY D 273 -17.26 -28.77 -23.22
N GLY D 274 -18.04 -28.23 -22.28
CA GLY D 274 -17.95 -28.66 -20.89
C GLY D 274 -19.31 -28.75 -20.23
N LYS D 275 -19.33 -29.48 -19.11
CA LYS D 275 -20.47 -29.53 -18.19
C LYS D 275 -19.91 -29.59 -16.76
N ASP D 276 -19.17 -28.54 -16.40
CA ASP D 276 -18.41 -28.53 -15.15
C ASP D 276 -19.30 -28.68 -13.93
N SER D 277 -18.94 -29.61 -13.05
CA SER D 277 -19.67 -29.80 -11.81
CA SER D 277 -19.67 -29.82 -11.80
C SER D 277 -19.10 -28.92 -10.70
N ALA D 278 -19.98 -28.42 -9.83
CA ALA D 278 -19.61 -27.76 -8.59
C ALA D 278 -20.10 -28.66 -7.46
N ILE D 279 -19.17 -29.30 -6.75
CA ILE D 279 -19.49 -30.21 -5.66
C ILE D 279 -19.45 -29.43 -4.36
N VAL D 280 -20.57 -29.40 -3.63
CA VAL D 280 -20.70 -28.61 -2.42
C VAL D 280 -20.91 -29.55 -1.24
N LEU D 281 -19.94 -29.60 -0.33
CA LEU D 281 -20.01 -30.51 0.80
C LEU D 281 -20.67 -29.82 2.00
N GLU D 282 -20.94 -30.62 3.04
CA GLU D 282 -21.72 -30.12 4.17
C GLU D 282 -20.98 -29.04 4.97
N ASP D 283 -19.64 -29.04 4.93
CA ASP D 283 -18.88 -28.09 5.71
C ASP D 283 -18.51 -26.82 4.93
N ALA D 284 -19.10 -26.62 3.76
CA ALA D 284 -18.74 -25.49 2.91
C ALA D 284 -19.30 -24.17 3.42
N ASP D 285 -18.61 -23.08 3.08
CA ASP D 285 -19.16 -21.74 3.25
C ASP D 285 -20.17 -21.52 2.13
N LEU D 286 -21.45 -21.60 2.48
CA LEU D 286 -22.49 -21.67 1.45
C LEU D 286 -22.67 -20.33 0.75
N ALA D 287 -22.51 -19.23 1.49
CA ALA D 287 -22.64 -17.91 0.87
C ALA D 287 -21.53 -17.67 -0.16
N LEU D 288 -20.29 -18.05 0.17
CA LEU D 288 -19.20 -17.86 -0.76
C LEU D 288 -19.31 -18.83 -1.94
N ALA D 289 -19.74 -20.07 -1.67
CA ALA D 289 -19.96 -21.02 -2.76
C ALA D 289 -21.00 -20.47 -3.73
N ALA D 290 -22.09 -19.91 -3.21
CA ALA D 290 -23.15 -19.40 -4.07
C ALA D 290 -22.64 -18.24 -4.93
N LYS D 291 -21.81 -17.37 -4.36
CA LYS D 291 -21.29 -16.24 -5.14
C LYS D 291 -20.42 -16.74 -6.28
N ASN D 292 -19.53 -17.67 -6.00
CA ASN D 292 -18.64 -18.18 -7.04
C ASN D 292 -19.41 -18.97 -8.10
N ILE D 293 -20.41 -19.76 -7.67
CA ILE D 293 -21.21 -20.55 -8.60
C ILE D 293 -21.96 -19.65 -9.57
N VAL D 294 -22.54 -18.56 -9.06
CA VAL D 294 -23.31 -17.68 -9.94
C VAL D 294 -22.38 -16.94 -10.89
N ALA D 295 -21.27 -16.41 -10.39
CA ALA D 295 -20.31 -15.75 -11.28
C ALA D 295 -19.87 -16.68 -12.41
N GLY D 296 -19.55 -17.92 -12.07
CA GLY D 296 -19.06 -18.83 -13.09
C GLY D 296 -20.14 -19.31 -14.04
N ALA D 297 -21.34 -19.58 -13.52
CA ALA D 297 -22.35 -20.20 -14.36
C ALA D 297 -22.95 -19.22 -15.37
N PHE D 298 -23.08 -17.95 -15.00
CA PHE D 298 -23.87 -17.01 -15.80
C PHE D 298 -23.02 -15.96 -16.52
N GLY D 299 -21.70 -16.05 -16.43
CA GLY D 299 -20.85 -15.19 -17.23
C GLY D 299 -21.11 -15.33 -18.72
N TYR D 300 -21.22 -14.19 -19.42
CA TYR D 300 -21.54 -14.18 -20.86
C TYR D 300 -22.75 -15.06 -21.14
N SER D 301 -23.74 -14.99 -20.25
CA SER D 301 -25.01 -15.70 -20.35
C SER D 301 -24.84 -17.22 -20.38
N GLY D 302 -23.73 -17.74 -19.85
CA GLY D 302 -23.45 -19.16 -19.87
C GLY D 302 -22.86 -19.68 -21.16
N GLN D 303 -22.48 -18.80 -22.08
CA GLN D 303 -21.94 -19.19 -23.39
C GLN D 303 -20.43 -19.38 -23.31
N ARG D 304 -20.03 -20.30 -22.42
CA ARG D 304 -18.62 -20.57 -22.16
C ARG D 304 -18.47 -22.05 -21.85
N SER D 305 -17.41 -22.66 -22.41
CA SER D 305 -17.15 -24.07 -22.17
CA SER D 305 -17.20 -24.07 -22.16
C SER D 305 -16.74 -24.33 -20.72
N THR D 306 -15.99 -23.40 -20.13
CA THR D 306 -15.52 -23.51 -18.76
C THR D 306 -16.42 -22.61 -17.91
N ALA D 307 -17.25 -23.24 -17.10
CA ALA D 307 -18.32 -22.56 -16.37
C ALA D 307 -19.07 -23.60 -15.55
N VAL D 308 -19.45 -23.27 -14.33
CA VAL D 308 -20.26 -24.18 -13.53
C VAL D 308 -21.56 -24.43 -14.26
N LYS D 309 -21.85 -25.69 -14.58
CA LYS D 309 -23.05 -26.04 -15.32
C LYS D 309 -23.94 -27.04 -14.60
N ARG D 310 -23.53 -27.55 -13.44
CA ARG D 310 -24.41 -28.34 -12.60
C ARG D 310 -23.87 -28.29 -11.17
N VAL D 311 -24.77 -28.10 -10.21
CA VAL D 311 -24.41 -28.11 -8.80
C VAL D 311 -24.77 -29.48 -8.25
N LEU D 312 -23.78 -30.17 -7.67
CA LEU D 312 -23.97 -31.43 -6.98
C LEU D 312 -23.78 -31.14 -5.49
N VAL D 313 -24.88 -31.06 -4.74
CA VAL D 313 -24.87 -30.56 -3.37
C VAL D 313 -25.41 -31.63 -2.43
N MET D 314 -24.75 -31.77 -1.29
CA MET D 314 -25.19 -32.72 -0.26
C MET D 314 -26.53 -32.28 0.32
N ASP D 315 -27.42 -33.27 0.52
CA ASP D 315 -28.80 -33.00 0.91
C ASP D 315 -28.91 -32.00 2.06
N LYS D 316 -28.07 -32.16 3.09
CA LYS D 316 -28.24 -31.42 4.32
C LYS D 316 -28.11 -29.91 4.12
N VAL D 317 -27.35 -29.47 3.13
CA VAL D 317 -27.16 -28.04 2.91
C VAL D 317 -27.82 -27.55 1.63
N ALA D 318 -28.57 -28.39 0.92
CA ALA D 318 -29.07 -28.02 -0.39
C ALA D 318 -30.14 -26.94 -0.31
N ASP D 319 -31.05 -27.02 0.66
CA ASP D 319 -32.08 -25.98 0.79
C ASP D 319 -31.42 -24.61 0.97
N GLN D 320 -30.47 -24.52 1.90
CA GLN D 320 -29.83 -23.23 2.19
C GLN D 320 -28.97 -22.76 1.02
N LEU D 321 -28.21 -23.67 0.39
CA LEU D 321 -27.44 -23.25 -0.77
C LEU D 321 -28.34 -22.73 -1.87
N ALA D 322 -29.46 -23.41 -2.12
CA ALA D 322 -30.35 -22.99 -3.21
C ALA D 322 -30.92 -21.60 -2.94
N ALA D 323 -31.22 -21.28 -1.69
CA ALA D 323 -31.74 -19.96 -1.39
C ALA D 323 -30.69 -18.88 -1.60
N GLU D 324 -29.43 -19.18 -1.24
CA GLU D 324 -28.34 -18.23 -1.46
C GLU D 324 -28.09 -18.02 -2.95
N ILE D 325 -28.12 -19.08 -3.75
CA ILE D 325 -27.94 -18.93 -5.20
C ILE D 325 -29.09 -18.12 -5.78
N LYS D 326 -30.32 -18.45 -5.37
CA LYS D 326 -31.51 -17.76 -5.89
C LYS D 326 -31.43 -16.26 -5.68
N THR D 327 -31.05 -15.84 -4.47
CA THR D 327 -30.97 -14.42 -4.17
C THR D 327 -30.05 -13.69 -5.15
N LEU D 328 -28.90 -14.29 -5.47
CA LEU D 328 -27.97 -13.65 -6.38
C LEU D 328 -28.46 -13.68 -7.82
N VAL D 329 -29.05 -14.80 -8.26
CA VAL D 329 -29.51 -14.88 -9.64
C VAL D 329 -30.56 -13.80 -9.89
N GLU D 330 -31.43 -13.57 -8.91
CA GLU D 330 -32.45 -12.53 -9.04
C GLU D 330 -31.85 -11.14 -9.23
N LYS D 331 -30.60 -10.92 -8.79
CA LYS D 331 -29.98 -9.62 -8.87
C LYS D 331 -29.22 -9.38 -10.17
N LEU D 332 -28.99 -10.41 -10.97
CA LEU D 332 -28.27 -10.24 -12.22
C LEU D 332 -29.04 -9.31 -13.15
N SER D 333 -28.30 -8.41 -13.82
CA SER D 333 -28.89 -7.54 -14.83
C SER D 333 -29.08 -8.28 -16.15
N VAL D 334 -30.17 -7.95 -16.85
CA VAL D 334 -30.58 -8.65 -18.07
C VAL D 334 -30.89 -7.58 -19.11
N GLY D 335 -30.10 -7.54 -20.17
CA GLY D 335 -30.28 -6.49 -21.16
C GLY D 335 -29.23 -6.42 -22.26
N MET D 336 -28.88 -5.19 -22.68
CA MET D 336 -28.13 -5.00 -23.91
C MET D 336 -26.63 -4.92 -23.64
N PRO D 337 -25.84 -5.34 -24.65
CA PRO D 337 -24.38 -5.23 -24.50
C PRO D 337 -23.88 -3.83 -24.18
N GLU D 338 -24.46 -2.80 -24.79
CA GLU D 338 -24.00 -1.44 -24.53
C GLU D 338 -24.25 -1.02 -23.10
N ASP D 339 -25.14 -1.71 -22.38
CA ASP D 339 -25.44 -1.38 -21.00
C ASP D 339 -24.66 -2.24 -20.00
N ASP D 340 -23.72 -3.06 -20.49
CA ASP D 340 -22.90 -3.93 -19.64
C ASP D 340 -23.77 -4.84 -18.77
N ALA D 341 -24.86 -5.33 -19.33
CA ALA D 341 -25.69 -6.27 -18.57
C ALA D 341 -24.93 -7.56 -18.30
N ASP D 342 -25.25 -8.19 -17.17
CA ASP D 342 -24.71 -9.52 -16.88
C ASP D 342 -25.17 -10.53 -17.92
N ILE D 343 -26.47 -10.57 -18.17
CA ILE D 343 -27.10 -11.48 -19.13
C ILE D 343 -27.43 -10.67 -20.38
N THR D 344 -26.82 -11.01 -21.51
CA THR D 344 -27.07 -10.39 -22.80
C THR D 344 -27.74 -11.39 -23.75
N PRO D 345 -28.22 -10.94 -24.91
CA PRO D 345 -28.88 -11.87 -25.84
C PRO D 345 -27.91 -12.93 -26.34
N LEU D 346 -28.44 -14.12 -26.61
CA LEU D 346 -27.62 -15.22 -27.06
C LEU D 346 -27.24 -15.06 -28.53
N ILE D 347 -26.29 -15.89 -28.96
CA ILE D 347 -25.62 -15.65 -30.23
C ILE D 347 -26.58 -15.71 -31.42
N ASP D 348 -27.59 -16.58 -31.39
CA ASP D 348 -28.57 -16.59 -32.47
C ASP D 348 -29.83 -17.35 -32.04
N THR D 349 -30.81 -17.40 -32.95
CA THR D 349 -32.13 -17.89 -32.57
C THR D 349 -32.11 -19.38 -32.27
N SER D 350 -31.35 -20.15 -33.07
CA SER D 350 -31.22 -21.57 -32.81
C SER D 350 -30.64 -21.84 -31.42
N ALA D 351 -29.64 -21.05 -31.02
CA ALA D 351 -29.06 -21.25 -29.69
C ALA D 351 -30.09 -20.99 -28.60
N ALA D 352 -30.91 -19.95 -28.76
CA ALA D 352 -31.93 -19.65 -27.75
C ALA D 352 -33.03 -20.71 -27.76
N ASP D 353 -33.42 -21.17 -28.94
CA ASP D 353 -34.38 -22.25 -29.04
C ASP D 353 -33.91 -23.49 -28.29
N PHE D 354 -32.63 -23.82 -28.43
CA PHE D 354 -32.09 -25.01 -27.77
C PHE D 354 -32.21 -24.91 -26.26
N VAL D 355 -31.89 -23.72 -25.72
CA VAL D 355 -31.97 -23.49 -24.27
C VAL D 355 -33.41 -23.56 -23.79
N GLU D 356 -34.33 -22.92 -24.54
CA GLU D 356 -35.75 -22.99 -24.17
C GLU D 356 -36.23 -24.43 -24.12
N GLY D 357 -35.76 -25.26 -25.06
CA GLY D 357 -36.13 -26.67 -25.04
C GLY D 357 -35.61 -27.40 -23.80
N LEU D 358 -34.39 -27.10 -23.38
CA LEU D 358 -33.86 -27.72 -22.17
C LEU D 358 -34.69 -27.32 -20.95
N ILE D 359 -35.11 -26.05 -20.90
CA ILE D 359 -35.90 -25.54 -19.78
C ILE D 359 -37.28 -26.20 -19.75
N LYS D 360 -37.91 -26.38 -20.90
CA LYS D 360 -39.21 -27.03 -20.94
C LYS D 360 -39.13 -28.48 -20.48
N ASP D 361 -38.10 -29.21 -20.91
CA ASP D 361 -37.95 -30.60 -20.48
C ASP D 361 -37.83 -30.69 -18.96
N ALA D 362 -37.10 -29.77 -18.34
CA ALA D 362 -36.92 -29.82 -16.89
C ALA D 362 -38.22 -29.48 -16.17
N THR D 363 -38.93 -28.45 -16.64
CA THR D 363 -40.23 -28.11 -16.08
C THR D 363 -41.20 -29.29 -16.21
N ASP D 364 -41.29 -29.87 -17.40
CA ASP D 364 -42.29 -30.90 -17.65
C ASP D 364 -42.01 -32.16 -16.85
N LYS D 365 -40.77 -32.38 -16.44
CA LYS D 365 -40.40 -33.54 -15.62
C LYS D 365 -40.35 -33.21 -14.14
N GLY D 366 -40.79 -32.02 -13.73
CA GLY D 366 -41.06 -31.75 -12.34
C GLY D 366 -40.01 -30.99 -11.56
N ALA D 367 -39.01 -30.42 -12.23
CA ALA D 367 -38.01 -29.62 -11.52
C ALA D 367 -38.65 -28.34 -10.99
N THR D 368 -38.10 -27.84 -9.88
CA THR D 368 -38.58 -26.62 -9.25
C THR D 368 -37.87 -25.42 -9.86
N ALA D 369 -38.62 -24.54 -10.52
CA ALA D 369 -38.08 -23.33 -11.10
C ALA D 369 -38.00 -22.26 -10.00
N LEU D 370 -36.78 -21.93 -9.57
CA LEU D 370 -36.57 -20.97 -8.51
C LEU D 370 -36.54 -19.53 -9.02
N THR D 371 -36.18 -19.33 -10.28
CA THR D 371 -36.34 -18.06 -10.98
C THR D 371 -37.04 -18.36 -12.30
N ALA D 372 -37.80 -17.37 -12.79
CA ALA D 372 -38.75 -17.57 -13.87
C ALA D 372 -38.10 -17.45 -15.25
N PHE D 373 -38.67 -18.18 -16.21
CA PHE D 373 -38.24 -18.15 -17.60
C PHE D 373 -38.97 -17.06 -18.38
N ASN D 374 -38.21 -16.12 -18.96
CA ASN D 374 -38.72 -15.16 -19.92
C ASN D 374 -37.76 -15.11 -21.11
N ARG D 375 -38.32 -14.91 -22.30
CA ARG D 375 -37.52 -14.79 -23.51
C ARG D 375 -38.01 -13.60 -24.31
N GLU D 376 -37.12 -12.64 -24.56
CA GLU D 376 -37.39 -11.47 -25.39
C GLU D 376 -36.45 -11.54 -26.58
N GLY D 377 -36.98 -11.84 -27.76
CA GLY D 377 -36.13 -12.19 -28.87
C GLY D 377 -35.29 -13.40 -28.49
N ASN D 378 -33.97 -13.22 -28.44
CA ASN D 378 -33.04 -14.24 -28.00
C ASN D 378 -32.40 -13.89 -26.67
N LEU D 379 -32.95 -12.90 -25.94
CA LEU D 379 -32.53 -12.56 -24.59
C LEU D 379 -33.34 -13.42 -23.62
N ILE D 380 -32.70 -14.45 -23.06
CA ILE D 380 -33.32 -15.34 -22.10
C ILE D 380 -32.88 -14.94 -20.69
N SER D 381 -33.86 -14.71 -19.81
CA SER D 381 -33.55 -14.39 -18.42
CA SER D 381 -33.56 -14.40 -18.42
C SER D 381 -32.92 -15.60 -17.73
N PRO D 382 -32.14 -15.37 -16.67
CA PRO D 382 -31.43 -16.48 -16.02
C PRO D 382 -32.37 -17.37 -15.21
N VAL D 383 -32.28 -18.68 -15.44
CA VAL D 383 -33.22 -19.65 -14.88
C VAL D 383 -32.47 -20.61 -13.98
N LEU D 384 -32.93 -20.72 -12.74
CA LEU D 384 -32.35 -21.62 -11.74
C LEU D 384 -33.35 -22.70 -11.40
N PHE D 385 -32.92 -23.96 -11.53
CA PHE D 385 -33.74 -25.13 -11.25
C PHE D 385 -33.16 -25.90 -10.07
N ASP D 386 -34.05 -26.33 -9.17
CA ASP D 386 -33.73 -27.24 -8.06
C ASP D 386 -34.44 -28.56 -8.31
N HIS D 387 -34.00 -29.60 -7.57
CA HIS D 387 -34.54 -30.95 -7.69
C HIS D 387 -34.46 -31.48 -9.12
N VAL D 388 -33.33 -31.23 -9.77
CA VAL D 388 -33.07 -31.81 -11.08
C VAL D 388 -32.61 -33.25 -10.89
N THR D 389 -33.06 -34.13 -11.79
CA THR D 389 -32.77 -35.57 -11.72
C THR D 389 -32.17 -36.03 -13.05
N THR D 390 -31.62 -37.24 -13.04
CA THR D 390 -30.80 -37.70 -14.17
C THR D 390 -31.61 -37.98 -15.43
N ASP D 391 -32.93 -38.08 -15.34
CA ASP D 391 -33.76 -38.24 -16.53
C ASP D 391 -33.97 -36.94 -17.28
N MET D 392 -33.54 -35.81 -16.73
CA MET D 392 -33.70 -34.53 -17.39
C MET D 392 -32.51 -34.20 -18.27
N ARG D 393 -32.80 -33.73 -19.48
CA ARG D 393 -31.74 -33.35 -20.41
C ARG D 393 -30.78 -32.37 -19.77
N LEU D 394 -31.31 -31.46 -18.93
CA LEU D 394 -30.51 -30.40 -18.33
C LEU D 394 -29.45 -30.94 -17.37
N ALA D 395 -29.63 -32.16 -16.87
CA ALA D 395 -28.59 -32.74 -16.04
C ALA D 395 -27.30 -32.99 -16.81
N TRP D 396 -27.37 -33.16 -18.13
CA TRP D 396 -26.24 -33.63 -18.93
C TRP D 396 -25.85 -32.72 -20.08
N GLU D 397 -26.81 -32.15 -20.81
CA GLU D 397 -26.48 -31.43 -22.03
C GLU D 397 -25.96 -30.04 -21.74
N GLU D 398 -24.94 -29.64 -22.50
CA GLU D 398 -24.37 -28.30 -22.41
C GLU D 398 -25.33 -27.31 -23.04
N PRO D 399 -25.91 -26.38 -22.26
CA PRO D 399 -26.91 -25.47 -22.85
C PRO D 399 -26.32 -24.35 -23.69
N PHE D 400 -25.16 -23.84 -23.28
CA PHE D 400 -24.65 -22.57 -23.79
C PHE D 400 -25.73 -21.49 -23.67
N GLY D 401 -26.26 -21.35 -22.46
CA GLY D 401 -27.28 -20.38 -22.16
C GLY D 401 -27.42 -20.26 -20.67
N PRO D 402 -28.25 -19.32 -20.22
CA PRO D 402 -28.28 -18.96 -18.78
C PRO D 402 -29.27 -19.79 -17.95
N VAL D 403 -28.96 -21.08 -17.81
CA VAL D 403 -29.80 -22.00 -17.06
C VAL D 403 -28.90 -22.94 -16.25
N LEU D 404 -29.19 -23.04 -14.96
CA LEU D 404 -28.35 -23.81 -14.03
C LEU D 404 -29.17 -24.82 -13.24
N PRO D 405 -28.85 -26.11 -13.32
CA PRO D 405 -29.53 -27.10 -12.47
C PRO D 405 -28.81 -27.37 -11.15
N ILE D 406 -29.62 -27.62 -10.12
CA ILE D 406 -29.14 -28.07 -8.82
C ILE D 406 -29.57 -29.52 -8.65
N ILE D 407 -28.60 -30.39 -8.37
CA ILE D 407 -28.82 -31.84 -8.22
C ILE D 407 -28.41 -32.24 -6.81
N ARG D 408 -29.33 -32.84 -6.06
CA ARG D 408 -29.07 -33.22 -4.68
C ARG D 408 -28.52 -34.64 -4.62
N VAL D 409 -27.47 -34.81 -3.81
CA VAL D 409 -26.82 -36.11 -3.63
C VAL D 409 -26.79 -36.44 -2.14
N THR D 410 -26.57 -37.73 -1.86
CA THR D 410 -26.55 -38.24 -0.49
C THR D 410 -25.14 -38.50 0.04
N THR D 411 -24.17 -38.78 -0.83
CA THR D 411 -22.81 -39.04 -0.41
C THR D 411 -21.83 -38.38 -1.38
N VAL D 412 -20.59 -38.17 -0.93
CA VAL D 412 -19.57 -37.68 -1.85
C VAL D 412 -19.32 -38.69 -2.95
N GLU D 413 -19.42 -39.99 -2.61
CA GLU D 413 -19.24 -41.03 -3.63
C GLU D 413 -20.26 -40.88 -4.75
N GLU D 414 -21.50 -40.52 -4.41
CA GLU D 414 -22.52 -40.30 -5.43
C GLU D 414 -22.20 -39.08 -6.28
N ALA D 415 -21.65 -38.02 -5.66
CA ALA D 415 -21.29 -36.83 -6.43
C ALA D 415 -20.18 -37.15 -7.44
N ILE D 416 -19.17 -37.91 -7.02
CA ILE D 416 -18.10 -38.29 -7.93
C ILE D 416 -18.66 -39.11 -9.10
N LYS D 417 -19.57 -40.04 -8.80
CA LYS D 417 -20.10 -40.93 -9.83
C LYS D 417 -20.90 -40.14 -10.86
N ILE D 418 -21.80 -39.28 -10.40
CA ILE D 418 -22.60 -38.45 -11.31
C ILE D 418 -21.69 -37.51 -12.10
N SER D 419 -20.74 -36.87 -11.42
CA SER D 419 -19.82 -35.98 -12.13
C SER D 419 -19.15 -36.72 -13.29
N ASN D 420 -18.59 -37.89 -13.02
CA ASN D 420 -17.83 -38.64 -14.02
C ASN D 420 -18.69 -39.30 -15.07
N GLU D 421 -20.01 -39.40 -14.86
CA GLU D 421 -20.88 -40.00 -15.86
C GLU D 421 -21.07 -39.10 -17.07
N SER D 422 -20.73 -37.81 -16.93
CA SER D 422 -20.79 -36.89 -18.06
C SER D 422 -19.82 -37.32 -19.17
N GLU D 423 -20.23 -37.11 -20.42
CA GLU D 423 -19.31 -37.26 -21.54
C GLU D 423 -18.25 -36.15 -21.54
N TYR D 424 -18.45 -35.08 -20.77
CA TYR D 424 -17.52 -33.97 -20.70
C TYR D 424 -16.62 -34.08 -19.47
N GLY D 425 -15.44 -33.48 -19.56
CA GLY D 425 -14.47 -33.51 -18.48
C GLY D 425 -13.49 -32.36 -18.50
N LEU D 426 -14.01 -31.13 -18.48
CA LEU D 426 -13.17 -29.93 -18.60
C LEU D 426 -12.64 -29.56 -17.22
N GLN D 427 -13.47 -28.95 -16.37
CA GLN D 427 -13.07 -28.61 -15.02
C GLN D 427 -14.16 -28.95 -14.00
N ALA D 428 -13.82 -28.77 -12.73
CA ALA D 428 -14.76 -28.94 -11.63
C ALA D 428 -14.37 -28.00 -10.49
N SER D 429 -15.35 -27.68 -9.66
CA SER D 429 -15.14 -26.92 -8.43
C SER D 429 -15.51 -27.82 -7.25
N ILE D 430 -14.75 -27.71 -6.16
CA ILE D 430 -15.07 -28.36 -4.90
C ILE D 430 -15.13 -27.32 -3.80
N PHE D 431 -16.25 -27.29 -3.07
CA PHE D 431 -16.49 -26.34 -1.99
C PHE D 431 -16.54 -27.11 -0.67
N THR D 432 -15.54 -26.87 0.17
CA THR D 432 -15.34 -27.59 1.42
C THR D 432 -14.27 -26.86 2.21
N THR D 433 -14.24 -27.11 3.52
CA THR D 433 -13.15 -26.65 4.37
C THR D 433 -12.11 -27.74 4.63
N ASN D 434 -12.32 -28.95 4.09
CA ASN D 434 -11.42 -30.08 4.30
C ASN D 434 -10.61 -30.27 3.02
N PHE D 435 -9.43 -29.64 2.98
CA PHE D 435 -8.65 -29.63 1.75
C PHE D 435 -8.00 -30.98 1.49
N PRO D 436 -7.47 -31.68 2.49
CA PRO D 436 -6.96 -33.04 2.20
C PRO D 436 -8.01 -33.92 1.56
N LYS D 437 -9.26 -33.81 2.01
CA LYS D 437 -10.35 -34.57 1.40
C LYS D 437 -10.63 -34.07 -0.02
N ALA D 438 -10.59 -32.76 -0.23
CA ALA D 438 -10.84 -32.21 -1.57
C ALA D 438 -9.80 -32.69 -2.56
N PHE D 439 -8.54 -32.75 -2.14
CA PHE D 439 -7.50 -33.29 -3.03
C PHE D 439 -7.77 -34.73 -3.40
N GLY D 440 -8.24 -35.53 -2.43
CA GLY D 440 -8.58 -36.92 -2.73
C GLY D 440 -9.74 -37.06 -3.68
N ILE D 441 -10.75 -36.19 -3.54
CA ILE D 441 -11.85 -36.15 -4.50
C ILE D 441 -11.33 -35.76 -5.88
N ALA D 442 -10.50 -34.72 -5.94
CA ALA D 442 -9.98 -34.25 -7.22
C ALA D 442 -9.24 -35.35 -7.97
N GLU D 443 -8.51 -36.19 -7.25
CA GLU D 443 -7.79 -37.28 -7.91
C GLU D 443 -8.73 -38.22 -8.64
N GLN D 444 -9.98 -38.32 -8.18
CA GLN D 444 -10.96 -39.22 -8.75
C GLN D 444 -11.78 -38.58 -9.86
N LEU D 445 -11.74 -37.26 -9.99
CA LEU D 445 -12.58 -36.57 -10.97
C LEU D 445 -11.91 -36.58 -12.34
N GLU D 446 -12.69 -36.96 -13.35
CA GLU D 446 -12.20 -37.09 -14.73
C GLU D 446 -12.28 -35.74 -15.44
N VAL D 447 -11.38 -34.84 -15.05
CA VAL D 447 -11.34 -33.48 -15.57
C VAL D 447 -9.88 -33.02 -15.67
N GLY D 448 -9.67 -31.87 -16.33
CA GLY D 448 -8.36 -31.30 -16.48
C GLY D 448 -7.90 -30.52 -15.27
N THR D 449 -8.80 -29.69 -14.72
CA THR D 449 -8.48 -28.80 -13.61
C THR D 449 -9.60 -28.81 -12.58
N VAL D 450 -9.23 -28.85 -11.30
CA VAL D 450 -10.16 -28.74 -10.19
C VAL D 450 -9.81 -27.47 -9.41
N HIS D 451 -10.81 -26.60 -9.21
CA HIS D 451 -10.65 -25.38 -8.42
C HIS D 451 -11.31 -25.57 -7.05
N LEU D 452 -10.57 -25.25 -6.00
CA LEU D 452 -11.03 -25.44 -4.63
C LEU D 452 -11.57 -24.11 -4.09
N ASN D 453 -12.83 -24.13 -3.65
CA ASN D 453 -13.50 -22.95 -3.09
C ASN D 453 -13.48 -21.77 -4.05
N ASN D 454 -13.73 -22.05 -5.32
CA ASN D 454 -13.76 -21.01 -6.35
C ASN D 454 -14.39 -21.59 -7.60
N LYS D 455 -14.83 -20.68 -8.47
CA LYS D 455 -15.41 -21.06 -9.76
C LYS D 455 -14.37 -21.70 -10.66
N THR D 456 -14.84 -22.53 -11.59
CA THR D 456 -13.96 -23.00 -12.66
C THR D 456 -13.60 -21.83 -13.56
N GLN D 457 -12.40 -21.88 -14.13
CA GLN D 457 -11.93 -20.79 -14.98
C GLN D 457 -10.68 -21.23 -15.74
N ARG D 458 -10.46 -20.60 -16.90
CA ARG D 458 -9.27 -20.87 -17.68
C ARG D 458 -8.04 -20.23 -17.08
N GLY D 459 -8.17 -19.05 -16.49
CA GLY D 459 -7.02 -18.31 -16.02
C GLY D 459 -6.41 -18.89 -14.75
N THR D 460 -5.26 -18.33 -14.37
CA THR D 460 -4.46 -17.37 -15.13
C THR D 460 -3.84 -18.12 -16.31
N ASP D 461 -3.51 -17.39 -17.37
CA ASP D 461 -3.22 -18.01 -18.66
C ASP D 461 -1.87 -18.69 -18.73
N ASN D 462 -1.06 -18.58 -17.66
CA ASN D 462 0.14 -19.41 -17.56
C ASN D 462 -0.18 -20.82 -17.03
N PHE D 463 -1.32 -21.01 -16.37
CA PHE D 463 -1.71 -22.32 -15.86
C PHE D 463 -2.11 -23.25 -17.01
N PRO D 464 -2.03 -24.56 -16.82
CA PRO D 464 -2.49 -25.47 -17.88
C PRO D 464 -4.00 -25.38 -18.06
N PHE D 465 -4.44 -25.52 -19.32
CA PHE D 465 -5.86 -25.54 -19.66
C PHE D 465 -6.09 -26.72 -20.61
N LEU D 466 -6.85 -27.71 -20.13
CA LEU D 466 -7.07 -28.92 -20.89
C LEU D 466 -8.39 -29.55 -20.47
N GLY D 467 -8.94 -30.36 -21.35
CA GLY D 467 -10.14 -31.11 -21.04
C GLY D 467 -9.97 -32.58 -21.41
N ALA D 468 -10.61 -33.42 -20.61
CA ALA D 468 -10.66 -34.87 -20.79
C ALA D 468 -11.91 -35.27 -21.56
N LYS D 469 -11.93 -36.52 -22.02
CA LYS D 469 -13.10 -37.12 -22.70
C LYS D 469 -13.51 -36.19 -23.84
N LYS D 470 -14.80 -35.87 -23.99
CA LYS D 470 -15.26 -35.11 -25.15
C LYS D 470 -14.90 -33.62 -25.09
N SER D 471 -14.23 -33.17 -24.04
CA SER D 471 -13.94 -31.75 -23.86
C SER D 471 -12.71 -31.28 -24.63
N GLY D 472 -11.90 -32.17 -25.17
CA GLY D 472 -10.87 -31.75 -26.11
C GLY D 472 -9.67 -32.68 -26.13
N ALA D 473 -8.57 -32.11 -26.61
CA ALA D 473 -7.32 -32.84 -26.79
C ALA D 473 -6.20 -31.81 -26.78
N GLY D 474 -5.10 -32.14 -26.12
CA GLY D 474 -3.98 -31.23 -25.99
C GLY D 474 -4.07 -30.37 -24.74
N VAL D 475 -2.94 -29.75 -24.40
CA VAL D 475 -2.80 -28.91 -23.21
C VAL D 475 -2.40 -27.52 -23.65
N GLN D 476 -3.20 -26.52 -23.25
CA GLN D 476 -2.89 -25.12 -23.55
C GLN D 476 -2.65 -24.42 -22.22
N GLY D 477 -2.81 -23.10 -22.18
CA GLY D 477 -1.98 -22.32 -21.30
C GLY D 477 -0.68 -22.01 -22.03
N VAL D 478 0.00 -20.91 -21.71
CA VAL D 478 0.95 -20.34 -22.66
C VAL D 478 2.10 -21.31 -22.93
N LYS D 479 2.84 -21.72 -21.89
CA LYS D 479 4.03 -22.53 -22.16
C LYS D 479 3.65 -23.89 -22.75
N TYR D 480 2.53 -24.46 -22.31
CA TYR D 480 2.09 -25.75 -22.85
C TYR D 480 1.73 -25.64 -24.32
N SER D 481 1.12 -24.51 -24.72
CA SER D 481 0.74 -24.35 -26.11
CA SER D 481 0.75 -24.31 -26.11
C SER D 481 1.98 -24.19 -27.00
N ILE D 482 3.01 -23.50 -26.50
CA ILE D 482 4.25 -23.39 -27.27
C ILE D 482 4.88 -24.76 -27.46
N GLU D 483 4.93 -25.56 -26.41
CA GLU D 483 5.52 -26.90 -26.51
C GLU D 483 4.72 -27.78 -27.45
N ALA D 484 3.39 -27.65 -27.44
CA ALA D 484 2.55 -28.44 -28.33
C ALA D 484 2.84 -28.14 -29.79
N MET D 485 3.17 -26.88 -30.10
CA MET D 485 3.41 -26.45 -31.48
C MET D 485 4.90 -26.36 -31.81
N THR D 486 5.72 -27.16 -31.13
CA THR D 486 7.13 -27.34 -31.50
C THR D 486 7.45 -28.82 -31.53
N THR D 487 8.54 -29.17 -32.23
CA THR D 487 9.08 -30.52 -32.22
C THR D 487 10.55 -30.36 -31.83
N VAL D 488 11.34 -31.43 -32.04
CA VAL D 488 12.75 -31.40 -31.72
C VAL D 488 13.58 -31.90 -32.90
N LYS D 489 14.82 -31.46 -32.94
CA LYS D 489 15.83 -31.86 -33.93
C LYS D 489 17.05 -32.28 -33.13
N SER D 490 17.45 -33.54 -33.24
CA SER D 490 18.58 -34.08 -32.49
CA SER D 490 18.59 -34.05 -32.49
C SER D 490 19.78 -34.26 -33.41
N VAL D 491 20.94 -33.73 -32.99
CA VAL D 491 22.20 -33.93 -33.68
C VAL D 491 23.10 -34.73 -32.74
N VAL D 492 23.57 -35.89 -33.21
CA VAL D 492 24.29 -36.87 -32.40
C VAL D 492 25.71 -37.03 -32.93
N PHE D 493 26.70 -36.95 -32.04
CA PHE D 493 28.07 -37.19 -32.46
C PHE D 493 28.88 -37.85 -31.34
N ASP D 494 30.06 -38.34 -31.72
CA ASP D 494 30.98 -38.99 -30.79
C ASP D 494 32.14 -38.06 -30.48
N ILE D 495 32.40 -37.88 -29.18
CA ILE D 495 33.54 -37.11 -28.71
C ILE D 495 34.81 -37.93 -28.88
N GLN D 496 35.89 -37.26 -29.26
CA GLN D 496 37.18 -37.91 -29.43
C GLN D 496 38.23 -37.29 -28.50
N ALA E 23 -3.56 19.54 -33.20
CA ALA E 23 -4.81 19.04 -32.62
C ALA E 23 -4.69 17.57 -32.24
N LYS E 24 -5.01 17.26 -31.00
CA LYS E 24 -4.84 15.92 -30.46
C LYS E 24 -6.17 15.27 -30.14
N GLN E 25 -6.15 13.94 -30.11
CA GLN E 25 -7.26 13.12 -29.64
C GLN E 25 -7.10 12.91 -28.15
N TYR E 26 -7.97 13.52 -27.35
CA TYR E 26 -7.85 13.48 -25.91
C TYR E 26 -8.61 12.30 -25.30
N LYS E 27 -8.28 11.99 -24.04
CA LYS E 27 -8.77 10.82 -23.34
C LYS E 27 -9.22 11.20 -21.95
N ASN E 28 -10.15 10.42 -21.40
CA ASN E 28 -10.58 10.62 -20.02
C ASN E 28 -9.67 9.87 -19.06
N LEU E 29 -9.50 10.45 -17.87
CA LEU E 29 -8.78 9.79 -16.78
C LEU E 29 -9.79 8.93 -16.02
N VAL E 30 -9.60 7.61 -16.06
CA VAL E 30 -10.54 6.70 -15.41
C VAL E 30 -9.75 5.61 -14.69
N ASN E 31 -9.91 5.54 -13.37
CA ASN E 31 -9.28 4.52 -12.55
C ASN E 31 -7.79 4.41 -12.88
N GLY E 32 -7.13 5.56 -12.92
CA GLY E 32 -5.70 5.61 -13.12
C GLY E 32 -5.24 5.39 -14.54
N GLU E 33 -6.16 5.17 -15.47
CA GLU E 33 -5.84 4.92 -16.86
CA GLU E 33 -5.84 4.91 -16.87
C GLU E 33 -6.46 6.00 -17.74
N TRP E 34 -5.80 6.30 -18.86
CA TRP E 34 -6.36 7.20 -19.87
C TRP E 34 -7.13 6.36 -20.89
N LYS E 35 -8.34 6.80 -21.20
CA LYS E 35 -9.34 5.96 -21.86
C LYS E 35 -10.08 6.74 -22.94
N LEU E 36 -10.08 6.19 -24.16
CA LEU E 36 -10.96 6.65 -25.21
C LEU E 36 -12.34 6.03 -25.05
N SER E 37 -13.28 6.48 -25.86
CA SER E 37 -14.59 5.83 -26.01
C SER E 37 -14.79 5.42 -27.46
N GLU E 38 -15.92 4.77 -27.75
CA GLU E 38 -16.19 4.38 -29.12
C GLU E 38 -16.26 5.61 -30.04
N ASN E 39 -16.96 6.65 -29.59
CA ASN E 39 -17.18 7.86 -30.37
C ASN E 39 -16.59 9.06 -29.66
N GLU E 40 -16.50 10.18 -30.39
CA GLU E 40 -15.82 11.35 -29.86
C GLU E 40 -16.47 12.63 -30.40
N ILE E 41 -16.14 13.75 -29.75
CA ILE E 41 -16.69 15.07 -30.07
C ILE E 41 -15.55 16.00 -30.46
N THR E 42 -15.60 16.54 -31.68
CA THR E 42 -14.57 17.47 -32.14
C THR E 42 -14.84 18.87 -31.62
N ILE E 43 -13.77 19.53 -31.17
CA ILE E 43 -13.86 20.84 -30.53
CA ILE E 43 -13.84 20.84 -30.52
C ILE E 43 -13.11 21.86 -31.39
N TYR E 44 -13.75 23.01 -31.62
CA TYR E 44 -13.21 24.08 -32.46
C TYR E 44 -13.07 25.35 -31.65
N ALA E 45 -12.10 26.16 -32.02
CA ALA E 45 -11.87 27.45 -31.36
C ALA E 45 -12.96 28.46 -31.73
N PRO E 46 -13.63 29.07 -30.76
CA PRO E 46 -14.75 29.98 -31.10
C PRO E 46 -14.32 31.22 -31.87
N ALA E 47 -13.07 31.66 -31.76
CA ALA E 47 -12.68 32.89 -32.42
C ALA E 47 -12.25 32.68 -33.87
N THR E 48 -11.80 31.48 -34.22
CA THR E 48 -11.25 31.22 -35.55
C THR E 48 -11.83 30.01 -36.25
N GLY E 49 -12.45 29.07 -35.54
CA GLY E 49 -12.88 27.83 -36.14
C GLY E 49 -11.80 26.78 -36.26
N GLU E 50 -10.60 27.06 -35.76
CA GLU E 50 -9.51 26.08 -35.78
C GLU E 50 -9.91 24.82 -35.03
N GLU E 51 -9.67 23.67 -35.66
CA GLU E 51 -9.88 22.39 -35.01
C GLU E 51 -8.81 22.19 -33.94
N LEU E 52 -9.24 22.01 -32.70
CA LEU E 52 -8.33 21.87 -31.57
C LEU E 52 -8.10 20.42 -31.16
N GLY E 53 -9.03 19.52 -31.47
CA GLY E 53 -8.94 18.13 -31.07
C GLY E 53 -10.30 17.59 -30.75
N SER E 54 -10.33 16.42 -30.09
CA SER E 54 -11.59 15.76 -29.76
C SER E 54 -11.53 15.19 -28.35
N VAL E 55 -12.71 14.99 -27.78
CA VAL E 55 -12.85 14.37 -26.46
C VAL E 55 -13.87 13.24 -26.59
N PRO E 56 -13.85 12.27 -25.66
CA PRO E 56 -14.71 11.10 -25.82
C PRO E 56 -16.18 11.42 -25.56
N ALA E 57 -17.04 10.65 -26.21
CA ALA E 57 -18.49 10.76 -26.01
C ALA E 57 -18.93 9.55 -25.19
N MET E 58 -18.80 9.65 -23.87
CA MET E 58 -19.04 8.51 -23.01
C MET E 58 -20.51 8.10 -23.06
N THR E 59 -20.75 6.81 -22.85
CA THR E 59 -22.09 6.26 -22.67
C THR E 59 -22.47 6.25 -21.20
N GLN E 60 -23.73 5.94 -20.92
CA GLN E 60 -24.16 5.83 -19.53
C GLN E 60 -23.43 4.70 -18.81
N ALA E 61 -23.19 3.58 -19.51
CA ALA E 61 -22.47 2.48 -18.88
C ALA E 61 -21.05 2.88 -18.50
N GLU E 62 -20.42 3.72 -19.33
CA GLU E 62 -19.08 4.20 -18.98
C GLU E 62 -19.13 5.10 -17.74
N VAL E 63 -20.17 5.92 -17.60
CA VAL E 63 -20.32 6.71 -16.39
C VAL E 63 -20.43 5.80 -15.17
N ASP E 64 -21.19 4.71 -15.28
CA ASP E 64 -21.29 3.73 -14.20
C ASP E 64 -19.91 3.24 -13.77
N ALA E 65 -19.06 2.92 -14.75
CA ALA E 65 -17.73 2.40 -14.44
C ALA E 65 -16.87 3.45 -13.74
N VAL E 66 -16.97 4.71 -14.17
CA VAL E 66 -16.24 5.79 -13.51
C VAL E 66 -16.62 5.86 -12.04
N TYR E 67 -17.93 5.96 -11.77
CA TYR E 67 -18.41 6.06 -10.39
C TYR E 67 -18.04 4.83 -9.58
N ALA E 68 -18.12 3.64 -10.18
CA ALA E 68 -17.78 2.43 -9.44
C ALA E 68 -16.30 2.43 -9.02
N SER E 69 -15.42 2.86 -9.93
CA SER E 69 -14.00 2.94 -9.59
C SER E 69 -13.75 3.97 -8.49
N ALA E 70 -14.50 5.07 -8.51
CA ALA E 70 -14.30 6.12 -7.51
C ALA E 70 -14.72 5.64 -6.12
N LYS E 71 -15.89 4.98 -6.03
CA LYS E 71 -16.34 4.51 -4.73
C LYS E 71 -15.45 3.40 -4.20
N LYS E 72 -14.86 2.60 -5.08
CA LYS E 72 -13.91 1.59 -4.64
C LYS E 72 -12.64 2.23 -4.09
N ALA E 73 -12.19 3.33 -4.71
CA ALA E 73 -10.98 4.00 -4.25
C ALA E 73 -11.19 4.79 -2.96
N LEU E 74 -12.44 5.08 -2.61
CA LEU E 74 -12.69 6.03 -1.51
C LEU E 74 -12.11 5.52 -0.19
N SER E 75 -12.19 4.22 0.08
CA SER E 75 -11.82 3.73 1.40
C SER E 75 -10.33 3.93 1.67
N ASP E 76 -9.48 3.59 0.70
CA ASP E 76 -8.04 3.75 0.89
C ASP E 76 -7.61 5.20 0.79
N TRP E 77 -8.41 6.05 0.16
CA TRP E 77 -8.07 7.47 0.08
C TRP E 77 -8.40 8.20 1.37
N ARG E 78 -9.56 7.93 1.96
CA ARG E 78 -9.95 8.61 3.18
C ARG E 78 -9.14 8.15 4.38
N THR E 79 -8.50 6.99 4.30
CA THR E 79 -7.69 6.50 5.41
C THR E 79 -6.23 6.93 5.32
N LEU E 80 -5.81 7.53 4.21
CA LEU E 80 -4.54 8.21 4.19
C LEU E 80 -4.53 9.34 5.23
N SER E 81 -3.34 9.79 5.60
CA SER E 81 -3.21 10.96 6.46
C SER E 81 -3.48 12.22 5.66
N TYR E 82 -3.79 13.30 6.38
CA TYR E 82 -3.95 14.59 5.72
C TYR E 82 -2.68 14.99 5.01
N VAL E 83 -1.53 14.77 5.64
CA VAL E 83 -0.28 15.26 5.04
C VAL E 83 0.00 14.54 3.72
N GLU E 84 -0.38 13.25 3.63
CA GLU E 84 -0.18 12.50 2.40
C GLU E 84 -1.09 13.01 1.29
N ARG E 85 -2.34 13.33 1.60
CA ARG E 85 -3.22 13.89 0.58
C ARG E 85 -2.74 15.26 0.13
N ALA E 86 -2.30 16.10 1.08
CA ALA E 86 -1.76 17.42 0.75
C ALA E 86 -0.56 17.31 -0.18
N ALA E 87 0.30 16.31 0.03
CA ALA E 87 1.49 16.15 -0.79
C ALA E 87 1.11 15.97 -2.27
N TYR E 88 0.08 15.17 -2.55
CA TYR E 88 -0.35 14.99 -3.93
C TYR E 88 -0.81 16.32 -4.53
N LEU E 89 -1.57 17.09 -3.76
CA LEU E 89 -2.11 18.35 -4.27
C LEU E 89 -0.98 19.33 -4.57
N HIS E 90 0.02 19.41 -3.69
CA HIS E 90 1.15 20.30 -3.94
C HIS E 90 1.92 19.88 -5.19
N LYS E 91 2.09 18.58 -5.40
CA LYS E 91 2.80 18.11 -6.59
C LYS E 91 2.04 18.49 -7.86
N ALA E 92 0.72 18.33 -7.85
CA ALA E 92 -0.08 18.71 -9.01
C ALA E 92 0.02 20.21 -9.28
N ALA E 93 0.00 21.03 -8.22
CA ALA E 93 0.11 22.46 -8.43
C ALA E 93 1.47 22.83 -9.02
N ASP E 94 2.54 22.14 -8.58
CA ASP E 94 3.86 22.40 -9.12
C ASP E 94 3.92 22.09 -10.61
N ILE E 95 3.22 21.02 -11.04
CA ILE E 95 3.18 20.66 -12.45
C ILE E 95 2.38 21.68 -13.25
N LEU E 96 1.28 22.20 -12.68
CA LEU E 96 0.52 23.23 -13.37
C LEU E 96 1.36 24.47 -13.61
N VAL E 97 2.10 24.91 -12.59
CA VAL E 97 2.96 26.08 -12.75
C VAL E 97 3.98 25.81 -13.86
N ARG E 98 4.58 24.62 -13.87
CA ARG E 98 5.55 24.28 -14.90
C ARG E 98 4.95 24.40 -16.29
N ASP E 99 3.75 23.86 -16.48
CA ASP E 99 3.11 23.80 -17.78
C ASP E 99 2.14 24.97 -18.02
N ALA E 100 2.29 26.06 -17.27
CA ALA E 100 1.31 27.15 -17.35
C ALA E 100 1.18 27.69 -18.77
N GLU E 101 2.31 27.88 -19.47
CA GLU E 101 2.25 28.42 -20.82
C GLU E 101 1.63 27.42 -21.79
N LYS E 102 2.01 26.15 -21.68
CA LYS E 102 1.48 25.11 -22.56
C LYS E 102 -0.03 25.00 -22.42
N ILE E 103 -0.53 24.95 -21.19
CA ILE E 103 -1.96 24.79 -20.96
C ILE E 103 -2.71 26.06 -21.35
N GLY E 104 -2.21 27.22 -20.91
CA GLY E 104 -2.87 28.47 -21.22
C GLY E 104 -3.01 28.73 -22.71
N ALA E 105 -2.05 28.24 -23.50
CA ALA E 105 -2.13 28.45 -24.94
C ALA E 105 -3.35 27.76 -25.53
N ILE E 106 -3.68 26.57 -25.02
CA ILE E 106 -4.82 25.83 -25.55
C ILE E 106 -6.12 26.34 -24.93
N LEU E 107 -6.12 26.59 -23.63
CA LEU E 107 -7.28 27.22 -22.99
C LEU E 107 -7.70 28.48 -23.74
N SER E 108 -6.72 29.31 -24.11
CA SER E 108 -7.01 30.56 -24.80
C SER E 108 -7.82 30.31 -26.07
N LYS E 109 -7.42 29.33 -26.86
CA LYS E 109 -8.15 29.02 -28.08
C LYS E 109 -9.50 28.40 -27.79
N GLU E 110 -9.59 27.56 -26.75
CA GLU E 110 -10.81 26.77 -26.55
C GLU E 110 -11.99 27.63 -26.14
N VAL E 111 -11.77 28.66 -25.32
CA VAL E 111 -12.87 29.51 -24.87
C VAL E 111 -12.69 30.97 -25.28
N ALA E 112 -11.76 31.24 -26.21
CA ALA E 112 -11.54 32.58 -26.76
C ALA E 112 -11.19 33.58 -25.66
N LYS E 113 -10.33 33.16 -24.73
CA LYS E 113 -9.81 34.03 -23.69
C LYS E 113 -8.43 34.51 -24.11
N GLY E 114 -8.12 35.77 -23.77
CA GLY E 114 -6.82 36.34 -24.05
C GLY E 114 -5.69 35.43 -23.62
N HIS E 115 -4.65 35.32 -24.45
CA HIS E 115 -3.57 34.38 -24.19
C HIS E 115 -2.96 34.60 -22.81
N LYS E 116 -2.55 35.83 -22.51
CA LYS E 116 -1.97 36.11 -21.20
C LYS E 116 -2.96 35.85 -20.08
N ALA E 117 -4.23 36.23 -20.28
CA ALA E 117 -5.24 35.99 -19.25
C ALA E 117 -5.41 34.49 -18.99
N ALA E 118 -5.38 33.68 -20.06
CA ALA E 118 -5.53 32.25 -19.89
C ALA E 118 -4.38 31.64 -19.13
N VAL E 119 -3.15 32.10 -19.38
CA VAL E 119 -2.01 31.64 -18.62
C VAL E 119 -2.16 32.03 -17.15
N SER E 120 -2.60 33.27 -16.90
CA SER E 120 -2.82 33.71 -15.54
C SER E 120 -3.89 32.87 -14.85
N GLU E 121 -4.89 32.39 -15.60
CA GLU E 121 -5.88 31.50 -15.01
C GLU E 121 -5.20 30.26 -14.43
N VAL E 122 -4.24 29.70 -15.17
CA VAL E 122 -3.58 28.47 -14.70
C VAL E 122 -2.75 28.76 -13.46
N ILE E 123 -2.01 29.88 -13.46
CA ILE E 123 -1.21 30.26 -12.29
C ILE E 123 -2.11 30.42 -11.07
N ARG E 124 -3.26 31.07 -11.22
CA ARG E 124 -4.16 31.24 -10.09
C ARG E 124 -4.68 29.90 -9.59
N THR E 125 -4.94 28.96 -10.51
CA THR E 125 -5.43 27.65 -10.10
C THR E 125 -4.41 26.94 -9.22
N ALA E 126 -3.13 27.03 -9.57
CA ALA E 126 -2.10 26.43 -8.73
C ALA E 126 -2.09 27.08 -7.34
N GLU E 127 -2.25 28.40 -7.27
CA GLU E 127 -2.32 29.06 -5.97
C GLU E 127 -3.47 28.53 -5.14
N ILE E 128 -4.64 28.32 -5.76
CA ILE E 128 -5.80 27.82 -5.05
C ILE E 128 -5.57 26.39 -4.58
N ILE E 129 -4.97 25.55 -5.44
CA ILE E 129 -4.70 24.16 -5.06
C ILE E 129 -3.74 24.10 -3.87
N ASN E 130 -2.65 24.87 -3.92
CA ASN E 130 -1.71 24.85 -2.80
C ASN E 130 -2.36 25.34 -1.51
N TYR E 131 -3.18 26.39 -1.61
CA TYR E 131 -3.82 26.96 -0.41
C TYR E 131 -4.83 25.98 0.17
N ALA E 132 -5.56 25.27 -0.69
CA ALA E 132 -6.53 24.29 -0.19
C ALA E 132 -5.84 23.15 0.54
N ALA E 133 -4.70 22.69 0.03
CA ALA E 133 -3.97 21.61 0.67
C ALA E 133 -3.58 21.97 2.10
N GLU E 134 -3.10 23.19 2.33
CA GLU E 134 -2.66 23.58 3.66
C GLU E 134 -3.83 23.99 4.55
N GLU E 135 -4.88 24.56 3.96
CA GLU E 135 -6.09 24.82 4.74
C GLU E 135 -6.70 23.52 5.24
N GLY E 136 -6.89 22.56 4.34
CA GLY E 136 -7.61 21.36 4.69
C GLY E 136 -6.86 20.44 5.64
N LEU E 137 -5.54 20.44 5.59
CA LEU E 137 -4.81 19.49 6.42
C LEU E 137 -4.81 19.89 7.89
N ARG E 138 -5.23 21.12 8.18
CA ARG E 138 -5.38 21.60 9.54
C ARG E 138 -6.80 21.43 10.04
N MET E 139 -7.56 20.54 9.42
CA MET E 139 -8.91 20.21 9.88
C MET E 139 -8.87 19.91 11.36
N GLU E 140 -9.70 20.61 12.13
CA GLU E 140 -9.86 20.36 13.54
C GLU E 140 -11.31 20.04 13.88
N GLY E 141 -11.49 19.34 15.01
CA GLY E 141 -12.78 18.99 15.52
C GLY E 141 -13.04 19.64 16.86
N GLU E 142 -14.21 19.33 17.43
CA GLU E 142 -14.68 19.94 18.65
C GLU E 142 -14.89 18.86 19.71
N VAL E 143 -14.75 19.26 20.97
CA VAL E 143 -15.11 18.44 22.11
C VAL E 143 -16.13 19.22 22.91
N LEU E 144 -17.33 18.67 23.03
CA LEU E 144 -18.46 19.35 23.66
C LEU E 144 -18.80 18.70 24.99
N GLU E 145 -19.19 19.54 25.95
CA GLU E 145 -19.44 19.10 27.32
C GLU E 145 -20.93 18.95 27.56
N GLY E 146 -21.34 17.75 28.01
CA GLY E 146 -22.71 17.55 28.40
C GLY E 146 -23.15 18.48 29.51
N GLY E 147 -22.24 18.81 30.43
CA GLY E 147 -22.51 19.71 31.54
C GLY E 147 -22.67 21.16 31.17
N SER E 148 -22.50 21.49 29.88
CA SER E 148 -22.90 22.80 29.38
C SER E 148 -24.42 22.93 29.35
N PHE E 149 -25.13 21.82 29.23
CA PHE E 149 -26.58 21.80 29.04
C PHE E 149 -27.35 21.22 30.23
N GLU E 150 -26.89 20.14 30.85
CA GLU E 150 -27.54 19.65 32.06
C GLU E 150 -26.54 19.02 33.01
N ALA E 151 -26.72 19.29 34.30
CA ALA E 151 -25.79 18.79 35.32
C ALA E 151 -25.68 17.28 35.29
N ALA E 152 -26.79 16.58 35.04
CA ALA E 152 -26.79 15.12 35.06
C ALA E 152 -25.87 14.51 34.01
N SER E 153 -25.55 15.25 32.94
CA SER E 153 -24.72 14.75 31.85
C SER E 153 -23.30 15.32 31.89
N LYS E 154 -22.82 15.69 33.08
CA LYS E 154 -21.54 16.37 33.14
C LYS E 154 -20.37 15.47 32.77
N LYS E 155 -20.54 14.15 32.88
CA LYS E 155 -19.48 13.20 32.54
C LYS E 155 -19.58 12.71 31.09
N LYS E 156 -20.55 13.19 30.32
CA LYS E 156 -20.74 12.80 28.93
C LYS E 156 -20.15 13.86 28.02
N ILE E 157 -19.26 13.43 27.10
CA ILE E 157 -18.67 14.35 26.14
C ILE E 157 -18.87 13.81 24.73
N ALA E 158 -18.88 14.74 23.76
CA ALA E 158 -19.00 14.45 22.34
C ALA E 158 -17.70 14.85 21.65
N ILE E 159 -17.07 13.90 20.97
CA ILE E 159 -15.87 14.12 20.18
C ILE E 159 -16.32 14.21 18.73
N VAL E 160 -16.25 15.41 18.15
CA VAL E 160 -16.85 15.69 16.85
C VAL E 160 -15.73 15.91 15.84
N ARG E 161 -15.60 14.99 14.89
CA ARG E 161 -14.56 15.07 13.87
C ARG E 161 -15.19 15.16 12.49
N ARG E 162 -14.42 15.74 11.56
CA ARG E 162 -14.86 15.94 10.19
C ARG E 162 -14.56 14.70 9.34
N GLU E 163 -15.48 14.39 8.43
CA GLU E 163 -15.34 13.30 7.48
C GLU E 163 -15.74 13.76 6.09
N PRO E 164 -15.21 13.14 5.04
CA PRO E 164 -15.65 13.48 3.67
C PRO E 164 -17.10 13.06 3.44
N VAL E 165 -17.74 13.71 2.47
CA VAL E 165 -19.09 13.33 2.10
C VAL E 165 -19.11 12.11 1.19
N GLY E 166 -18.01 11.83 0.49
CA GLY E 166 -17.92 10.69 -0.40
C GLY E 166 -17.47 11.05 -1.78
N LEU E 167 -18.32 10.82 -2.77
CA LEU E 167 -18.04 11.12 -4.17
C LEU E 167 -18.62 12.50 -4.50
N VAL E 168 -17.75 13.41 -4.91
CA VAL E 168 -18.15 14.75 -5.33
C VAL E 168 -18.16 14.77 -6.86
N LEU E 169 -19.30 15.17 -7.43
CA LEU E 169 -19.39 15.49 -8.85
C LEU E 169 -19.12 16.98 -9.02
N ALA E 170 -18.03 17.31 -9.72
CA ALA E 170 -17.63 18.68 -9.98
C ALA E 170 -17.93 19.02 -11.43
N ILE E 171 -18.72 20.07 -11.64
CA ILE E 171 -19.11 20.51 -12.98
C ILE E 171 -18.56 21.92 -13.16
N SER E 172 -17.57 22.07 -14.05
CA SER E 172 -16.88 23.33 -14.27
C SER E 172 -17.58 24.17 -15.34
N PRO E 173 -17.27 25.48 -15.40
CA PRO E 173 -17.89 26.36 -16.40
C PRO E 173 -16.97 26.69 -17.57
N PHE E 174 -17.55 27.08 -18.71
CA PHE E 174 -16.73 27.36 -19.89
C PHE E 174 -15.81 28.56 -19.66
N ASN E 175 -16.23 29.54 -18.83
CA ASN E 175 -15.48 30.79 -18.74
C ASN E 175 -14.28 30.71 -17.80
N TYR E 176 -14.21 29.68 -16.97
CA TYR E 176 -13.04 29.40 -16.13
C TYR E 176 -12.82 27.90 -16.11
N PRO E 177 -12.47 27.31 -17.25
CA PRO E 177 -12.46 25.84 -17.35
C PRO E 177 -11.39 25.16 -16.52
N VAL E 178 -10.41 25.90 -16.00
CA VAL E 178 -9.36 25.35 -15.16
C VAL E 178 -9.46 25.88 -13.73
N ASN E 179 -9.61 27.20 -13.58
CA ASN E 179 -9.71 27.82 -12.26
C ASN E 179 -10.92 27.31 -11.49
N LEU E 180 -12.09 27.25 -12.13
CA LEU E 180 -13.31 26.80 -11.45
C LEU E 180 -13.59 25.31 -11.68
N ALA E 181 -12.58 24.56 -12.11
CA ALA E 181 -12.47 23.13 -11.87
C ALA E 181 -11.63 22.85 -10.64
N GLY E 182 -10.41 23.40 -10.59
CA GLY E 182 -9.55 23.19 -9.44
C GLY E 182 -10.12 23.72 -8.14
N SER E 183 -10.95 24.78 -8.21
CA SER E 183 -11.58 25.35 -7.03
C SER E 183 -12.53 24.36 -6.36
N LYS E 184 -12.97 23.34 -7.10
CA LYS E 184 -13.77 22.24 -6.59
C LYS E 184 -12.91 21.03 -6.24
N ILE E 185 -11.99 20.66 -7.14
CA ILE E 185 -11.26 19.40 -6.99
C ILE E 185 -10.38 19.43 -5.75
N ALA E 186 -9.60 20.50 -5.56
CA ALA E 186 -8.61 20.48 -4.49
C ALA E 186 -9.25 20.50 -3.11
N PRO E 187 -10.22 21.38 -2.82
CA PRO E 187 -10.91 21.29 -1.53
C PRO E 187 -11.55 19.94 -1.28
N ALA E 188 -12.20 19.36 -2.30
CA ALA E 188 -12.80 18.04 -2.15
C ALA E 188 -11.74 17.00 -1.77
N LEU E 189 -10.61 17.00 -2.46
CA LEU E 189 -9.64 15.93 -2.30
C LEU E 189 -8.95 15.98 -0.95
N ILE E 190 -8.58 17.18 -0.47
CA ILE E 190 -7.84 17.26 0.78
C ILE E 190 -8.64 16.67 1.93
N ALA E 191 -9.96 16.81 1.86
CA ALA E 191 -10.85 16.33 2.92
C ALA E 191 -11.10 14.83 2.88
N GLY E 192 -10.59 14.13 1.87
CA GLY E 192 -10.79 12.70 1.76
C GLY E 192 -11.90 12.26 0.84
N ASN E 193 -12.50 13.19 0.09
CA ASN E 193 -13.48 12.84 -0.92
C ASN E 193 -12.79 12.34 -2.18
N VAL E 194 -13.52 11.56 -2.97
CA VAL E 194 -13.12 11.23 -4.34
C VAL E 194 -13.96 12.10 -5.27
N VAL E 195 -13.45 12.29 -6.48
CA VAL E 195 -13.96 13.33 -7.38
C VAL E 195 -14.12 12.79 -8.79
N ALA E 196 -15.20 13.20 -9.46
CA ALA E 196 -15.37 13.05 -10.89
C ALA E 196 -15.62 14.44 -11.46
N LEU E 197 -14.78 14.85 -12.40
CA LEU E 197 -14.92 16.16 -13.06
C LEU E 197 -15.67 15.99 -14.37
N LYS E 198 -16.77 16.73 -14.52
CA LYS E 198 -17.48 16.82 -15.81
C LYS E 198 -17.32 18.24 -16.35
N PRO E 199 -16.40 18.49 -17.27
CA PRO E 199 -16.29 19.82 -17.86
C PRO E 199 -17.35 20.01 -18.93
N PRO E 200 -17.64 21.26 -19.30
CA PRO E 200 -18.51 21.50 -20.46
C PRO E 200 -17.77 21.10 -21.72
N THR E 201 -18.54 20.71 -22.74
CA THR E 201 -17.91 20.27 -23.98
C THR E 201 -16.97 21.35 -24.52
N GLN E 202 -17.43 22.60 -24.56
CA GLN E 202 -16.56 23.72 -24.87
C GLN E 202 -15.85 24.11 -23.57
N GLY E 203 -14.66 23.53 -23.38
CA GLY E 203 -13.95 23.62 -22.11
C GLY E 203 -13.46 22.26 -21.63
N SER E 204 -13.80 21.21 -22.39
CA SER E 204 -13.43 19.86 -21.98
C SER E 204 -11.94 19.58 -22.17
N ILE E 205 -11.33 20.15 -23.22
CA ILE E 205 -9.89 19.97 -23.42
C ILE E 205 -9.13 20.57 -22.25
N SER E 206 -9.51 21.79 -21.85
CA SER E 206 -8.83 22.45 -20.74
C SER E 206 -8.97 21.66 -19.45
N GLY E 207 -10.16 21.10 -19.21
CA GLY E 207 -10.35 20.28 -18.03
C GLY E 207 -9.52 19.01 -18.06
N LEU E 208 -9.41 18.38 -19.23
CA LEU E 208 -8.56 17.18 -19.35
C LEU E 208 -7.09 17.54 -19.25
N LEU E 209 -6.71 18.76 -19.65
CA LEU E 209 -5.33 19.20 -19.45
C LEU E 209 -5.03 19.40 -17.96
N LEU E 210 -5.99 19.94 -17.22
CA LEU E 210 -5.83 20.03 -15.77
C LEU E 210 -5.66 18.64 -15.17
N ALA E 211 -6.44 17.67 -15.64
CA ALA E 211 -6.37 16.31 -15.08
C ALA E 211 -4.99 15.70 -15.29
N GLU E 212 -4.31 16.05 -16.37
CA GLU E 212 -2.97 15.52 -16.63
C GLU E 212 -2.03 15.82 -15.46
N ALA E 213 -2.17 17.00 -14.85
CA ALA E 213 -1.30 17.37 -13.75
C ALA E 213 -1.53 16.48 -12.53
N PHE E 214 -2.80 16.20 -12.22
CA PHE E 214 -3.11 15.33 -11.08
C PHE E 214 -2.63 13.90 -11.35
N ALA E 215 -2.81 13.41 -12.58
CA ALA E 215 -2.31 12.08 -12.92
C ALA E 215 -0.79 12.01 -12.74
N GLU E 216 -0.07 12.97 -13.33
CA GLU E 216 1.40 12.96 -13.22
C GLU E 216 1.85 13.12 -11.77
N ALA E 217 1.05 13.79 -10.94
CA ALA E 217 1.37 13.93 -9.53
C ALA E 217 1.22 12.61 -8.77
N GLY E 218 0.59 11.61 -9.38
CA GLY E 218 0.46 10.31 -8.78
C GLY E 218 -0.84 10.06 -8.05
N ILE E 219 -1.88 10.85 -8.29
CA ILE E 219 -3.14 10.69 -7.58
C ILE E 219 -3.55 9.23 -7.75
N PRO E 220 -3.90 8.53 -6.66
CA PRO E 220 -4.19 7.10 -6.81
C PRO E 220 -5.38 6.84 -7.72
N ALA E 221 -5.34 5.67 -8.38
CA ALA E 221 -6.37 5.29 -9.34
C ALA E 221 -7.76 5.35 -8.71
N GLY E 222 -8.66 6.08 -9.38
CA GLY E 222 -10.03 6.18 -8.95
C GLY E 222 -10.33 7.34 -8.04
N VAL E 223 -9.29 7.93 -7.43
CA VAL E 223 -9.50 9.06 -6.52
C VAL E 223 -9.99 10.27 -7.29
N PHE E 224 -9.46 10.49 -8.49
CA PHE E 224 -9.84 11.60 -9.36
C PHE E 224 -10.07 11.05 -10.76
N ASN E 225 -11.21 11.39 -11.36
CA ASN E 225 -11.61 10.90 -12.67
C ASN E 225 -12.27 12.02 -13.46
N THR E 226 -12.32 11.86 -14.78
CA THR E 226 -13.01 12.79 -15.66
C THR E 226 -14.10 12.08 -16.46
N ILE E 227 -15.13 12.84 -16.83
CA ILE E 227 -16.24 12.38 -17.65
C ILE E 227 -16.46 13.43 -18.73
N THR E 228 -16.58 13.00 -19.98
CA THR E 228 -16.97 13.87 -21.07
C THR E 228 -18.04 13.19 -21.92
N GLY E 229 -18.86 14.00 -22.57
CA GLY E 229 -19.87 13.43 -23.44
C GLY E 229 -21.00 14.42 -23.73
N ARG E 230 -22.01 13.89 -24.41
CA ARG E 230 -23.13 14.69 -24.90
C ARG E 230 -24.22 14.83 -23.83
N GLY E 231 -24.73 16.05 -23.69
CA GLY E 231 -25.75 16.30 -22.68
C GLY E 231 -26.98 15.45 -22.87
N SER E 232 -27.40 15.25 -24.13
CA SER E 232 -28.59 14.45 -24.41
C SER E 232 -28.40 12.99 -24.02
N VAL E 233 -27.16 12.52 -23.91
CA VAL E 233 -26.89 11.12 -23.58
C VAL E 233 -26.67 10.92 -22.09
N ILE E 234 -25.87 11.78 -21.45
CA ILE E 234 -25.43 11.56 -20.08
C ILE E 234 -25.68 12.75 -19.16
N GLY E 235 -26.23 13.85 -19.67
CA GLY E 235 -26.43 15.04 -18.87
C GLY E 235 -27.15 14.81 -17.57
N ASP E 236 -28.41 14.35 -17.64
CA ASP E 236 -29.15 14.07 -16.41
C ASP E 236 -28.58 12.85 -15.70
N TYR E 237 -28.06 11.87 -16.46
CA TYR E 237 -27.63 10.62 -15.86
C TYR E 237 -26.52 10.83 -14.84
N ILE E 238 -25.52 11.65 -15.18
CA ILE E 238 -24.38 11.82 -14.27
C ILE E 238 -24.84 12.41 -12.95
N VAL E 239 -25.89 13.24 -12.97
CA VAL E 239 -26.32 13.93 -11.76
C VAL E 239 -27.22 13.05 -10.91
N GLU E 240 -28.13 12.30 -11.53
CA GLU E 240 -29.10 11.50 -10.80
C GLU E 240 -28.52 10.22 -10.22
N HIS E 241 -27.32 9.81 -10.66
CA HIS E 241 -26.74 8.55 -10.23
C HIS E 241 -26.61 8.49 -8.71
N GLU E 242 -27.04 7.36 -8.12
CA GLU E 242 -27.04 7.26 -6.67
C GLU E 242 -25.64 7.18 -6.08
N ALA E 243 -24.61 6.89 -6.89
CA ALA E 243 -23.24 6.90 -6.40
C ALA E 243 -22.79 8.30 -5.97
N VAL E 244 -23.34 9.34 -6.58
CA VAL E 244 -22.91 10.70 -6.30
C VAL E 244 -23.45 11.13 -4.94
N ASN E 245 -22.57 11.65 -4.09
CA ASN E 245 -22.96 12.10 -2.76
C ASN E 245 -23.06 13.61 -2.61
N PHE E 246 -22.53 14.37 -3.58
CA PHE E 246 -22.42 15.81 -3.49
C PHE E 246 -22.25 16.36 -4.90
N ILE E 247 -22.95 17.46 -5.21
CA ILE E 247 -22.85 18.10 -6.53
C ILE E 247 -22.37 19.54 -6.37
N ASN E 248 -21.29 19.87 -7.08
CA ASN E 248 -20.62 21.17 -7.00
C ASN E 248 -20.59 21.74 -8.43
N PHE E 249 -21.44 22.74 -8.70
CA PHE E 249 -21.71 23.18 -10.07
C PHE E 249 -21.52 24.67 -10.24
N THR E 250 -20.87 25.07 -11.34
CA THR E 250 -20.79 26.46 -11.77
C THR E 250 -21.26 26.56 -13.21
N GLY E 251 -22.16 27.50 -13.49
CA GLY E 251 -22.71 27.63 -14.83
C GLY E 251 -23.88 28.59 -14.85
N SER E 252 -24.69 28.47 -15.90
CA SER E 252 -25.79 29.42 -16.09
C SER E 252 -26.93 29.16 -15.11
N THR E 253 -27.64 30.23 -14.77
CA THR E 253 -28.77 30.11 -13.85
C THR E 253 -29.78 29.08 -14.30
N PRO E 254 -30.32 29.14 -15.53
CA PRO E 254 -31.31 28.11 -15.90
C PRO E 254 -30.78 26.70 -15.79
N ILE E 255 -29.53 26.46 -16.19
CA ILE E 255 -28.97 25.11 -16.07
C ILE E 255 -28.85 24.72 -14.61
N GLY E 256 -28.37 25.63 -13.77
CA GLY E 256 -28.22 25.32 -12.36
C GLY E 256 -29.54 24.97 -11.71
N GLU E 257 -30.61 25.70 -12.07
CA GLU E 257 -31.92 25.41 -11.50
C GLU E 257 -32.36 23.99 -11.82
N GLY E 258 -32.05 23.50 -13.02
CA GLY E 258 -32.43 22.15 -13.38
C GLY E 258 -31.65 21.11 -12.62
N ILE E 259 -30.34 21.33 -12.44
CA ILE E 259 -29.54 20.37 -11.68
C ILE E 259 -30.04 20.28 -10.25
N GLY E 260 -30.53 21.38 -9.68
CA GLY E 260 -31.05 21.35 -8.33
C GLY E 260 -32.24 20.44 -8.17
N LYS E 261 -33.01 20.24 -9.25
CA LYS E 261 -34.15 19.34 -9.19
C LYS E 261 -33.74 17.88 -9.29
N LEU E 262 -32.57 17.60 -9.85
CA LEU E 262 -32.07 16.23 -9.97
C LEU E 262 -31.28 15.76 -8.76
N ALA E 263 -30.90 16.67 -7.86
CA ALA E 263 -30.08 16.28 -6.71
C ALA E 263 -30.89 15.62 -5.60
N GLY E 264 -32.20 15.82 -5.56
CA GLY E 264 -32.99 15.24 -4.48
C GLY E 264 -32.59 15.85 -3.15
N MET E 265 -32.28 14.99 -2.18
CA MET E 265 -31.89 15.44 -0.85
C MET E 265 -30.39 15.64 -0.71
N ARG E 266 -29.61 15.29 -1.71
CA ARG E 266 -28.16 15.37 -1.59
C ARG E 266 -27.70 16.82 -1.59
N PRO E 267 -26.63 17.12 -0.86
CA PRO E 267 -26.13 18.51 -0.84
C PRO E 267 -25.63 18.93 -2.22
N ILE E 268 -25.91 20.19 -2.57
CA ILE E 268 -25.43 20.76 -3.82
C ILE E 268 -24.94 22.17 -3.56
N MET E 269 -23.94 22.59 -4.34
CA MET E 269 -23.50 23.98 -4.41
C MET E 269 -23.71 24.49 -5.82
N LEU E 270 -24.19 25.73 -5.93
CA LEU E 270 -24.52 26.33 -7.22
C LEU E 270 -23.88 27.70 -7.28
N GLU E 271 -23.09 27.95 -8.32
CA GLU E 271 -22.52 29.27 -8.59
C GLU E 271 -23.09 29.72 -9.94
N LEU E 272 -24.09 30.61 -9.91
CA LEU E 272 -24.87 30.91 -11.10
C LEU E 272 -24.64 32.37 -11.53
N GLY E 273 -25.63 32.97 -12.22
CA GLY E 273 -25.44 34.27 -12.82
C GLY E 273 -25.49 35.42 -11.82
N GLY E 274 -25.15 36.61 -12.31
CA GLY E 274 -25.22 37.81 -11.50
C GLY E 274 -25.63 39.00 -12.34
N LYS E 275 -26.09 40.05 -11.65
CA LYS E 275 -26.36 41.34 -12.27
C LYS E 275 -25.87 42.41 -11.29
N ASP E 276 -24.55 42.41 -11.04
CA ASP E 276 -23.98 43.21 -9.98
C ASP E 276 -24.18 44.71 -10.21
N SER E 277 -24.63 45.41 -9.18
CA SER E 277 -24.80 46.85 -9.28
CA SER E 277 -24.82 46.86 -9.23
C SER E 277 -23.57 47.58 -8.76
N ALA E 278 -23.29 48.72 -9.38
CA ALA E 278 -22.28 49.67 -8.92
C ALA E 278 -23.04 50.92 -8.51
N ILE E 279 -23.16 51.16 -7.21
CA ILE E 279 -23.88 52.33 -6.70
C ILE E 279 -22.87 53.46 -6.52
N VAL E 280 -23.09 54.58 -7.20
CA VAL E 280 -22.17 55.72 -7.18
C VAL E 280 -22.89 56.91 -6.57
N LEU E 281 -22.42 57.34 -5.40
CA LEU E 281 -23.01 58.45 -4.69
C LEU E 281 -22.35 59.78 -5.08
N GLU E 282 -22.93 60.88 -4.59
CA GLU E 282 -22.49 62.19 -5.03
C GLU E 282 -21.07 62.53 -4.59
N ASP E 283 -20.59 61.95 -3.49
CA ASP E 283 -19.26 62.25 -2.97
C ASP E 283 -18.20 61.27 -3.46
N ALA E 284 -18.50 60.47 -4.47
CA ALA E 284 -17.58 59.44 -4.92
C ALA E 284 -16.40 60.04 -5.66
N ASP E 285 -15.28 59.31 -5.64
CA ASP E 285 -14.16 59.54 -6.56
C ASP E 285 -14.58 59.04 -7.94
N LEU E 286 -15.10 59.93 -8.77
CA LEU E 286 -15.74 59.51 -10.01
C LEU E 286 -14.76 58.87 -10.98
N ALA E 287 -13.51 59.32 -10.99
CA ALA E 287 -12.52 58.71 -11.89
C ALA E 287 -12.18 57.30 -11.44
N LEU E 288 -11.99 57.10 -10.13
CA LEU E 288 -11.76 55.76 -9.61
C LEU E 288 -12.96 54.87 -9.85
N ALA E 289 -14.17 55.41 -9.68
CA ALA E 289 -15.37 54.64 -9.97
C ALA E 289 -15.38 54.16 -11.42
N ALA E 290 -15.15 55.07 -12.37
CA ALA E 290 -15.21 54.70 -13.77
C ALA E 290 -14.16 53.64 -14.12
N LYS E 291 -12.95 53.80 -13.60
CA LYS E 291 -11.90 52.83 -13.85
C LYS E 291 -12.34 51.43 -13.41
N ASN E 292 -12.74 51.30 -12.14
CA ASN E 292 -13.16 50.01 -11.61
C ASN E 292 -14.37 49.48 -12.37
N ILE E 293 -15.34 50.33 -12.67
CA ILE E 293 -16.54 49.88 -13.37
C ILE E 293 -16.17 49.28 -14.72
N VAL E 294 -15.29 49.95 -15.47
CA VAL E 294 -14.96 49.48 -16.81
C VAL E 294 -14.13 48.19 -16.72
N ALA E 295 -13.18 48.12 -15.79
CA ALA E 295 -12.40 46.90 -15.64
C ALA E 295 -13.29 45.72 -15.26
N GLY E 296 -14.21 45.93 -14.32
CA GLY E 296 -15.04 44.84 -13.86
C GLY E 296 -16.06 44.41 -14.89
N ALA E 297 -16.64 45.38 -15.60
CA ALA E 297 -17.76 45.10 -16.49
C ALA E 297 -17.34 44.45 -17.80
N PHE E 298 -16.15 44.76 -18.32
CA PHE E 298 -15.75 44.35 -19.65
C PHE E 298 -14.64 43.31 -19.67
N GLY E 299 -14.15 42.86 -18.52
CA GLY E 299 -13.21 41.76 -18.52
C GLY E 299 -13.80 40.52 -19.18
N TYR E 300 -12.99 39.87 -20.03
CA TYR E 300 -13.41 38.67 -20.76
C TYR E 300 -14.74 38.95 -21.48
N SER E 301 -14.83 40.14 -22.07
CA SER E 301 -15.98 40.58 -22.85
C SER E 301 -17.29 40.50 -22.07
N GLY E 302 -17.20 40.61 -20.75
CA GLY E 302 -18.38 40.58 -19.91
C GLY E 302 -18.94 39.21 -19.62
N GLN E 303 -18.21 38.15 -19.96
CA GLN E 303 -18.68 36.79 -19.77
C GLN E 303 -18.26 36.26 -18.39
N ARG E 304 -18.72 36.97 -17.36
CA ARG E 304 -18.40 36.65 -15.97
C ARG E 304 -19.60 36.95 -15.09
N SER E 305 -19.87 36.06 -14.13
CA SER E 305 -21.03 36.22 -13.26
C SER E 305 -20.82 37.32 -12.23
N THR E 306 -19.59 37.46 -11.74
CA THR E 306 -19.21 38.53 -10.83
C THR E 306 -18.55 39.61 -11.68
N ALA E 307 -19.27 40.70 -11.89
CA ALA E 307 -18.88 41.75 -12.82
C ALA E 307 -19.92 42.86 -12.73
N VAL E 308 -19.49 44.12 -12.70
CA VAL E 308 -20.45 45.21 -12.72
C VAL E 308 -21.28 45.09 -13.99
N LYS E 309 -22.59 44.95 -13.83
CA LYS E 309 -23.50 44.84 -14.97
C LYS E 309 -24.54 45.94 -15.00
N ARG E 310 -24.51 46.89 -14.06
CA ARG E 310 -25.42 48.03 -14.10
C ARG E 310 -24.91 49.11 -13.14
N VAL E 311 -24.87 50.35 -13.62
CA VAL E 311 -24.44 51.47 -12.82
C VAL E 311 -25.69 52.21 -12.33
N LEU E 312 -25.81 52.34 -11.01
CA LEU E 312 -26.88 53.10 -10.39
C LEU E 312 -26.22 54.34 -9.78
N VAL E 313 -26.38 55.48 -10.44
CA VAL E 313 -25.60 56.69 -10.18
C VAL E 313 -26.53 57.85 -9.87
N MET E 314 -26.20 58.62 -8.84
CA MET E 314 -27.00 59.77 -8.47
C MET E 314 -26.98 60.82 -9.58
N ASP E 315 -28.12 61.48 -9.78
CA ASP E 315 -28.29 62.40 -10.91
CA ASP E 315 -28.29 62.40 -10.91
C ASP E 315 -27.15 63.40 -10.99
N LYS E 316 -26.81 64.04 -9.88
CA LYS E 316 -25.89 65.18 -9.91
C LYS E 316 -24.53 64.83 -10.50
N VAL E 317 -24.10 63.57 -10.38
CA VAL E 317 -22.81 63.16 -10.92
C VAL E 317 -22.93 62.24 -12.12
N ALA E 318 -24.15 61.98 -12.59
CA ALA E 318 -24.33 61.00 -13.66
C ALA E 318 -23.63 61.45 -14.95
N ASP E 319 -23.82 62.71 -15.34
CA ASP E 319 -23.21 63.21 -16.57
C ASP E 319 -21.69 63.04 -16.51
N GLN E 320 -21.06 63.49 -15.42
CA GLN E 320 -19.60 63.40 -15.32
C GLN E 320 -19.13 61.95 -15.29
N LEU E 321 -19.83 61.10 -14.54
CA LEU E 321 -19.44 59.69 -14.49
C LEU E 321 -19.52 59.07 -15.88
N ALA E 322 -20.62 59.32 -16.60
CA ALA E 322 -20.80 58.73 -17.92
C ALA E 322 -19.66 59.09 -18.86
N ALA E 323 -19.21 60.35 -18.82
CA ALA E 323 -18.13 60.77 -19.69
C ALA E 323 -16.83 60.06 -19.36
N GLU E 324 -16.54 59.89 -18.06
CA GLU E 324 -15.34 59.17 -17.66
C GLU E 324 -15.40 57.71 -18.08
N ILE E 325 -16.54 57.06 -17.89
CA ILE E 325 -16.71 55.69 -18.34
C ILE E 325 -16.54 55.63 -19.86
N LYS E 326 -17.19 56.55 -20.58
CA LYS E 326 -17.18 56.52 -22.03
C LYS E 326 -15.77 56.59 -22.60
N THR E 327 -14.93 57.46 -22.05
CA THR E 327 -13.58 57.59 -22.59
C THR E 327 -12.78 56.31 -22.39
N LEU E 328 -13.03 55.57 -21.30
CA LEU E 328 -12.30 54.33 -21.05
C LEU E 328 -12.80 53.20 -21.93
N VAL E 329 -14.11 53.13 -22.18
CA VAL E 329 -14.65 52.09 -23.05
C VAL E 329 -14.12 52.27 -24.46
N GLU E 330 -13.94 53.52 -24.89
CA GLU E 330 -13.44 53.78 -26.24
C GLU E 330 -12.02 53.28 -26.42
N LYS E 331 -11.25 53.18 -25.33
CA LYS E 331 -9.85 52.77 -25.39
C LYS E 331 -9.67 51.26 -25.37
N LEU E 332 -10.73 50.50 -25.09
CA LEU E 332 -10.63 49.05 -25.05
C LEU E 332 -10.29 48.50 -26.43
N SER E 333 -9.36 47.55 -26.47
CA SER E 333 -9.02 46.87 -27.73
C SER E 333 -10.06 45.78 -28.03
N VAL E 334 -10.36 45.62 -29.31
CA VAL E 334 -11.34 44.65 -29.80
C VAL E 334 -10.66 43.79 -30.85
N GLY E 335 -10.52 42.50 -30.56
CA GLY E 335 -9.81 41.62 -31.48
C GLY E 335 -9.70 40.18 -31.06
N MET E 336 -8.58 39.50 -31.49
CA MET E 336 -8.41 38.07 -31.36
C MET E 336 -7.71 37.70 -30.05
N PRO E 337 -8.05 36.53 -29.49
CA PRO E 337 -7.39 36.12 -28.23
C PRO E 337 -5.88 36.13 -28.32
N GLU E 338 -5.32 35.68 -29.45
CA GLU E 338 -3.86 35.63 -29.59
C GLU E 338 -3.23 37.02 -29.49
N ASP E 339 -3.99 38.08 -29.73
CA ASP E 339 -3.50 39.44 -29.62
C ASP E 339 -3.83 40.07 -28.28
N ASP E 340 -4.32 39.30 -27.31
CA ASP E 340 -4.57 39.78 -25.95
C ASP E 340 -5.49 41.01 -25.96
N ALA E 341 -6.43 41.02 -26.90
CA ALA E 341 -7.42 42.10 -26.94
C ALA E 341 -8.27 42.07 -25.67
N ASP E 342 -8.69 43.26 -25.23
CA ASP E 342 -9.59 43.36 -24.09
C ASP E 342 -10.91 42.65 -24.39
N ILE E 343 -11.49 42.92 -25.57
CA ILE E 343 -12.78 42.40 -25.99
C ILE E 343 -12.52 41.34 -27.05
N THR E 344 -12.81 40.09 -26.75
CA THR E 344 -12.64 38.97 -27.65
C THR E 344 -13.98 38.44 -28.12
N PRO E 345 -13.99 37.59 -29.15
CA PRO E 345 -15.26 37.01 -29.62
C PRO E 345 -15.94 36.20 -28.51
N LEU E 346 -17.27 36.29 -28.48
CA LEU E 346 -18.06 35.56 -27.50
C LEU E 346 -18.03 34.06 -27.78
N ILE E 347 -18.51 33.30 -26.78
CA ILE E 347 -18.27 31.86 -26.76
C ILE E 347 -18.94 31.15 -27.93
N ASP E 348 -20.11 31.61 -28.37
CA ASP E 348 -20.74 31.04 -29.55
C ASP E 348 -21.78 31.99 -30.13
N THR E 349 -22.34 31.60 -31.29
CA THR E 349 -23.23 32.50 -32.02
C THR E 349 -24.51 32.77 -31.24
N SER E 350 -25.03 31.75 -30.55
CA SER E 350 -26.22 31.96 -29.73
C SER E 350 -26.00 33.05 -28.69
N ALA E 351 -24.82 33.07 -28.06
CA ALA E 351 -24.53 34.08 -27.06
C ALA E 351 -24.51 35.48 -27.67
N ALA E 352 -23.85 35.61 -28.83
CA ALA E 352 -23.77 36.92 -29.48
C ALA E 352 -25.14 37.38 -29.96
N ASP E 353 -25.94 36.46 -30.51
CA ASP E 353 -27.30 36.79 -30.90
C ASP E 353 -28.10 37.33 -29.73
N PHE E 354 -27.96 36.72 -28.55
CA PHE E 354 -28.69 37.17 -27.37
C PHE E 354 -28.26 38.58 -26.97
N VAL E 355 -26.94 38.83 -26.94
CA VAL E 355 -26.45 40.17 -26.62
C VAL E 355 -26.99 41.19 -27.60
N GLU E 356 -26.92 40.88 -28.90
CA GLU E 356 -27.38 41.86 -29.89
C GLU E 356 -28.83 42.25 -29.66
N GLY E 357 -29.67 41.27 -29.29
CA GLY E 357 -31.08 41.59 -29.04
C GLY E 357 -31.27 42.52 -27.86
N LEU E 358 -30.46 42.35 -26.81
CA LEU E 358 -30.52 43.28 -25.68
C LEU E 358 -30.10 44.68 -26.10
N ILE E 359 -29.06 44.78 -26.92
CA ILE E 359 -28.61 46.08 -27.42
C ILE E 359 -29.70 46.72 -28.26
N LYS E 360 -30.42 45.92 -29.04
CA LYS E 360 -31.48 46.46 -29.90
C LYS E 360 -32.65 46.96 -29.06
N ASP E 361 -33.06 46.17 -28.05
CA ASP E 361 -34.18 46.58 -27.19
C ASP E 361 -33.90 47.91 -26.51
N ALA E 362 -32.69 48.10 -26.00
CA ALA E 362 -32.35 49.37 -25.35
C ALA E 362 -32.40 50.52 -26.34
N THR E 363 -31.79 50.33 -27.52
CA THR E 363 -31.78 51.40 -28.52
C THR E 363 -33.20 51.75 -28.95
N ASP E 364 -34.03 50.73 -29.21
CA ASP E 364 -35.39 50.98 -29.66
C ASP E 364 -36.23 51.72 -28.62
N LYS E 365 -35.84 51.68 -27.36
CA LYS E 365 -36.62 52.29 -26.29
C LYS E 365 -36.07 53.63 -25.83
N GLY E 366 -35.04 54.15 -26.50
CA GLY E 366 -34.59 55.50 -26.26
C GLY E 366 -33.30 55.65 -25.48
N ALA E 367 -32.62 54.56 -25.17
CA ALA E 367 -31.35 54.66 -24.47
C ALA E 367 -30.29 55.33 -25.34
N THR E 368 -29.37 56.02 -24.68
CA THR E 368 -28.33 56.78 -25.37
C THR E 368 -27.09 55.90 -25.54
N ALA E 369 -26.71 55.63 -26.79
CA ALA E 369 -25.55 54.79 -27.09
C ALA E 369 -24.31 55.68 -27.05
N LEU E 370 -23.56 55.62 -25.96
CA LEU E 370 -22.34 56.41 -25.83
C LEU E 370 -21.17 55.83 -26.60
N THR E 371 -21.21 54.54 -26.93
CA THR E 371 -20.23 53.93 -27.82
C THR E 371 -20.99 53.08 -28.84
N ALA E 372 -20.35 52.86 -29.99
CA ALA E 372 -21.03 52.36 -31.17
C ALA E 372 -21.03 50.84 -31.21
N PHE E 373 -22.19 50.27 -31.55
CA PHE E 373 -22.32 48.83 -31.72
C PHE E 373 -21.71 48.40 -33.04
N ASN E 374 -21.10 47.22 -33.03
CA ASN E 374 -20.55 46.62 -34.24
C ASN E 374 -20.40 45.12 -33.99
N ARG E 375 -20.68 44.33 -35.00
CA ARG E 375 -20.56 42.88 -34.88
C ARG E 375 -19.82 42.33 -36.09
N GLU E 376 -18.78 41.54 -35.84
CA GLU E 376 -18.00 40.85 -36.86
C GLU E 376 -17.99 39.39 -36.42
N GLY E 377 -18.76 38.56 -37.11
CA GLY E 377 -18.96 37.20 -36.60
C GLY E 377 -19.62 37.27 -35.24
N ASN E 378 -18.97 36.72 -34.22
CA ASN E 378 -19.44 36.80 -32.86
C ASN E 378 -18.62 37.76 -32.01
N LEU E 379 -17.85 38.63 -32.66
CA LEU E 379 -17.04 39.65 -31.98
C LEU E 379 -17.84 40.94 -31.92
N ILE E 380 -18.42 41.21 -30.76
CA ILE E 380 -19.24 42.40 -30.54
C ILE E 380 -18.38 43.47 -29.88
N SER E 381 -18.40 44.68 -30.44
CA SER E 381 -17.69 45.80 -29.85
C SER E 381 -18.43 46.28 -28.59
N PRO E 382 -17.70 46.85 -27.63
CA PRO E 382 -18.32 47.20 -26.33
C PRO E 382 -19.26 48.38 -26.45
N VAL E 383 -20.46 48.24 -25.88
CA VAL E 383 -21.52 49.24 -26.01
C VAL E 383 -21.87 49.75 -24.63
N LEU E 384 -21.73 51.06 -24.44
CA LEU E 384 -22.11 51.76 -23.21
C LEU E 384 -23.39 52.53 -23.45
N PHE E 385 -24.43 52.24 -22.66
CA PHE E 385 -25.71 52.93 -22.75
C PHE E 385 -25.89 53.84 -21.55
N ASP E 386 -26.48 55.02 -21.79
CA ASP E 386 -26.91 55.93 -20.74
C ASP E 386 -28.42 56.08 -20.81
N HIS E 387 -29.00 56.66 -19.75
CA HIS E 387 -30.44 56.88 -19.68
C HIS E 387 -31.22 55.58 -19.90
N VAL E 388 -30.72 54.48 -19.34
CA VAL E 388 -31.46 53.23 -19.34
C VAL E 388 -32.53 53.28 -18.26
N THR E 389 -33.68 52.67 -18.55
CA THR E 389 -34.83 52.66 -17.66
C THR E 389 -35.22 51.22 -17.35
N THR E 390 -36.05 51.05 -16.32
CA THR E 390 -36.41 49.73 -15.84
C THR E 390 -37.37 49.00 -16.76
N ASP E 391 -37.91 49.65 -17.79
CA ASP E 391 -38.72 48.95 -18.78
C ASP E 391 -37.87 48.36 -19.91
N MET E 392 -36.55 48.56 -19.89
CA MET E 392 -35.65 47.95 -20.86
C MET E 392 -35.08 46.65 -20.31
N ARG E 393 -35.02 45.63 -21.16
CA ARG E 393 -34.49 44.33 -20.74
C ARG E 393 -33.08 44.45 -20.16
N LEU E 394 -32.27 45.36 -20.73
CA LEU E 394 -30.88 45.50 -20.31
C LEU E 394 -30.75 45.95 -18.87
N ALA E 395 -31.80 46.52 -18.28
CA ALA E 395 -31.73 46.88 -16.87
C ALA E 395 -31.70 45.65 -15.98
N TRP E 396 -32.15 44.48 -16.47
CA TRP E 396 -32.35 43.33 -15.60
C TRP E 396 -31.68 42.04 -16.06
N GLU E 397 -31.64 41.76 -17.36
CA GLU E 397 -31.19 40.46 -17.84
C GLU E 397 -29.68 40.39 -17.93
N GLU E 398 -29.12 39.26 -17.51
CA GLU E 398 -27.67 39.09 -17.57
C GLU E 398 -27.24 38.89 -19.01
N PRO E 399 -26.43 39.80 -19.60
CA PRO E 399 -26.11 39.65 -21.03
C PRO E 399 -25.07 38.58 -21.32
N PHE E 400 -24.07 38.46 -20.45
CA PHE E 400 -22.86 37.70 -20.74
C PHE E 400 -22.26 38.16 -22.07
N GLY E 401 -22.18 39.48 -22.23
CA GLY E 401 -21.57 40.12 -23.36
C GLY E 401 -21.15 41.54 -23.02
N PRO E 402 -20.44 42.20 -23.93
CA PRO E 402 -19.83 43.51 -23.60
C PRO E 402 -20.78 44.69 -23.78
N VAL E 403 -21.77 44.77 -22.91
CA VAL E 403 -22.76 45.85 -22.91
C VAL E 403 -23.06 46.22 -21.47
N LEU E 404 -23.11 47.54 -21.20
CA LEU E 404 -23.30 48.04 -19.84
C LEU E 404 -24.29 49.19 -19.79
N PRO E 405 -25.33 49.09 -18.96
CA PRO E 405 -26.26 50.21 -18.78
C PRO E 405 -25.94 51.11 -17.59
N ILE E 406 -26.19 52.40 -17.79
CA ILE E 406 -26.17 53.41 -16.74
C ILE E 406 -27.60 53.79 -16.42
N ILE E 407 -27.98 53.68 -15.16
CA ILE E 407 -29.32 53.97 -14.68
C ILE E 407 -29.21 55.09 -13.65
N ARG E 408 -29.88 56.20 -13.91
CA ARG E 408 -29.82 57.35 -13.02
C ARG E 408 -30.88 57.24 -11.93
N VAL E 409 -30.49 57.57 -10.71
CA VAL E 409 -31.38 57.53 -9.56
C VAL E 409 -31.30 58.86 -8.84
N THR E 410 -32.35 59.17 -8.09
CA THR E 410 -32.45 60.44 -7.38
C THR E 410 -32.08 60.34 -5.91
N THR E 411 -32.14 59.14 -5.32
CA THR E 411 -31.84 58.95 -3.90
C THR E 411 -31.14 57.61 -3.70
N VAL E 412 -30.46 57.47 -2.56
CA VAL E 412 -29.84 56.18 -2.23
C VAL E 412 -30.92 55.13 -1.98
N GLU E 413 -32.04 55.54 -1.38
CA GLU E 413 -33.13 54.60 -1.13
C GLU E 413 -33.65 53.99 -2.43
N GLU E 414 -33.70 54.79 -3.49
CA GLU E 414 -34.10 54.29 -4.80
C GLU E 414 -33.07 53.30 -5.35
N ALA E 415 -31.77 53.61 -5.18
CA ALA E 415 -30.74 52.71 -5.66
C ALA E 415 -30.79 51.36 -4.96
N ILE E 416 -31.04 51.37 -3.65
CA ILE E 416 -31.18 50.11 -2.91
C ILE E 416 -32.36 49.31 -3.45
N LYS E 417 -33.51 49.97 -3.61
CA LYS E 417 -34.70 49.27 -4.08
C LYS E 417 -34.47 48.67 -5.46
N ILE E 418 -33.89 49.44 -6.38
CA ILE E 418 -33.65 48.95 -7.72
C ILE E 418 -32.64 47.81 -7.69
N SER E 419 -31.60 47.93 -6.87
CA SER E 419 -30.62 46.85 -6.77
C SER E 419 -31.29 45.56 -6.30
N ASN E 420 -32.07 45.65 -5.22
CA ASN E 420 -32.70 44.48 -4.63
C ASN E 420 -33.87 43.94 -5.45
N GLU E 421 -34.39 44.69 -6.42
CA GLU E 421 -35.48 44.19 -7.25
C GLU E 421 -35.00 43.13 -8.24
N SER E 422 -33.71 43.04 -8.50
CA SER E 422 -33.17 42.00 -9.37
C SER E 422 -33.41 40.62 -8.76
N GLU E 423 -33.54 39.62 -9.64
CA GLU E 423 -33.58 38.23 -9.17
C GLU E 423 -32.20 37.71 -8.80
N TYR E 424 -31.14 38.43 -9.17
CA TYR E 424 -29.77 38.08 -8.85
C TYR E 424 -29.30 38.83 -7.61
N GLY E 425 -28.32 38.25 -6.92
CA GLY E 425 -27.77 38.84 -5.72
C GLY E 425 -26.38 38.34 -5.41
N LEU E 426 -25.46 38.52 -6.34
CA LEU E 426 -24.10 37.97 -6.17
C LEU E 426 -23.25 38.96 -5.40
N GLN E 427 -22.86 40.06 -6.04
CA GLN E 427 -22.07 41.08 -5.36
C GLN E 427 -22.58 42.46 -5.73
N ALA E 428 -22.06 43.47 -5.02
CA ALA E 428 -22.33 44.85 -5.35
C ALA E 428 -21.10 45.68 -5.02
N SER E 429 -21.03 46.86 -5.63
CA SER E 429 -20.00 47.86 -5.36
C SER E 429 -20.67 49.14 -4.88
N ILE E 430 -20.06 49.81 -3.90
CA ILE E 430 -20.50 51.14 -3.48
C ILE E 430 -19.29 52.07 -3.54
N PHE E 431 -19.43 53.16 -4.30
CA PHE E 431 -18.40 54.19 -4.41
C PHE E 431 -18.88 55.42 -3.64
N THR E 432 -18.19 55.74 -2.55
CA THR E 432 -18.54 56.87 -1.71
C THR E 432 -17.39 57.10 -0.74
N THR E 433 -17.37 58.28 -0.14
CA THR E 433 -16.37 58.62 0.86
C THR E 433 -16.87 58.45 2.29
N ASN E 434 -18.16 58.16 2.48
CA ASN E 434 -18.75 58.04 3.82
C ASN E 434 -18.91 56.56 4.15
N PHE E 435 -17.91 56.01 4.84
CA PHE E 435 -17.88 54.56 5.05
C PHE E 435 -18.92 54.06 6.05
N PRO E 436 -19.15 54.76 7.16
CA PRO E 436 -20.26 54.33 8.04
C PRO E 436 -21.58 54.25 7.30
N LYS E 437 -21.86 55.22 6.43
CA LYS E 437 -23.06 55.14 5.60
C LYS E 437 -22.98 53.96 4.63
N ALA E 438 -21.82 53.76 4.00
CA ALA E 438 -21.66 52.64 3.08
C ALA E 438 -21.96 51.31 3.77
N PHE E 439 -21.44 51.12 5.00
CA PHE E 439 -21.73 49.90 5.73
C PHE E 439 -23.23 49.73 5.95
N GLY E 440 -23.92 50.82 6.30
CA GLY E 440 -25.36 50.73 6.49
C GLY E 440 -26.11 50.36 5.23
N ILE E 441 -25.65 50.89 4.08
CA ILE E 441 -26.22 50.48 2.80
C ILE E 441 -25.92 49.01 2.53
N ALA E 442 -24.68 48.58 2.79
CA ALA E 442 -24.30 47.19 2.56
C ALA E 442 -25.21 46.23 3.32
N GLU E 443 -25.58 46.57 4.56
CA GLU E 443 -26.47 45.72 5.33
C GLU E 443 -27.79 45.47 4.59
N GLN E 444 -28.25 46.45 3.81
CA GLN E 444 -29.55 46.37 3.16
C GLN E 444 -29.50 45.69 1.79
N LEU E 445 -28.33 45.51 1.19
CA LEU E 445 -28.23 44.95 -0.15
C LEU E 445 -28.26 43.42 -0.10
N GLU E 446 -29.13 42.83 -0.93
CA GLU E 446 -29.35 41.38 -0.95
C GLU E 446 -28.32 40.72 -1.86
N VAL E 447 -27.08 40.68 -1.38
CA VAL E 447 -25.93 40.13 -2.10
C VAL E 447 -25.07 39.36 -1.10
N GLY E 448 -24.12 38.60 -1.63
CA GLY E 448 -23.15 37.91 -0.80
C GLY E 448 -22.01 38.80 -0.32
N THR E 449 -21.45 39.61 -1.22
CA THR E 449 -20.29 40.46 -0.93
C THR E 449 -20.51 41.86 -1.48
N VAL E 450 -20.15 42.86 -0.67
CA VAL E 450 -20.17 44.27 -1.07
C VAL E 450 -18.75 44.82 -0.98
N HIS E 451 -18.27 45.38 -2.09
CA HIS E 451 -16.94 45.98 -2.17
C HIS E 451 -17.05 47.51 -2.11
N LEU E 452 -16.25 48.13 -1.26
CA LEU E 452 -16.28 49.58 -1.06
C LEU E 452 -15.17 50.21 -1.90
N ASN E 453 -15.56 51.08 -2.82
CA ASN E 453 -14.62 51.79 -3.70
C ASN E 453 -13.74 50.80 -4.49
N ASN E 454 -14.34 49.68 -4.90
CA ASN E 454 -13.68 48.72 -5.77
C ASN E 454 -14.72 47.99 -6.59
N LYS E 455 -14.30 47.47 -7.74
CA LYS E 455 -15.12 46.58 -8.54
C LYS E 455 -15.46 45.30 -7.77
N THR E 456 -16.55 44.66 -8.16
CA THR E 456 -16.85 43.35 -7.58
C THR E 456 -15.84 42.32 -8.12
N GLN E 457 -15.57 41.30 -7.29
CA GLN E 457 -14.58 40.30 -7.65
C GLN E 457 -14.68 39.12 -6.71
N ARG E 458 -14.23 37.95 -7.18
CA ARG E 458 -14.24 36.75 -6.36
C ARG E 458 -13.09 36.73 -5.36
N GLY E 459 -11.94 37.29 -5.72
CA GLY E 459 -10.76 37.23 -4.87
C GLY E 459 -10.83 38.19 -3.69
N THR E 460 -9.84 38.02 -2.80
CA THR E 460 -8.84 36.96 -2.80
C THR E 460 -9.56 35.64 -2.46
N ASP E 461 -8.99 34.51 -2.87
CA ASP E 461 -9.73 33.27 -2.84
C ASP E 461 -9.86 32.67 -1.44
N ASN E 462 -9.26 33.28 -0.41
CA ASN E 462 -9.56 32.89 0.95
C ASN E 462 -10.85 33.52 1.45
N PHE E 463 -11.29 34.61 0.83
CA PHE E 463 -12.52 35.29 1.21
C PHE E 463 -13.74 34.44 0.82
N PRO E 464 -14.87 34.63 1.50
CA PRO E 464 -16.09 33.90 1.10
C PRO E 464 -16.60 34.37 -0.25
N PHE E 465 -17.07 33.43 -1.06
CA PHE E 465 -17.70 33.73 -2.34
C PHE E 465 -19.07 33.04 -2.38
N LEU E 466 -20.14 33.85 -2.44
CA LEU E 466 -21.49 33.33 -2.40
C LEU E 466 -22.45 34.33 -3.03
N GLY E 467 -23.58 33.83 -3.47
CA GLY E 467 -24.63 34.67 -4.02
C GLY E 467 -25.97 34.36 -3.38
N ALA E 468 -26.79 35.40 -3.28
CA ALA E 468 -28.15 35.26 -2.79
C ALA E 468 -29.13 35.07 -3.95
N LYS E 469 -30.34 34.63 -3.61
CA LYS E 469 -31.45 34.54 -4.55
C LYS E 469 -31.04 33.66 -5.72
N LYS E 470 -31.23 34.06 -6.97
CA LYS E 470 -30.97 33.19 -8.11
C LYS E 470 -29.48 33.04 -8.42
N SER E 471 -28.59 33.70 -7.68
CA SER E 471 -27.17 33.64 -7.99
C SER E 471 -26.46 32.41 -7.45
N GLY E 472 -27.11 31.60 -6.61
CA GLY E 472 -26.55 30.31 -6.27
C GLY E 472 -26.96 29.85 -4.89
N ALA E 473 -26.23 28.85 -4.40
CA ALA E 473 -26.44 28.24 -3.10
C ALA E 473 -25.10 27.68 -2.60
N GLY E 474 -24.86 27.80 -1.30
CA GLY E 474 -23.61 27.39 -0.71
C GLY E 474 -22.59 28.52 -0.67
N VAL E 475 -21.55 28.31 0.13
CA VAL E 475 -20.48 29.29 0.31
C VAL E 475 -19.15 28.66 -0.09
N GLN E 476 -18.46 29.30 -1.04
CA GLN E 476 -17.12 28.90 -1.46
C GLN E 476 -16.13 30.00 -1.03
N GLY E 477 -15.00 30.06 -1.70
CA GLY E 477 -13.81 30.50 -1.02
C GLY E 477 -13.21 29.28 -0.32
N VAL E 478 -11.90 29.24 -0.11
CA VAL E 478 -11.24 27.95 0.08
C VAL E 478 -11.74 27.26 1.35
N LYS E 479 -11.61 27.90 2.51
CA LYS E 479 -11.98 27.19 3.74
C LYS E 479 -13.47 26.85 3.75
N TYR E 480 -14.30 27.74 3.21
CA TYR E 480 -15.74 27.50 3.18
C TYR E 480 -16.07 26.32 2.26
N SER E 481 -15.34 26.19 1.15
CA SER E 481 -15.61 25.08 0.24
CA SER E 481 -15.59 25.08 0.23
C SER E 481 -15.22 23.76 0.86
N ILE E 482 -14.15 23.74 1.67
CA ILE E 482 -13.77 22.51 2.36
C ILE E 482 -14.85 22.11 3.36
N GLU E 483 -15.31 23.08 4.17
CA GLU E 483 -16.36 22.79 5.13
CA GLU E 483 -16.36 22.78 5.14
C GLU E 483 -17.61 22.25 4.44
N ALA E 484 -17.91 22.78 3.25
CA ALA E 484 -19.14 22.39 2.56
C ALA E 484 -19.11 20.92 2.13
N MET E 485 -17.93 20.43 1.73
CA MET E 485 -17.78 19.07 1.23
C MET E 485 -17.25 18.13 2.30
N THR E 486 -17.53 18.43 3.57
CA THR E 486 -17.35 17.49 4.67
C THR E 486 -18.64 17.43 5.49
N THR E 487 -18.77 16.37 6.27
CA THR E 487 -19.81 16.25 7.28
C THR E 487 -19.10 16.03 8.62
N VAL E 488 -19.88 15.84 9.67
CA VAL E 488 -19.29 15.58 10.98
C VAL E 488 -19.75 14.20 11.45
N LYS E 489 -18.88 13.58 12.24
CA LYS E 489 -19.15 12.31 12.91
C LYS E 489 -18.94 12.57 14.39
N SER E 490 -20.01 12.41 15.17
CA SER E 490 -19.96 12.64 16.61
C SER E 490 -19.86 11.31 17.33
N VAL E 491 -18.84 11.16 18.19
CA VAL E 491 -18.70 9.99 19.03
C VAL E 491 -18.87 10.42 20.49
N VAL E 492 -19.85 9.85 21.17
CA VAL E 492 -20.27 10.26 22.52
C VAL E 492 -20.00 9.11 23.48
N PHE E 493 -19.42 9.43 24.64
CA PHE E 493 -19.23 8.41 25.67
C PHE E 493 -19.24 9.08 27.04
N ASP E 494 -19.32 8.24 28.08
CA ASP E 494 -19.33 8.71 29.46
C ASP E 494 -17.99 8.42 30.12
N ILE E 495 -17.39 9.48 30.66
CA ILE E 495 -16.19 9.33 31.48
C ILE E 495 -16.57 8.74 32.83
N GLN E 496 -15.75 7.83 33.34
CA GLN E 496 -15.96 7.33 34.69
C GLN E 496 -14.69 7.52 35.49
N ALA F 23 -63.03 21.24 25.79
CA ALA F 23 -62.79 21.24 24.35
C ALA F 23 -63.01 22.62 23.75
N LYS F 24 -61.93 23.41 23.69
CA LYS F 24 -61.99 24.75 23.12
C LYS F 24 -61.96 24.69 21.59
N GLN F 25 -62.14 25.85 20.98
CA GLN F 25 -62.01 26.04 19.53
C GLN F 25 -60.73 26.88 19.33
N TYR F 26 -59.62 26.20 19.08
CA TYR F 26 -58.33 26.89 19.03
C TYR F 26 -58.21 27.74 17.77
N LYS F 27 -57.31 28.72 17.84
CA LYS F 27 -57.11 29.69 16.78
C LYS F 27 -55.64 29.84 16.46
N ASN F 28 -55.36 30.29 15.24
CA ASN F 28 -53.99 30.53 14.80
C ASN F 28 -53.52 31.94 15.18
N LEU F 29 -52.22 32.04 15.45
CA LEU F 29 -51.59 33.34 15.68
C LEU F 29 -51.22 33.93 14.33
N VAL F 30 -51.86 35.04 13.97
CA VAL F 30 -51.69 35.67 12.66
C VAL F 30 -51.48 37.16 12.89
N ASN F 31 -50.27 37.65 12.64
CA ASN F 31 -49.96 39.08 12.78
C ASN F 31 -50.41 39.61 14.14
N GLY F 32 -50.05 38.88 15.19
CA GLY F 32 -50.44 39.26 16.54
C GLY F 32 -51.92 39.11 16.84
N GLU F 33 -52.68 38.51 15.94
CA GLU F 33 -54.11 38.29 16.11
C GLU F 33 -54.39 36.80 16.22
N TRP F 34 -55.40 36.45 17.02
CA TRP F 34 -55.90 35.08 17.12
C TRP F 34 -57.11 34.95 16.22
N LYS F 35 -57.02 34.09 15.21
CA LYS F 35 -58.01 34.05 14.13
C LYS F 35 -58.56 32.67 13.89
N LEU F 36 -59.87 32.61 13.65
CA LEU F 36 -60.54 31.39 13.20
C LEU F 36 -60.56 31.35 11.67
N SER F 37 -61.01 30.22 11.13
CA SER F 37 -61.19 30.05 9.70
C SER F 37 -62.61 29.56 9.44
N GLU F 38 -63.01 29.60 8.17
CA GLU F 38 -64.34 29.13 7.79
CA GLU F 38 -64.34 29.13 7.80
C GLU F 38 -64.60 27.72 8.31
N ASN F 39 -63.70 26.79 7.97
CA ASN F 39 -63.79 25.39 8.37
C ASN F 39 -62.77 25.09 9.46
N GLU F 40 -63.00 23.99 10.18
CA GLU F 40 -62.14 23.57 11.26
C GLU F 40 -62.02 22.06 11.29
N ILE F 41 -61.06 21.57 12.08
CA ILE F 41 -60.77 20.16 12.21
C ILE F 41 -60.87 19.78 13.69
N THR F 42 -61.70 18.79 14.00
CA THR F 42 -61.80 18.29 15.36
C THR F 42 -60.72 17.25 15.60
N ILE F 43 -60.13 17.28 16.80
CA ILE F 43 -59.01 16.43 17.16
C ILE F 43 -59.42 15.55 18.33
N TYR F 44 -59.11 14.25 18.25
CA TYR F 44 -59.43 13.29 19.28
C TYR F 44 -58.16 12.65 19.83
N ALA F 45 -58.22 12.23 21.09
CA ALA F 45 -57.10 11.55 21.74
C ALA F 45 -56.95 10.13 21.20
N PRO F 46 -55.79 9.76 20.66
CA PRO F 46 -55.68 8.43 20.05
C PRO F 46 -55.96 7.28 21.00
N ALA F 47 -55.70 7.44 22.30
CA ALA F 47 -55.84 6.31 23.22
C ALA F 47 -57.26 6.13 23.71
N THR F 48 -58.08 7.18 23.69
CA THR F 48 -59.41 7.16 24.29
C THR F 48 -60.53 7.64 23.38
N GLY F 49 -60.23 8.34 22.30
CA GLY F 49 -61.27 8.93 21.48
C GLY F 49 -61.85 10.21 22.00
N GLU F 50 -61.44 10.65 23.19
CA GLU F 50 -61.96 11.89 23.78
C GLU F 50 -61.75 13.06 22.84
N GLU F 51 -62.80 13.84 22.63
CA GLU F 51 -62.69 15.04 21.81
C GLU F 51 -61.91 16.12 22.58
N LEU F 52 -60.82 16.60 21.97
CA LEU F 52 -59.95 17.57 22.62
C LEU F 52 -60.22 19.00 22.19
N GLY F 53 -60.88 19.20 21.07
CA GLY F 53 -61.14 20.52 20.53
C GLY F 53 -60.95 20.50 19.04
N SER F 54 -60.92 21.69 18.45
CA SER F 54 -60.75 21.86 17.02
C SER F 54 -59.64 22.85 16.74
N VAL F 55 -59.11 22.78 15.52
CA VAL F 55 -58.15 23.77 15.04
C VAL F 55 -58.61 24.28 13.69
N PRO F 56 -58.18 25.47 13.29
CA PRO F 56 -58.64 26.03 12.01
C PRO F 56 -58.17 25.19 10.83
N ALA F 57 -59.00 25.16 9.79
CA ALA F 57 -58.62 24.59 8.50
C ALA F 57 -58.43 25.78 7.56
N MET F 58 -57.20 26.30 7.52
CA MET F 58 -56.94 27.54 6.81
C MET F 58 -57.13 27.38 5.30
N THR F 59 -57.56 28.47 4.68
CA THR F 59 -57.59 28.60 3.23
C THR F 59 -56.23 29.10 2.74
N GLN F 60 -56.07 29.14 1.42
CA GLN F 60 -54.82 29.62 0.85
C GLN F 60 -54.69 31.13 0.99
N ALA F 61 -55.81 31.86 0.99
CA ALA F 61 -55.75 33.30 1.22
C ALA F 61 -55.35 33.61 2.65
N GLU F 62 -55.73 32.77 3.62
CA GLU F 62 -55.31 32.98 5.00
C GLU F 62 -53.83 32.65 5.17
N VAL F 63 -53.31 31.74 4.35
CA VAL F 63 -51.86 31.47 4.37
C VAL F 63 -51.09 32.66 3.81
N ASP F 64 -51.57 33.23 2.69
CA ASP F 64 -50.94 34.43 2.16
C ASP F 64 -50.90 35.53 3.20
N ALA F 65 -51.99 35.70 3.95
CA ALA F 65 -52.04 36.71 4.99
C ALA F 65 -50.95 36.49 6.03
N VAL F 66 -50.73 35.23 6.43
CA VAL F 66 -49.68 34.93 7.40
C VAL F 66 -48.32 35.35 6.84
N TYR F 67 -48.01 34.92 5.62
CA TYR F 67 -46.69 35.18 5.03
C TYR F 67 -46.48 36.68 4.77
N ALA F 68 -47.53 37.37 4.35
CA ALA F 68 -47.41 38.82 4.15
C ALA F 68 -47.11 39.51 5.47
N SER F 69 -47.83 39.15 6.54
CA SER F 69 -47.54 39.75 7.83
C SER F 69 -46.12 39.45 8.28
N ALA F 70 -45.59 38.29 7.91
CA ALA F 70 -44.25 37.90 8.35
C ALA F 70 -43.18 38.72 7.65
N LYS F 71 -43.26 38.82 6.32
CA LYS F 71 -42.26 39.59 5.58
C LYS F 71 -42.34 41.07 5.91
N LYS F 72 -43.53 41.57 6.24
CA LYS F 72 -43.66 42.97 6.65
C LYS F 72 -42.97 43.22 7.99
N ALA F 73 -42.97 42.23 8.89
CA ALA F 73 -42.33 42.39 10.20
C ALA F 73 -40.83 42.13 10.19
N LEU F 74 -40.29 41.53 9.12
CA LEU F 74 -38.90 41.10 9.13
C LEU F 74 -37.93 42.27 9.32
N SER F 75 -38.22 43.41 8.69
CA SER F 75 -37.26 44.52 8.72
C SER F 75 -37.08 45.05 10.13
N ASP F 76 -38.18 45.30 10.85
CA ASP F 76 -38.07 45.80 12.22
C ASP F 76 -37.52 44.75 13.16
N TRP F 77 -37.77 43.47 12.88
CA TRP F 77 -37.28 42.41 13.75
C TRP F 77 -35.79 42.21 13.59
N ARG F 78 -35.29 42.19 12.35
CA ARG F 78 -33.88 41.93 12.15
C ARG F 78 -33.01 43.12 12.58
N THR F 79 -33.58 44.31 12.72
CA THR F 79 -32.82 45.48 13.14
C THR F 79 -32.83 45.69 14.65
N LEU F 80 -33.58 44.89 15.41
CA LEU F 80 -33.42 44.90 16.85
C LEU F 80 -32.05 44.37 17.23
N SER F 81 -31.62 44.66 18.45
CA SER F 81 -30.39 44.10 18.97
C SER F 81 -30.58 42.61 19.26
N TYR F 82 -29.46 41.88 19.33
CA TYR F 82 -29.52 40.50 19.77
C TYR F 82 -30.08 40.40 21.18
N VAL F 83 -29.67 41.33 22.07
CA VAL F 83 -30.12 41.28 23.45
C VAL F 83 -31.63 41.42 23.52
N GLU F 84 -32.20 42.30 22.69
CA GLU F 84 -33.65 42.49 22.67
C GLU F 84 -34.37 41.24 22.19
N ARG F 85 -33.87 40.61 21.14
CA ARG F 85 -34.52 39.38 20.67
C ARG F 85 -34.40 38.27 21.70
N ALA F 86 -33.23 38.15 22.35
CA ALA F 86 -33.05 37.13 23.36
C ALA F 86 -34.00 37.32 24.53
N ALA F 87 -34.31 38.58 24.87
CA ALA F 87 -35.22 38.85 25.98
C ALA F 87 -36.61 38.26 25.72
N TYR F 88 -37.11 38.40 24.49
CA TYR F 88 -38.40 37.80 24.17
C TYR F 88 -38.39 36.29 24.34
N LEU F 89 -37.29 35.64 23.93
CA LEU F 89 -37.23 34.19 24.02
C LEU F 89 -37.19 33.72 25.48
N HIS F 90 -36.39 34.39 26.30
CA HIS F 90 -36.34 34.01 27.72
C HIS F 90 -37.71 34.15 28.37
N LYS F 91 -38.45 35.23 28.05
CA LYS F 91 -39.77 35.42 28.64
C LYS F 91 -40.73 34.32 28.19
N ALA F 92 -40.66 33.91 26.92
CA ALA F 92 -41.50 32.83 26.45
C ALA F 92 -41.17 31.51 27.15
N ALA F 93 -39.88 31.28 27.41
CA ALA F 93 -39.48 30.05 28.10
C ALA F 93 -40.00 30.02 29.53
N ASP F 94 -39.95 31.17 30.22
CA ASP F 94 -40.48 31.23 31.57
C ASP F 94 -41.97 30.90 31.60
N ILE F 95 -42.70 31.34 30.57
CA ILE F 95 -44.13 31.08 30.52
C ILE F 95 -44.40 29.60 30.29
N LEU F 96 -43.58 28.95 29.45
CA LEU F 96 -43.73 27.52 29.23
C LEU F 96 -43.49 26.73 30.52
N VAL F 97 -42.49 27.13 31.31
CA VAL F 97 -42.23 26.44 32.56
C VAL F 97 -43.41 26.62 33.50
N ARG F 98 -43.98 27.82 33.53
CA ARG F 98 -45.14 28.09 34.39
C ARG F 98 -46.30 27.18 34.02
N ASP F 99 -46.58 27.05 32.72
CA ASP F 99 -47.73 26.29 32.23
C ASP F 99 -47.37 24.86 31.85
N ALA F 100 -46.22 24.35 32.31
CA ALA F 100 -45.76 23.04 31.84
C ALA F 100 -46.77 21.93 32.15
N GLU F 101 -47.37 21.95 33.35
CA GLU F 101 -48.35 20.92 33.68
C GLU F 101 -49.58 21.06 32.79
N LYS F 102 -50.06 22.29 32.59
CA LYS F 102 -51.27 22.53 31.81
C LYS F 102 -51.08 22.12 30.35
N ILE F 103 -49.93 22.45 29.76
CA ILE F 103 -49.69 22.08 28.38
C ILE F 103 -49.39 20.60 28.24
N GLY F 104 -48.57 20.06 29.14
CA GLY F 104 -48.24 18.65 29.08
C GLY F 104 -49.45 17.75 29.18
N ALA F 105 -50.44 18.13 30.00
CA ALA F 105 -51.62 17.30 30.16
C ALA F 105 -52.39 17.17 28.86
N ILE F 106 -52.39 18.23 28.03
CA ILE F 106 -53.08 18.18 26.75
C ILE F 106 -52.23 17.47 25.69
N LEU F 107 -50.94 17.77 25.64
CA LEU F 107 -50.04 17.06 24.73
C LEU F 107 -50.13 15.56 24.95
N SER F 108 -50.17 15.14 26.22
CA SER F 108 -50.29 13.72 26.53
C SER F 108 -51.49 13.08 25.86
N LYS F 109 -52.66 13.73 25.97
CA LYS F 109 -53.85 13.21 25.31
C LYS F 109 -53.73 13.27 23.78
N GLU F 110 -53.17 14.36 23.25
CA GLU F 110 -53.24 14.58 21.81
C GLU F 110 -52.42 13.55 21.01
N VAL F 111 -51.27 13.12 21.53
CA VAL F 111 -50.43 12.17 20.79
C VAL F 111 -50.21 10.89 21.59
N ALA F 112 -51.02 10.66 22.63
CA ALA F 112 -50.96 9.43 23.42
C ALA F 112 -49.56 9.18 23.97
N LYS F 113 -48.93 10.23 24.46
CA LYS F 113 -47.66 10.16 25.16
C LYS F 113 -47.92 10.14 26.66
N GLY F 114 -47.14 9.34 27.37
CA GLY F 114 -47.25 9.29 28.83
C GLY F 114 -47.30 10.67 29.44
N HIS F 115 -48.18 10.86 30.43
CA HIS F 115 -48.38 12.19 31.01
C HIS F 115 -47.06 12.79 31.49
N LYS F 116 -46.34 12.06 32.35
CA LYS F 116 -45.09 12.58 32.88
C LYS F 116 -44.10 12.90 31.76
N ALA F 117 -43.99 12.01 30.77
CA ALA F 117 -43.09 12.29 29.65
C ALA F 117 -43.53 13.52 28.87
N ALA F 118 -44.82 13.78 28.80
CA ALA F 118 -45.31 14.94 28.07
C ALA F 118 -44.94 16.24 28.79
N VAL F 119 -45.12 16.28 30.11
CA VAL F 119 -44.67 17.44 30.88
C VAL F 119 -43.17 17.63 30.71
N SER F 120 -42.41 16.54 30.78
CA SER F 120 -40.96 16.65 30.59
C SER F 120 -40.62 17.23 29.22
N GLU F 121 -41.43 16.93 28.20
CA GLU F 121 -41.17 17.50 26.89
C GLU F 121 -41.26 19.03 26.92
N VAL F 122 -42.28 19.56 27.59
CA VAL F 122 -42.43 21.01 27.68
C VAL F 122 -41.25 21.63 28.42
N ILE F 123 -40.84 21.02 29.53
CA ILE F 123 -39.71 21.52 30.31
C ILE F 123 -38.43 21.53 29.48
N ARG F 124 -38.20 20.46 28.71
CA ARG F 124 -37.02 20.42 27.86
C ARG F 124 -37.07 21.48 26.77
N THR F 125 -38.28 21.79 26.26
CA THR F 125 -38.41 22.83 25.25
C THR F 125 -38.01 24.19 25.81
N ALA F 126 -38.43 24.49 27.05
CA ALA F 126 -37.98 25.72 27.69
C ALA F 126 -36.46 25.79 27.78
N GLU F 127 -35.83 24.66 28.14
CA GLU F 127 -34.36 24.62 28.22
C GLU F 127 -33.74 24.95 26.86
N ILE F 128 -34.30 24.39 25.79
CA ILE F 128 -33.74 24.61 24.47
C ILE F 128 -33.92 26.07 24.05
N ILE F 129 -35.08 26.66 24.36
CA ILE F 129 -35.33 28.06 24.00
C ILE F 129 -34.35 28.98 24.72
N ASN F 130 -34.13 28.76 26.02
CA ASN F 130 -33.20 29.61 26.76
C ASN F 130 -31.78 29.47 26.24
N TYR F 131 -31.38 28.23 25.93
CA TYR F 131 -30.01 27.97 25.45
C TYR F 131 -29.80 28.59 24.08
N ALA F 132 -30.79 28.46 23.19
CA ALA F 132 -30.69 29.08 21.88
C ALA F 132 -30.59 30.60 22.00
N ALA F 133 -31.32 31.19 22.93
CA ALA F 133 -31.28 32.64 23.11
C ALA F 133 -29.87 33.10 23.45
N GLU F 134 -29.21 32.40 24.38
CA GLU F 134 -27.87 32.80 24.81
C GLU F 134 -26.80 32.36 23.82
N GLU F 135 -26.99 31.24 23.12
CA GLU F 135 -26.04 30.86 22.09
C GLU F 135 -26.03 31.89 20.97
N GLY F 136 -27.23 32.27 20.50
CA GLY F 136 -27.32 33.07 19.29
C GLY F 136 -26.93 34.52 19.47
N LEU F 137 -27.07 35.05 20.69
CA LEU F 137 -26.76 36.45 20.90
C LEU F 137 -25.27 36.71 20.87
N ARG F 138 -24.45 35.66 21.02
CA ARG F 138 -23.01 35.75 20.93
C ARG F 138 -22.51 35.52 19.51
N MET F 139 -23.41 35.57 18.53
CA MET F 139 -23.01 35.48 17.13
C MET F 139 -21.81 36.36 16.87
N GLU F 140 -20.74 35.76 16.34
CA GLU F 140 -19.54 36.49 15.99
C GLU F 140 -19.26 36.36 14.49
N GLY F 141 -18.60 37.39 13.95
CA GLY F 141 -18.11 37.36 12.60
C GLY F 141 -16.59 37.23 12.57
N GLU F 142 -16.06 37.23 11.35
CA GLU F 142 -14.63 37.05 11.15
C GLU F 142 -14.09 38.19 10.30
N VAL F 143 -12.78 38.41 10.46
CA VAL F 143 -12.03 39.37 9.67
C VAL F 143 -10.91 38.60 8.99
N LEU F 144 -10.96 38.55 7.66
CA LEU F 144 -9.98 37.84 6.85
C LEU F 144 -9.00 38.82 6.20
N GLU F 145 -7.76 38.37 6.07
CA GLU F 145 -6.68 39.21 5.56
C GLU F 145 -6.37 38.84 4.12
N GLY F 146 -6.40 39.84 3.23
CA GLY F 146 -6.02 39.59 1.85
C GLY F 146 -4.60 39.10 1.71
N GLY F 147 -3.71 39.55 2.61
CA GLY F 147 -2.32 39.16 2.61
C GLY F 147 -2.06 37.75 3.07
N SER F 148 -3.10 37.03 3.49
CA SER F 148 -2.96 35.59 3.70
C SER F 148 -2.77 34.87 2.38
N PHE F 149 -3.29 35.44 1.29
CA PHE F 149 -3.34 34.77 -0.01
C PHE F 149 -2.42 35.40 -1.05
N GLU F 150 -2.27 36.73 -1.07
CA GLU F 150 -1.35 37.35 -2.00
C GLU F 150 -0.84 38.68 -1.47
N ALA F 151 0.45 38.92 -1.71
CA ALA F 151 1.12 40.07 -1.11
C ALA F 151 0.51 41.38 -1.58
N ALA F 152 0.12 41.44 -2.85
CA ALA F 152 -0.43 42.67 -3.41
C ALA F 152 -1.75 43.08 -2.76
N SER F 153 -2.46 42.15 -2.14
CA SER F 153 -3.72 42.46 -1.47
C SER F 153 -3.58 42.56 0.05
N LYS F 154 -2.40 42.88 0.56
CA LYS F 154 -2.22 42.85 2.01
C LYS F 154 -3.01 43.96 2.71
N LYS F 155 -3.44 45.00 2.00
CA LYS F 155 -4.23 46.06 2.62
C LYS F 155 -5.73 45.84 2.47
N LYS F 156 -6.14 44.79 1.78
CA LYS F 156 -7.54 44.44 1.60
C LYS F 156 -7.99 43.49 2.71
N ILE F 157 -9.08 43.83 3.39
CA ILE F 157 -9.63 42.97 4.42
C ILE F 157 -11.11 42.74 4.19
N ALA F 158 -11.60 41.59 4.64
CA ALA F 158 -12.99 41.19 4.50
C ALA F 158 -13.62 41.12 5.89
N ILE F 159 -14.67 41.91 6.09
CA ILE F 159 -15.45 41.92 7.33
C ILE F 159 -16.70 41.09 7.08
N VAL F 160 -16.77 39.92 7.69
CA VAL F 160 -17.80 38.92 7.40
C VAL F 160 -18.71 38.78 8.61
N ARG F 161 -19.98 39.15 8.45
CA ARG F 161 -20.98 39.11 9.51
C ARG F 161 -22.17 38.26 9.10
N ARG F 162 -22.86 37.69 10.09
CA ARG F 162 -23.98 36.81 9.85
C ARG F 162 -25.28 37.61 9.79
N GLU F 163 -26.19 37.13 8.95
CA GLU F 163 -27.49 37.75 8.73
C GLU F 163 -28.54 36.64 8.72
N PRO F 164 -29.79 36.96 9.02
CA PRO F 164 -30.86 35.97 8.86
C PRO F 164 -31.11 35.63 7.41
N VAL F 165 -31.75 34.47 7.19
CA VAL F 165 -32.17 34.09 5.85
C VAL F 165 -33.52 34.70 5.48
N GLY F 166 -34.35 35.04 6.46
CA GLY F 166 -35.64 35.65 6.19
C GLY F 166 -36.80 34.96 6.88
N LEU F 167 -37.72 34.42 6.10
CA LEU F 167 -38.88 33.71 6.63
C LEU F 167 -38.57 32.22 6.68
N VAL F 168 -38.57 31.66 7.89
CA VAL F 168 -38.40 30.23 8.09
C VAL F 168 -39.79 29.59 8.26
N LEU F 169 -40.05 28.57 7.45
CA LEU F 169 -41.20 27.69 7.65
C LEU F 169 -40.75 26.51 8.50
N ALA F 170 -41.27 26.41 9.71
CA ALA F 170 -40.96 25.30 10.62
C ALA F 170 -42.11 24.31 10.61
N ILE F 171 -41.80 23.04 10.36
CA ILE F 171 -42.78 21.96 10.32
C ILE F 171 -42.41 20.94 11.38
N SER F 172 -43.21 20.90 12.46
CA SER F 172 -42.98 20.02 13.60
C SER F 172 -43.60 18.65 13.37
N PRO F 173 -43.15 17.63 14.16
CA PRO F 173 -43.70 16.27 14.02
C PRO F 173 -44.67 15.89 15.13
N PHE F 174 -45.47 14.84 14.89
CA PHE F 174 -46.46 14.47 15.89
C PHE F 174 -45.82 13.95 17.17
N ASN F 175 -44.62 13.33 17.08
CA ASN F 175 -44.07 12.62 18.24
C ASN F 175 -43.33 13.55 19.21
N TYR F 176 -43.06 14.80 18.79
CA TYR F 176 -42.50 15.82 19.67
C TYR F 176 -43.07 17.16 19.25
N PRO F 177 -44.37 17.37 19.44
CA PRO F 177 -45.03 18.53 18.81
C PRO F 177 -44.69 19.86 19.46
N VAL F 178 -44.09 19.85 20.64
CA VAL F 178 -43.60 21.06 21.29
C VAL F 178 -42.07 21.14 21.25
N ASN F 179 -41.39 20.05 21.64
CA ASN F 179 -39.93 20.01 21.65
C ASN F 179 -39.35 20.30 20.26
N LEU F 180 -39.88 19.65 19.22
CA LEU F 180 -39.34 19.82 17.88
C LEU F 180 -40.12 20.84 17.06
N ALA F 181 -40.93 21.67 17.74
CA ALA F 181 -41.29 22.99 17.26
C ALA F 181 -40.36 24.06 17.84
N GLY F 182 -40.16 24.03 19.17
CA GLY F 182 -39.25 24.98 19.80
C GLY F 182 -37.83 24.89 19.29
N SER F 183 -37.37 23.68 18.94
CA SER F 183 -36.01 23.47 18.44
C SER F 183 -35.75 24.21 17.13
N LYS F 184 -36.81 24.57 16.40
CA LYS F 184 -36.72 25.36 15.17
C LYS F 184 -37.01 26.83 15.41
N ILE F 185 -38.04 27.13 16.22
CA ILE F 185 -38.50 28.50 16.37
C ILE F 185 -37.44 29.37 17.02
N ALA F 186 -36.89 28.91 18.14
CA ALA F 186 -36.01 29.79 18.92
C ALA F 186 -34.68 30.01 18.22
N PRO F 187 -34.00 28.99 17.68
CA PRO F 187 -32.79 29.29 16.88
C PRO F 187 -33.06 30.23 15.73
N ALA F 188 -34.20 30.09 15.06
CA ALA F 188 -34.52 30.98 13.95
C ALA F 188 -34.71 32.41 14.43
N LEU F 189 -35.47 32.59 15.52
CA LEU F 189 -35.83 33.93 15.98
C LEU F 189 -34.63 34.70 16.50
N ILE F 190 -33.74 34.05 17.27
CA ILE F 190 -32.63 34.80 17.84
C ILE F 190 -31.73 35.37 16.75
N ALA F 191 -31.63 34.67 15.61
CA ALA F 191 -30.80 35.13 14.50
C ALA F 191 -31.43 36.27 13.70
N GLY F 192 -32.68 36.60 13.96
CA GLY F 192 -33.35 37.66 13.24
C GLY F 192 -34.28 37.20 12.14
N ASN F 193 -34.53 35.90 12.02
CA ASN F 193 -35.54 35.40 11.10
C ASN F 193 -36.93 35.61 11.69
N VAL F 194 -37.92 35.65 10.81
CA VAL F 194 -39.32 35.52 11.19
C VAL F 194 -39.74 34.10 10.88
N VAL F 195 -40.78 33.62 11.57
CA VAL F 195 -41.12 32.21 11.58
C VAL F 195 -42.62 32.01 11.43
N ALA F 196 -43.00 31.04 10.59
CA ALA F 196 -44.34 30.45 10.58
C ALA F 196 -44.23 28.97 10.98
N LEU F 197 -45.00 28.58 12.00
CA LEU F 197 -45.04 27.21 12.47
C LEU F 197 -46.24 26.48 11.86
N LYS F 198 -45.97 25.40 11.15
CA LYS F 198 -47.00 24.51 10.63
C LYS F 198 -46.96 23.21 11.42
N PRO F 199 -47.83 23.01 12.41
CA PRO F 199 -47.84 21.74 13.14
C PRO F 199 -48.52 20.66 12.32
N PRO F 200 -48.30 19.39 12.65
CA PRO F 200 -49.13 18.33 12.08
C PRO F 200 -50.53 18.44 12.67
N THR F 201 -51.53 18.04 11.88
CA THR F 201 -52.91 18.14 12.36
C THR F 201 -53.05 17.42 13.70
N GLN F 202 -52.55 16.19 13.80
CA GLN F 202 -52.48 15.49 15.07
C GLN F 202 -51.25 15.99 15.81
N GLY F 203 -51.45 16.94 16.72
CA GLY F 203 -50.37 17.71 17.31
C GLY F 203 -50.51 19.21 17.15
N SER F 204 -51.57 19.68 16.48
CA SER F 204 -51.73 21.11 16.26
C SER F 204 -52.15 21.83 17.53
N ILE F 205 -52.98 21.21 18.37
CA ILE F 205 -53.35 21.83 19.63
C ILE F 205 -52.09 22.12 20.45
N SER F 206 -51.20 21.13 20.55
CA SER F 206 -49.94 21.34 21.26
C SER F 206 -49.14 22.47 20.63
N GLY F 207 -49.06 22.50 19.30
CA GLY F 207 -48.34 23.57 18.63
C GLY F 207 -48.93 24.93 18.91
N LEU F 208 -50.26 25.02 18.93
CA LEU F 208 -50.90 26.30 19.22
C LEU F 208 -50.74 26.70 20.69
N LEU F 209 -50.67 25.71 21.60
CA LEU F 209 -50.43 26.03 23.00
C LEU F 209 -49.03 26.60 23.19
N LEU F 210 -48.03 26.06 22.47
CA LEU F 210 -46.71 26.67 22.46
C LEU F 210 -46.76 28.09 21.93
N ALA F 211 -47.52 28.31 20.85
CA ALA F 211 -47.59 29.65 20.28
C ALA F 211 -48.15 30.65 21.28
N GLU F 212 -49.10 30.23 22.11
CA GLU F 212 -49.64 31.11 23.13
C GLU F 212 -48.53 31.69 24.01
N ALA F 213 -47.54 30.86 24.35
CA ALA F 213 -46.45 31.31 25.20
C ALA F 213 -45.65 32.43 24.54
N PHE F 214 -45.40 32.31 23.23
CA PHE F 214 -44.65 33.35 22.53
C PHE F 214 -45.46 34.64 22.41
N ALA F 215 -46.78 34.52 22.21
CA ALA F 215 -47.63 35.70 22.16
C ALA F 215 -47.63 36.43 23.50
N GLU F 216 -47.81 35.68 24.60
CA GLU F 216 -47.85 36.33 25.91
C GLU F 216 -46.51 36.95 26.28
N ALA F 217 -45.41 36.40 25.77
CA ALA F 217 -44.09 36.99 25.98
C ALA F 217 -43.93 38.30 25.23
N GLY F 218 -44.81 38.59 24.28
CA GLY F 218 -44.82 39.87 23.61
C GLY F 218 -44.21 39.90 22.23
N ILE F 219 -43.91 38.75 21.64
CA ILE F 219 -43.26 38.68 20.33
C ILE F 219 -44.01 39.62 19.40
N PRO F 220 -43.31 40.51 18.68
CA PRO F 220 -44.03 41.49 17.84
C PRO F 220 -44.91 40.83 16.79
N ALA F 221 -46.00 41.51 16.44
CA ALA F 221 -46.93 40.98 15.46
C ALA F 221 -46.23 40.63 14.16
N GLY F 222 -46.50 39.43 13.64
CA GLY F 222 -45.91 38.95 12.41
C GLY F 222 -44.57 38.26 12.55
N VAL F 223 -43.86 38.45 13.67
CA VAL F 223 -42.55 37.81 13.83
C VAL F 223 -42.71 36.30 13.95
N PHE F 224 -43.76 35.85 14.64
CA PHE F 224 -44.07 34.43 14.80
C PHE F 224 -45.55 34.22 14.55
N ASN F 225 -45.87 33.25 13.68
CA ASN F 225 -47.24 32.95 13.28
C ASN F 225 -47.40 31.43 13.18
N THR F 226 -48.66 30.99 13.14
CA THR F 226 -48.98 29.57 13.01
C THR F 226 -49.90 29.34 11.81
N ILE F 227 -49.77 28.16 11.20
CA ILE F 227 -50.60 27.72 10.09
C ILE F 227 -51.11 26.33 10.42
N THR F 228 -52.44 26.17 10.47
CA THR F 228 -53.06 24.85 10.57
C THR F 228 -53.98 24.62 9.37
N GLY F 229 -54.05 23.37 8.93
CA GLY F 229 -54.89 23.03 7.81
C GLY F 229 -54.64 21.61 7.33
N ARG F 230 -55.23 21.28 6.19
CA ARG F 230 -55.20 19.94 5.62
C ARG F 230 -54.11 19.85 4.56
N GLY F 231 -53.38 18.74 4.56
CA GLY F 231 -52.31 18.56 3.59
C GLY F 231 -52.77 18.68 2.15
N SER F 232 -53.94 18.12 1.84
CA SER F 232 -54.39 18.13 0.45
C SER F 232 -54.77 19.52 -0.03
N VAL F 233 -54.99 20.46 0.87
CA VAL F 233 -55.42 21.81 0.53
C VAL F 233 -54.27 22.79 0.54
N ILE F 234 -53.52 22.85 1.65
CA ILE F 234 -52.43 23.80 1.80
C ILE F 234 -51.07 23.13 1.84
N GLY F 235 -51.02 21.80 1.82
CA GLY F 235 -49.77 21.09 2.00
C GLY F 235 -48.65 21.55 1.09
N ASP F 236 -48.82 21.35 -0.22
CA ASP F 236 -47.80 21.79 -1.16
C ASP F 236 -47.76 23.31 -1.26
N TYR F 237 -48.84 23.99 -0.92
CA TYR F 237 -48.90 25.44 -1.11
C TYR F 237 -48.00 26.18 -0.13
N ILE F 238 -48.00 25.76 1.14
CA ILE F 238 -47.19 26.44 2.13
C ILE F 238 -45.70 26.32 1.80
N VAL F 239 -45.31 25.22 1.17
CA VAL F 239 -43.90 24.99 0.86
C VAL F 239 -43.50 25.74 -0.42
N GLU F 240 -44.36 25.72 -1.43
CA GLU F 240 -44.02 26.33 -2.71
C GLU F 240 -44.09 27.85 -2.68
N HIS F 241 -44.78 28.43 -1.71
CA HIS F 241 -45.00 29.87 -1.67
C HIS F 241 -43.67 30.62 -1.67
N GLU F 242 -43.56 31.64 -2.51
CA GLU F 242 -42.28 32.31 -2.72
C GLU F 242 -41.86 33.18 -1.54
N ALA F 243 -42.76 33.50 -0.63
CA ALA F 243 -42.37 34.23 0.56
C ALA F 243 -41.41 33.43 1.44
N VAL F 244 -41.44 32.11 1.34
CA VAL F 244 -40.67 31.26 2.24
C VAL F 244 -39.24 31.17 1.75
N ASN F 245 -38.28 31.50 2.63
CA ASN F 245 -36.86 31.51 2.31
C ASN F 245 -36.12 30.29 2.83
N PHE F 246 -36.75 29.46 3.67
CA PHE F 246 -36.04 28.39 4.36
C PHE F 246 -37.09 27.45 4.92
N ILE F 247 -36.87 26.14 4.76
CA ILE F 247 -37.78 25.11 5.27
C ILE F 247 -37.02 24.23 6.23
N ASN F 248 -37.60 24.02 7.42
CA ASN F 248 -36.99 23.25 8.52
C ASN F 248 -38.02 22.21 8.95
N PHE F 249 -37.81 20.95 8.58
CA PHE F 249 -38.84 19.92 8.67
C PHE F 249 -38.38 18.69 9.44
N THR F 250 -39.27 18.18 10.29
CA THR F 250 -39.11 16.90 10.97
C THR F 250 -40.34 16.06 10.69
N GLY F 251 -40.13 14.79 10.32
CA GLY F 251 -41.24 13.91 10.00
C GLY F 251 -40.76 12.66 9.28
N SER F 252 -41.68 12.02 8.58
CA SER F 252 -41.37 10.75 7.93
C SER F 252 -40.52 10.96 6.68
N THR F 253 -39.77 9.93 6.33
CA THR F 253 -38.89 10.01 5.17
C THR F 253 -39.64 10.28 3.87
N PRO F 254 -40.70 9.53 3.52
CA PRO F 254 -41.37 9.82 2.25
C PRO F 254 -41.89 11.24 2.15
N ILE F 255 -42.48 11.76 3.23
CA ILE F 255 -42.95 13.15 3.23
C ILE F 255 -41.76 14.09 3.05
N GLY F 256 -40.66 13.84 3.77
CA GLY F 256 -39.49 14.68 3.63
C GLY F 256 -38.92 14.67 2.23
N GLU F 257 -38.91 13.49 1.58
N GLU F 257 -38.91 13.50 1.58
CA GLU F 257 -38.43 13.42 0.21
CA GLU F 257 -38.43 13.42 0.21
C GLU F 257 -39.22 14.36 -0.70
C GLU F 257 -39.22 14.34 -0.71
N GLY F 258 -40.53 14.48 -0.45
CA GLY F 258 -41.34 15.34 -1.30
C GLY F 258 -41.06 16.81 -1.13
N ILE F 259 -40.70 17.23 0.10
CA ILE F 259 -40.44 18.65 0.33
C ILE F 259 -39.18 19.09 -0.40
N GLY F 260 -38.15 18.25 -0.41
CA GLY F 260 -36.93 18.61 -1.11
C GLY F 260 -37.16 18.95 -2.57
N LYS F 261 -38.13 18.29 -3.21
CA LYS F 261 -38.42 18.58 -4.61
C LYS F 261 -39.16 19.90 -4.78
N LEU F 262 -40.02 20.25 -3.82
CA LEU F 262 -40.75 21.51 -3.86
C LEU F 262 -39.94 22.68 -3.34
N ALA F 263 -38.69 22.47 -2.93
CA ALA F 263 -37.89 23.53 -2.34
C ALA F 263 -37.15 24.36 -3.38
N GLY F 264 -36.83 23.77 -4.54
CA GLY F 264 -36.04 24.50 -5.52
C GLY F 264 -34.63 24.70 -5.00
N MET F 265 -34.13 25.92 -5.16
CA MET F 265 -32.80 26.27 -4.66
C MET F 265 -32.82 26.71 -3.21
N ARG F 266 -33.99 26.80 -2.59
CA ARG F 266 -34.09 27.31 -1.24
C ARG F 266 -33.53 26.31 -0.24
N PRO F 267 -32.82 26.77 0.78
CA PRO F 267 -32.24 25.83 1.76
C PRO F 267 -33.29 25.12 2.59
N ILE F 268 -33.02 23.86 2.89
CA ILE F 268 -33.95 23.01 3.62
C ILE F 268 -33.17 22.22 4.67
N MET F 269 -33.84 21.92 5.77
CA MET F 269 -33.35 20.98 6.78
C MET F 269 -34.40 19.91 6.95
N LEU F 270 -33.95 18.64 6.99
CA LEU F 270 -34.83 17.48 7.07
C LEU F 270 -34.33 16.54 8.16
N GLU F 271 -35.22 16.23 9.11
CA GLU F 271 -34.96 15.24 10.16
C GLU F 271 -35.95 14.11 9.91
N LEU F 272 -35.48 13.01 9.34
CA LEU F 272 -36.35 11.97 8.82
C LEU F 272 -36.21 10.69 9.67
N GLY F 273 -36.38 9.53 9.03
CA GLY F 273 -36.42 8.28 9.76
C GLY F 273 -35.07 7.72 10.15
N GLY F 274 -35.12 6.66 10.95
CA GLY F 274 -33.90 5.98 11.38
C GLY F 274 -34.14 4.50 11.54
N LYS F 275 -33.05 3.74 11.50
CA LYS F 275 -33.06 2.31 11.79
C LYS F 275 -31.77 2.00 12.55
N ASP F 276 -31.61 2.65 13.71
CA ASP F 276 -30.34 2.65 14.43
C ASP F 276 -29.93 1.23 14.82
N SER F 277 -28.68 0.89 14.58
CA SER F 277 -28.16 -0.41 14.99
CA SER F 277 -28.14 -0.41 14.97
C SER F 277 -27.50 -0.33 16.36
N ALA F 278 -27.65 -1.39 17.14
CA ALA F 278 -26.90 -1.58 18.38
C ALA F 278 -25.99 -2.80 18.16
N ILE F 279 -24.69 -2.54 18.03
CA ILE F 279 -23.69 -3.58 17.75
C ILE F 279 -23.13 -4.06 19.08
N VAL F 280 -23.24 -5.37 19.35
CA VAL F 280 -22.86 -5.94 20.62
C VAL F 280 -21.77 -6.98 20.39
N LEU F 281 -20.55 -6.68 20.86
CA LEU F 281 -19.40 -7.54 20.66
C LEU F 281 -19.25 -8.53 21.81
N GLU F 282 -18.33 -9.49 21.62
CA GLU F 282 -18.22 -10.61 22.55
C GLU F 282 -17.79 -10.16 23.95
N ASP F 283 -17.09 -9.03 24.07
CA ASP F 283 -16.64 -8.58 25.39
C ASP F 283 -17.57 -7.54 26.01
N ALA F 284 -18.78 -7.38 25.48
CA ALA F 284 -19.70 -6.39 26.02
C ALA F 284 -20.22 -6.79 27.40
N ASP F 285 -20.60 -5.78 28.17
CA ASP F 285 -21.35 -5.90 29.42
C ASP F 285 -22.82 -6.13 29.03
N LEU F 286 -23.27 -7.38 29.06
CA LEU F 286 -24.57 -7.69 28.46
C LEU F 286 -25.72 -7.08 29.26
N ALA F 287 -25.60 -7.01 30.58
CA ALA F 287 -26.67 -6.41 31.37
C ALA F 287 -26.83 -4.94 31.03
N LEU F 288 -25.72 -4.21 30.89
CA LEU F 288 -25.79 -2.80 30.49
CA LEU F 288 -25.79 -2.80 30.49
C LEU F 288 -26.35 -2.66 29.09
N ALA F 289 -25.89 -3.49 28.16
CA ALA F 289 -26.38 -3.44 26.80
C ALA F 289 -27.89 -3.68 26.75
N ALA F 290 -28.36 -4.70 27.46
CA ALA F 290 -29.79 -5.01 27.46
C ALA F 290 -30.60 -3.84 27.99
N LYS F 291 -30.17 -3.26 29.11
CA LYS F 291 -30.91 -2.15 29.72
C LYS F 291 -31.03 -0.99 28.75
N ASN F 292 -29.91 -0.61 28.13
CA ASN F 292 -29.91 0.50 27.18
C ASN F 292 -30.73 0.18 25.95
N ILE F 293 -30.57 -1.03 25.40
CA ILE F 293 -31.30 -1.41 24.19
C ILE F 293 -32.81 -1.32 24.43
N VAL F 294 -33.27 -1.84 25.57
CA VAL F 294 -34.72 -1.84 25.81
C VAL F 294 -35.23 -0.43 26.06
N ALA F 295 -34.48 0.38 26.80
CA ALA F 295 -34.90 1.76 27.03
C ALA F 295 -34.98 2.55 25.72
N GLY F 296 -33.97 2.40 24.86
CA GLY F 296 -33.97 3.14 23.61
C GLY F 296 -34.99 2.62 22.62
N ALA F 297 -35.16 1.30 22.56
CA ALA F 297 -35.99 0.68 21.52
C ALA F 297 -37.48 0.93 21.77
N PHE F 298 -37.92 0.90 23.02
CA PHE F 298 -39.36 0.91 23.31
C PHE F 298 -39.86 2.22 23.91
N GLY F 299 -39.00 3.22 24.06
CA GLY F 299 -39.49 4.52 24.49
C GLY F 299 -40.56 5.03 23.55
N TYR F 300 -41.64 5.58 24.14
CA TYR F 300 -42.79 6.07 23.38
C TYR F 300 -43.26 5.03 22.36
N SER F 301 -43.24 3.76 22.78
CA SER F 301 -43.70 2.65 21.95
C SER F 301 -42.92 2.53 20.65
N GLY F 302 -41.68 3.02 20.63
CA GLY F 302 -40.85 2.96 19.45
C GLY F 302 -41.15 3.99 18.40
N GLN F 303 -41.96 5.00 18.71
CA GLN F 303 -42.34 6.07 17.78
C GLN F 303 -41.33 7.21 17.80
N ARG F 304 -40.05 6.88 17.58
CA ARG F 304 -38.94 7.83 17.57
C ARG F 304 -37.96 7.46 16.47
N SER F 305 -37.50 8.46 15.73
CA SER F 305 -36.52 8.22 14.67
C SER F 305 -35.17 7.80 15.24
N THR F 306 -34.76 8.40 16.37
CA THR F 306 -33.54 8.03 17.06
C THR F 306 -33.91 7.07 18.18
N ALA F 307 -33.55 5.79 17.99
CA ALA F 307 -33.99 4.68 18.83
C ALA F 307 -33.35 3.41 18.31
N VAL F 308 -32.83 2.55 19.19
CA VAL F 308 -32.30 1.27 18.71
C VAL F 308 -33.44 0.53 18.01
N LYS F 309 -33.21 0.18 16.74
CA LYS F 309 -34.21 -0.55 15.97
C LYS F 309 -33.72 -1.89 15.43
N ARG F 310 -32.47 -2.25 15.66
CA ARG F 310 -32.00 -3.59 15.32
C ARG F 310 -30.74 -3.86 16.12
N VAL F 311 -30.68 -5.05 16.73
CA VAL F 311 -29.50 -5.51 17.47
C VAL F 311 -28.69 -6.37 16.52
N LEU F 312 -27.45 -5.97 16.27
CA LEU F 312 -26.48 -6.78 15.53
C LEU F 312 -25.49 -7.34 16.55
N VAL F 313 -25.64 -8.63 16.90
CA VAL F 313 -24.92 -9.22 18.03
C VAL F 313 -24.10 -10.42 17.60
N MET F 314 -22.85 -10.49 18.07
CA MET F 314 -21.99 -11.61 17.78
C MET F 314 -22.59 -12.91 18.32
N ASP F 315 -22.55 -13.95 17.48
CA ASP F 315 -23.15 -15.25 17.81
C ASP F 315 -22.89 -15.67 19.25
N LYS F 316 -21.64 -15.55 19.70
CA LYS F 316 -21.21 -16.15 20.97
C LYS F 316 -21.98 -15.62 22.16
N VAL F 317 -22.49 -14.39 22.09
CA VAL F 317 -23.18 -13.79 23.23
C VAL F 317 -24.66 -13.55 22.94
N ALA F 318 -25.16 -14.04 21.80
CA ALA F 318 -26.52 -13.71 21.38
C ALA F 318 -27.55 -14.34 22.30
N ASP F 319 -27.37 -15.62 22.65
CA ASP F 319 -28.38 -16.31 23.45
C ASP F 319 -28.60 -15.60 24.79
N GLN F 320 -27.51 -15.26 25.48
CA GLN F 320 -27.62 -14.62 26.79
C GLN F 320 -28.11 -13.18 26.67
N LEU F 321 -27.63 -12.46 25.65
CA LEU F 321 -28.14 -11.10 25.45
C LEU F 321 -29.65 -11.11 25.22
N ALA F 322 -30.13 -12.03 24.37
CA ALA F 322 -31.55 -12.06 24.05
C ALA F 322 -32.38 -12.37 25.29
N ALA F 323 -31.90 -13.28 26.14
CA ALA F 323 -32.61 -13.59 27.37
C ALA F 323 -32.68 -12.39 28.31
N GLU F 324 -31.59 -11.64 28.43
CA GLU F 324 -31.62 -10.49 29.33
C GLU F 324 -32.49 -9.37 28.76
N ILE F 325 -32.51 -9.21 27.44
CA ILE F 325 -33.44 -8.26 26.82
C ILE F 325 -34.89 -8.71 27.03
N LYS F 326 -35.15 -10.00 26.79
CA LYS F 326 -36.51 -10.52 26.99
C LYS F 326 -37.02 -10.23 28.39
N THR F 327 -36.21 -10.48 29.42
CA THR F 327 -36.66 -10.27 30.79
C THR F 327 -37.13 -8.84 31.00
N LEU F 328 -36.42 -7.87 30.40
CA LEU F 328 -36.76 -6.46 30.59
C LEU F 328 -38.00 -6.08 29.77
N VAL F 329 -38.12 -6.59 28.55
CA VAL F 329 -39.31 -6.30 27.75
C VAL F 329 -40.56 -6.80 28.48
N GLU F 330 -40.46 -7.98 29.10
CA GLU F 330 -41.61 -8.57 29.77
C GLU F 330 -42.11 -7.73 30.95
N LYS F 331 -41.24 -6.87 31.51
CA LYS F 331 -41.62 -6.02 32.63
C LYS F 331 -42.12 -4.64 32.21
N LEU F 332 -42.04 -4.29 30.93
CA LEU F 332 -42.61 -3.03 30.48
C LEU F 332 -44.12 -3.01 30.72
N SER F 333 -44.63 -1.88 31.21
CA SER F 333 -46.07 -1.74 31.39
C SER F 333 -46.73 -1.39 30.07
N VAL F 334 -47.95 -1.91 29.87
CA VAL F 334 -48.70 -1.71 28.63
C VAL F 334 -50.07 -1.17 29.01
N GLY F 335 -50.36 0.06 28.61
CA GLY F 335 -51.59 0.71 29.00
C GLY F 335 -51.76 2.12 28.49
N MET F 336 -52.41 3.00 29.33
CA MET F 336 -52.88 4.30 28.90
C MET F 336 -51.89 5.41 29.25
N PRO F 337 -51.87 6.47 28.43
CA PRO F 337 -50.97 7.61 28.71
C PRO F 337 -51.16 8.22 30.09
N GLU F 338 -52.41 8.30 30.56
CA GLU F 338 -52.68 8.89 31.86
C GLU F 338 -52.03 8.12 32.99
N ASP F 339 -51.73 6.84 32.77
CA ASP F 339 -51.09 5.99 33.77
C ASP F 339 -49.60 5.82 33.52
N ASP F 340 -49.00 6.65 32.66
CA ASP F 340 -47.56 6.67 32.44
C ASP F 340 -47.03 5.29 32.05
N ALA F 341 -47.82 4.57 31.25
CA ALA F 341 -47.41 3.25 30.77
C ALA F 341 -46.20 3.38 29.86
N ASP F 342 -45.32 2.37 29.93
CA ASP F 342 -44.18 2.35 29.03
C ASP F 342 -44.65 2.29 27.58
N ILE F 343 -45.57 1.37 27.30
CA ILE F 343 -46.11 1.12 25.96
C ILE F 343 -47.53 1.65 25.92
N THR F 344 -47.75 2.68 25.13
CA THR F 344 -49.03 3.32 24.95
C THR F 344 -49.57 3.07 23.55
N PRO F 345 -50.85 3.38 23.31
CA PRO F 345 -51.41 3.15 21.98
C PRO F 345 -50.70 3.98 20.91
N LEU F 346 -50.56 3.40 19.73
CA LEU F 346 -49.90 4.08 18.63
C LEU F 346 -50.78 5.22 18.12
N ILE F 347 -50.17 6.06 17.26
CA ILE F 347 -50.75 7.37 16.95
C ILE F 347 -52.06 7.22 16.18
N ASP F 348 -52.18 6.23 15.30
CA ASP F 348 -53.45 6.00 14.63
C ASP F 348 -53.51 4.55 14.12
N THR F 349 -54.65 4.20 13.52
CA THR F 349 -54.89 2.81 13.14
C THR F 349 -53.96 2.38 12.01
N SER F 350 -53.73 3.26 11.02
CA SER F 350 -52.81 2.95 9.93
C SER F 350 -51.43 2.58 10.46
N ALA F 351 -50.93 3.33 11.44
CA ALA F 351 -49.62 3.02 12.00
C ALA F 351 -49.59 1.64 12.62
N ALA F 352 -50.65 1.28 13.35
CA ALA F 352 -50.67 -0.03 14.00
C ALA F 352 -50.82 -1.15 12.98
N ASP F 353 -51.63 -0.94 11.94
CA ASP F 353 -51.73 -1.95 10.89
C ASP F 353 -50.38 -2.21 10.24
N PHE F 354 -49.59 -1.15 10.00
CA PHE F 354 -48.28 -1.31 9.38
C PHE F 354 -47.34 -2.13 10.26
N VAL F 355 -47.31 -1.83 11.57
CA VAL F 355 -46.49 -2.61 12.49
C VAL F 355 -46.94 -4.07 12.50
N GLU F 356 -48.25 -4.31 12.58
CA GLU F 356 -48.76 -5.67 12.59
C GLU F 356 -48.29 -6.43 11.35
N GLY F 357 -48.30 -5.79 10.18
CA GLY F 357 -47.83 -6.45 8.98
C GLY F 357 -46.35 -6.80 9.02
N LEU F 358 -45.54 -5.92 9.60
CA LEU F 358 -44.12 -6.25 9.77
C LEU F 358 -43.95 -7.45 10.69
N ILE F 359 -44.74 -7.51 11.76
CA ILE F 359 -44.67 -8.64 12.70
C ILE F 359 -45.06 -9.93 12.00
N LYS F 360 -46.11 -9.89 11.18
CA LYS F 360 -46.54 -11.10 10.50
C LYS F 360 -45.47 -11.62 9.54
N ASP F 361 -44.84 -10.71 8.80
CA ASP F 361 -43.80 -11.09 7.84
C ASP F 361 -42.62 -11.77 8.55
N ALA F 362 -42.19 -11.23 9.69
CA ALA F 362 -41.10 -11.86 10.41
C ALA F 362 -41.48 -13.25 10.87
N THR F 363 -42.67 -13.39 11.46
CA THR F 363 -43.12 -14.70 11.93
C THR F 363 -43.21 -15.69 10.77
N ASP F 364 -43.82 -15.28 9.66
CA ASP F 364 -44.00 -16.20 8.54
C ASP F 364 -42.68 -16.65 7.95
N LYS F 365 -41.63 -15.84 8.08
CA LYS F 365 -40.31 -16.17 7.55
C LYS F 365 -39.43 -16.91 8.56
N GLY F 366 -39.92 -17.18 9.76
CA GLY F 366 -39.24 -18.05 10.69
C GLY F 366 -38.63 -17.41 11.92
N ALA F 367 -38.86 -16.13 12.16
CA ALA F 367 -38.30 -15.46 13.33
C ALA F 367 -38.91 -16.04 14.60
N THR F 368 -38.11 -16.01 15.67
CA THR F 368 -38.54 -16.53 16.96
C THR F 368 -39.14 -15.42 17.81
N ALA F 369 -40.41 -15.56 18.18
CA ALA F 369 -41.11 -14.57 18.99
C ALA F 369 -40.84 -14.82 20.47
N LEU F 370 -39.84 -14.10 21.01
CA LEU F 370 -39.52 -14.21 22.43
C LEU F 370 -40.59 -13.59 23.31
N THR F 371 -41.34 -12.61 22.79
CA THR F 371 -42.56 -12.11 23.42
C THR F 371 -43.65 -12.05 22.37
N ALA F 372 -44.90 -12.21 22.80
CA ALA F 372 -46.00 -12.51 21.90
C ALA F 372 -46.76 -11.26 21.46
N PHE F 373 -47.18 -11.26 20.20
CA PHE F 373 -48.00 -10.17 19.67
C PHE F 373 -49.40 -10.20 20.28
N ASN F 374 -49.87 -9.02 20.71
CA ASN F 374 -51.25 -8.82 21.12
C ASN F 374 -51.63 -7.39 20.75
N ARG F 375 -52.87 -7.19 20.33
CA ARG F 375 -53.34 -5.86 19.93
C ARG F 375 -54.75 -5.64 20.42
N GLU F 376 -54.95 -4.53 21.14
CA GLU F 376 -56.25 -4.10 21.64
C GLU F 376 -56.46 -2.69 21.11
N GLY F 377 -57.33 -2.54 20.11
CA GLY F 377 -57.42 -1.25 19.44
C GLY F 377 -56.12 -1.02 18.70
N ASN F 378 -55.46 0.11 18.98
CA ASN F 378 -54.14 0.41 18.43
C ASN F 378 -53.03 0.24 19.46
N LEU F 379 -53.32 -0.44 20.57
CA LEU F 379 -52.34 -0.74 21.62
C LEU F 379 -51.73 -2.11 21.30
N ILE F 380 -50.50 -2.11 20.81
CA ILE F 380 -49.78 -3.34 20.49
C ILE F 380 -48.79 -3.63 21.62
N SER F 381 -48.79 -4.88 22.09
CA SER F 381 -47.84 -5.28 23.13
C SER F 381 -46.43 -5.38 22.54
N PRO F 382 -45.40 -5.17 23.36
CA PRO F 382 -44.04 -5.12 22.82
C PRO F 382 -43.57 -6.50 22.39
N VAL F 383 -43.06 -6.58 21.16
CA VAL F 383 -42.67 -7.83 20.53
C VAL F 383 -41.17 -7.83 20.33
N LEU F 384 -40.51 -8.86 20.86
CA LEU F 384 -39.08 -9.10 20.70
C LEU F 384 -38.90 -10.33 19.83
N PHE F 385 -38.17 -10.18 18.72
CA PHE F 385 -37.89 -11.26 17.78
C PHE F 385 -36.40 -11.61 17.80
N ASP F 386 -36.08 -12.91 17.83
CA ASP F 386 -34.72 -13.39 17.64
C ASP F 386 -34.64 -14.14 16.31
N HIS F 387 -33.41 -14.37 15.85
CA HIS F 387 -33.17 -15.07 14.58
C HIS F 387 -33.83 -14.35 13.41
N VAL F 388 -33.78 -13.03 13.41
CA VAL F 388 -34.22 -12.23 12.26
C VAL F 388 -33.13 -12.28 11.20
N THR F 389 -33.54 -12.39 9.93
CA THR F 389 -32.62 -12.45 8.81
C THR F 389 -32.92 -11.33 7.81
N THR F 390 -31.96 -11.10 6.90
CA THR F 390 -32.04 -9.95 6.02
C THR F 390 -33.14 -10.08 4.96
N ASP F 391 -33.72 -11.27 4.78
CA ASP F 391 -34.86 -11.38 3.88
C ASP F 391 -36.15 -10.89 4.52
N MET F 392 -36.13 -10.49 5.79
CA MET F 392 -37.32 -10.06 6.50
C MET F 392 -37.45 -8.54 6.45
N ARG F 393 -38.68 -8.07 6.24
CA ARG F 393 -38.92 -6.63 6.17
C ARG F 393 -38.48 -5.93 7.46
N LEU F 394 -38.68 -6.58 8.61
CA LEU F 394 -38.33 -6.01 9.91
C LEU F 394 -36.82 -5.80 10.07
N ALA F 395 -36.01 -6.43 9.24
CA ALA F 395 -34.58 -6.16 9.26
C ALA F 395 -34.26 -4.75 8.78
N TRP F 396 -35.15 -4.12 8.00
CA TRP F 396 -34.82 -2.89 7.28
C TRP F 396 -35.82 -1.75 7.48
N GLU F 397 -37.12 -2.03 7.44
CA GLU F 397 -38.11 -0.96 7.42
C GLU F 397 -38.30 -0.37 8.81
N GLU F 398 -38.52 0.95 8.87
CA GLU F 398 -38.73 1.62 10.16
C GLU F 398 -40.16 1.35 10.63
N PRO F 399 -40.36 0.66 11.74
CA PRO F 399 -41.75 0.32 12.13
C PRO F 399 -42.53 1.49 12.72
N PHE F 400 -41.87 2.34 13.50
CA PHE F 400 -42.58 3.29 14.37
C PHE F 400 -43.63 2.56 15.21
N GLY F 401 -43.17 1.50 15.87
CA GLY F 401 -43.99 0.71 16.77
C GLY F 401 -43.13 -0.16 17.66
N PRO F 402 -43.74 -0.82 18.66
CA PRO F 402 -42.95 -1.53 19.70
C PRO F 402 -42.53 -2.94 19.31
N VAL F 403 -41.60 -3.03 18.37
CA VAL F 403 -41.10 -4.32 17.88
C VAL F 403 -39.61 -4.18 17.59
N LEU F 404 -38.83 -5.14 18.07
CA LEU F 404 -37.37 -5.06 18.01
C LEU F 404 -36.81 -6.38 17.48
N PRO F 405 -36.06 -6.34 16.38
CA PRO F 405 -35.40 -7.57 15.90
C PRO F 405 -33.97 -7.73 16.39
N ILE F 406 -33.60 -8.99 16.65
CA ILE F 406 -32.24 -9.38 16.97
C ILE F 406 -31.69 -10.15 15.77
N ILE F 407 -30.56 -9.69 15.25
CA ILE F 407 -29.89 -10.25 14.09
C ILE F 407 -28.51 -10.71 14.54
N ARG F 408 -28.23 -12.00 14.37
CA ARG F 408 -26.94 -12.56 14.77
C ARG F 408 -25.93 -12.43 13.64
N VAL F 409 -24.70 -12.07 14.00
CA VAL F 409 -23.61 -11.94 13.05
C VAL F 409 -22.42 -12.75 13.54
N THR F 410 -21.53 -13.10 12.61
CA THR F 410 -20.37 -13.94 12.93
C THR F 410 -19.07 -13.15 13.07
N THR F 411 -19.01 -11.93 12.53
CA THR F 411 -17.81 -11.10 12.63
C THR F 411 -18.21 -9.64 12.77
N VAL F 412 -17.26 -8.83 13.28
CA VAL F 412 -17.50 -7.39 13.35
CA VAL F 412 -17.49 -7.38 13.35
C VAL F 412 -17.65 -6.81 11.96
N GLU F 413 -16.88 -7.32 10.99
CA GLU F 413 -16.96 -6.82 9.62
C GLU F 413 -18.36 -7.01 9.05
N GLU F 414 -19.00 -8.14 9.36
CA GLU F 414 -20.37 -8.37 8.92
C GLU F 414 -21.35 -7.41 9.59
N ALA F 415 -21.15 -7.16 10.89
CA ALA F 415 -21.97 -6.17 11.58
C ALA F 415 -21.87 -4.80 10.93
N ILE F 416 -20.66 -4.40 10.54
CA ILE F 416 -20.48 -3.10 9.88
C ILE F 416 -21.18 -3.09 8.53
N LYS F 417 -21.00 -4.17 7.75
CA LYS F 417 -21.63 -4.28 6.43
C LYS F 417 -23.14 -4.15 6.54
N ILE F 418 -23.77 -4.96 7.40
CA ILE F 418 -25.22 -4.96 7.50
C ILE F 418 -25.72 -3.62 8.02
N SER F 419 -25.03 -3.04 9.01
CA SER F 419 -25.42 -1.73 9.51
C SER F 419 -25.47 -0.71 8.37
N ASN F 420 -24.42 -0.67 7.54
CA ASN F 420 -24.31 0.33 6.49
C ASN F 420 -25.15 0.01 5.26
N GLU F 421 -25.66 -1.23 5.11
CA GLU F 421 -26.56 -1.55 4.01
C GLU F 421 -27.91 -0.86 4.15
N SER F 422 -28.23 -0.36 5.33
CA SER F 422 -29.49 0.34 5.55
C SER F 422 -29.52 1.64 4.76
N GLU F 423 -30.70 1.99 4.23
CA GLU F 423 -30.90 3.29 3.61
CA GLU F 423 -30.85 3.29 3.61
C GLU F 423 -30.88 4.42 4.64
N TYR F 424 -30.98 4.09 5.92
CA TYR F 424 -30.97 5.07 7.00
C TYR F 424 -29.57 5.15 7.62
N GLY F 425 -29.28 6.31 8.19
CA GLY F 425 -27.99 6.50 8.83
C GLY F 425 -28.03 7.58 9.89
N LEU F 426 -28.88 7.40 10.90
CA LEU F 426 -29.07 8.44 11.92
C LEU F 426 -28.02 8.27 13.03
N GLN F 427 -28.18 7.25 13.87
CA GLN F 427 -27.21 6.98 14.92
C GLN F 427 -26.96 5.48 15.02
N ALA F 428 -25.94 5.12 15.82
CA ALA F 428 -25.62 3.74 16.15
C ALA F 428 -25.09 3.68 17.58
N SER F 429 -25.24 2.52 18.22
CA SER F 429 -24.63 2.22 19.50
C SER F 429 -23.62 1.10 19.35
N ILE F 430 -22.51 1.16 20.07
CA ILE F 430 -21.52 0.08 20.10
C ILE F 430 -21.28 -0.32 21.55
N PHE F 431 -21.53 -1.59 21.86
CA PHE F 431 -21.34 -2.12 23.21
CA PHE F 431 -21.34 -2.12 23.21
C PHE F 431 -20.13 -3.04 23.20
N THR F 432 -19.05 -2.59 23.85
CA THR F 432 -17.79 -3.32 23.96
C THR F 432 -16.97 -2.66 25.06
N THR F 433 -16.02 -3.42 25.60
CA THR F 433 -15.07 -2.89 26.58
C THR F 433 -13.76 -2.43 25.95
N ASN F 434 -13.62 -2.52 24.63
CA ASN F 434 -12.42 -2.11 23.91
C ASN F 434 -12.69 -0.77 23.22
N PHE F 435 -12.35 0.32 23.91
CA PHE F 435 -12.63 1.66 23.42
C PHE F 435 -11.89 1.99 22.13
N PRO F 436 -10.57 1.76 21.99
CA PRO F 436 -9.90 2.10 20.72
C PRO F 436 -10.46 1.33 19.54
N LYS F 437 -10.85 0.07 19.74
CA LYS F 437 -11.53 -0.68 18.69
C LYS F 437 -12.90 -0.06 18.39
N ALA F 438 -13.65 0.32 19.43
CA ALA F 438 -14.95 0.93 19.23
C ALA F 438 -14.84 2.20 18.39
N PHE F 439 -13.80 3.01 18.65
CA PHE F 439 -13.62 4.22 17.86
C PHE F 439 -13.37 3.89 16.40
N GLY F 440 -12.51 2.90 16.13
CA GLY F 440 -12.25 2.51 14.75
C GLY F 440 -13.48 1.99 14.04
N ILE F 441 -14.35 1.27 14.76
CA ILE F 441 -15.63 0.87 14.20
C ILE F 441 -16.50 2.10 13.93
N ALA F 442 -16.57 3.02 14.89
CA ALA F 442 -17.42 4.19 14.71
C ALA F 442 -17.04 4.97 13.46
N GLU F 443 -15.74 5.01 13.13
CA GLU F 443 -15.30 5.74 11.94
C GLU F 443 -15.92 5.18 10.67
N GLN F 444 -16.19 3.87 10.65
CA GLN F 444 -16.70 3.19 9.46
C GLN F 444 -18.22 3.18 9.34
N LEU F 445 -18.95 3.52 10.40
CA LEU F 445 -20.41 3.49 10.35
C LEU F 445 -20.94 4.75 9.69
N GLU F 446 -21.89 4.58 8.76
CA GLU F 446 -22.46 5.69 8.00
C GLU F 446 -23.66 6.27 8.77
N VAL F 447 -23.33 7.00 9.84
CA VAL F 447 -24.31 7.61 10.73
C VAL F 447 -23.77 8.96 11.19
N GLY F 448 -24.66 9.77 11.75
CA GLY F 448 -24.23 11.05 12.30
C GLY F 448 -23.55 10.93 13.65
N THR F 449 -24.13 10.16 14.57
CA THR F 449 -23.62 10.03 15.92
C THR F 449 -23.52 8.56 16.34
N VAL F 450 -22.41 8.22 16.98
CA VAL F 450 -22.23 6.89 17.56
C VAL F 450 -22.09 7.05 19.08
N HIS F 451 -22.88 6.29 19.83
CA HIS F 451 -22.84 6.31 21.29
C HIS F 451 -22.17 5.04 21.77
N LEU F 452 -21.11 5.19 22.58
CA LEU F 452 -20.36 4.03 23.06
C LEU F 452 -20.93 3.59 24.40
N ASN F 453 -21.35 2.32 24.48
CA ASN F 453 -21.92 1.73 25.69
C ASN F 453 -23.11 2.54 26.22
N ASN F 454 -23.93 3.02 25.30
CA ASN F 454 -25.14 3.77 25.63
C ASN F 454 -26.11 3.64 24.47
N LYS F 455 -27.39 3.81 24.78
CA LYS F 455 -28.42 3.87 23.75
C LYS F 455 -28.24 5.13 22.91
N THR F 456 -28.79 5.09 21.68
CA THR F 456 -28.79 6.29 20.85
C THR F 456 -29.76 7.32 21.44
N GLN F 457 -29.47 8.59 21.18
CA GLN F 457 -30.25 9.69 21.72
C GLN F 457 -29.85 11.00 21.07
N ARG F 458 -30.81 11.93 21.00
CA ARG F 458 -30.54 13.24 20.43
C ARG F 458 -29.74 14.11 21.39
N GLY F 459 -29.94 13.98 22.70
CA GLY F 459 -29.30 14.85 23.65
C GLY F 459 -27.83 14.53 23.90
N THR F 460 -27.18 15.43 24.63
CA THR F 460 -27.74 16.71 25.08
C THR F 460 -27.92 17.65 23.88
N ASP F 461 -28.79 18.64 24.03
CA ASP F 461 -29.23 19.40 22.87
C ASP F 461 -28.18 20.38 22.36
N ASN F 462 -27.03 20.52 23.04
CA ASN F 462 -25.92 21.29 22.50
C ASN F 462 -25.07 20.47 21.55
N PHE F 463 -25.12 19.13 21.67
CA PHE F 463 -24.41 18.24 20.77
C PHE F 463 -25.02 18.30 19.36
N PRO F 464 -24.24 18.02 18.33
CA PRO F 464 -24.81 17.95 16.98
C PRO F 464 -25.80 16.80 16.86
N PHE F 465 -26.85 17.03 16.07
CA PHE F 465 -27.84 16.01 15.73
C PHE F 465 -28.02 16.01 14.21
N LEU F 466 -27.58 14.94 13.56
CA LEU F 466 -27.64 14.86 12.11
C LEU F 466 -27.74 13.41 11.69
N GLY F 467 -28.23 13.20 10.47
CA GLY F 467 -28.35 11.87 9.92
C GLY F 467 -27.88 11.84 8.47
N ALA F 468 -27.29 10.71 8.10
CA ALA F 468 -26.80 10.49 6.74
C ALA F 468 -27.87 9.78 5.90
N LYS F 469 -27.59 9.68 4.60
CA LYS F 469 -28.43 8.95 3.63
C LYS F 469 -29.88 9.40 3.79
N LYS F 470 -30.84 8.49 3.89
CA LYS F 470 -32.25 8.87 3.88
C LYS F 470 -32.74 9.42 5.21
N SER F 471 -31.87 9.54 6.21
CA SER F 471 -32.26 10.05 7.52
C SER F 471 -32.40 11.58 7.57
N GLY F 472 -31.97 12.30 6.53
CA GLY F 472 -32.28 13.71 6.41
C GLY F 472 -31.12 14.52 5.87
N ALA F 473 -31.13 15.81 6.20
CA ALA F 473 -30.16 16.77 5.68
C ALA F 473 -30.03 17.95 6.64
N GLY F 474 -28.82 18.47 6.76
CA GLY F 474 -28.52 19.55 7.68
C GLY F 474 -28.09 19.03 9.04
N VAL F 475 -27.55 19.95 9.85
CA VAL F 475 -27.03 19.64 11.17
C VAL F 475 -27.78 20.49 12.19
N GLN F 476 -28.38 19.84 13.18
CA GLN F 476 -29.05 20.55 14.27
C GLN F 476 -28.34 20.25 15.58
N GLY F 477 -29.03 20.39 16.71
CA GLY F 477 -28.34 20.75 17.93
C GLY F 477 -28.25 22.26 17.90
N VAL F 478 -28.19 22.93 19.06
CA VAL F 478 -28.60 24.34 19.11
C VAL F 478 -27.67 25.22 18.29
N LYS F 479 -26.37 25.20 18.58
CA LYS F 479 -25.49 26.12 17.85
C LYS F 479 -25.49 25.81 16.35
N TYR F 480 -25.61 24.53 15.99
CA TYR F 480 -25.60 24.18 14.57
C TYR F 480 -26.88 24.65 13.87
N SER F 481 -28.02 24.52 14.54
CA SER F 481 -29.28 24.98 13.93
CA SER F 481 -29.28 24.99 13.95
C SER F 481 -29.24 26.48 13.70
N ILE F 482 -28.65 27.26 14.62
CA ILE F 482 -28.55 28.70 14.43
C ILE F 482 -27.70 29.01 13.21
N GLU F 483 -26.53 28.37 13.09
CA GLU F 483 -25.68 28.61 11.94
C GLU F 483 -26.41 28.27 10.63
N ALA F 484 -27.25 27.24 10.66
CA ALA F 484 -27.89 26.78 9.43
C ALA F 484 -28.92 27.79 8.92
N MET F 485 -29.60 28.49 9.83
CA MET F 485 -30.63 29.45 9.45
C MET F 485 -30.09 30.88 9.39
N THR F 486 -28.79 31.03 9.18
CA THR F 486 -28.21 32.32 8.87
C THR F 486 -27.41 32.21 7.57
N THR F 487 -27.08 33.36 7.00
CA THR F 487 -26.14 33.43 5.88
C THR F 487 -25.05 34.42 6.26
N VAL F 488 -24.15 34.67 5.31
CA VAL F 488 -22.99 35.52 5.53
C VAL F 488 -23.07 36.72 4.59
N LYS F 489 -22.65 37.89 5.09
CA LYS F 489 -22.54 39.12 4.33
C LYS F 489 -21.12 39.64 4.51
N SER F 490 -20.37 39.71 3.43
CA SER F 490 -18.97 40.11 3.46
C SER F 490 -18.82 41.52 2.90
N VAL F 491 -18.10 42.37 3.63
CA VAL F 491 -17.83 43.74 3.22
C VAL F 491 -16.32 43.89 3.11
N VAL F 492 -15.84 44.21 1.91
CA VAL F 492 -14.41 44.23 1.59
C VAL F 492 -14.00 45.66 1.29
N PHE F 493 -12.88 46.10 1.87
CA PHE F 493 -12.36 47.44 1.59
C PHE F 493 -10.85 47.44 1.77
N ASP F 494 -10.21 48.45 1.18
CA ASP F 494 -8.76 48.61 1.23
C ASP F 494 -8.38 49.66 2.28
N ILE F 495 -7.48 49.28 3.17
CA ILE F 495 -6.92 50.21 4.15
C ILE F 495 -5.90 51.10 3.46
N GLN F 496 -5.90 52.38 3.83
CA GLN F 496 -4.98 53.33 3.22
C GLN F 496 -4.11 53.97 4.31
N LEU G 22 39.85 21.97 11.33
CA LEU G 22 38.51 21.30 11.44
C LEU G 22 37.61 22.13 12.36
N ALA G 23 38.13 22.54 13.52
CA ALA G 23 37.39 23.45 14.39
C ALA G 23 37.39 24.85 13.80
N LYS G 24 36.24 25.52 13.90
CA LYS G 24 35.99 26.79 13.24
C LYS G 24 35.65 27.88 14.24
N GLN G 25 35.93 29.13 13.86
CA GLN G 25 35.61 30.30 14.67
C GLN G 25 34.28 30.88 14.18
N TYR G 26 33.25 30.77 15.00
CA TYR G 26 31.90 31.15 14.59
C TYR G 26 31.60 32.59 14.97
N LYS G 27 30.57 33.15 14.32
CA LYS G 27 30.21 34.55 14.44
C LYS G 27 28.71 34.69 14.68
N ASN G 28 28.32 35.80 15.30
CA ASN G 28 26.92 36.10 15.55
C ASN G 28 26.29 36.84 14.38
N LEU G 29 25.02 36.56 14.12
CA LEU G 29 24.23 37.26 13.12
C LEU G 29 23.62 38.49 13.78
N VAL G 30 24.05 39.67 13.34
CA VAL G 30 23.62 40.95 13.91
C VAL G 30 23.30 41.87 12.75
N ASN G 31 22.03 42.20 12.57
CA ASN G 31 21.59 43.15 11.55
C ASN G 31 22.12 42.77 10.17
N GLY G 32 21.99 41.49 9.84
CA GLY G 32 22.36 41.01 8.52
C GLY G 32 23.84 40.85 8.29
N GLU G 33 24.67 41.07 9.29
CA GLU G 33 26.11 40.92 9.17
C GLU G 33 26.59 39.91 10.21
N TRP G 34 27.76 39.34 9.96
CA TRP G 34 28.38 38.38 10.88
C TRP G 34 29.50 39.06 11.66
N LYS G 35 29.47 38.92 12.98
CA LYS G 35 30.35 39.68 13.86
C LYS G 35 31.04 38.80 14.88
N LEU G 36 32.36 38.85 14.89
CA LEU G 36 33.16 38.37 16.01
C LEU G 36 33.07 39.38 17.16
N SER G 37 33.55 38.95 18.32
CA SER G 37 33.77 39.81 19.48
C SER G 37 35.25 39.70 19.87
N GLU G 38 35.68 40.60 20.76
CA GLU G 38 37.09 40.62 21.16
C GLU G 38 37.50 39.36 21.91
N ASN G 39 36.59 38.83 22.73
CA ASN G 39 36.80 37.60 23.47
C ASN G 39 35.86 36.52 22.91
N GLU G 40 36.20 35.26 23.19
CA GLU G 40 35.46 34.14 22.63
C GLU G 40 35.38 33.02 23.66
N ILE G 41 34.53 32.03 23.36
CA ILE G 41 34.31 30.88 24.21
C ILE G 41 34.55 29.64 23.35
N THR G 42 35.49 28.80 23.77
CA THR G 42 35.78 27.57 23.04
C THR G 42 34.86 26.45 23.53
N ILE G 43 34.33 25.68 22.59
CA ILE G 43 33.36 24.62 22.85
C ILE G 43 34.01 23.28 22.57
N TYR G 44 33.84 22.32 23.48
CA TYR G 44 34.40 20.98 23.40
C TYR G 44 33.29 19.94 23.40
N ALA G 45 33.54 18.81 22.76
CA ALA G 45 32.55 17.73 22.67
C ALA G 45 32.47 16.96 23.99
N PRO G 46 31.28 16.83 24.59
CA PRO G 46 31.21 16.14 25.90
C PRO G 46 31.66 14.68 25.91
N ALA G 47 31.53 13.95 24.79
CA ALA G 47 31.88 12.53 24.80
C ALA G 47 33.37 12.29 24.61
N THR G 48 34.12 13.25 24.06
CA THR G 48 35.51 13.01 23.68
C THR G 48 36.49 14.08 24.14
N GLY G 49 36.03 15.27 24.51
CA GLY G 49 36.94 16.38 24.74
C GLY G 49 37.43 17.07 23.50
N GLU G 50 36.98 16.65 22.32
CA GLU G 50 37.44 17.26 21.08
C GLU G 50 37.03 18.73 20.99
N GLU G 51 37.99 19.59 20.62
CA GLU G 51 37.70 21.00 20.38
C GLU G 51 36.87 21.15 19.11
N LEU G 52 35.71 21.80 19.23
CA LEU G 52 34.78 21.91 18.11
C LEU G 52 34.81 23.28 17.44
N GLY G 53 35.21 24.31 18.15
CA GLY G 53 35.19 25.66 17.62
C GLY G 53 34.95 26.65 18.75
N SER G 54 34.76 27.91 18.38
CA SER G 54 34.54 28.97 19.34
C SER G 54 33.38 29.86 18.92
N VAL G 55 32.74 30.48 19.90
CA VAL G 55 31.65 31.42 19.64
C VAL G 55 31.98 32.73 20.37
N PRO G 56 31.48 33.87 19.91
CA PRO G 56 31.89 35.14 20.52
C PRO G 56 31.40 35.27 21.95
N ALA G 57 32.17 36.00 22.76
CA ALA G 57 31.76 36.36 24.12
C ALA G 57 31.32 37.83 24.10
N MET G 58 30.04 38.06 23.85
CA MET G 58 29.54 39.41 23.62
C MET G 58 29.56 40.27 24.88
N THR G 59 29.79 41.57 24.68
CA THR G 59 29.68 42.58 25.72
C THR G 59 28.23 43.05 25.84
N GLN G 60 27.93 43.79 26.91
CA GLN G 60 26.59 44.36 27.06
C GLN G 60 26.30 45.37 25.95
N ALA G 61 27.31 46.14 25.54
CA ALA G 61 27.12 47.07 24.43
C ALA G 61 26.85 46.35 23.12
N GLU G 62 27.43 45.16 22.94
CA GLU G 62 27.14 44.38 21.73
C GLU G 62 25.73 43.82 21.78
N VAL G 63 25.24 43.48 22.98
CA VAL G 63 23.83 43.11 23.13
C VAL G 63 22.92 44.28 22.82
N ASP G 64 23.30 45.49 23.27
CA ASP G 64 22.50 46.68 22.94
C ASP G 64 22.34 46.82 21.43
N ALA G 65 23.41 46.58 20.68
CA ALA G 65 23.36 46.72 19.23
C ALA G 65 22.47 45.67 18.58
N VAL G 66 22.47 44.44 19.10
CA VAL G 66 21.55 43.43 18.61
C VAL G 66 20.11 43.91 18.77
N TYR G 67 19.78 44.43 19.95
CA TYR G 67 18.40 44.79 20.23
C TYR G 67 17.98 46.04 19.46
N ALA G 68 18.88 47.01 19.30
CA ALA G 68 18.56 48.21 18.53
C ALA G 68 18.31 47.86 17.07
N SER G 69 19.12 46.95 16.52
CA SER G 69 18.87 46.46 15.16
C SER G 69 17.50 45.82 15.04
N ALA G 70 17.11 45.02 16.03
CA ALA G 70 15.83 44.31 15.98
C ALA G 70 14.66 45.29 15.97
N LYS G 71 14.65 46.24 16.90
CA LYS G 71 13.53 47.18 16.98
C LYS G 71 13.45 48.04 15.73
N LYS G 72 14.60 48.39 15.11
CA LYS G 72 14.56 49.16 13.88
C LYS G 72 13.93 48.38 12.74
N ALA G 73 14.19 47.07 12.67
CA ALA G 73 13.64 46.23 11.61
C ALA G 73 12.17 45.90 11.82
N LEU G 74 11.65 46.03 13.05
CA LEU G 74 10.30 45.55 13.33
C LEU G 74 9.26 46.25 12.46
N SER G 75 9.41 47.56 12.23
CA SER G 75 8.36 48.28 11.52
C SER G 75 8.16 47.74 10.11
N ASP G 76 9.25 47.56 9.36
CA ASP G 76 9.11 47.08 7.99
C ASP G 76 8.73 45.61 7.94
N TRP G 77 9.10 44.84 8.97
CA TRP G 77 8.77 43.41 9.00
C TRP G 77 7.31 43.19 9.31
N ARG G 78 6.76 43.91 10.30
CA ARG G 78 5.39 43.68 10.70
C ARG G 78 4.38 44.17 9.65
N THR G 79 4.82 45.03 8.71
CA THR G 79 3.93 45.50 7.66
C THR G 79 4.01 44.67 6.39
N LEU G 80 4.92 43.70 6.32
CA LEU G 80 4.91 42.76 5.21
C LEU G 80 3.63 41.92 5.27
N SER G 81 3.27 41.32 4.14
CA SER G 81 2.15 40.41 4.12
C SER G 81 2.52 39.09 4.78
N TYR G 82 1.50 38.37 5.25
CA TYR G 82 1.75 37.02 5.78
C TYR G 82 2.47 36.16 4.74
N VAL G 83 2.04 36.26 3.47
CA VAL G 83 2.61 35.41 2.42
C VAL G 83 4.11 35.66 2.29
N GLU G 84 4.52 36.93 2.32
CA GLU G 84 5.94 37.25 2.21
C GLU G 84 6.73 36.71 3.39
N ARG G 85 6.20 36.84 4.61
CA ARG G 85 6.93 36.33 5.75
C ARG G 85 6.99 34.80 5.72
N ALA G 86 5.90 34.14 5.31
CA ALA G 86 5.93 32.70 5.19
C ALA G 86 6.98 32.22 4.20
N ALA G 87 7.24 32.99 3.13
CA ALA G 87 8.16 32.54 2.10
C ALA G 87 9.60 32.48 2.62
N TYR G 88 9.98 33.42 3.49
CA TYR G 88 11.30 33.36 4.11
C TYR G 88 11.45 32.12 4.98
N LEU G 89 10.41 31.78 5.74
N LEU G 89 10.41 31.78 5.74
CA LEU G 89 10.46 30.61 6.61
CA LEU G 89 10.47 30.60 6.61
C LEU G 89 10.59 29.33 5.80
C LEU G 89 10.57 29.32 5.81
N HIS G 90 9.78 29.18 4.75
CA HIS G 90 9.87 27.99 3.91
C HIS G 90 11.27 27.83 3.32
N LYS G 91 11.85 28.94 2.85
CA LYS G 91 13.20 28.88 2.29
C LYS G 91 14.22 28.48 3.34
N ALA G 92 14.11 29.03 4.56
CA ALA G 92 15.00 28.63 5.64
C ALA G 92 14.88 27.13 5.92
N ALA G 93 13.66 26.60 5.90
CA ALA G 93 13.47 25.19 6.17
C ALA G 93 14.07 24.33 5.06
N ASP G 94 13.90 24.75 3.81
CA ASP G 94 14.50 24.03 2.70
C ASP G 94 16.01 23.92 2.86
N ILE G 95 16.65 25.00 3.34
CA ILE G 95 18.10 25.00 3.51
C ILE G 95 18.50 24.07 4.64
N LEU G 96 17.73 24.07 5.74
CA LEU G 96 18.00 23.13 6.83
C LEU G 96 17.91 21.69 6.37
N VAL G 97 16.93 21.36 5.52
CA VAL G 97 16.83 20.02 4.97
C VAL G 97 18.05 19.71 4.10
N ARG G 98 18.41 20.65 3.21
CA ARG G 98 19.60 20.46 2.38
C ARG G 98 20.82 20.15 3.23
N ASP G 99 20.99 20.88 4.34
CA ASP G 99 22.20 20.81 5.14
C ASP G 99 22.04 19.96 6.40
N ALA G 100 21.07 19.05 6.43
CA ALA G 100 20.77 18.35 7.68
C ALA G 100 21.94 17.48 8.14
N GLU G 101 22.63 16.82 7.21
CA GLU G 101 23.77 15.99 7.60
C GLU G 101 24.91 16.85 8.13
N LYS G 102 25.15 18.01 7.51
CA LYS G 102 26.24 18.88 7.93
C LYS G 102 25.99 19.42 9.34
N ILE G 103 24.81 19.99 9.58
CA ILE G 103 24.47 20.54 10.88
C ILE G 103 24.37 19.44 11.93
N GLY G 104 23.67 18.35 11.60
CA GLY G 104 23.49 17.28 12.58
C GLY G 104 24.79 16.66 13.03
N ALA G 105 25.77 16.58 12.14
CA ALA G 105 27.07 16.03 12.53
C ALA G 105 27.70 16.85 13.64
N ILE G 106 27.56 18.18 13.60
CA ILE G 106 28.17 19.04 14.60
C ILE G 106 27.34 19.08 15.88
N LEU G 107 26.01 19.18 15.76
CA LEU G 107 25.13 19.09 16.92
C LEU G 107 25.37 17.81 17.69
N SER G 108 25.56 16.70 16.97
CA SER G 108 25.86 15.43 17.63
C SER G 108 27.08 15.54 18.54
N LYS G 109 28.18 16.08 18.03
CA LYS G 109 29.38 16.24 18.85
C LYS G 109 29.13 17.22 19.99
N GLU G 110 28.41 18.32 19.72
CA GLU G 110 28.33 19.41 20.69
C GLU G 110 27.60 19.00 21.97
N VAL G 111 26.53 18.21 21.86
CA VAL G 111 25.76 17.82 23.04
C VAL G 111 25.72 16.32 23.23
N ALA G 112 26.59 15.58 22.56
CA ALA G 112 26.74 14.13 22.74
C ALA G 112 25.43 13.40 22.46
N LYS G 113 24.71 13.86 21.43
CA LYS G 113 23.52 13.18 20.96
C LYS G 113 23.91 12.24 19.82
N GLY G 114 23.26 11.09 19.76
CA GLY G 114 23.54 10.15 18.68
C GLY G 114 23.52 10.83 17.33
N HIS G 115 24.42 10.42 16.44
N HIS G 115 24.43 10.43 16.44
CA HIS G 115 24.54 11.10 15.15
CA HIS G 115 24.53 11.10 15.15
C HIS G 115 23.23 11.05 14.37
C HIS G 115 23.20 11.06 14.40
N LYS G 116 22.60 9.88 14.30
CA LYS G 116 21.33 9.78 13.58
C LYS G 116 20.25 10.61 14.24
N ALA G 117 20.17 10.55 15.58
CA ALA G 117 19.19 11.36 16.30
C ALA G 117 19.40 12.85 16.05
N ALA G 118 20.66 13.28 15.92
CA ALA G 118 20.95 14.70 15.71
C ALA G 118 20.48 15.17 14.35
N VAL G 119 20.80 14.41 13.30
CA VAL G 119 20.30 14.74 11.97
C VAL G 119 18.79 14.82 11.98
N SER G 120 18.14 13.83 12.60
CA SER G 120 16.68 13.84 12.67
C SER G 120 16.16 15.08 13.40
N GLU G 121 16.90 15.57 14.41
CA GLU G 121 16.47 16.79 15.08
C GLU G 121 16.38 17.95 14.09
N VAL G 122 17.38 18.08 13.21
CA VAL G 122 17.38 19.15 12.21
C VAL G 122 16.18 19.00 11.27
N ILE G 123 15.94 17.78 10.79
CA ILE G 123 14.80 17.53 9.91
C ILE G 123 13.49 17.92 10.60
N ARG G 124 13.33 17.53 11.87
CA ARG G 124 12.12 17.89 12.60
C ARG G 124 11.97 19.40 12.71
N THR G 125 13.09 20.11 12.90
CA THR G 125 13.03 21.57 12.98
C THR G 125 12.48 22.18 11.69
N ALA G 126 12.91 21.65 10.53
CA ALA G 126 12.36 22.16 9.28
C ALA G 126 10.86 21.90 9.18
N GLU G 127 10.41 20.72 9.64
CA GLU G 127 8.99 20.42 9.61
C GLU G 127 8.20 21.40 10.47
N ILE G 128 8.74 21.75 11.65
CA ILE G 128 8.08 22.71 12.51
C ILE G 128 8.05 24.09 11.87
N ILE G 129 9.17 24.52 11.28
CA ILE G 129 9.22 25.83 10.63
C ILE G 129 8.19 25.92 9.51
N ASN G 130 8.13 24.90 8.65
CA ASN G 130 7.16 24.90 7.56
C ASN G 130 5.72 24.93 8.11
N TYR G 131 5.43 24.11 9.12
CA TYR G 131 4.08 24.07 9.67
C TYR G 131 3.71 25.41 10.30
N ALA G 132 4.66 26.04 11.00
CA ALA G 132 4.38 27.32 11.63
C ALA G 132 4.07 28.39 10.59
N ALA G 133 4.80 28.38 9.47
CA ALA G 133 4.55 29.36 8.41
C ALA G 133 3.13 29.24 7.89
N GLU G 134 2.66 28.01 7.63
CA GLU G 134 1.32 27.83 7.07
C GLU G 134 0.23 27.99 8.10
N GLU G 135 0.49 27.62 9.36
CA GLU G 135 -0.47 27.89 10.44
C GLU G 135 -0.66 29.40 10.63
N GLY G 136 0.45 30.15 10.68
CA GLY G 136 0.37 31.56 10.99
C GLY G 136 -0.26 32.41 9.91
N LEU G 137 -0.04 32.05 8.65
CA LEU G 137 -0.45 32.95 7.57
C LEU G 137 -1.96 32.97 7.36
N ARG G 138 -2.70 31.98 7.85
CA ARG G 138 -4.14 31.94 7.66
C ARG G 138 -4.90 32.15 8.97
N MET G 139 -4.26 32.77 9.95
CA MET G 139 -4.98 33.16 11.16
C MET G 139 -5.81 34.39 10.86
N GLU G 140 -6.89 34.54 11.63
CA GLU G 140 -7.95 35.48 11.33
C GLU G 140 -8.21 36.40 12.51
N GLY G 141 -8.86 37.52 12.20
CA GLY G 141 -9.46 38.36 13.22
C GLY G 141 -10.92 38.02 13.42
N GLU G 142 -11.59 38.83 14.24
CA GLU G 142 -12.99 38.62 14.54
C GLU G 142 -13.70 39.96 14.55
N VAL G 143 -15.02 39.88 14.34
CA VAL G 143 -15.92 41.02 14.36
C VAL G 143 -16.95 40.78 15.45
N LEU G 144 -17.02 41.67 16.43
CA LEU G 144 -17.94 41.54 17.55
C LEU G 144 -19.03 42.61 17.48
N GLU G 145 -20.21 42.26 17.99
CA GLU G 145 -21.40 43.10 17.91
C GLU G 145 -21.67 43.78 19.25
N GLY G 146 -21.76 45.10 19.25
CA GLY G 146 -22.15 45.79 20.46
C GLY G 146 -23.51 45.34 20.97
N GLY G 147 -24.42 44.98 20.07
CA GLY G 147 -25.77 44.58 20.43
C GLY G 147 -25.89 43.21 21.05
N SER G 148 -24.78 42.49 21.17
CA SER G 148 -24.75 41.27 21.96
C SER G 148 -24.83 41.57 23.45
N PHE G 149 -24.42 42.75 23.87
CA PHE G 149 -24.31 43.12 25.28
C PHE G 149 -25.27 44.23 25.69
N GLU G 150 -25.50 45.24 24.85
CA GLU G 150 -26.46 46.28 25.19
C GLU G 150 -27.16 46.80 23.93
N ALA G 151 -28.48 46.97 24.06
CA ALA G 151 -29.30 47.34 22.92
C ALA G 151 -28.85 48.67 22.32
N ALA G 152 -28.49 49.63 23.16
CA ALA G 152 -28.16 50.96 22.67
C ALA G 152 -26.88 50.99 21.84
N SER G 153 -26.06 49.93 21.90
CA SER G 153 -24.82 49.85 21.13
C SER G 153 -24.94 48.91 19.94
N LYS G 154 -26.15 48.66 19.45
CA LYS G 154 -26.37 47.63 18.42
C LYS G 154 -25.75 48.00 17.08
N LYS G 155 -25.46 49.29 16.83
CA LYS G 155 -24.80 49.71 15.61
C LYS G 155 -23.29 49.79 15.75
N LYS G 156 -22.75 49.52 16.94
CA LYS G 156 -21.32 49.60 17.20
C LYS G 156 -20.69 48.22 17.02
N ILE G 157 -19.66 48.13 16.18
CA ILE G 157 -18.95 46.88 15.97
C ILE G 157 -17.45 47.06 16.23
N ALA G 158 -16.82 45.98 16.67
CA ALA G 158 -15.38 45.95 16.92
C ALA G 158 -14.71 45.02 15.92
N ILE G 159 -13.75 45.56 15.17
CA ILE G 159 -12.95 44.82 14.21
C ILE G 159 -11.62 44.49 14.89
N VAL G 160 -11.45 43.24 15.27
CA VAL G 160 -10.32 42.79 16.09
C VAL G 160 -9.35 42.01 15.19
N ARG G 161 -8.14 42.54 15.00
CA ARG G 161 -7.11 41.91 14.19
C ARG G 161 -5.87 41.62 15.03
N ARG G 162 -5.11 40.62 14.62
CA ARG G 162 -3.95 40.19 15.40
CA ARG G 162 -3.95 40.21 15.40
C ARG G 162 -2.71 41.02 15.02
N GLU G 163 -1.83 41.20 16.00
CA GLU G 163 -0.59 41.95 15.85
C GLU G 163 0.51 41.27 16.66
N PRO G 164 1.76 41.45 16.26
CA PRO G 164 2.87 40.89 17.04
C PRO G 164 3.03 41.61 18.38
N VAL G 165 3.72 40.95 19.30
CA VAL G 165 4.05 41.57 20.57
C VAL G 165 5.28 42.49 20.43
N GLY G 166 6.20 42.17 19.53
CA GLY G 166 7.37 43.00 19.30
C GLY G 166 8.65 42.21 19.16
N LEU G 167 9.60 42.42 20.09
CA LEU G 167 10.86 41.70 20.09
C LEU G 167 10.76 40.52 21.05
N VAL G 168 10.99 39.32 20.52
CA VAL G 168 10.93 38.07 21.26
C VAL G 168 12.36 37.62 21.55
N LEU G 169 12.66 37.42 22.83
CA LEU G 169 13.93 36.81 23.25
C LEU G 169 13.69 35.31 23.37
N ALA G 170 14.36 34.55 22.51
CA ALA G 170 14.25 33.09 22.48
C ALA G 170 15.51 32.48 23.06
N ILE G 171 15.34 31.61 24.05
CA ILE G 171 16.46 30.97 24.75
C ILE G 171 16.31 29.46 24.59
N SER G 172 17.26 28.84 23.88
CA SER G 172 17.17 27.42 23.58
C SER G 172 17.90 26.57 24.61
N PRO G 173 17.58 25.26 24.65
CA PRO G 173 18.20 24.38 25.65
C PRO G 173 19.32 23.52 25.08
N PHE G 174 20.20 22.99 25.92
CA PHE G 174 21.28 22.17 25.38
C PHE G 174 20.75 20.88 24.76
N ASN G 175 19.61 20.34 25.23
CA ASN G 175 19.22 19.00 24.78
C ASN G 175 18.44 19.02 23.46
N TYR G 176 18.01 20.19 22.99
CA TYR G 176 17.44 20.35 21.66
C TYR G 176 17.85 21.72 21.15
N PRO G 177 19.14 21.92 20.85
CA PRO G 177 19.61 23.28 20.55
C PRO G 177 19.15 23.81 19.20
N VAL G 178 18.61 22.95 18.34
CA VAL G 178 18.07 23.38 17.06
C VAL G 178 16.54 23.26 17.05
N ASN G 179 16.00 22.11 17.45
CA ASN G 179 14.55 21.90 17.48
C ASN G 179 13.86 22.92 18.40
N LEU G 180 14.38 23.12 19.61
CA LEU G 180 13.75 24.05 20.55
C LEU G 180 14.36 25.45 20.50
N ALA G 181 15.08 25.76 19.42
CA ALA G 181 15.25 27.12 18.94
C ALA G 181 14.20 27.43 17.88
N GLY G 182 14.08 26.56 16.88
CA GLY G 182 13.13 26.79 15.79
C GLY G 182 11.68 26.78 16.22
N SER G 183 11.36 26.04 17.29
CA SER G 183 10.00 26.04 17.81
C SER G 183 9.59 27.41 18.33
N LYS G 184 10.55 28.28 18.63
CA LYS G 184 10.29 29.64 19.06
C LYS G 184 10.40 30.64 17.92
N ILE G 185 11.43 30.49 17.10
CA ILE G 185 11.75 31.48 16.07
C ILE G 185 10.64 31.54 15.02
N ALA G 186 10.25 30.38 14.49
CA ALA G 186 9.32 30.39 13.36
C ALA G 186 7.95 30.90 13.76
N PRO G 187 7.36 30.47 14.88
CA PRO G 187 6.05 31.03 15.27
C PRO G 187 6.12 32.52 15.58
N ALA G 188 7.21 32.97 16.20
CA ALA G 188 7.41 34.39 16.43
C ALA G 188 7.40 35.17 15.12
N LEU G 189 8.18 34.69 14.13
CA LEU G 189 8.40 35.48 12.91
C LEU G 189 7.15 35.54 12.03
N ILE G 190 6.41 34.44 11.89
CA ILE G 190 5.27 34.46 10.99
C ILE G 190 4.24 35.49 11.46
N ALA G 191 4.14 35.70 12.77
CA ALA G 191 3.20 36.66 13.34
C ALA G 191 3.65 38.10 13.22
N GLY G 192 4.88 38.34 12.78
CA GLY G 192 5.40 39.68 12.64
C GLY G 192 6.32 40.16 13.74
N ASN G 193 6.71 39.28 14.68
CA ASN G 193 7.70 39.65 15.66
C ASN G 193 9.10 39.65 15.05
N VAL G 194 10.02 40.32 15.74
CA VAL G 194 11.45 40.16 15.50
C VAL G 194 12.00 39.33 16.65
N VAL G 195 13.17 38.73 16.42
CA VAL G 195 13.68 37.68 17.30
C VAL G 195 15.17 37.81 17.53
N ALA G 196 15.58 37.62 18.79
CA ALA G 196 16.96 37.37 19.17
C ALA G 196 17.05 36.00 19.82
N LEU G 197 17.93 35.15 19.30
CA LEU G 197 18.16 33.81 19.85
C LEU G 197 19.40 33.83 20.73
N LYS G 198 19.23 33.45 22.00
CA LYS G 198 20.34 33.25 22.92
C LYS G 198 20.50 31.74 23.14
N PRO G 199 21.47 31.10 22.49
CA PRO G 199 21.67 29.68 22.73
C PRO G 199 22.38 29.46 24.06
N PRO G 200 22.29 28.27 24.63
CA PRO G 200 23.17 27.94 25.76
C PRO G 200 24.58 27.78 25.24
N THR G 201 25.55 28.01 26.13
CA THR G 201 26.94 27.91 25.69
C THR G 201 27.21 26.55 25.04
N GLN G 202 26.82 25.47 25.71
CA GLN G 202 26.88 24.14 25.12
C GLN G 202 25.67 23.97 24.20
N GLY G 203 25.90 24.20 22.91
CA GLY G 203 24.82 24.33 21.94
C GLY G 203 24.80 25.64 21.21
N SER G 204 25.75 26.54 21.47
CA SER G 204 25.82 27.80 20.73
C SER G 204 26.26 27.57 19.29
N ILE G 205 27.15 26.61 19.04
CA ILE G 205 27.54 26.33 17.67
C ILE G 205 26.32 25.91 16.86
N SER G 206 25.54 24.97 17.40
CA SER G 206 24.34 24.50 16.69
CA SER G 206 24.35 24.50 16.68
C SER G 206 23.36 25.64 16.46
N GLY G 207 23.17 26.51 17.45
CA GLY G 207 22.27 27.63 17.27
C GLY G 207 22.73 28.59 16.18
N LEU G 208 24.04 28.82 16.09
CA LEU G 208 24.57 29.70 15.05
C LEU G 208 24.53 29.03 13.68
N LEU G 209 24.66 27.70 13.61
CA LEU G 209 24.45 27.01 12.35
C LEU G 209 23.01 27.18 11.86
N LEU G 210 22.04 27.12 12.78
CA LEU G 210 20.66 27.40 12.44
C LEU G 210 20.52 28.82 11.88
N ALA G 211 21.21 29.78 12.51
CA ALA G 211 21.14 31.16 12.05
C ALA G 211 21.62 31.29 10.60
N GLU G 212 22.62 30.50 10.21
CA GLU G 212 23.12 30.57 8.85
C GLU G 212 22.01 30.30 7.84
N ALA G 213 21.16 29.31 8.14
CA ALA G 213 20.09 28.96 7.22
C ALA G 213 19.11 30.12 7.06
N PHE G 214 18.75 30.78 8.17
CA PHE G 214 17.85 31.92 8.05
C PHE G 214 18.49 33.08 7.32
N ALA G 215 19.81 33.28 7.51
CA ALA G 215 20.53 34.30 6.77
C ALA G 215 20.56 33.98 5.27
N GLU G 216 20.88 32.73 4.92
CA GLU G 216 20.94 32.39 3.50
C GLU G 216 19.57 32.50 2.85
N ALA G 217 18.50 32.26 3.61
CA ALA G 217 17.15 32.43 3.08
C ALA G 217 16.78 33.88 2.82
N GLY G 218 17.62 34.82 3.22
CA GLY G 218 17.37 36.22 2.99
C GLY G 218 16.56 36.96 4.05
N ILE G 219 16.47 36.43 5.26
CA ILE G 219 15.69 37.09 6.31
C ILE G 219 16.19 38.54 6.39
N PRO G 220 15.30 39.54 6.43
CA PRO G 220 15.78 40.93 6.38
C PRO G 220 16.67 41.28 7.58
N ALA G 221 17.63 42.15 7.34
CA ALA G 221 18.61 42.52 8.35
C ALA G 221 17.92 42.95 9.64
N GLY G 222 18.30 42.30 10.75
CA GLY G 222 17.78 42.64 12.05
C GLY G 222 16.48 41.94 12.44
N VAL G 223 15.82 41.27 11.51
CA VAL G 223 14.59 40.56 11.86
C VAL G 223 14.90 39.35 12.71
N PHE G 224 16.03 38.70 12.46
CA PHE G 224 16.51 37.60 13.27
C PHE G 224 17.99 37.83 13.55
N ASN G 225 18.38 37.70 14.82
CA ASN G 225 19.74 37.93 15.30
C ASN G 225 20.07 36.87 16.33
N THR G 226 21.37 36.72 16.62
CA THR G 226 21.82 35.82 17.67
C THR G 226 22.69 36.56 18.67
N ILE G 227 22.72 36.03 19.90
CA ILE G 227 23.52 36.52 21.00
C ILE G 227 24.24 35.32 21.62
N THR G 228 25.57 35.43 21.79
CA THR G 228 26.33 34.46 22.56
C THR G 228 27.25 35.19 23.54
N GLY G 229 27.49 34.56 24.69
CA GLY G 229 28.41 35.14 25.65
C GLY G 229 28.35 34.42 26.99
N ARG G 230 29.05 35.02 27.95
CA ARG G 230 29.20 34.44 29.28
C ARG G 230 28.10 34.94 30.22
N GLY G 231 27.53 34.02 30.99
CA GLY G 231 26.50 34.41 31.96
C GLY G 231 26.97 35.52 32.88
N SER G 232 28.23 35.46 33.31
CA SER G 232 28.75 36.45 34.22
C SER G 232 28.79 37.84 33.60
N VAL G 233 28.80 37.95 32.27
CA VAL G 233 28.88 39.24 31.61
C VAL G 233 27.51 39.74 31.17
N ILE G 234 26.65 38.87 30.60
CA ILE G 234 25.42 39.31 29.95
C ILE G 234 24.19 38.52 30.34
N GLY G 235 24.31 37.58 31.27
CA GLY G 235 23.21 36.69 31.61
C GLY G 235 21.91 37.36 32.03
N ASP G 236 21.98 38.17 33.10
CA ASP G 236 20.81 38.94 33.48
C ASP G 236 20.54 40.07 32.48
N TYR G 237 21.61 40.62 31.87
CA TYR G 237 21.46 41.79 31.03
C TYR G 237 20.51 41.54 29.87
N ILE G 238 20.64 40.40 29.19
CA ILE G 238 19.83 40.17 28.01
C ILE G 238 18.34 40.06 28.38
N VAL G 239 18.04 39.58 29.58
CA VAL G 239 16.65 39.39 29.98
C VAL G 239 16.04 40.67 30.54
N GLU G 240 16.80 41.46 31.31
CA GLU G 240 16.24 42.66 31.94
C GLU G 240 16.12 43.84 30.97
N HIS G 241 16.70 43.74 29.78
CA HIS G 241 16.74 44.86 28.85
C HIS G 241 15.34 45.29 28.43
N GLU G 242 15.13 46.61 28.36
CA GLU G 242 13.81 47.15 28.11
C GLU G 242 13.35 46.96 26.67
N ALA G 243 14.26 46.69 25.74
CA ALA G 243 13.85 46.42 24.36
C ALA G 243 13.02 45.15 24.24
N VAL G 244 13.23 44.19 25.14
CA VAL G 244 12.61 42.87 25.02
C VAL G 244 11.14 42.97 25.45
N ASN G 245 10.25 42.44 24.62
CA ASN G 245 8.81 42.49 24.87
C ASN G 245 8.21 41.14 25.29
N PHE G 246 8.97 40.05 25.17
CA PHE G 246 8.45 38.70 25.37
C PHE G 246 9.64 37.78 25.57
N ILE G 247 9.55 36.88 26.56
CA ILE G 247 10.63 35.94 26.87
C ILE G 247 10.13 34.52 26.70
N ASN G 248 10.84 33.72 25.91
CA ASN G 248 10.44 32.36 25.55
C ASN G 248 11.61 31.43 25.86
N PHE G 249 11.51 30.66 26.95
CA PHE G 249 12.65 29.93 27.51
C PHE G 249 12.37 28.45 27.69
N THR G 250 13.36 27.63 27.34
CA THR G 250 13.39 26.20 27.66
C THR G 250 14.70 25.91 28.37
N GLY G 251 14.63 25.19 29.48
CA GLY G 251 15.82 24.88 30.24
C GLY G 251 15.45 24.29 31.58
N SER G 252 16.38 24.43 32.53
CA SER G 252 16.23 23.83 33.84
C SER G 252 15.31 24.67 34.71
N THR G 253 14.59 23.98 35.61
CA THR G 253 13.64 24.67 36.48
C THR G 253 14.30 25.78 37.29
N PRO G 254 15.43 25.56 37.97
CA PRO G 254 16.04 26.68 38.71
C PRO G 254 16.39 27.87 37.83
N ILE G 255 16.92 27.66 36.62
CA ILE G 255 17.21 28.79 35.74
C ILE G 255 15.92 29.46 35.29
N GLY G 256 14.88 28.67 35.02
CA GLY G 256 13.60 29.25 34.63
C GLY G 256 12.97 30.06 35.75
N GLU G 257 13.09 29.61 36.99
CA GLU G 257 12.61 30.42 38.09
C GLU G 257 13.32 31.77 38.12
N GLY G 258 14.63 31.76 37.92
CA GLY G 258 15.38 33.02 37.91
C GLY G 258 14.89 33.99 36.86
N ILE G 259 14.57 33.48 35.66
CA ILE G 259 14.07 34.34 34.59
C ILE G 259 12.73 34.94 34.96
N GLY G 260 11.88 34.16 35.65
CA GLY G 260 10.61 34.70 36.08
C GLY G 260 10.75 35.92 36.97
N LYS G 261 11.81 35.93 37.79
CA LYS G 261 12.05 37.06 38.67
C LYS G 261 12.45 38.32 37.91
N LEU G 262 12.88 38.17 36.66
CA LEU G 262 13.36 39.29 35.86
C LEU G 262 12.37 39.73 34.79
N ALA G 263 11.24 39.03 34.66
CA ALA G 263 10.33 39.31 33.55
C ALA G 263 9.59 40.62 33.72
N GLY G 264 9.32 41.04 34.95
CA GLY G 264 8.54 42.25 35.16
C GLY G 264 7.15 42.09 34.58
N MET G 265 6.76 43.04 33.73
CA MET G 265 5.46 42.99 33.10
C MET G 265 5.46 42.24 31.77
N ARG G 266 6.63 41.83 31.28
CA ARG G 266 6.71 41.13 30.01
C ARG G 266 6.10 39.73 30.14
N PRO G 267 5.30 39.30 29.16
CA PRO G 267 4.85 37.90 29.15
C PRO G 267 6.01 36.96 28.91
N ILE G 268 5.94 35.79 29.55
CA ILE G 268 6.98 34.80 29.49
C ILE G 268 6.37 33.44 29.21
N MET G 269 7.14 32.58 28.56
CA MET G 269 6.85 31.16 28.43
C MET G 269 8.04 30.39 28.98
N LEU G 270 7.76 29.35 29.77
CA LEU G 270 8.79 28.55 30.40
C LEU G 270 8.51 27.07 30.13
N GLU G 271 9.52 26.36 29.66
CA GLU G 271 9.48 24.91 29.45
C GLU G 271 10.60 24.33 30.32
N LEU G 272 10.25 23.79 31.48
CA LEU G 272 11.22 23.41 32.52
C LEU G 272 11.24 21.88 32.67
N GLY G 273 11.52 21.39 33.89
CA GLY G 273 11.72 19.98 34.10
C GLY G 273 10.44 19.19 34.31
N GLY G 274 10.59 17.87 34.38
CA GLY G 274 9.48 16.97 34.59
C GLY G 274 9.90 15.75 35.38
N LYS G 275 8.90 15.02 35.87
CA LYS G 275 9.06 13.73 36.53
C LYS G 275 7.85 12.88 36.16
N ASP G 276 7.67 12.64 34.86
CA ASP G 276 6.45 12.02 34.35
C ASP G 276 6.23 10.64 34.96
N SER G 277 5.01 10.38 35.42
CA SER G 277 4.67 9.06 35.94
CA SER G 277 4.64 9.08 35.94
C SER G 277 4.06 8.20 34.83
N ALA G 278 4.35 6.90 34.91
CA ALA G 278 3.71 5.89 34.07
C ALA G 278 2.90 5.02 35.02
N ILE G 279 1.58 5.20 35.01
CA ILE G 279 0.64 4.44 35.84
C ILE G 279 0.22 3.19 35.09
N VAL G 280 0.49 2.02 35.68
CA VAL G 280 0.23 0.72 35.03
C VAL G 280 -0.79 -0.03 35.86
N LEU G 281 -1.97 -0.26 35.29
CA LEU G 281 -3.05 -0.92 36.00
C LEU G 281 -3.05 -2.43 35.73
N GLU G 282 -3.89 -3.15 36.49
CA GLU G 282 -3.85 -4.61 36.50
C GLU G 282 -4.21 -5.19 35.15
N ASP G 283 -4.98 -4.48 34.34
CA ASP G 283 -5.45 -5.01 33.05
C ASP G 283 -4.59 -4.56 31.88
N ALA G 284 -3.41 -3.98 32.13
CA ALA G 284 -2.60 -3.44 31.05
C ALA G 284 -1.88 -4.54 30.26
N ASP G 285 -1.64 -4.25 28.98
CA ASP G 285 -0.70 -5.05 28.19
C ASP G 285 0.71 -4.74 28.69
N LEU G 286 1.29 -5.67 29.46
CA LEU G 286 2.53 -5.38 30.18
C LEU G 286 3.74 -5.32 29.27
N ALA G 287 3.77 -6.12 28.20
CA ALA G 287 4.90 -6.04 27.27
C ALA G 287 4.84 -4.74 26.47
N LEU G 288 3.64 -4.31 26.06
CA LEU G 288 3.52 -3.03 25.37
C LEU G 288 3.89 -1.89 26.30
N ALA G 289 3.42 -1.93 27.55
CA ALA G 289 3.78 -0.89 28.50
C ALA G 289 5.29 -0.81 28.69
N ALA G 290 5.96 -1.97 28.80
CA ALA G 290 7.41 -1.97 29.00
C ALA G 290 8.15 -1.37 27.81
N LYS G 291 7.73 -1.73 26.60
CA LYS G 291 8.37 -1.17 25.40
C LYS G 291 8.27 0.35 25.40
N ASN G 292 7.10 0.87 25.75
CA ASN G 292 6.92 2.33 25.76
C ASN G 292 7.68 2.98 26.90
N ILE G 293 7.65 2.37 28.08
CA ILE G 293 8.35 2.93 29.24
C ILE G 293 9.85 3.04 28.96
N VAL G 294 10.45 1.97 28.40
CA VAL G 294 11.88 1.99 28.17
C VAL G 294 12.25 2.98 27.06
N ALA G 295 11.45 3.02 25.98
CA ALA G 295 11.71 4.02 24.94
C ALA G 295 11.67 5.43 25.50
N GLY G 296 10.64 5.74 26.29
CA GLY G 296 10.50 7.09 26.80
C GLY G 296 11.52 7.44 27.86
N ALA G 297 11.83 6.48 28.74
CA ALA G 297 12.65 6.80 29.91
C ALA G 297 14.11 7.02 29.54
N PHE G 298 14.63 6.26 28.58
CA PHE G 298 16.06 6.23 28.33
C PHE G 298 16.49 6.93 27.05
N GLY G 299 15.55 7.51 26.31
CA GLY G 299 15.94 8.30 25.15
C GLY G 299 16.92 9.40 25.54
N TYR G 300 17.97 9.57 24.72
CA TYR G 300 19.03 10.56 24.97
C TYR G 300 19.52 10.46 26.41
N SER G 301 19.64 9.22 26.89
CA SER G 301 20.18 8.92 28.21
C SER G 301 19.35 9.53 29.34
N GLY G 302 18.06 9.75 29.08
CA GLY G 302 17.17 10.36 30.05
C GLY G 302 17.24 11.87 30.18
N GLN G 303 17.97 12.54 29.29
CA GLN G 303 18.17 13.99 29.36
C GLN G 303 17.05 14.72 28.60
N ARG G 304 15.81 14.48 29.05
CA ARG G 304 14.61 15.04 28.46
C ARG G 304 13.62 15.35 29.56
N SER G 305 12.94 16.51 29.47
CA SER G 305 11.96 16.88 30.47
CA SER G 305 11.96 16.87 30.48
C SER G 305 10.70 16.02 30.35
N THR G 306 10.30 15.69 29.12
CA THR G 306 9.16 14.83 28.84
C THR G 306 9.70 13.44 28.59
N ALA G 307 9.52 12.56 29.58
CA ALA G 307 10.09 11.22 29.58
C ALA G 307 9.54 10.51 30.81
N VAL G 308 9.18 9.24 30.69
CA VAL G 308 8.79 8.47 31.86
C VAL G 308 9.96 8.47 32.84
N LYS G 309 9.73 8.99 34.06
CA LYS G 309 10.77 9.02 35.07
C LYS G 309 10.41 8.29 36.35
N ARG G 310 9.20 7.74 36.45
CA ARG G 310 8.85 6.88 37.58
C ARG G 310 7.69 6.00 37.13
N VAL G 311 7.78 4.71 37.45
CA VAL G 311 6.71 3.77 37.18
C VAL G 311 5.94 3.56 38.47
N LEU G 312 4.63 3.82 38.42
CA LEU G 312 3.70 3.55 39.52
C LEU G 312 2.81 2.39 39.08
N VAL G 313 3.07 1.20 39.62
CA VAL G 313 2.48 -0.05 39.11
C VAL G 313 1.69 -0.75 40.21
N MET G 314 0.49 -1.22 39.88
CA MET G 314 -0.28 -2.05 40.80
C MET G 314 0.50 -3.32 41.12
N ASP G 315 0.57 -3.65 42.42
CA ASP G 315 1.52 -4.66 42.88
C ASP G 315 1.28 -6.03 42.24
N LYS G 316 0.02 -6.37 41.94
CA LYS G 316 -0.28 -7.69 41.38
C LYS G 316 0.47 -7.97 40.08
N VAL G 317 0.78 -6.94 39.30
CA VAL G 317 1.45 -7.12 38.01
C VAL G 317 2.86 -6.57 38.02
N ALA G 318 3.37 -6.16 39.19
CA ALA G 318 4.66 -5.48 39.25
C ALA G 318 5.82 -6.42 38.92
N ASP G 319 5.79 -7.65 39.45
CA ASP G 319 6.87 -8.59 39.18
C ASP G 319 7.01 -8.82 37.68
N GLN G 320 5.89 -9.09 36.99
CA GLN G 320 5.96 -9.37 35.56
C GLN G 320 6.38 -8.13 34.77
N LEU G 321 5.85 -6.95 35.12
CA LEU G 321 6.23 -5.74 34.41
C LEU G 321 7.71 -5.45 34.60
N ALA G 322 8.21 -5.58 35.83
CA ALA G 322 9.62 -5.28 36.09
C ALA G 322 10.52 -6.20 35.27
N ALA G 323 10.13 -7.46 35.12
CA ALA G 323 10.93 -8.38 34.32
C ALA G 323 10.91 -7.99 32.85
N GLU G 324 9.75 -7.56 32.34
CA GLU G 324 9.65 -7.11 30.96
C GLU G 324 10.51 -5.87 30.70
N ILE G 325 10.52 -4.91 31.64
CA ILE G 325 11.34 -3.72 31.48
C ILE G 325 12.82 -4.08 31.54
N LYS G 326 13.19 -4.93 32.51
CA LYS G 326 14.57 -5.36 32.66
C LYS G 326 15.14 -5.89 31.35
N THR G 327 14.41 -6.80 30.69
CA THR G 327 14.95 -7.44 29.49
C THR G 327 15.24 -6.42 28.40
N LEU G 328 14.40 -5.38 28.29
CA LEU G 328 14.65 -4.35 27.30
C LEU G 328 15.81 -3.44 27.72
N VAL G 329 15.91 -3.09 29.00
CA VAL G 329 16.99 -2.21 29.44
C VAL G 329 18.34 -2.88 29.19
N GLU G 330 18.42 -4.19 29.43
CA GLU G 330 19.67 -4.92 29.20
C GLU G 330 20.10 -4.89 27.74
N LYS G 331 19.17 -4.64 26.82
CA LYS G 331 19.49 -4.64 25.40
C LYS G 331 19.93 -3.28 24.88
N LEU G 332 19.75 -2.20 25.65
CA LEU G 332 20.20 -0.90 25.21
C LEU G 332 21.71 -0.90 24.99
N SER G 333 22.14 -0.23 23.92
CA SER G 333 23.56 -0.05 23.67
C SER G 333 24.08 1.15 24.46
N VAL G 334 25.32 1.05 24.92
CA VAL G 334 25.96 2.06 25.74
C VAL G 334 27.30 2.40 25.09
N GLY G 335 27.45 3.64 24.63
CA GLY G 335 28.67 4.02 23.94
C GLY G 335 28.68 5.44 23.42
N MET G 336 29.31 5.64 22.22
CA MET G 336 29.60 6.99 21.73
C MET G 336 28.53 7.48 20.77
N PRO G 337 28.35 8.80 20.71
CA PRO G 337 27.40 9.37 19.75
C PRO G 337 27.63 8.91 18.32
N GLU G 338 28.89 8.78 17.89
CA GLU G 338 29.21 8.40 16.52
C GLU G 338 28.65 7.03 16.15
N ASP G 339 28.45 6.16 17.14
CA ASP G 339 27.96 4.80 16.91
C ASP G 339 26.46 4.67 17.14
N ASP G 340 25.76 5.78 17.33
CA ASP G 340 24.31 5.76 17.52
C ASP G 340 23.92 4.88 18.71
N ALA G 341 24.72 4.92 19.76
CA ALA G 341 24.37 4.20 20.98
C ALA G 341 23.08 4.75 21.55
N ASP G 342 22.28 3.87 22.16
CA ASP G 342 21.09 4.33 22.88
C ASP G 342 21.47 5.25 24.03
N ILE G 343 22.49 4.85 24.80
CA ILE G 343 22.93 5.57 25.99
C ILE G 343 24.30 6.16 25.67
N THR G 344 24.39 7.48 25.67
CA THR G 344 25.61 8.22 25.40
C THR G 344 26.04 8.98 26.65
N PRO G 345 27.25 9.54 26.64
CA PRO G 345 27.73 10.23 27.85
C PRO G 345 26.90 11.47 28.15
N LEU G 346 26.74 11.73 29.45
CA LEU G 346 25.96 12.87 29.90
C LEU G 346 26.70 14.17 29.60
N ILE G 347 25.95 15.27 29.72
CA ILE G 347 26.37 16.56 29.16
C ILE G 347 27.64 17.07 29.84
N ASP G 348 27.81 16.82 31.14
CA ASP G 348 29.05 17.21 31.81
C ASP G 348 29.21 16.44 33.12
N THR G 349 30.33 16.68 33.79
CA THR G 349 30.70 15.88 34.96
C THR G 349 29.77 16.11 36.12
N SER G 350 29.38 17.36 36.35
CA SER G 350 28.44 17.67 37.42
C SER G 350 27.12 16.91 37.23
N ALA G 351 26.64 16.83 35.98
CA ALA G 351 25.41 16.09 35.72
C ALA G 351 25.57 14.61 36.06
N ALA G 352 26.70 14.02 35.68
CA ALA G 352 26.93 12.61 35.95
C ALA G 352 27.08 12.34 37.44
N ASP G 353 27.74 13.25 38.16
CA ASP G 353 27.86 13.12 39.61
C ASP G 353 26.49 13.15 40.28
N PHE G 354 25.60 14.02 39.82
CA PHE G 354 24.28 14.13 40.43
C PHE G 354 23.52 12.82 40.27
N VAL G 355 23.58 12.23 39.08
CA VAL G 355 22.90 10.96 38.82
C VAL G 355 23.48 9.85 39.68
N GLU G 356 24.81 9.78 39.78
CA GLU G 356 25.43 8.73 40.58
C GLU G 356 24.98 8.82 42.04
N GLY G 357 24.79 10.04 42.55
CA GLY G 357 24.36 10.21 43.92
C GLY G 357 22.93 9.78 44.16
N LEU G 358 22.05 10.00 43.18
CA LEU G 358 20.70 9.47 43.26
C LEU G 358 20.71 7.94 43.28
N ILE G 359 21.57 7.32 42.48
CA ILE G 359 21.67 5.87 42.44
C ILE G 359 22.16 5.34 43.79
N LYS G 360 23.16 6.01 44.36
CA LYS G 360 23.72 5.58 45.64
C LYS G 360 22.70 5.69 46.77
N ASP G 361 21.90 6.76 46.77
CA ASP G 361 20.86 6.88 47.80
C ASP G 361 19.87 5.71 47.71
N ALA G 362 19.39 5.42 46.50
CA ALA G 362 18.47 4.31 46.31
C ALA G 362 19.11 3.00 46.78
N THR G 363 20.34 2.73 46.34
CA THR G 363 21.03 1.51 46.76
C THR G 363 21.12 1.44 48.28
N ASP G 364 21.55 2.53 48.92
CA ASP G 364 21.78 2.52 50.37
C ASP G 364 20.48 2.36 51.14
N LYS G 365 19.36 2.79 50.58
CA LYS G 365 18.08 2.66 51.27
C LYS G 365 17.35 1.38 50.93
N GLY G 366 17.95 0.50 50.13
CA GLY G 366 17.44 -0.86 49.97
C GLY G 366 16.71 -1.19 48.69
N ALA G 367 16.78 -0.33 47.68
CA ALA G 367 16.14 -0.64 46.41
C ALA G 367 16.88 -1.76 45.68
N THR G 368 16.14 -2.51 44.86
CA THR G 368 16.68 -3.64 44.11
C THR G 368 17.20 -3.15 42.76
N ALA G 369 18.52 -3.18 42.57
CA ALA G 369 19.09 -2.83 41.27
C ALA G 369 18.88 -4.01 40.33
N LEU G 370 18.02 -3.84 39.32
CA LEU G 370 17.74 -4.91 38.37
C LEU G 370 18.69 -4.91 37.18
N THR G 371 19.37 -3.80 36.90
CA THR G 371 20.45 -3.75 35.94
C THR G 371 21.65 -3.09 36.62
N ALA G 372 22.82 -3.28 36.03
CA ALA G 372 24.09 -2.98 36.71
C ALA G 372 24.52 -1.54 36.46
N PHE G 373 24.91 -0.86 37.53
CA PHE G 373 25.52 0.46 37.43
C PHE G 373 26.98 0.34 37.02
N ASN G 374 27.38 1.20 36.08
CA ASN G 374 28.78 1.34 35.69
C ASN G 374 28.94 2.77 35.21
N ARG G 375 30.14 3.32 35.40
CA ARG G 375 30.42 4.68 34.96
C ARG G 375 31.85 4.76 34.47
N GLU G 376 32.02 5.11 33.20
N GLU G 376 32.02 5.10 33.20
CA GLU G 376 33.31 5.39 32.58
CA GLU G 376 33.31 5.39 32.58
C GLU G 376 33.29 6.85 32.12
C GLU G 376 33.27 6.85 32.13
N GLY G 377 34.08 7.69 32.76
CA GLY G 377 33.99 9.12 32.48
C GLY G 377 32.63 9.60 32.92
N ASN G 378 31.86 10.18 32.01
CA ASN G 378 30.48 10.56 32.29
C ASN G 378 29.48 9.67 31.55
N LEU G 379 29.92 8.50 31.09
CA LEU G 379 29.05 7.51 30.47
C LEU G 379 28.55 6.57 31.55
N ILE G 380 27.30 6.74 31.94
CA ILE G 380 26.65 5.91 32.94
C ILE G 380 25.74 4.91 32.23
N SER G 381 25.90 3.63 32.57
CA SER G 381 25.04 2.59 32.04
C SER G 381 23.63 2.69 32.64
N PRO G 382 22.62 2.19 31.92
CA PRO G 382 21.22 2.38 32.34
C PRO G 382 20.87 1.52 33.55
N VAL G 383 20.36 2.17 34.60
CA VAL G 383 20.07 1.52 35.88
C VAL G 383 18.57 1.49 36.13
N LEU G 384 18.03 0.28 36.31
CA LEU G 384 16.63 0.05 36.64
C LEU G 384 16.52 -0.40 38.09
N PHE G 385 15.71 0.29 38.88
CA PHE G 385 15.46 -0.05 40.27
C PHE G 385 14.01 -0.50 40.46
N ASP G 386 13.81 -1.59 41.19
CA ASP G 386 12.51 -2.01 41.67
C ASP G 386 12.46 -1.83 43.18
N HIS G 387 11.25 -1.92 43.72
CA HIS G 387 10.99 -1.72 45.15
C HIS G 387 11.51 -0.37 45.63
N VAL G 388 11.30 0.66 44.82
CA VAL G 388 11.60 2.02 45.23
C VAL G 388 10.45 2.51 46.11
N THR G 389 10.79 3.16 47.23
CA THR G 389 9.82 3.76 48.13
C THR G 389 10.01 5.27 48.14
N THR G 390 8.96 6.01 48.52
CA THR G 390 8.96 7.45 48.30
C THR G 390 9.74 8.24 49.36
N ASP G 391 10.46 7.57 50.25
CA ASP G 391 11.50 8.22 51.04
C ASP G 391 12.84 8.29 50.29
N MET G 392 12.93 7.73 49.09
CA MET G 392 14.18 7.78 48.32
C MET G 392 14.17 8.99 47.40
N ARG G 393 15.33 9.64 47.27
CA ARG G 393 15.44 10.83 46.42
C ARG G 393 15.00 10.52 44.99
N LEU G 394 15.33 9.32 44.50
CA LEU G 394 15.01 8.95 43.12
C LEU G 394 13.52 8.89 42.84
N ALA G 395 12.69 8.76 43.86
CA ALA G 395 11.25 8.80 43.62
C ALA G 395 10.78 10.16 43.14
N TRP G 396 11.56 11.22 43.35
CA TRP G 396 11.08 12.59 43.16
C TRP G 396 11.97 13.49 42.32
N GLU G 397 13.28 13.45 42.55
CA GLU G 397 14.20 14.40 41.91
C GLU G 397 14.44 14.01 40.46
N GLU G 398 14.42 15.01 39.57
CA GLU G 398 14.67 14.79 38.15
C GLU G 398 16.14 14.48 37.90
N PRO G 399 16.51 13.28 37.43
CA PRO G 399 17.93 12.95 37.29
C PRO G 399 18.61 13.57 36.08
N PHE G 400 17.91 13.66 34.95
CA PHE G 400 18.54 13.95 33.65
C PHE G 400 19.71 12.99 33.44
N GLY G 401 19.41 11.70 33.62
CA GLY G 401 20.36 10.64 33.45
C GLY G 401 19.62 9.33 33.32
N PRO G 402 20.33 8.26 32.98
CA PRO G 402 19.68 6.97 32.63
C PRO G 402 19.38 6.06 33.83
N VAL G 403 18.44 6.49 34.66
CA VAL G 403 18.02 5.72 35.83
C VAL G 403 16.51 5.84 36.00
N LEU G 404 15.86 4.71 36.33
CA LEU G 404 14.40 4.65 36.39
C LEU G 404 13.90 3.84 37.58
N PRO G 405 13.12 4.44 38.47
CA PRO G 405 12.54 3.66 39.58
C PRO G 405 11.17 3.07 39.27
N ILE G 406 10.93 1.90 39.85
CA ILE G 406 9.61 1.25 39.85
C ILE G 406 9.07 1.33 41.28
N ILE G 407 7.90 1.94 41.42
CA ILE G 407 7.25 2.13 42.72
C ILE G 407 5.95 1.34 42.72
N ARG G 408 5.77 0.48 43.70
CA ARG G 408 4.60 -0.38 43.78
C ARG G 408 3.51 0.26 44.64
N VAL G 409 2.27 0.18 44.15
CA VAL G 409 1.09 0.69 44.82
C VAL G 409 0.03 -0.40 44.82
N THR G 410 -1.01 -0.23 45.64
CA THR G 410 -2.09 -1.21 45.68
C THR G 410 -3.45 -0.66 45.28
N THR G 411 -3.58 0.64 45.04
CA THR G 411 -4.81 1.25 44.57
C THR G 411 -4.49 2.35 43.57
N VAL G 412 -5.43 2.58 42.64
CA VAL G 412 -5.27 3.70 41.71
C VAL G 412 -5.29 5.02 42.49
N GLU G 413 -6.08 5.07 43.57
CA GLU G 413 -6.11 6.28 44.39
C GLU G 413 -4.73 6.63 44.91
N GLU G 414 -3.98 5.62 45.36
CA GLU G 414 -2.62 5.84 45.83
C GLU G 414 -1.71 6.30 44.70
N ALA G 415 -1.86 5.72 43.50
CA ALA G 415 -1.05 6.14 42.37
C ALA G 415 -1.30 7.60 42.02
N ILE G 416 -2.56 8.03 42.06
CA ILE G 416 -2.88 9.42 41.75
C ILE G 416 -2.26 10.36 42.76
N LYS G 417 -2.35 9.99 44.05
CA LYS G 417 -1.80 10.85 45.10
C LYS G 417 -0.28 10.97 44.98
N ILE G 418 0.41 9.84 44.78
CA ILE G 418 1.86 9.90 44.62
C ILE G 418 2.24 10.69 43.37
N SER G 419 1.53 10.46 42.27
CA SER G 419 1.80 11.22 41.05
C SER G 419 1.70 12.72 41.30
N ASN G 420 0.60 13.16 41.92
CA ASN G 420 0.36 14.59 42.10
C ASN G 420 1.21 15.22 43.19
N GLU G 421 1.79 14.41 44.07
CA GLU G 421 2.67 14.92 45.11
C GLU G 421 3.94 15.55 44.56
N SER G 422 4.30 15.24 43.31
CA SER G 422 5.49 15.83 42.72
C SER G 422 5.35 17.34 42.56
N GLU G 423 6.47 18.04 42.71
CA GLU G 423 6.53 19.45 42.36
C GLU G 423 6.36 19.69 40.85
N TYR G 424 6.55 18.66 40.04
CA TYR G 424 6.43 18.74 38.59
C TYR G 424 5.05 18.30 38.12
N GLY G 425 4.70 18.72 36.90
CA GLY G 425 3.42 18.36 36.32
C GLY G 425 3.38 18.51 34.81
N LEU G 426 4.28 17.82 34.10
CA LEU G 426 4.43 17.95 32.66
C LEU G 426 3.50 16.98 31.96
N GLN G 427 3.81 15.69 31.92
CA GLN G 427 2.93 14.71 31.30
C GLN G 427 2.84 13.45 32.17
N ALA G 428 1.92 12.56 31.78
CA ALA G 428 1.76 11.26 32.41
C ALA G 428 1.28 10.26 31.37
N SER G 429 1.61 8.98 31.59
CA SER G 429 1.07 7.87 30.81
C SER G 429 0.19 7.00 31.69
N ILE G 430 -0.88 6.47 31.11
CA ILE G 430 -1.73 5.49 31.76
C ILE G 430 -1.84 4.26 30.87
N PHE G 431 -1.52 3.10 31.43
CA PHE G 431 -1.55 1.83 30.70
C PHE G 431 -2.67 0.97 31.29
N THR G 432 -3.68 0.72 30.48
CA THR G 432 -4.89 0.01 30.88
C THR G 432 -5.70 -0.29 29.63
N THR G 433 -6.66 -1.22 29.75
CA THR G 433 -7.62 -1.46 28.68
C THR G 433 -8.98 -0.81 28.92
N ASN G 434 -9.15 -0.08 30.03
CA ASN G 434 -10.42 0.58 30.36
C ASN G 434 -10.24 2.08 30.14
N PHE G 435 -10.59 2.55 28.94
CA PHE G 435 -10.33 3.95 28.62
C PHE G 435 -11.28 4.92 29.33
N PRO G 436 -12.57 4.61 29.51
CA PRO G 436 -13.41 5.52 30.31
C PRO G 436 -12.90 5.73 31.72
N LYS G 437 -12.39 4.67 32.36
CA LYS G 437 -11.71 4.84 33.63
C LYS G 437 -10.44 5.67 33.47
N ALA G 438 -9.67 5.43 32.39
CA ALA G 438 -8.44 6.17 32.19
C ALA G 438 -8.70 7.66 32.01
N PHE G 439 -9.77 8.02 31.30
CA PHE G 439 -10.14 9.43 31.19
C PHE G 439 -10.46 10.01 32.56
N GLY G 440 -11.15 9.26 33.42
CA GLY G 440 -11.43 9.75 34.76
C GLY G 440 -10.18 9.99 35.58
N ILE G 441 -9.18 9.11 35.43
CA ILE G 441 -7.90 9.30 36.11
C ILE G 441 -7.19 10.53 35.54
N ALA G 442 -7.17 10.66 34.21
CA ALA G 442 -6.55 11.82 33.57
C ALA G 442 -7.08 13.13 34.14
N GLU G 443 -8.39 13.21 34.35
CA GLU G 443 -8.96 14.45 34.88
C GLU G 443 -8.35 14.82 36.22
N GLN G 444 -7.88 13.81 36.97
CA GLN G 444 -7.37 14.00 38.32
C GLN G 444 -5.88 14.28 38.37
N LEU G 445 -5.15 13.96 37.30
CA LEU G 445 -3.71 14.14 37.26
C LEU G 445 -3.37 15.60 36.97
N GLU G 446 -2.48 16.16 37.78
CA GLU G 446 -2.06 17.56 37.64
C GLU G 446 -0.89 17.63 36.65
N VAL G 447 -1.25 17.49 35.37
CA VAL G 447 -0.30 17.51 34.26
C VAL G 447 -0.92 18.22 33.07
N GLY G 448 -0.08 18.56 32.10
CA GLY G 448 -0.55 19.13 30.86
C GLY G 448 -1.17 18.13 29.90
N THR G 449 -0.52 16.98 29.72
CA THR G 449 -0.94 15.97 28.75
C THR G 449 -0.85 14.57 29.35
N VAL G 450 -1.87 13.75 29.08
CA VAL G 450 -1.91 12.35 29.49
C VAL G 450 -1.99 11.50 28.24
N HIS G 451 -1.06 10.55 28.10
CA HIS G 451 -1.02 9.63 26.96
C HIS G 451 -1.53 8.27 27.40
N LEU G 452 -2.48 7.71 26.64
CA LEU G 452 -3.07 6.42 26.96
C LEU G 452 -2.37 5.31 26.19
N ASN G 453 -1.84 4.33 26.91
CA ASN G 453 -1.15 3.19 26.31
C ASN G 453 -0.03 3.64 25.38
N ASN G 454 0.70 4.68 25.80
CA ASN G 454 1.88 5.11 25.08
C ASN G 454 2.76 5.93 26.02
N LYS G 455 4.02 6.08 25.64
CA LYS G 455 4.96 6.90 26.38
C LYS G 455 4.55 8.37 26.31
N THR G 456 5.06 9.15 27.28
CA THR G 456 4.90 10.60 27.19
C THR G 456 5.80 11.13 26.08
N GLN G 457 5.36 12.22 25.44
CA GLN G 457 6.06 12.79 24.30
C GLN G 457 5.48 14.16 23.98
N ARG G 458 6.34 15.02 23.41
CA ARG G 458 5.90 16.34 22.99
C ARG G 458 5.09 16.29 21.71
N GLY G 459 5.40 15.37 20.80
CA GLY G 459 4.72 15.32 19.51
C GLY G 459 3.31 14.76 19.60
N THR G 460 2.61 14.86 18.48
CA THR G 460 3.03 15.54 17.26
C THR G 460 2.99 17.06 17.50
N ASP G 461 3.81 17.82 16.78
CA ASP G 461 4.07 19.20 17.18
C ASP G 461 2.89 20.14 16.94
N ASN G 462 1.79 19.66 16.34
CA ASN G 462 0.57 20.47 16.30
C ASN G 462 -0.25 20.36 17.59
N PHE G 463 0.01 19.33 18.40
CA PHE G 463 -0.70 19.13 19.66
C PHE G 463 -0.23 20.16 20.70
N PRO G 464 -1.05 20.48 21.69
CA PRO G 464 -0.57 21.37 22.77
C PRO G 464 0.55 20.70 23.56
N PHE G 465 1.53 21.51 23.96
CA PHE G 465 2.60 21.07 24.85
C PHE G 465 2.70 22.07 26.00
N LEU G 466 2.45 21.61 27.22
CA LEU G 466 2.45 22.48 28.37
C LEU G 466 2.72 21.69 29.64
N GLY G 467 3.24 22.39 30.64
CA GLY G 467 3.48 21.80 31.94
C GLY G 467 2.84 22.62 33.03
N ALA G 468 2.38 21.92 34.07
CA ALA G 468 1.82 22.53 35.27
C ALA G 468 2.88 22.63 36.36
N LYS G 469 2.59 23.44 37.36
CA LYS G 469 3.41 23.56 38.59
C LYS G 469 4.83 23.96 38.18
N LYS G 470 5.87 23.30 38.69
CA LYS G 470 7.23 23.72 38.38
C LYS G 470 7.68 23.31 36.98
N SER G 471 6.81 22.70 36.18
CA SER G 471 7.20 22.27 34.83
C SER G 471 7.08 23.38 33.79
N GLY G 472 6.40 24.48 34.07
CA GLY G 472 6.52 25.61 33.17
C GLY G 472 5.34 26.57 33.25
N ALA G 473 5.24 27.40 32.20
CA ALA G 473 4.20 28.40 32.03
C ALA G 473 3.98 28.64 30.55
N GLY G 474 2.71 28.75 30.15
CA GLY G 474 2.35 28.94 28.77
C GLY G 474 2.10 27.63 28.04
N VAL G 475 1.53 27.75 26.83
CA VAL G 475 1.15 26.60 26.02
C VAL G 475 1.84 26.71 24.66
N GLN G 476 2.61 25.69 24.30
CA GLN G 476 3.24 25.59 22.99
C GLN G 476 2.63 24.41 22.23
N GLY G 477 3.36 23.86 21.28
CA GLY G 477 2.68 23.30 20.13
C GLY G 477 2.45 24.44 19.15
N VAL G 478 2.41 24.18 17.85
CA VAL G 478 2.64 25.26 16.89
C VAL G 478 1.58 26.36 17.04
N LYS G 479 0.30 26.03 16.82
CA LYS G 479 -0.68 27.11 16.80
C LYS G 479 -0.76 27.82 18.14
N TYR G 480 -0.57 27.08 19.25
CA TYR G 480 -0.62 27.68 20.58
C TYR G 480 0.52 28.66 20.80
N SER G 481 1.72 28.31 20.31
CA SER G 481 2.88 29.19 20.44
C SER G 481 2.70 30.47 19.63
N ILE G 482 2.05 30.38 18.47
CA ILE G 482 1.76 31.57 17.67
C ILE G 482 0.79 32.49 18.42
N GLU G 483 -0.30 31.92 18.94
CA GLU G 483 -1.25 32.72 19.71
C GLU G 483 -0.57 33.40 20.89
N ALA G 484 0.35 32.73 21.56
CA ALA G 484 0.98 33.28 22.75
C ALA G 484 1.83 34.51 22.42
N MET G 485 2.48 34.52 21.26
CA MET G 485 3.34 35.62 20.83
C MET G 485 2.61 36.59 19.89
N THR G 486 1.29 36.65 19.98
CA THR G 486 0.51 37.67 19.32
C THR G 486 -0.44 38.32 20.31
N THR G 487 -0.81 39.56 20.04
CA THR G 487 -1.84 40.26 20.77
C THR G 487 -2.90 40.68 19.75
N VAL G 488 -3.80 41.58 20.15
CA VAL G 488 -4.83 42.05 19.24
C VAL G 488 -4.84 43.57 19.23
N LYS G 489 -5.37 44.10 18.13
CA LYS G 489 -5.67 45.53 17.98
C LYS G 489 -7.13 45.61 17.57
N SER G 490 -7.92 46.36 18.33
CA SER G 490 -9.35 46.47 18.13
C SER G 490 -9.68 47.86 17.60
N VAL G 491 -10.42 47.91 16.49
CA VAL G 491 -10.88 49.18 15.90
C VAL G 491 -12.41 49.17 15.93
N VAL G 492 -12.99 50.18 16.59
CA VAL G 492 -14.40 50.20 16.95
C VAL G 492 -15.07 51.40 16.29
N PHE G 493 -16.17 51.17 15.59
CA PHE G 493 -16.91 52.28 14.98
C PHE G 493 -18.39 51.96 14.89
N ASP G 494 -19.19 53.02 14.67
CA ASP G 494 -20.64 52.90 14.58
C ASP G 494 -21.10 52.92 13.12
N ILE G 495 -21.89 51.92 12.75
CA ILE G 495 -22.55 51.90 11.45
C ILE G 495 -23.66 52.94 11.43
N GLN G 496 -23.83 53.59 10.26
CA GLN G 496 -24.86 54.62 10.09
C GLN G 496 -25.77 54.30 8.91
N LEU H 22 -25.75 54.83 61.35
CA LEU H 22 -25.59 54.54 59.90
C LEU H 22 -24.31 53.73 59.64
N ALA H 23 -23.21 54.16 60.25
CA ALA H 23 -21.93 53.49 60.05
C ALA H 23 -21.95 52.08 60.64
N LYS H 24 -21.31 51.15 59.93
CA LYS H 24 -21.41 49.72 60.23
C LYS H 24 -20.02 49.10 60.32
N GLN H 25 -19.90 48.08 61.17
CA GLN H 25 -18.69 47.28 61.26
C GLN H 25 -18.82 46.10 60.28
N TYR H 26 -17.98 46.08 59.25
CA TYR H 26 -18.04 45.05 58.23
C TYR H 26 -17.10 43.90 58.58
N LYS H 27 -17.29 42.78 57.87
CA LYS H 27 -16.54 41.56 58.14
C LYS H 27 -16.11 40.94 56.81
N ASN H 28 -15.06 40.12 56.85
CA ASN H 28 -14.66 39.39 55.66
C ASN H 28 -15.38 38.05 55.56
N LEU H 29 -15.64 37.63 54.33
CA LEU H 29 -16.16 36.30 54.04
C LEU H 29 -15.00 35.33 53.96
N VAL H 30 -14.94 34.38 54.89
CA VAL H 30 -13.86 33.41 54.96
C VAL H 30 -14.47 32.04 55.17
N ASN H 31 -14.37 31.19 54.15
CA ASN H 31 -14.81 29.80 54.25
C ASN H 31 -16.27 29.71 54.70
N GLY H 32 -17.12 30.55 54.10
CA GLY H 32 -18.53 30.51 54.38
C GLY H 32 -18.96 31.23 55.64
N GLU H 33 -18.03 31.82 56.39
CA GLU H 33 -18.33 32.53 57.62
C GLU H 33 -17.89 33.98 57.47
N TRP H 34 -18.50 34.85 58.28
CA TRP H 34 -18.17 36.27 58.31
C TRP H 34 -17.30 36.53 59.54
N LYS H 35 -16.11 37.08 59.32
CA LYS H 35 -15.07 37.14 60.35
C LYS H 35 -14.54 38.55 60.56
N LEU H 36 -14.51 38.98 61.82
CA LEU H 36 -13.79 40.17 62.22
C LEU H 36 -12.31 39.84 62.47
N SER H 37 -11.49 40.89 62.53
CA SER H 37 -10.10 40.80 62.96
C SER H 37 -9.92 41.63 64.23
N GLU H 38 -8.79 41.43 64.90
CA GLU H 38 -8.54 42.15 66.15
C GLU H 38 -8.34 43.64 65.90
N ASN H 39 -7.79 44.02 64.75
CA ASN H 39 -7.67 45.41 64.34
C ASN H 39 -8.56 45.66 63.13
N GLU H 40 -8.91 46.93 62.93
CA GLU H 40 -9.77 47.32 61.81
C GLU H 40 -9.29 48.64 61.23
N ILE H 41 -9.92 49.03 60.12
CA ILE H 41 -9.60 50.25 59.40
C ILE H 41 -10.90 51.03 59.20
N THR H 42 -10.97 52.25 59.72
CA THR H 42 -12.15 53.09 59.53
C THR H 42 -12.04 53.81 58.19
N ILE H 43 -13.14 53.85 57.44
CA ILE H 43 -13.16 54.42 56.10
C ILE H 43 -14.09 55.63 56.08
N TYR H 44 -13.61 56.74 55.53
CA TYR H 44 -14.34 58.00 55.51
C TYR H 44 -14.66 58.42 54.07
N ALA H 45 -15.75 59.18 53.93
CA ALA H 45 -16.15 59.68 52.61
C ALA H 45 -15.19 60.76 52.14
N PRO H 46 -14.62 60.65 50.93
CA PRO H 46 -13.65 61.67 50.51
C PRO H 46 -14.25 63.07 50.33
N ALA H 47 -15.53 63.18 50.01
CA ALA H 47 -16.10 64.49 49.73
C ALA H 47 -16.48 65.26 50.99
N THR H 48 -16.66 64.57 52.12
CA THR H 48 -17.22 65.19 53.33
C THR H 48 -16.52 64.82 54.63
N GLY H 49 -15.76 63.73 54.66
CA GLY H 49 -15.22 63.23 55.91
C GLY H 49 -16.17 62.41 56.75
N GLU H 50 -17.38 62.13 56.25
CA GLU H 50 -18.32 61.30 57.00
C GLU H 50 -17.75 59.92 57.25
N GLU H 51 -17.90 59.44 58.49
CA GLU H 51 -17.49 58.08 58.83
C GLU H 51 -18.48 57.08 58.24
N LEU H 52 -17.99 56.18 57.40
CA LEU H 52 -18.86 55.23 56.71
C LEU H 52 -18.93 53.86 57.37
N GLY H 53 -17.88 53.47 58.08
CA GLY H 53 -17.81 52.14 58.66
C GLY H 53 -16.36 51.72 58.80
N SER H 54 -16.17 50.45 59.16
CA SER H 54 -14.83 49.89 59.32
C SER H 54 -14.75 48.51 58.68
N VAL H 55 -13.56 48.16 58.23
CA VAL H 55 -13.30 46.84 57.66
C VAL H 55 -12.15 46.22 58.44
N PRO H 56 -12.04 44.90 58.43
CA PRO H 56 -10.97 44.25 59.21
C PRO H 56 -9.58 44.54 58.66
N ALA H 57 -8.61 44.56 59.57
CA ALA H 57 -7.20 44.68 59.22
C ALA H 57 -6.55 43.32 59.44
N MET H 58 -6.64 42.46 58.42
CA MET H 58 -6.22 41.08 58.55
C MET H 58 -4.71 40.96 58.80
N THR H 59 -4.34 39.92 59.54
CA THR H 59 -2.97 39.51 59.74
C THR H 59 -2.56 38.48 58.68
N GLN H 60 -1.27 38.20 58.64
CA GLN H 60 -0.79 37.19 57.69
C GLN H 60 -1.33 35.81 58.03
N ALA H 61 -1.55 35.50 59.31
CA ALA H 61 -2.13 34.21 59.69
C ALA H 61 -3.58 34.10 59.23
N GLU H 62 -4.31 35.22 59.21
CA GLU H 62 -5.68 35.21 58.71
C GLU H 62 -5.70 35.06 57.18
N VAL H 63 -4.73 35.64 56.48
CA VAL H 63 -4.59 35.41 55.05
C VAL H 63 -4.34 33.93 54.77
N ASP H 64 -3.49 33.29 55.59
CA ASP H 64 -3.25 31.86 55.43
C ASP H 64 -4.55 31.08 55.51
N ALA H 65 -5.43 31.43 56.45
CA ALA H 65 -6.68 30.70 56.62
C ALA H 65 -7.58 30.86 55.41
N VAL H 66 -7.63 32.08 54.83
CA VAL H 66 -8.41 32.30 53.62
C VAL H 66 -7.91 31.39 52.50
N TYR H 67 -6.61 31.40 52.23
CA TYR H 67 -6.08 30.62 51.12
C TYR H 67 -6.23 29.12 51.36
N ALA H 68 -6.03 28.65 52.59
CA ALA H 68 -6.21 27.24 52.89
C ALA H 68 -7.65 26.79 52.60
N SER H 69 -8.63 27.61 52.99
CA SER H 69 -10.03 27.26 52.74
CA SER H 69 -10.02 27.23 52.74
C SER H 69 -10.33 27.24 51.25
N ALA H 70 -9.72 28.14 50.48
CA ALA H 70 -9.97 28.19 49.05
C ALA H 70 -9.38 26.97 48.34
N LYS H 71 -8.15 26.58 48.67
CA LYS H 71 -7.57 25.41 48.02
C LYS H 71 -8.35 24.15 48.37
N LYS H 72 -8.86 24.05 49.61
CA LYS H 72 -9.67 22.89 49.97
C LYS H 72 -10.98 22.84 49.19
N ALA H 73 -11.59 24.01 48.93
CA ALA H 73 -12.85 24.08 48.19
C ALA H 73 -12.68 23.83 46.69
N LEU H 74 -11.47 24.01 46.15
CA LEU H 74 -11.30 23.95 44.70
C LEU H 74 -11.70 22.60 44.13
N SER H 75 -11.40 21.51 44.84
CA SER H 75 -11.63 20.17 44.30
C SER H 75 -13.11 19.95 43.98
N ASP H 76 -14.00 20.23 44.94
CA ASP H 76 -15.43 19.99 44.70
C ASP H 76 -16.03 21.03 43.75
N TRP H 77 -15.45 22.23 43.67
CA TRP H 77 -16.01 23.27 42.83
C TRP H 77 -15.69 23.04 41.36
N ARG H 78 -14.46 22.63 41.05
CA ARG H 78 -14.07 22.42 39.66
C ARG H 78 -14.75 21.20 39.04
N THR H 79 -15.23 20.26 39.86
CA THR H 79 -15.93 19.09 39.35
C THR H 79 -17.44 19.29 39.20
N LEU H 80 -17.98 20.43 39.66
CA LEU H 80 -19.36 20.74 39.36
C LEU H 80 -19.52 20.92 37.84
N SER H 81 -20.76 20.77 37.38
CA SER H 81 -21.04 21.08 35.99
C SER H 81 -20.97 22.57 35.75
N TYR H 82 -20.82 22.95 34.47
CA TYR H 82 -20.91 24.36 34.12
C TYR H 82 -22.27 24.94 34.50
N VAL H 83 -23.35 24.17 34.28
CA VAL H 83 -24.69 24.67 34.56
CA VAL H 83 -24.68 24.71 34.55
C VAL H 83 -24.85 25.02 36.03
N GLU H 84 -24.30 24.18 36.91
CA GLU H 84 -24.41 24.43 38.34
C GLU H 84 -23.60 25.66 38.76
N ARG H 85 -22.40 25.81 38.20
CA ARG H 85 -21.60 26.99 38.53
C ARG H 85 -22.26 28.26 38.00
N ALA H 86 -22.87 28.18 36.82
CA ALA H 86 -23.54 29.35 36.25
C ALA H 86 -24.75 29.77 37.08
N ALA H 87 -25.48 28.82 37.67
CA ALA H 87 -26.65 29.19 38.47
C ALA H 87 -26.26 30.07 39.66
N TYR H 88 -25.15 29.76 40.31
CA TYR H 88 -24.71 30.60 41.43
C TYR H 88 -24.48 32.04 40.98
N LEU H 89 -23.85 32.22 39.81
CA LEU H 89 -23.52 33.55 39.34
C LEU H 89 -24.79 34.32 38.95
N HIS H 90 -25.74 33.66 38.30
CA HIS H 90 -26.99 34.33 37.95
C HIS H 90 -27.74 34.80 39.20
N LYS H 91 -27.75 33.97 40.26
CA LYS H 91 -28.42 34.35 41.50
C LYS H 91 -27.73 35.53 42.17
N ALA H 92 -26.40 35.55 42.13
CA ALA H 92 -25.65 36.68 42.66
C ALA H 92 -25.97 37.97 41.91
N ALA H 93 -26.03 37.90 40.57
CA ALA H 93 -26.35 39.09 39.79
C ALA H 93 -27.75 39.59 40.10
N ASP H 94 -28.71 38.67 40.24
CA ASP H 94 -30.08 39.06 40.58
C ASP H 94 -30.13 39.81 41.90
N ILE H 95 -29.34 39.37 42.88
CA ILE H 95 -29.33 40.03 44.18
C ILE H 95 -28.72 41.41 44.07
N LEU H 96 -27.65 41.56 43.28
CA LEU H 96 -27.06 42.87 43.05
C LEU H 96 -28.06 43.84 42.43
N VAL H 97 -28.84 43.39 41.45
CA VAL H 97 -29.85 44.25 40.86
C VAL H 97 -30.86 44.65 41.91
N ARG H 98 -31.31 43.69 42.72
CA ARG H 98 -32.27 43.99 43.79
C ARG H 98 -31.73 45.09 44.70
N ASP H 99 -30.44 45.02 45.04
CA ASP H 99 -29.84 45.90 46.02
C ASP H 99 -29.02 47.03 45.39
N ALA H 100 -29.27 47.36 44.11
CA ALA H 100 -28.41 48.32 43.44
C ALA H 100 -28.48 49.70 44.10
N GLU H 101 -29.67 50.14 44.51
CA GLU H 101 -29.77 51.44 45.15
C GLU H 101 -29.04 51.45 46.49
N LYS H 102 -29.19 50.38 47.28
CA LYS H 102 -28.58 50.29 48.59
C LYS H 102 -27.05 50.30 48.49
N ILE H 103 -26.50 49.43 47.65
CA ILE H 103 -25.06 49.37 47.48
C ILE H 103 -24.54 50.67 46.86
N GLY H 104 -25.23 51.15 45.82
CA GLY H 104 -24.75 52.33 45.12
C GLY H 104 -24.65 53.56 46.01
N ALA H 105 -25.62 53.72 46.92
CA ALA H 105 -25.58 54.84 47.85
C ALA H 105 -24.29 54.85 48.66
N ILE H 106 -23.82 53.67 49.08
CA ILE H 106 -22.61 53.61 49.91
C ILE H 106 -21.36 53.73 49.04
N LEU H 107 -21.32 53.04 47.89
CA LEU H 107 -20.21 53.21 46.96
C LEU H 107 -20.02 54.68 46.59
N SER H 108 -21.12 55.39 46.37
CA SER H 108 -21.05 56.80 46.02
C SER H 108 -20.28 57.59 47.07
N LYS H 109 -20.59 57.38 48.34
CA LYS H 109 -19.87 58.08 49.40
C LYS H 109 -18.43 57.60 49.50
N GLU H 110 -18.20 56.30 49.34
CA GLU H 110 -16.89 55.74 49.65
C GLU H 110 -15.81 56.25 48.70
N VAL H 111 -16.14 56.48 47.42
CA VAL H 111 -15.12 56.91 46.48
C VAL H 111 -15.52 58.23 45.79
N ALA H 112 -16.46 58.96 46.38
CA ALA H 112 -16.86 60.27 45.87
C ALA H 112 -17.27 60.20 44.40
N LYS H 113 -18.01 59.15 44.04
CA LYS H 113 -18.62 59.00 42.73
C LYS H 113 -20.06 59.48 42.78
N GLY H 114 -20.51 60.12 41.71
CA GLY H 114 -21.90 60.58 41.66
C GLY H 114 -22.87 59.47 42.00
N HIS H 115 -23.95 59.81 42.72
CA HIS H 115 -24.86 58.79 43.23
C HIS H 115 -25.46 57.96 42.10
N LYS H 116 -26.04 58.61 41.08
CA LYS H 116 -26.61 57.86 39.97
C LYS H 116 -25.55 57.03 39.26
N ALA H 117 -24.34 57.58 39.10
CA ALA H 117 -23.27 56.83 38.46
C ALA H 117 -22.87 55.61 39.29
N ALA H 118 -22.91 55.74 40.61
CA ALA H 118 -22.58 54.60 41.48
C ALA H 118 -23.62 53.49 41.34
N VAL H 119 -24.91 53.84 41.34
CA VAL H 119 -25.94 52.83 41.12
C VAL H 119 -25.75 52.17 39.76
N SER H 120 -25.41 52.97 38.73
CA SER H 120 -25.18 52.42 37.40
C SER H 120 -24.02 51.43 37.40
N GLU H 121 -22.98 51.70 38.20
CA GLU H 121 -21.85 50.77 38.28
C GLU H 121 -22.31 49.40 38.77
N VAL H 122 -23.20 49.37 39.78
CA VAL H 122 -23.67 48.10 40.31
C VAL H 122 -24.47 47.35 39.25
N ILE H 123 -25.36 48.05 38.54
CA ILE H 123 -26.17 47.43 37.51
C ILE H 123 -25.29 46.85 36.40
N ARG H 124 -24.26 47.58 35.97
CA ARG H 124 -23.36 47.05 34.95
C ARG H 124 -22.62 45.82 35.46
N THR H 125 -22.28 45.80 36.75
CA THR H 125 -21.62 44.63 37.32
C THR H 125 -22.50 43.40 37.18
N ALA H 126 -23.80 43.54 37.46
CA ALA H 126 -24.71 42.42 37.30
C ALA H 126 -24.76 41.96 35.84
N GLU H 127 -24.77 42.89 34.90
CA GLU H 127 -24.77 42.51 33.49
C GLU H 127 -23.51 41.74 33.12
N ILE H 128 -22.36 42.13 33.66
CA ILE H 128 -21.11 41.43 33.38
C ILE H 128 -21.13 40.04 33.97
N ILE H 129 -21.61 39.90 35.22
CA ILE H 129 -21.67 38.60 35.85
C ILE H 129 -22.56 37.65 35.05
N ASN H 130 -23.76 38.12 34.68
CA ASN H 130 -24.66 37.27 33.90
C ASN H 130 -24.04 36.87 32.57
N TYR H 131 -23.38 37.82 31.89
CA TYR H 131 -22.78 37.55 30.59
C TYR H 131 -21.60 36.57 30.71
N ALA H 132 -20.80 36.70 31.78
CA ALA H 132 -19.70 35.76 31.99
C ALA H 132 -20.21 34.35 32.25
N ALA H 133 -21.33 34.22 32.97
CA ALA H 133 -21.86 32.90 33.27
C ALA H 133 -22.29 32.17 31.99
N GLU H 134 -22.97 32.87 31.09
CA GLU H 134 -23.41 32.25 29.85
C GLU H 134 -22.29 32.09 28.84
N GLU H 135 -21.33 33.01 28.80
CA GLU H 135 -20.16 32.83 27.94
C GLU H 135 -19.36 31.61 28.35
N GLY H 136 -19.07 31.49 29.65
CA GLY H 136 -18.19 30.42 30.11
C GLY H 136 -18.80 29.04 30.00
N LEU H 137 -20.11 28.93 30.20
CA LEU H 137 -20.70 27.60 30.31
C LEU H 137 -20.76 26.87 28.98
N ARG H 138 -20.60 27.58 27.85
CA ARG H 138 -20.63 26.93 26.54
C ARG H 138 -19.26 26.92 25.88
N MET H 139 -18.20 27.17 26.64
CA MET H 139 -16.84 26.96 26.16
C MET H 139 -16.67 25.50 25.73
N GLU H 140 -15.79 25.29 24.76
CA GLU H 140 -15.59 24.00 24.14
C GLU H 140 -14.12 23.61 24.16
N GLY H 141 -13.89 22.31 23.96
CA GLY H 141 -12.57 21.80 23.68
C GLY H 141 -12.36 21.54 22.20
N GLU H 142 -11.24 20.88 21.88
CA GLU H 142 -10.90 20.64 20.50
C GLU H 142 -10.30 19.25 20.34
N VAL H 143 -10.43 18.71 19.13
CA VAL H 143 -9.85 17.42 18.74
C VAL H 143 -8.86 17.68 17.62
N LEU H 144 -7.59 17.35 17.83
CA LEU H 144 -6.54 17.54 16.85
C LEU H 144 -6.06 16.19 16.30
N GLU H 145 -5.65 16.22 15.03
CA GLU H 145 -5.30 15.02 14.28
C GLU H 145 -3.78 14.89 14.16
N GLY H 146 -3.24 13.75 14.58
CA GLY H 146 -1.83 13.49 14.39
C GLY H 146 -1.42 13.51 12.93
N GLY H 147 -2.31 13.05 12.05
CA GLY H 147 -2.03 13.02 10.63
C GLY H 147 -1.97 14.37 9.96
N SER H 148 -2.33 15.45 10.66
CA SER H 148 -2.08 16.77 10.15
C SER H 148 -0.59 17.07 10.08
N PHE H 149 0.20 16.44 10.96
CA PHE H 149 1.63 16.72 11.05
C PHE H 149 2.52 15.58 10.57
N GLU H 150 2.18 14.32 10.82
CA GLU H 150 3.00 13.22 10.33
C GLU H 150 2.13 12.01 10.01
N ALA H 151 2.43 11.39 8.87
CA ALA H 151 1.60 10.31 8.36
C ALA H 151 1.59 9.11 9.31
N ALA H 152 2.71 8.83 9.96
CA ALA H 152 2.77 7.68 10.86
C ALA H 152 1.88 7.84 12.08
N SER H 153 1.45 9.07 12.40
CA SER H 153 0.61 9.34 13.56
C SER H 153 -0.86 9.60 13.18
N LYS H 154 -1.30 9.10 12.03
CA LYS H 154 -2.64 9.44 11.55
C LYS H 154 -3.76 8.84 12.41
N LYS H 155 -3.48 7.78 13.18
CA LYS H 155 -4.48 7.21 14.07
CA LYS H 155 -4.44 7.19 14.09
C LYS H 155 -4.39 7.79 15.48
N LYS H 156 -3.46 8.70 15.74
CA LYS H 156 -3.33 9.34 17.05
C LYS H 156 -4.12 10.64 17.06
N ILE H 157 -5.01 10.81 18.05
CA ILE H 157 -5.75 12.06 18.20
C ILE H 157 -5.59 12.59 19.62
N ALA H 158 -5.74 13.91 19.74
CA ALA H 158 -5.61 14.61 21.02
C ALA H 158 -6.95 15.23 21.38
N ILE H 159 -7.49 14.83 22.53
CA ILE H 159 -8.73 15.38 23.06
C ILE H 159 -8.35 16.47 24.06
N VAL H 160 -8.59 17.73 23.69
CA VAL H 160 -8.10 18.89 24.44
C VAL H 160 -9.30 19.56 25.11
N ARG H 161 -9.31 19.59 26.44
CA ARG H 161 -10.42 20.14 27.22
C ARG H 161 -9.90 21.21 28.17
N ARG H 162 -10.78 22.16 28.50
CA ARG H 162 -10.40 23.28 29.35
C ARG H 162 -10.44 22.89 30.82
N GLU H 163 -9.57 23.50 31.61
CA GLU H 163 -9.55 23.36 33.06
C GLU H 163 -9.22 24.69 33.69
N PRO H 164 -9.59 24.93 34.95
CA PRO H 164 -9.22 26.16 35.64
C PRO H 164 -7.73 26.18 35.99
N VAL H 165 -7.25 27.37 36.32
CA VAL H 165 -5.86 27.51 36.76
C VAL H 165 -5.69 27.26 38.25
N GLY H 166 -6.74 27.43 39.05
CA GLY H 166 -6.68 27.18 40.47
C GLY H 166 -7.25 28.32 41.29
N LEU H 167 -6.45 28.87 42.20
CA LEU H 167 -6.86 30.03 43.00
C LEU H 167 -6.46 31.31 42.28
N VAL H 168 -7.44 32.18 42.05
CA VAL H 168 -7.22 33.49 41.47
C VAL H 168 -7.29 34.54 42.56
N LEU H 169 -6.23 35.35 42.68
CA LEU H 169 -6.25 36.53 43.52
C LEU H 169 -6.70 37.71 42.66
N ALA H 170 -7.85 38.29 43.01
CA ALA H 170 -8.42 39.41 42.27
C ALA H 170 -8.30 40.68 43.10
N ILE H 171 -7.73 41.73 42.51
CA ILE H 171 -7.48 42.98 43.20
C ILE H 171 -8.21 44.09 42.44
N SER H 172 -9.18 44.71 43.09
CA SER H 172 -9.99 45.72 42.42
C SER H 172 -9.47 47.12 42.70
N PRO H 173 -9.88 48.10 41.86
CA PRO H 173 -9.39 49.48 42.03
C PRO H 173 -10.39 50.39 42.73
N PHE H 174 -9.92 51.53 43.25
CA PHE H 174 -10.83 52.42 43.97
C PHE H 174 -11.85 53.05 43.05
N ASN H 175 -11.52 53.24 41.76
CA ASN H 175 -12.42 53.97 40.88
C ASN H 175 -13.55 53.11 40.33
N TYR H 176 -13.43 51.78 40.43
CA TYR H 176 -14.51 50.86 40.08
C TYR H 176 -14.50 49.69 41.04
N PRO H 177 -14.81 49.92 42.32
CA PRO H 177 -14.59 48.88 43.33
C PRO H 177 -15.55 47.71 43.22
N VAL H 178 -16.67 47.84 42.53
CA VAL H 178 -17.60 46.75 42.31
C VAL H 178 -17.50 46.22 40.87
N ASN H 179 -17.51 47.12 39.89
CA ASN H 179 -17.47 46.73 38.48
C ASN H 179 -16.18 45.99 38.12
N LEU H 180 -15.03 46.49 38.57
CA LEU H 180 -13.77 45.80 38.30
C LEU H 180 -13.36 44.90 39.47
N ALA H 181 -14.31 44.58 40.35
CA ALA H 181 -14.27 43.35 41.13
C ALA H 181 -14.99 42.23 40.38
N GLY H 182 -16.26 42.46 40.03
CA GLY H 182 -17.05 41.44 39.34
C GLY H 182 -16.47 41.01 38.02
N SER H 183 -15.80 41.92 37.31
CA SER H 183 -15.15 41.61 36.04
C SER H 183 -14.07 40.54 36.17
N LYS H 184 -13.54 40.34 37.36
CA LYS H 184 -12.58 39.27 37.65
C LYS H 184 -13.25 38.05 38.27
N ILE H 185 -14.15 38.27 39.22
CA ILE H 185 -14.75 37.19 40.00
C ILE H 185 -15.56 36.26 39.10
N ALA H 186 -16.47 36.83 38.29
CA ALA H 186 -17.37 35.96 37.54
C ALA H 186 -16.66 35.16 36.46
N PRO H 187 -15.79 35.75 35.63
CA PRO H 187 -15.04 34.92 34.67
C PRO H 187 -14.20 33.85 35.33
N ALA H 188 -13.60 34.15 36.48
CA ALA H 188 -12.80 33.15 37.19
C ALA H 188 -13.67 31.99 37.67
N LEU H 189 -14.83 32.31 38.27
CA LEU H 189 -15.63 31.26 38.90
C LEU H 189 -16.28 30.34 37.88
N ILE H 190 -16.78 30.88 36.76
CA ILE H 190 -17.51 30.01 35.84
C ILE H 190 -16.58 28.94 35.28
N ALA H 191 -15.30 29.26 35.12
CA ALA H 191 -14.32 28.34 34.59
C ALA H 191 -13.86 27.29 35.61
N GLY H 192 -14.32 27.38 36.86
CA GLY H 192 -13.95 26.42 37.87
C GLY H 192 -12.83 26.83 38.81
N ASN H 193 -12.39 28.09 38.75
CA ASN H 193 -11.42 28.61 39.71
C ASN H 193 -12.11 28.98 41.02
N VAL H 194 -11.32 28.99 42.10
CA VAL H 194 -11.72 29.65 43.33
C VAL H 194 -11.07 31.03 43.37
N VAL H 195 -11.63 31.93 44.16
CA VAL H 195 -11.29 33.34 44.11
C VAL H 195 -11.14 33.93 45.51
N ALA H 196 -10.13 34.76 45.70
CA ALA H 196 -10.01 35.66 46.84
C ALA H 196 -9.97 37.10 46.33
N LEU H 197 -10.86 37.94 46.83
CA LEU H 197 -10.94 39.34 46.42
C LEU H 197 -10.25 40.21 47.45
N LYS H 198 -9.26 40.99 47.00
CA LYS H 198 -8.63 42.01 47.83
C LYS H 198 -9.06 43.38 47.29
N PRO H 199 -10.04 44.03 47.91
CA PRO H 199 -10.39 45.38 47.48
C PRO H 199 -9.33 46.36 47.93
N PRO H 200 -9.27 47.54 47.31
CA PRO H 200 -8.45 48.62 47.89
C PRO H 200 -9.09 49.07 49.20
N THR H 201 -8.26 49.59 50.10
CA THR H 201 -8.81 50.04 51.39
C THR H 201 -9.95 51.03 51.16
N GLN H 202 -9.71 52.07 50.38
CA GLN H 202 -10.77 52.98 49.95
C GLN H 202 -11.55 52.29 48.84
N GLY H 203 -12.70 51.72 49.21
CA GLY H 203 -13.45 50.82 48.36
C GLY H 203 -13.66 49.45 48.96
N SER H 204 -13.11 49.17 50.15
CA SER H 204 -13.28 47.86 50.77
C SER H 204 -14.70 47.63 51.24
N ILE H 205 -15.41 48.69 51.64
CA ILE H 205 -16.82 48.51 52.02
C ILE H 205 -17.62 48.05 50.81
N SER H 206 -17.45 48.73 49.68
CA SER H 206 -18.18 48.37 48.47
C SER H 206 -17.85 46.96 48.02
N GLY H 207 -16.58 46.57 48.14
CA GLY H 207 -16.20 45.20 47.81
C GLY H 207 -16.85 44.18 48.71
N LEU H 208 -16.88 44.45 50.01
CA LEU H 208 -17.55 43.52 50.91
C LEU H 208 -19.06 43.50 50.67
N LEU H 209 -19.65 44.62 50.23
CA LEU H 209 -21.06 44.62 49.86
C LEU H 209 -21.32 43.68 48.68
N LEU H 210 -20.42 43.70 47.70
CA LEU H 210 -20.49 42.74 46.60
C LEU H 210 -20.38 41.31 47.12
N ALA H 211 -19.47 41.09 48.07
CA ALA H 211 -19.29 39.73 48.60
C ALA H 211 -20.57 39.22 49.26
N GLU H 212 -21.32 40.10 49.92
CA GLU H 212 -22.56 39.67 50.54
C GLU H 212 -23.50 39.07 49.51
N ALA H 213 -23.56 39.65 48.31
CA ALA H 213 -24.43 39.12 47.28
C ALA H 213 -24.05 37.70 46.92
N PHE H 214 -22.75 37.43 46.79
CA PHE H 214 -22.34 36.07 46.43
C PHE H 214 -22.64 35.09 47.55
N ALA H 215 -22.49 35.52 48.81
CA ALA H 215 -22.85 34.67 49.94
C ALA H 215 -24.34 34.36 49.97
N GLU H 216 -25.17 35.38 49.77
CA GLU H 216 -26.61 35.14 49.79
C GLU H 216 -27.02 34.21 48.67
N ALA H 217 -26.32 34.26 47.53
CA ALA H 217 -26.58 33.37 46.42
C ALA H 217 -26.17 31.93 46.71
N GLY H 218 -25.47 31.70 47.82
CA GLY H 218 -25.12 30.36 48.24
C GLY H 218 -23.79 29.84 47.77
N ILE H 219 -22.89 30.70 47.30
CA ILE H 219 -21.59 30.26 46.80
C ILE H 219 -20.99 29.33 47.84
N PRO H 220 -20.51 28.13 47.47
CA PRO H 220 -20.03 27.19 48.50
C PRO H 220 -18.88 27.77 49.30
N ALA H 221 -18.79 27.32 50.55
CA ALA H 221 -17.78 27.84 51.47
C ALA H 221 -16.39 27.66 50.90
N GLY H 222 -15.62 28.74 50.88
CA GLY H 222 -14.26 28.74 50.41
C GLY H 222 -14.10 29.00 48.93
N VAL H 223 -15.16 28.85 48.14
CA VAL H 223 -15.07 29.08 46.71
C VAL H 223 -14.81 30.55 46.42
N PHE H 224 -15.42 31.44 47.19
CA PHE H 224 -15.21 32.87 47.09
C PHE H 224 -15.02 33.42 48.50
N ASN H 225 -13.96 34.20 48.69
CA ASN H 225 -13.58 34.77 49.98
C ASN H 225 -13.08 36.20 49.77
N THR H 226 -12.98 36.97 50.85
CA THR H 226 -12.42 38.32 50.78
C THR H 226 -11.27 38.49 51.77
N ILE H 227 -10.39 39.44 51.44
CA ILE H 227 -9.24 39.84 52.25
C ILE H 227 -9.24 41.36 52.35
N THR H 228 -9.15 41.90 53.56
CA THR H 228 -8.93 43.33 53.76
C THR H 228 -7.82 43.55 54.77
N GLY H 229 -7.07 44.64 54.59
CA GLY H 229 -6.02 44.98 55.54
C GLY H 229 -5.06 46.02 55.00
N ARG H 230 -4.03 46.26 55.80
CA ARG H 230 -3.03 47.29 55.54
C ARG H 230 -1.89 46.75 54.67
N GLY H 231 -1.46 47.56 53.70
CA GLY H 231 -0.37 47.15 52.84
C GLY H 231 0.89 46.82 53.61
N SER H 232 1.17 47.59 54.67
CA SER H 232 2.37 47.34 55.47
C SER H 232 2.33 46.01 56.21
N VAL H 233 1.17 45.38 56.31
CA VAL H 233 1.02 44.12 57.04
C VAL H 233 0.92 42.92 56.10
N ILE H 234 0.13 43.04 55.03
CA ILE H 234 -0.16 41.90 54.16
C ILE H 234 0.05 42.22 52.69
N GLY H 235 0.52 43.41 52.34
CA GLY H 235 0.57 43.83 50.95
C GLY H 235 1.31 42.90 50.00
N ASP H 236 2.58 42.62 50.30
CA ASP H 236 3.32 41.68 49.46
C ASP H 236 2.93 40.25 49.80
N TYR H 237 2.56 40.00 51.06
CA TYR H 237 2.28 38.64 51.50
C TYR H 237 1.20 37.99 50.65
N ILE H 238 0.11 38.71 50.37
CA ILE H 238 -1.00 38.08 49.66
C ILE H 238 -0.60 37.73 48.22
N VAL H 239 0.35 38.45 47.63
CA VAL H 239 0.77 38.18 46.26
C VAL H 239 1.84 37.09 46.19
N GLU H 240 2.76 37.07 47.16
CA GLU H 240 3.84 36.09 47.12
C GLU H 240 3.42 34.71 47.58
N HIS H 241 2.27 34.58 48.24
CA HIS H 241 1.84 33.31 48.81
C HIS H 241 1.77 32.22 47.75
N GLU H 242 2.32 31.04 48.07
CA GLU H 242 2.40 29.98 47.08
C GLU H 242 1.04 29.35 46.78
N ALA H 243 0.03 29.60 47.60
CA ALA H 243 -1.30 29.08 47.29
C ALA H 243 -1.91 29.77 46.08
N VAL H 244 -1.47 30.99 45.75
CA VAL H 244 -2.06 31.76 44.66
C VAL H 244 -1.49 31.28 43.34
N ASN H 245 -2.38 30.99 42.37
CA ASN H 245 -1.96 30.45 41.08
C ASN H 245 -2.09 31.45 39.94
N PHE H 246 -2.70 32.61 40.16
CA PHE H 246 -3.03 33.57 39.12
C PHE H 246 -3.30 34.90 39.81
N ILE H 247 -2.76 36.00 39.27
CA ILE H 247 -2.95 37.32 39.86
C ILE H 247 -3.63 38.23 38.83
N ASN H 248 -4.74 38.87 39.23
CA ASN H 248 -5.58 39.64 38.33
C ASN H 248 -5.82 41.00 38.99
N PHE H 249 -5.15 42.04 38.47
CA PHE H 249 -4.99 43.32 39.18
C PHE H 249 -5.38 44.51 38.32
N THR H 250 -6.14 45.42 38.90
CA THR H 250 -6.40 46.75 38.32
C THR H 250 -5.98 47.80 39.34
N GLY H 251 -5.20 48.78 38.88
CA GLY H 251 -4.76 49.85 39.75
C GLY H 251 -3.68 50.69 39.11
N SER H 252 -2.87 51.33 39.95
CA SER H 252 -1.88 52.26 39.45
C SER H 252 -0.72 51.52 38.80
N THR H 253 -0.09 52.17 37.83
CA THR H 253 1.06 51.59 37.15
C THR H 253 2.18 51.22 38.10
N PRO H 254 2.59 52.08 39.04
CA PRO H 254 3.68 51.67 39.95
C PRO H 254 3.33 50.45 40.79
N ILE H 255 2.11 50.36 41.33
CA ILE H 255 1.75 49.19 42.11
C ILE H 255 1.73 47.96 41.22
N GLY H 256 1.25 48.11 39.99
CA GLY H 256 1.24 46.99 39.05
C GLY H 256 2.63 46.49 38.73
N GLU H 257 3.57 47.40 38.51
CA GLU H 257 4.95 46.96 38.28
C GLU H 257 5.50 46.24 39.51
N GLY H 258 5.12 46.68 40.71
CA GLY H 258 5.50 45.95 41.91
C GLY H 258 4.97 44.52 41.90
N ILE H 259 3.74 44.32 41.43
CA ILE H 259 3.17 42.99 41.41
C ILE H 259 3.92 42.11 40.41
N GLY H 260 4.32 42.68 39.27
CA GLY H 260 5.06 41.91 38.29
C GLY H 260 6.31 41.26 38.88
N LYS H 261 7.04 41.99 39.71
CA LYS H 261 8.29 41.40 40.19
C LYS H 261 8.07 40.41 41.32
N LEU H 262 6.82 40.21 41.79
CA LEU H 262 6.51 39.18 42.77
C LEU H 262 5.75 38.00 42.18
N ALA H 263 5.40 38.05 40.89
CA ALA H 263 4.57 37.01 40.28
C ALA H 263 5.33 35.70 40.09
N GLY H 264 6.64 35.76 39.90
CA GLY H 264 7.39 34.53 39.67
C GLY H 264 6.92 33.86 38.39
N MET H 265 6.58 32.58 38.49
CA MET H 265 6.10 31.82 37.34
C MET H 265 4.60 31.94 37.11
N ARG H 266 3.88 32.64 37.98
CA ARG H 266 2.43 32.58 37.88
C ARG H 266 1.91 33.59 36.87
N PRO H 267 0.88 33.23 36.11
CA PRO H 267 0.33 34.17 35.14
C PRO H 267 -0.32 35.35 35.85
N ILE H 268 -0.20 36.52 35.23
CA ILE H 268 -0.78 37.74 35.78
C ILE H 268 -1.50 38.49 34.67
N MET H 269 -2.47 39.29 35.09
CA MET H 269 -3.11 40.29 34.25
C MET H 269 -3.02 41.62 34.98
N LEU H 270 -2.71 42.69 34.24
CA LEU H 270 -2.52 44.02 34.80
C LEU H 270 -3.33 45.02 33.97
N GLU H 271 -4.14 45.84 34.65
CA GLU H 271 -4.89 46.92 34.02
C GLU H 271 -4.45 48.22 34.70
N LEU H 272 -3.57 48.98 34.06
CA LEU H 272 -2.85 50.08 34.68
C LEU H 272 -3.28 51.43 34.09
N GLY H 273 -2.35 52.39 34.04
CA GLY H 273 -2.70 53.75 33.66
C GLY H 273 -2.75 53.98 32.16
N GLY H 274 -3.30 55.14 31.77
CA GLY H 274 -3.37 55.52 30.37
C GLY H 274 -3.14 57.00 30.17
N LYS H 275 -2.84 57.36 28.92
CA LYS H 275 -2.74 58.76 28.49
C LYS H 275 -3.30 58.84 27.06
N ASP H 276 -4.57 58.45 26.91
CA ASP H 276 -5.16 58.23 25.60
C ASP H 276 -5.18 59.52 24.79
N SER H 277 -4.75 59.44 23.54
CA SER H 277 -4.79 60.58 22.63
CA SER H 277 -4.78 60.56 22.62
C SER H 277 -6.10 60.60 21.87
N ALA H 278 -6.56 61.81 21.56
CA ALA H 278 -7.69 62.06 20.66
C ALA H 278 -7.10 62.82 19.48
N ILE H 279 -6.91 62.14 18.36
CA ILE H 279 -6.35 62.74 17.14
C ILE H 279 -7.50 63.34 16.35
N VAL H 280 -7.43 64.64 16.06
CA VAL H 280 -8.50 65.36 15.38
C VAL H 280 -7.97 65.91 14.06
N LEU H 281 -8.45 65.36 12.97
CA LEU H 281 -7.98 65.74 11.65
C LEU H 281 -8.82 66.91 11.12
N GLU H 282 -8.35 67.48 10.00
CA GLU H 282 -8.94 68.69 9.46
C GLU H 282 -10.37 68.49 8.96
N ASP H 283 -10.76 67.27 8.62
CA ASP H 283 -12.10 67.00 8.11
C ASP H 283 -13.05 66.47 9.19
N ALA H 284 -12.69 66.59 10.47
CA ALA H 284 -13.50 66.03 11.54
C ALA H 284 -14.76 66.85 11.79
N ASP H 285 -15.79 66.17 12.32
CA ASP H 285 -16.97 66.80 12.91
C ASP H 285 -16.54 67.40 14.23
N LEU H 286 -16.28 68.71 14.25
CA LEU H 286 -15.61 69.31 15.40
C LEU H 286 -16.54 69.37 16.60
N ALA H 287 -17.84 69.58 16.38
CA ALA H 287 -18.80 69.59 17.47
C ALA H 287 -18.89 68.22 18.13
N LEU H 288 -18.97 67.16 17.32
CA LEU H 288 -19.02 65.81 17.89
C LEU H 288 -17.69 65.45 18.55
N ALA H 289 -16.58 65.87 17.96
CA ALA H 289 -15.28 65.65 18.58
C ALA H 289 -15.23 66.28 19.97
N ALA H 290 -15.63 67.55 20.07
CA ALA H 290 -15.62 68.23 21.36
C ALA H 290 -16.53 67.55 22.37
N LYS H 291 -17.72 67.15 21.93
CA LYS H 291 -18.67 66.47 22.82
C LYS H 291 -18.07 65.20 23.39
N ASN H 292 -17.51 64.36 22.51
CA ASN H 292 -16.90 63.11 22.96
C ASN H 292 -15.67 63.35 23.84
N ILE H 293 -14.81 64.27 23.43
CA ILE H 293 -13.59 64.54 24.19
C ILE H 293 -13.91 64.96 25.62
N VAL H 294 -14.90 65.84 25.79
CA VAL H 294 -15.24 66.33 27.12
C VAL H 294 -15.87 65.22 27.97
N ALA H 295 -16.80 64.46 27.38
CA ALA H 295 -17.38 63.33 28.10
C ALA H 295 -16.30 62.37 28.59
N GLY H 296 -15.38 61.98 27.70
CA GLY H 296 -14.37 61.01 28.08
C GLY H 296 -13.35 61.57 29.07
N ALA H 297 -12.94 62.82 28.89
CA ALA H 297 -11.83 63.35 29.65
C ALA H 297 -12.22 63.64 31.10
N PHE H 298 -13.44 64.13 31.32
CA PHE H 298 -13.86 64.65 32.61
C PHE H 298 -14.85 63.76 33.35
N GLY H 299 -15.26 62.62 32.79
CA GLY H 299 -16.03 61.64 33.55
C GLY H 299 -15.32 61.23 34.82
N TYR H 300 -16.05 61.20 35.95
CA TYR H 300 -15.49 60.90 37.27
C TYR H 300 -14.23 61.72 37.52
N SER H 301 -14.25 62.98 37.07
CA SER H 301 -13.24 63.99 37.34
C SER H 301 -11.88 63.63 36.75
N GLY H 302 -11.88 62.81 35.71
CA GLY H 302 -10.64 62.36 35.10
C GLY H 302 -9.99 61.16 35.76
N GLN H 303 -10.64 60.56 36.74
CA GLN H 303 -10.03 59.48 37.52
C GLN H 303 -10.32 58.12 36.89
N ARG H 304 -9.89 57.99 35.63
CA ARG H 304 -10.12 56.79 34.82
C ARG H 304 -8.90 56.56 33.94
N SER H 305 -8.46 55.30 33.86
CA SER H 305 -7.31 55.00 33.01
C SER H 305 -7.66 55.11 31.52
N THR H 306 -8.89 54.77 31.15
CA THR H 306 -9.37 54.87 29.77
C THR H 306 -10.21 56.14 29.66
N ALA H 307 -9.63 57.15 29.01
CA ALA H 307 -10.18 58.49 29.01
C ALA H 307 -9.30 59.38 28.14
N VAL H 308 -9.91 60.25 27.33
CA VAL H 308 -9.10 61.19 26.57
C VAL H 308 -8.30 62.03 27.55
N LYS H 309 -6.97 61.99 27.42
CA LYS H 309 -6.09 62.77 28.28
C LYS H 309 -5.18 63.71 27.50
N ARG H 310 -5.24 63.72 26.17
CA ARG H 310 -4.53 64.73 25.40
C ARG H 310 -5.16 64.80 24.01
N VAL H 311 -5.38 66.02 23.54
CA VAL H 311 -5.94 66.30 22.23
C VAL H 311 -4.79 66.66 21.30
N LEU H 312 -4.60 65.88 20.25
CA LEU H 312 -3.61 66.14 19.22
C LEU H 312 -4.38 66.59 17.98
N VAL H 313 -4.42 67.90 17.73
CA VAL H 313 -5.33 68.49 16.75
C VAL H 313 -4.53 69.19 15.67
N MET H 314 -4.97 69.02 14.42
CA MET H 314 -4.36 69.72 13.30
C MET H 314 -4.56 71.23 13.43
N ASP H 315 -3.49 71.99 13.22
CA ASP H 315 -3.52 73.41 13.59
C ASP H 315 -4.65 74.15 12.90
N LYS H 316 -5.01 73.74 11.67
CA LYS H 316 -6.02 74.46 10.91
C LYS H 316 -7.37 74.54 11.62
N VAL H 317 -7.73 73.52 12.39
CA VAL H 317 -9.03 73.47 13.05
C VAL H 317 -8.90 73.60 14.56
N ALA H 318 -7.71 73.92 15.05
CA ALA H 318 -7.47 73.90 16.49
C ALA H 318 -8.19 75.05 17.21
N ASP H 319 -8.16 76.25 16.64
CA ASP H 319 -8.84 77.36 17.27
C ASP H 319 -10.32 77.05 17.47
N GLN H 320 -10.97 76.53 16.42
CA GLN H 320 -12.41 76.26 16.49
C GLN H 320 -12.70 75.09 17.43
N LEU H 321 -11.89 74.04 17.38
CA LEU H 321 -12.08 72.93 18.31
C LEU H 321 -11.92 73.41 19.76
N ALA H 322 -10.88 74.20 20.03
CA ALA H 322 -10.66 74.67 21.39
C ALA H 322 -11.88 75.43 21.92
N ALA H 323 -12.49 76.27 21.08
CA ALA H 323 -13.66 77.03 21.53
C ALA H 323 -14.83 76.10 21.82
N GLU H 324 -15.00 75.05 21.01
CA GLU H 324 -16.07 74.08 21.23
C GLU H 324 -15.89 73.34 22.55
N ILE H 325 -14.66 72.89 22.82
CA ILE H 325 -14.39 72.20 24.08
C ILE H 325 -14.57 73.16 25.25
N LYS H 326 -14.05 74.38 25.14
CA LYS H 326 -14.16 75.38 26.20
C LYS H 326 -15.61 75.58 26.63
N THR H 327 -16.51 75.78 25.66
CA THR H 327 -17.90 76.04 26.01
C THR H 327 -18.53 74.86 26.76
N LEU H 328 -18.13 73.63 26.40
CA LEU H 328 -18.66 72.46 27.10
C LEU H 328 -18.07 72.33 28.50
N VAL H 329 -16.76 72.58 28.63
CA VAL H 329 -16.11 72.47 29.95
C VAL H 329 -16.72 73.47 30.92
N GLU H 330 -17.03 74.68 30.42
CA GLU H 330 -17.60 75.71 31.29
C GLU H 330 -18.97 75.33 31.82
N LYS H 331 -19.66 74.40 31.16
CA LYS H 331 -21.00 73.99 31.57
C LYS H 331 -20.99 72.81 32.51
N LEU H 332 -19.84 72.19 32.76
CA LEU H 332 -19.79 71.07 33.69
C LEU H 332 -20.12 71.57 35.09
N SER H 333 -20.94 70.81 35.81
CA SER H 333 -21.24 71.13 37.20
C SER H 333 -20.11 70.63 38.09
N VAL H 334 -19.84 71.37 39.16
CA VAL H 334 -18.75 71.06 40.08
C VAL H 334 -19.32 71.04 41.48
N GLY H 335 -19.24 69.89 42.15
CA GLY H 335 -19.87 69.79 43.46
C GLY H 335 -19.81 68.40 44.05
N MET H 336 -20.89 68.09 44.86
CA MET H 336 -20.85 66.89 45.70
C MET H 336 -21.41 65.66 44.98
N PRO H 337 -20.98 64.48 45.39
CA PRO H 337 -21.54 63.25 44.79
C PRO H 337 -23.03 63.10 44.99
N GLU H 338 -23.57 63.46 46.16
CA GLU H 338 -25.01 63.31 46.38
C GLU H 338 -25.81 64.16 45.42
N ASP H 339 -25.22 65.20 44.84
CA ASP H 339 -25.88 66.06 43.88
C ASP H 339 -25.63 65.67 42.43
N ASP H 340 -24.93 64.56 42.19
CA ASP H 340 -24.66 64.07 40.84
C ASP H 340 -23.90 65.09 39.99
N ALA H 341 -23.02 65.85 40.63
CA ALA H 341 -22.16 66.77 39.89
C ALA H 341 -21.33 66.01 38.86
N ASP H 342 -21.02 66.69 37.75
CA ASP H 342 -20.10 66.15 36.76
C ASP H 342 -18.70 65.99 37.36
N ILE H 343 -18.22 67.03 38.04
CA ILE H 343 -16.88 67.07 38.64
C ILE H 343 -17.06 66.99 40.15
N THR H 344 -16.60 65.89 40.75
CA THR H 344 -16.65 65.63 42.17
C THR H 344 -15.26 65.72 42.78
N PRO H 345 -15.15 65.75 44.11
CA PRO H 345 -13.83 65.84 44.73
C PRO H 345 -12.97 64.60 44.46
N LEU H 346 -11.67 64.83 44.33
CA LEU H 346 -10.74 63.74 44.08
C LEU H 346 -10.59 62.86 45.31
N ILE H 347 -9.94 61.70 45.09
CA ILE H 347 -10.01 60.61 46.06
C ILE H 347 -9.28 60.93 47.35
N ASP H 348 -8.20 61.71 47.32
CA ASP H 348 -7.56 62.16 48.56
C ASP H 348 -6.68 63.38 48.25
N THR H 349 -6.07 63.91 49.32
CA THR H 349 -5.32 65.16 49.19
C THR H 349 -4.09 65.01 48.32
N SER H 350 -3.37 63.90 48.48
CA SER H 350 -2.20 63.64 47.64
CA SER H 350 -2.20 63.67 47.64
C SER H 350 -2.56 63.70 46.16
N ALA H 351 -3.69 63.07 45.79
CA ALA H 351 -4.09 63.06 44.39
C ALA H 351 -4.38 64.47 43.89
N ALA H 352 -5.07 65.28 44.70
CA ALA H 352 -5.38 66.65 44.27
C ALA H 352 -4.11 67.50 44.22
N ASP H 353 -3.21 67.32 45.18
CA ASP H 353 -1.92 68.03 45.14
C ASP H 353 -1.18 67.71 43.84
N PHE H 354 -1.20 66.45 43.41
CA PHE H 354 -0.48 66.06 42.20
C PHE H 354 -1.05 66.78 40.99
N VAL H 355 -2.38 66.86 40.91
CA VAL H 355 -3.03 67.54 39.79
C VAL H 355 -2.70 69.01 39.80
N GLU H 356 -2.72 69.64 40.98
CA GLU H 356 -2.41 71.06 41.05
C GLU H 356 -0.99 71.33 40.57
N GLY H 357 -0.06 70.41 40.86
CA GLY H 357 1.31 70.60 40.41
C GLY H 357 1.42 70.56 38.90
N LEU H 358 0.68 69.66 38.25
CA LEU H 358 0.69 69.61 36.80
C LEU H 358 0.11 70.89 36.20
N ILE H 359 -0.93 71.44 36.83
CA ILE H 359 -1.53 72.68 36.37
C ILE H 359 -0.54 73.82 36.45
N LYS H 360 0.20 73.90 37.56
CA LYS H 360 1.16 74.98 37.74
C LYS H 360 2.31 74.87 36.74
N ASP H 361 2.79 73.65 36.47
CA ASP H 361 3.90 73.48 35.54
C ASP H 361 3.52 73.99 34.15
N ALA H 362 2.30 73.67 33.71
CA ALA H 362 1.82 74.13 32.42
C ALA H 362 1.68 75.64 32.37
N THR H 363 1.09 76.23 33.42
CA THR H 363 0.95 77.67 33.48
C THR H 363 2.32 78.35 33.41
N ASP H 364 3.26 77.90 34.25
CA ASP H 364 4.56 78.54 34.31
C ASP H 364 5.35 78.41 33.01
N LYS H 365 5.06 77.38 32.21
CA LYS H 365 5.73 77.18 30.93
C LYS H 365 4.97 77.79 29.76
N GLY H 366 3.89 78.50 30.02
CA GLY H 366 3.25 79.34 29.02
C GLY H 366 1.97 78.83 28.39
N ALA H 367 1.40 77.72 28.87
CA ALA H 367 0.16 77.24 28.30
C ALA H 367 -0.98 78.22 28.57
N THR H 368 -1.97 78.21 27.68
CA THR H 368 -3.13 79.10 27.78
C THR H 368 -4.24 78.40 28.56
N ALA H 369 -4.59 78.96 29.72
CA ALA H 369 -5.69 78.40 30.51
C ALA H 369 -7.01 78.91 29.94
N LEU H 370 -7.75 78.04 29.26
CA LEU H 370 -9.02 78.41 28.67
C LEU H 370 -10.16 78.37 29.68
N THR H 371 -10.00 77.62 30.78
CA THR H 371 -10.92 77.66 31.90
C THR H 371 -10.09 77.79 33.19
N ALA H 372 -10.74 78.31 34.22
CA ALA H 372 -10.05 78.77 35.41
C ALA H 372 -9.86 77.66 36.44
N PHE H 373 -8.67 77.62 37.04
CA PHE H 373 -8.38 76.69 38.11
C PHE H 373 -8.93 77.20 39.44
N ASN H 374 -9.65 76.35 40.16
CA ASN H 374 -10.10 76.62 41.51
C ASN H 374 -10.05 75.33 42.30
N ARG H 375 -9.72 75.44 43.59
CA ARG H 375 -9.65 74.26 44.45
C ARG H 375 -10.26 74.59 45.81
N GLU H 376 -11.30 73.86 46.18
CA GLU H 376 -11.91 73.92 47.52
C GLU H 376 -11.76 72.52 48.13
N GLY H 377 -10.96 72.42 49.18
CA GLY H 377 -10.61 71.09 49.66
C GLY H 377 -9.88 70.35 48.57
N ASN H 378 -10.37 69.16 48.23
CA ASN H 378 -9.84 68.40 47.11
C ASN H 378 -10.76 68.42 45.89
N LEU H 379 -11.69 69.36 45.85
CA LEU H 379 -12.55 69.57 44.69
C LEU H 379 -11.90 70.58 43.77
N ILE H 380 -11.34 70.09 42.66
CA ILE H 380 -10.68 70.95 41.67
C ILE H 380 -11.63 71.17 40.51
N SER H 381 -11.81 72.45 40.13
CA SER H 381 -12.61 72.77 38.97
C SER H 381 -11.88 72.38 37.68
N PRO H 382 -12.63 72.05 36.61
CA PRO H 382 -12.00 71.49 35.42
C PRO H 382 -11.20 72.52 34.64
N VAL H 383 -9.97 72.15 34.29
CA VAL H 383 -9.02 73.07 33.67
C VAL H 383 -8.67 72.58 32.28
N LEU H 384 -8.87 73.45 31.30
CA LEU H 384 -8.54 73.18 29.91
C LEU H 384 -7.38 74.07 29.50
N PHE H 385 -6.30 73.46 29.01
CA PHE H 385 -5.14 74.19 28.50
C PHE H 385 -5.03 74.03 26.99
N ASP H 386 -4.67 75.12 26.31
CA ASP H 386 -4.31 75.15 24.90
C ASP H 386 -2.83 75.49 24.79
N HIS H 387 -2.24 75.22 23.63
CA HIS H 387 -0.83 75.52 23.35
C HIS H 387 0.10 74.78 24.32
N VAL H 388 -0.24 73.54 24.65
CA VAL H 388 0.62 72.72 25.48
C VAL H 388 1.75 72.17 24.63
N THR H 389 2.95 72.09 25.20
CA THR H 389 4.14 71.64 24.48
C THR H 389 4.81 70.50 25.23
N THR H 390 5.70 69.79 24.53
CA THR H 390 6.25 68.54 25.04
C THR H 390 7.18 68.73 26.22
N ASP H 391 7.63 69.95 26.49
CA ASP H 391 8.41 70.22 27.69
C ASP H 391 7.55 70.29 28.94
N MET H 392 6.23 70.23 28.81
CA MET H 392 5.34 70.34 29.95
C MET H 392 4.97 68.96 30.47
N ARG H 393 5.00 68.82 31.80
CA ARG H 393 4.65 67.54 32.41
C ARG H 393 3.25 67.09 31.97
N LEU H 394 2.34 68.04 31.78
CA LEU H 394 0.96 67.71 31.46
C LEU H 394 0.81 67.04 30.10
N ALA H 395 1.81 67.16 29.23
CA ALA H 395 1.74 66.48 27.94
C ALA H 395 1.90 64.97 28.07
N TRP H 396 2.43 64.47 29.18
CA TRP H 396 2.81 63.07 29.31
C TRP H 396 2.23 62.38 30.54
N GLU H 397 2.31 63.03 31.70
CA GLU H 397 1.97 62.36 32.96
C GLU H 397 0.46 62.20 33.11
N GLU H 398 0.04 61.03 33.59
CA GLU H 398 -1.37 60.77 33.84
C GLU H 398 -1.83 61.54 35.06
N PRO H 399 -2.76 62.50 34.94
CA PRO H 399 -3.11 63.30 36.13
C PRO H 399 -4.03 62.59 37.13
N PHE H 400 -4.95 61.78 36.63
CA PHE H 400 -6.06 61.28 37.44
C PHE H 400 -6.77 62.45 38.12
N GLY H 401 -7.10 63.45 37.29
CA GLY H 401 -7.79 64.64 37.73
C GLY H 401 -8.34 65.41 36.55
N PRO H 402 -9.13 66.44 36.82
CA PRO H 402 -9.87 67.13 35.74
C PRO H 402 -9.07 68.24 35.06
N VAL H 403 -8.03 67.85 34.33
CA VAL H 403 -7.23 68.78 33.55
C VAL H 403 -6.91 68.15 32.20
N LEU H 404 -7.10 68.91 31.12
CA LEU H 404 -6.96 68.37 29.77
C LEU H 404 -6.11 69.30 28.90
N PRO H 405 -5.02 68.79 28.31
CA PRO H 405 -4.23 69.62 27.38
C PRO H 405 -4.59 69.44 25.92
N ILE H 406 -4.50 70.53 25.17
CA ILE H 406 -4.61 70.57 23.72
C ILE H 406 -3.23 70.83 23.14
N ILE H 407 -2.77 69.93 22.27
CA ILE H 407 -1.46 70.01 21.62
C ILE H 407 -1.69 70.11 20.12
N ARG H 408 -1.18 71.18 19.52
CA ARG H 408 -1.37 71.41 18.09
C ARG H 408 -0.27 70.74 17.28
N VAL H 409 -0.66 70.14 16.16
CA VAL H 409 0.26 69.45 15.26
C VAL H 409 0.01 69.97 13.84
N THR H 410 1.00 69.76 12.98
CA THR H 410 0.88 70.17 11.59
C THR H 410 0.69 69.01 10.62
N THR H 411 1.01 67.78 11.02
CA THR H 411 0.82 66.62 10.16
C THR H 411 0.24 65.45 10.96
N VAL H 412 -0.43 64.53 10.25
CA VAL H 412 -0.85 63.29 10.91
C VAL H 412 0.38 62.50 11.35
N GLU H 413 1.48 62.59 10.59
CA GLU H 413 2.70 61.92 10.99
C GLU H 413 3.18 62.40 12.34
N GLU H 414 3.13 63.72 12.57
CA GLU H 414 3.53 64.27 13.86
C GLU H 414 2.64 63.76 14.98
N ALA H 415 1.33 63.65 14.72
CA ALA H 415 0.39 63.21 15.74
C ALA H 415 0.62 61.76 16.12
N ILE H 416 0.96 60.92 15.13
CA ILE H 416 1.29 59.52 15.41
C ILE H 416 2.56 59.45 16.26
N LYS H 417 3.59 60.20 15.88
CA LYS H 417 4.85 60.16 16.61
C LYS H 417 4.66 60.59 18.07
N ILE H 418 3.96 61.70 18.29
CA ILE H 418 3.71 62.18 19.65
C ILE H 418 2.87 61.17 20.44
N SER H 419 1.83 60.63 19.81
CA SER H 419 1.01 59.63 20.49
C SER H 419 1.87 58.47 20.96
N ASN H 420 2.68 57.92 20.05
CA ASN H 420 3.47 56.73 20.35
C ASN H 420 4.64 57.01 21.30
N GLU H 421 5.03 58.28 21.48
CA GLU H 421 6.12 58.60 22.38
C GLU H 421 5.73 58.39 23.84
N SER H 422 4.44 58.28 24.13
CA SER H 422 3.98 58.04 25.50
C SER H 422 4.40 56.65 25.99
N GLU H 423 4.74 56.57 27.28
CA GLU H 423 5.00 55.29 27.91
C GLU H 423 3.72 54.45 28.04
N TYR H 424 2.55 55.07 27.91
CA TYR H 424 1.26 54.40 27.95
C TYR H 424 0.78 54.04 26.55
N GLY H 425 -0.15 53.09 26.48
CA GLY H 425 -0.73 52.70 25.22
C GLY H 425 -2.02 51.93 25.40
N LEU H 426 -3.01 52.57 26.02
CA LEU H 426 -4.27 51.90 26.36
C LEU H 426 -5.22 52.01 25.16
N GLN H 427 -5.76 53.21 24.92
CA GLN H 427 -6.64 53.43 23.78
C GLN H 427 -6.32 54.75 23.09
N ALA H 428 -6.95 54.96 21.93
CA ALA H 428 -6.89 56.21 21.21
C ALA H 428 -8.22 56.45 20.50
N SER H 429 -8.50 57.73 20.24
CA SER H 429 -9.62 58.15 19.40
C SER H 429 -9.09 58.83 18.14
N ILE H 430 -9.76 58.63 17.01
CA ILE H 430 -9.47 59.36 15.78
C ILE H 430 -10.76 59.95 15.23
N PHE H 431 -10.78 61.27 15.02
CA PHE H 431 -11.93 61.99 14.49
C PHE H 431 -11.62 62.46 13.08
N THR H 432 -12.36 61.92 12.11
CA THR H 432 -12.14 62.18 10.69
C THR H 432 -13.28 61.54 9.93
N THR H 433 -13.44 61.97 8.68
CA THR H 433 -14.42 61.37 7.79
C THR H 433 -13.81 60.37 6.81
N ASN H 434 -12.49 60.21 6.83
CA ASN H 434 -11.79 59.30 5.91
C ASN H 434 -11.46 58.02 6.67
N PHE H 435 -12.33 57.03 6.57
CA PHE H 435 -12.19 55.83 7.39
C PHE H 435 -11.06 54.93 6.91
N PRO H 436 -10.84 54.74 5.61
CA PRO H 436 -9.65 53.96 5.19
C PRO H 436 -8.36 54.58 5.71
N LYS H 437 -8.26 55.91 5.69
CA LYS H 437 -7.11 56.57 6.28
C LYS H 437 -7.06 56.36 7.79
N ALA H 438 -8.21 56.44 8.46
CA ALA H 438 -8.25 56.21 9.90
C ALA H 438 -7.75 54.81 10.25
N PHE H 439 -8.13 53.80 9.46
CA PHE H 439 -7.65 52.46 9.73
C PHE H 439 -6.13 52.37 9.61
N GLY H 440 -5.58 53.02 8.58
CA GLY H 440 -4.14 53.03 8.41
C GLY H 440 -3.42 53.69 9.58
N ILE H 441 -4.00 54.78 10.11
CA ILE H 441 -3.43 55.41 11.29
C ILE H 441 -3.52 54.46 12.48
N ALA H 442 -4.68 53.84 12.68
CA ALA H 442 -4.88 52.94 13.81
C ALA H 442 -3.84 51.82 13.82
N GLU H 443 -3.51 51.29 12.63
CA GLU H 443 -2.49 50.24 12.56
C GLU H 443 -1.16 50.72 13.13
N GLN H 444 -0.87 52.02 13.02
CA GLN H 444 0.39 52.56 13.51
C GLN H 444 0.36 52.98 14.97
N LEU H 445 -0.81 53.11 15.57
CA LEU H 445 -0.88 53.55 16.96
C LEU H 445 -0.62 52.37 17.90
N GLU H 446 0.28 52.58 18.87
CA GLU H 446 0.68 51.54 19.83
C GLU H 446 -0.28 51.55 21.02
N VAL H 447 -1.48 51.04 20.76
CA VAL H 447 -2.56 50.99 21.73
C VAL H 447 -3.33 49.69 21.54
N GLY H 448 -4.19 49.39 22.51
CA GLY H 448 -5.01 48.19 22.42
C GLY H 448 -6.25 48.38 21.57
N THR H 449 -6.94 49.51 21.74
CA THR H 449 -8.17 49.79 21.03
C THR H 449 -8.15 51.21 20.46
N VAL H 450 -8.66 51.37 19.24
CA VAL H 450 -8.80 52.66 18.59
C VAL H 450 -10.29 52.85 18.29
N HIS H 451 -10.86 53.96 18.76
CA HIS H 451 -12.26 54.30 18.53
C HIS H 451 -12.35 55.38 17.45
N LEU H 452 -13.18 55.15 16.44
CA LEU H 452 -13.34 56.09 15.35
C LEU H 452 -14.55 56.99 15.61
N ASN H 453 -14.31 58.30 15.64
CA ASN H 453 -15.37 59.29 15.87
C ASN H 453 -16.14 59.00 17.15
N ASN H 454 -15.41 58.58 18.18
CA ASN H 454 -16.00 58.40 19.50
C ASN H 454 -14.89 58.43 20.54
N LYS H 455 -15.26 58.82 21.76
N LYS H 455 -15.25 58.83 21.76
CA LYS H 455 -14.33 58.79 22.88
CA LYS H 455 -14.32 58.81 22.87
C LYS H 455 -13.85 57.37 23.14
C LYS H 455 -13.84 57.37 23.14
N THR H 456 -12.70 57.25 23.80
CA THR H 456 -12.21 55.95 24.22
C THR H 456 -13.10 55.42 25.35
N GLN H 457 -13.17 54.10 25.45
CA GLN H 457 -14.06 53.47 26.43
C GLN H 457 -13.77 51.98 26.51
N ARG H 458 -14.03 51.41 27.69
CA ARG H 458 -13.87 49.97 27.87
C ARG H 458 -14.99 49.17 27.21
N GLY H 459 -16.22 49.71 27.20
CA GLY H 459 -17.36 48.96 26.68
C GLY H 459 -17.40 48.90 25.17
N THR H 460 -18.31 48.07 24.66
CA THR H 460 -19.18 47.15 25.41
C THR H 460 -18.31 46.02 26.00
N ASP H 461 -18.75 45.42 27.10
CA ASP H 461 -17.85 44.56 27.87
C ASP H 461 -17.58 43.21 27.21
N ASN H 462 -18.27 42.87 26.11
CA ASN H 462 -17.87 41.72 25.32
C ASN H 462 -16.67 42.00 24.42
N PHE H 463 -16.39 43.28 24.15
CA PHE H 463 -15.25 43.65 23.33
C PHE H 463 -13.95 43.45 24.11
N PRO H 464 -12.84 43.20 23.41
CA PRO H 464 -11.56 43.09 24.11
C PRO H 464 -11.18 44.41 24.76
N PHE H 465 -10.54 44.31 25.93
CA PHE H 465 -10.01 45.47 26.65
C PHE H 465 -8.58 45.16 27.05
N LEU H 466 -7.63 45.92 26.50
CA LEU H 466 -6.23 45.66 26.78
C LEU H 466 -5.40 46.92 26.60
N GLY H 467 -4.29 46.99 27.33
CA GLY H 467 -3.33 48.07 27.18
C GLY H 467 -1.94 47.55 26.87
N ALA H 468 -1.24 48.27 25.99
CA ALA H 468 0.14 48.01 25.61
C ALA H 468 1.10 48.81 26.49
N LYS H 469 2.39 48.50 26.37
CA LYS H 469 3.48 49.22 27.07
C LYS H 469 3.15 49.29 28.56
N LYS H 470 3.26 50.45 29.20
CA LYS H 470 3.04 50.52 30.65
C LYS H 470 1.57 50.47 31.05
N SER H 471 0.65 50.32 30.09
CA SER H 471 -0.77 50.30 30.41
C SER H 471 -1.26 48.94 30.88
N GLY H 472 -0.51 47.86 30.68
CA GLY H 472 -0.84 46.62 31.37
C GLY H 472 -0.33 45.39 30.64
N ALA H 473 -0.97 44.26 30.95
CA ALA H 473 -0.67 42.96 30.38
C ALA H 473 -1.93 42.10 30.41
N GLY H 474 -2.12 41.30 29.36
CA GLY H 474 -3.28 40.46 29.24
C GLY H 474 -4.42 41.14 28.51
N VAL H 475 -5.39 40.32 28.11
CA VAL H 475 -6.57 40.79 27.37
C VAL H 475 -7.81 40.45 28.18
N GLN H 476 -8.63 41.47 28.49
CA GLN H 476 -9.90 41.26 29.16
C GLN H 476 -11.02 41.66 28.20
N GLY H 477 -12.18 42.05 28.74
CA GLY H 477 -13.42 41.80 28.03
C GLY H 477 -13.81 40.37 28.37
N VAL H 478 -15.10 40.02 28.31
CA VAL H 478 -15.57 38.87 29.10
C VAL H 478 -14.94 37.57 28.60
N LYS H 479 -15.11 37.24 27.31
CA LYS H 479 -14.61 35.94 26.88
C LYS H 479 -13.09 35.88 26.98
N TYR H 480 -12.40 36.99 26.70
CA TYR H 480 -10.95 37.00 26.78
C TYR H 480 -10.45 36.77 28.20
N SER H 481 -11.16 37.33 29.19
CA SER H 481 -10.77 37.11 30.58
C SER H 481 -11.01 35.67 31.02
N ILE H 482 -12.09 35.04 30.52
CA ILE H 482 -12.30 33.63 30.82
C ILE H 482 -11.16 32.79 30.24
N GLU H 483 -10.82 33.03 28.97
CA GLU H 483 -9.74 32.28 28.34
CA GLU H 483 -9.73 32.29 28.34
C GLU H 483 -8.44 32.45 29.12
N ALA H 484 -8.15 33.67 29.59
CA ALA H 484 -6.89 33.92 30.29
C ALA H 484 -6.79 33.12 31.60
N MET H 485 -7.91 32.90 32.28
CA MET H 485 -7.92 32.19 33.56
C MET H 485 -8.34 30.73 33.42
N THR H 486 -8.08 30.13 32.25
CA THR H 486 -8.20 28.70 32.03
C THR H 486 -6.89 28.21 31.43
N THR H 487 -6.66 26.90 31.55
CA THR H 487 -5.58 26.25 30.82
C THR H 487 -6.24 25.08 30.09
N VAL H 488 -5.43 24.14 29.61
CA VAL H 488 -5.96 22.98 28.92
C VAL H 488 -5.34 21.71 29.47
N LYS H 489 -6.05 20.61 29.28
CA LYS H 489 -5.57 19.25 29.55
CA LYS H 489 -5.52 19.28 29.52
C LYS H 489 -5.80 18.45 28.27
N SER H 490 -4.74 17.84 27.75
CA SER H 490 -4.78 17.02 26.55
C SER H 490 -4.71 15.55 26.93
N VAL H 491 -5.65 14.75 26.40
CA VAL H 491 -5.63 13.30 26.50
C VAL H 491 -5.44 12.76 25.09
N VAL H 492 -4.38 11.98 24.89
CA VAL H 492 -3.95 11.53 23.56
C VAL H 492 -4.05 10.01 23.53
N PHE H 493 -4.65 9.48 22.46
CA PHE H 493 -4.74 8.03 22.32
C PHE H 493 -4.75 7.66 20.85
N ASP H 494 -4.55 6.36 20.60
CA ASP H 494 -4.45 5.80 19.26
C ASP H 494 -5.70 4.98 18.96
N ILE H 495 -6.38 5.34 17.86
CA ILE H 495 -7.52 4.58 17.37
C ILE H 495 -7.05 3.25 16.81
N GLN H 496 -7.85 2.21 16.98
CA GLN H 496 -7.50 0.91 16.44
C GLN H 496 -8.44 0.53 15.31
#